data_5XS0
#
_entry.id   5XS0
#
_cell.length_a   100.224
_cell.length_b   164.408
_cell.length_c   166.087
_cell.angle_alpha   90.00
_cell.angle_beta   90.19
_cell.angle_gamma   90.00
#
_symmetry.space_group_name_H-M   'P 1 21 1'
#
loop_
_entity.id
_entity.type
_entity.pdbx_description
1 polymer 'DNA repair protein RAD52 homolog'
2 polymer "ssDNA (5'-D(*CP*CP*CP*CP*CP*C)-3')"
3 polymer "ssDNA (5'-D(*CP*CP*CP*CP*CP*CP*CP*C)-3')"
4 polymer "ssDNA (5'-D(*CP*CP*CP*CP*CP*CP*CP*CP*CP*C)-3')"
5 polymer "ssDNA (5'-D(*CP*CP*CP*CP*CP*CP*CP*CP*C)-3')"
#
loop_
_entity_poly.entity_id
_entity_poly.type
_entity_poly.pdbx_seq_one_letter_code
_entity_poly.pdbx_strand_id
1 'polypeptide(L)'
;GSHMSGTEEAILGGRDSHPAAGGGSVLCFGQCQYTAEEYQAIQKALRQRLGPEYISSRMAGGGQKVCYIEGHRVINLANE
MFGYNGWAHSITQQNVDFVDLNNGKFYVGVCAFVRVQLKDGSYHEDVGYGVSEGLKSKALSLEKARKEAVTDGLKRALRS
FGNALGNCILDKDYLRSLNKLPRQLPLEVDLTKAKRQDLEPSVEEARYNSCRPNM
;
A,B,C,D,E,F,G,H,I,J,K,L,M,N,O,P,Q,R,S,T,U,V
2 'polydeoxyribonucleotide' (DC)(DC)(DC)(DC)(DC)(DC) W
3 'polydeoxyribonucleotide' (DC)(DC)(DC)(DC)(DC)(DC)(DC)(DC) X
4 'polydeoxyribonucleotide' (DC)(DC)(DC)(DC)(DC)(DC)(DC)(DC)(DC)(DC) Y
5 'polydeoxyribonucleotide' (DC)(DC)(DC)(DC)(DC)(DC)(DC)(DC)(DC) Z
#
# COMPACT_ATOMS: atom_id res chain seq x y z
N CYS A 28 13.55 -54.74 -48.63
CA CYS A 28 13.05 -53.80 -49.63
C CYS A 28 14.17 -52.93 -50.17
N PHE A 29 13.82 -51.73 -50.64
CA PHE A 29 14.82 -50.82 -51.19
C PHE A 29 15.59 -50.17 -50.04
N GLY A 30 16.91 -50.03 -50.24
CA GLY A 30 17.76 -49.60 -49.16
C GLY A 30 18.17 -50.71 -48.22
N GLN A 31 17.60 -51.90 -48.37
CA GLN A 31 17.93 -53.06 -47.55
C GLN A 31 18.72 -54.12 -48.28
N CYS A 32 18.52 -54.26 -49.59
CA CYS A 32 19.20 -55.30 -50.34
C CYS A 32 20.71 -55.14 -50.24
N GLN A 33 21.40 -56.25 -49.96
CA GLN A 33 22.86 -56.26 -49.98
C GLN A 33 23.32 -56.90 -51.28
N TYR A 34 24.29 -56.28 -51.93
CA TYR A 34 24.75 -56.79 -53.22
C TYR A 34 25.40 -58.15 -53.03
N THR A 35 25.00 -59.11 -53.85
CA THR A 35 25.66 -60.40 -53.85
C THR A 35 27.02 -60.28 -54.51
N ALA A 36 27.91 -61.22 -54.18
CA ALA A 36 29.27 -61.16 -54.70
C ALA A 36 29.29 -61.10 -56.22
N GLU A 37 28.48 -61.93 -56.87
CA GLU A 37 28.45 -61.95 -58.32
C GLU A 37 27.98 -60.62 -58.87
N GLU A 38 26.91 -60.07 -58.30
CA GLU A 38 26.37 -58.81 -58.80
C GLU A 38 27.31 -57.65 -58.49
N TYR A 39 27.90 -57.63 -57.30
CA TYR A 39 28.89 -56.59 -57.00
C TYR A 39 30.03 -56.62 -58.01
N GLN A 40 30.59 -57.81 -58.26
CA GLN A 40 31.74 -57.90 -59.15
C GLN A 40 31.38 -57.52 -60.58
N ALA A 41 30.22 -58.00 -61.06
CA ALA A 41 29.75 -57.62 -62.38
C ALA A 41 29.63 -56.10 -62.52
N ILE A 42 28.98 -55.45 -61.54
CA ILE A 42 28.76 -54.01 -61.63
C ILE A 42 30.08 -53.26 -61.52
N GLN A 43 30.95 -53.69 -60.59
CA GLN A 43 32.25 -53.05 -60.41
C GLN A 43 33.06 -53.08 -61.70
N LYS A 44 33.08 -54.22 -62.39
CA LYS A 44 33.77 -54.28 -63.69
C LYS A 44 33.07 -53.42 -64.73
N ALA A 45 31.73 -53.53 -64.82
CA ALA A 45 31.00 -52.84 -65.87
C ALA A 45 31.13 -51.32 -65.77
N LEU A 46 31.20 -50.78 -64.54
CA LEU A 46 31.29 -49.34 -64.39
C LEU A 46 32.62 -48.77 -64.83
N ARG A 47 33.65 -49.62 -64.96
CA ARG A 47 34.96 -49.11 -65.41
C ARG A 47 34.94 -48.75 -66.89
N GLN A 48 34.07 -49.37 -67.69
CA GLN A 48 34.02 -49.11 -69.13
C GLN A 48 33.87 -47.62 -69.42
N ARG A 49 34.70 -47.12 -70.34
CA ARG A 49 34.42 -45.83 -70.93
C ARG A 49 33.38 -45.98 -72.03
N LEU A 50 32.73 -44.87 -72.37
CA LEU A 50 31.60 -44.88 -73.28
C LEU A 50 32.05 -44.65 -74.73
N GLY A 51 31.43 -45.38 -75.65
CA GLY A 51 31.64 -45.18 -77.07
C GLY A 51 31.04 -43.90 -77.59
N PRO A 52 31.32 -43.58 -78.86
CA PRO A 52 30.81 -42.32 -79.44
C PRO A 52 29.30 -42.25 -79.58
N GLU A 53 28.59 -43.38 -79.45
CA GLU A 53 27.14 -43.36 -79.59
C GLU A 53 26.47 -42.51 -78.51
N TYR A 54 27.12 -42.39 -77.35
CA TYR A 54 26.55 -41.72 -76.19
C TYR A 54 26.85 -40.23 -76.17
N ILE A 55 28.00 -39.82 -76.69
CA ILE A 55 28.48 -38.44 -76.56
C ILE A 55 27.84 -37.56 -77.61
N SER A 56 27.47 -36.35 -77.20
CA SER A 56 27.00 -35.30 -78.09
C SER A 56 27.84 -34.06 -77.82
N SER A 57 27.71 -33.06 -78.68
CA SER A 57 28.56 -31.89 -78.56
C SER A 57 27.81 -30.66 -79.04
N ARG A 58 28.18 -29.52 -78.48
CA ARG A 58 27.63 -28.23 -78.90
C ARG A 58 28.77 -27.21 -78.99
N MET A 59 28.41 -26.00 -79.38
CA MET A 59 29.32 -24.87 -79.44
C MET A 59 29.00 -23.92 -78.30
N ALA A 60 30.04 -23.46 -77.60
CA ALA A 60 29.84 -22.59 -76.46
C ALA A 60 29.69 -21.14 -76.91
N GLY A 61 29.40 -20.27 -75.95
CA GLY A 61 29.28 -18.84 -76.21
C GLY A 61 30.55 -18.20 -76.72
N GLY A 62 31.69 -18.88 -76.61
CA GLY A 62 32.95 -18.37 -77.11
C GLY A 62 33.54 -19.21 -78.21
N GLY A 63 32.69 -19.96 -78.92
CA GLY A 63 33.12 -20.76 -80.05
C GLY A 63 34.08 -21.87 -79.70
N GLN A 64 33.62 -22.83 -78.90
CA GLN A 64 34.43 -23.98 -78.52
C GLN A 64 33.52 -25.18 -78.32
N LYS A 65 34.11 -26.37 -78.43
CA LYS A 65 33.36 -27.62 -78.38
C LYS A 65 33.12 -28.04 -76.94
N VAL A 66 31.86 -28.36 -76.63
CA VAL A 66 31.49 -28.85 -75.30
C VAL A 66 30.80 -30.20 -75.49
N CYS A 67 31.34 -31.24 -74.85
CA CYS A 67 30.77 -32.57 -74.88
C CYS A 67 29.81 -32.79 -73.72
N TYR A 68 28.89 -33.74 -73.92
CA TYR A 68 27.90 -34.06 -72.89
C TYR A 68 27.21 -35.36 -73.25
N ILE A 69 26.51 -35.94 -72.27
CA ILE A 69 25.66 -37.11 -72.47
C ILE A 69 24.21 -36.68 -72.29
N GLU A 70 23.36 -37.04 -73.25
CA GLU A 70 21.96 -36.67 -73.18
C GLU A 70 21.26 -37.45 -72.07
N GLY A 71 20.22 -36.81 -71.49
CA GLY A 71 19.56 -37.37 -70.31
C GLY A 71 19.08 -38.79 -70.48
N HIS A 72 18.31 -39.05 -71.55
CA HIS A 72 17.72 -40.37 -71.74
C HIS A 72 18.79 -41.46 -71.83
N ARG A 73 19.97 -41.12 -72.36
CA ARG A 73 21.05 -42.08 -72.40
C ARG A 73 21.51 -42.45 -71.00
N VAL A 74 21.62 -41.45 -70.11
CA VAL A 74 22.05 -41.72 -68.75
C VAL A 74 20.99 -42.53 -68.00
N ILE A 75 19.71 -42.21 -68.22
CA ILE A 75 18.64 -42.96 -67.56
C ILE A 75 18.69 -44.43 -67.98
N ASN A 76 18.82 -44.69 -69.28
CA ASN A 76 18.88 -46.07 -69.75
C ASN A 76 20.14 -46.77 -69.27
N LEU A 77 21.28 -46.07 -69.27
CA LEU A 77 22.51 -46.63 -68.74
C LEU A 77 22.34 -47.08 -67.30
N ALA A 78 21.73 -46.23 -66.46
CA ALA A 78 21.55 -46.57 -65.06
C ALA A 78 20.57 -47.72 -64.89
N ASN A 79 19.47 -47.70 -65.67
CA ASN A 79 18.51 -48.80 -65.59
C ASN A 79 19.15 -50.13 -65.97
N GLU A 80 20.10 -50.12 -66.90
CA GLU A 80 20.77 -51.37 -67.26
C GLU A 80 21.83 -51.76 -66.24
N MET A 81 22.53 -50.78 -65.65
CA MET A 81 23.59 -51.09 -64.70
C MET A 81 23.04 -51.63 -63.40
N PHE A 82 21.96 -51.05 -62.88
CA PHE A 82 21.45 -51.42 -61.57
C PHE A 82 20.09 -52.09 -61.62
N GLY A 83 19.44 -52.09 -62.76
CA GLY A 83 18.06 -52.55 -62.77
C GLY A 83 17.09 -51.39 -62.57
N TYR A 84 15.89 -51.55 -63.13
CA TYR A 84 14.87 -50.52 -62.96
C TYR A 84 14.55 -50.24 -61.50
N ASN A 85 14.80 -51.21 -60.61
CA ASN A 85 14.51 -51.08 -59.20
C ASN A 85 15.76 -51.13 -58.34
N GLY A 86 16.92 -50.85 -58.92
CA GLY A 86 18.18 -50.94 -58.19
C GLY A 86 18.79 -49.57 -57.97
N TRP A 87 18.22 -48.56 -58.63
CA TRP A 87 18.63 -47.17 -58.41
C TRP A 87 17.39 -46.30 -58.27
N ALA A 88 17.57 -45.19 -57.57
CA ALA A 88 16.50 -44.23 -57.32
C ALA A 88 17.13 -42.85 -57.23
N HIS A 89 16.34 -41.81 -57.46
CA HIS A 89 16.84 -40.46 -57.24
C HIS A 89 15.72 -39.57 -56.72
N SER A 90 16.13 -38.54 -55.99
CA SER A 90 15.19 -37.61 -55.38
C SER A 90 15.77 -36.20 -55.44
N ILE A 91 14.87 -35.22 -55.41
CA ILE A 91 15.25 -33.81 -55.41
C ILE A 91 15.26 -33.37 -53.95
N THR A 92 16.46 -33.20 -53.38
CA THR A 92 16.58 -32.74 -52.00
C THR A 92 16.06 -31.32 -51.86
N GLN A 93 16.44 -30.45 -52.79
CA GLN A 93 15.96 -29.08 -52.76
C GLN A 93 16.22 -28.48 -54.14
N GLN A 94 15.28 -27.68 -54.61
CA GLN A 94 15.47 -26.84 -55.79
C GLN A 94 15.26 -25.39 -55.38
N ASN A 95 16.20 -24.52 -55.75
CA ASN A 95 16.19 -23.13 -55.34
C ASN A 95 16.39 -22.27 -56.59
N VAL A 96 15.44 -21.40 -56.86
CA VAL A 96 15.55 -20.48 -57.99
C VAL A 96 16.50 -19.37 -57.56
N ASP A 97 17.67 -19.30 -58.21
CA ASP A 97 18.65 -18.29 -57.83
C ASP A 97 18.19 -16.89 -58.22
N PHE A 98 17.67 -16.74 -59.44
CA PHE A 98 17.22 -15.42 -59.84
C PHE A 98 16.31 -15.52 -61.05
N VAL A 99 15.44 -14.52 -61.18
CA VAL A 99 14.62 -14.27 -62.36
C VAL A 99 14.65 -12.77 -62.60
N ASP A 100 15.40 -12.34 -63.60
CA ASP A 100 15.58 -10.91 -63.90
C ASP A 100 14.94 -10.57 -65.24
N LEU A 101 14.44 -9.35 -65.33
CA LEU A 101 13.79 -8.85 -66.54
C LEU A 101 14.61 -7.67 -67.05
N ASN A 102 15.23 -7.82 -68.20
CA ASN A 102 16.04 -6.78 -68.82
C ASN A 102 15.45 -6.45 -70.18
N ASN A 103 14.86 -5.25 -70.27
CA ASN A 103 14.22 -4.74 -71.49
C ASN A 103 13.53 -5.84 -72.29
N GLY A 104 12.59 -6.52 -71.62
CA GLY A 104 11.71 -7.47 -72.26
C GLY A 104 12.23 -8.89 -72.35
N LYS A 105 13.44 -9.16 -71.86
CA LYS A 105 14.00 -10.50 -71.88
C LYS A 105 14.19 -11.02 -70.46
N PHE A 106 13.97 -12.32 -70.27
CA PHE A 106 14.05 -12.93 -68.96
C PHE A 106 15.32 -13.75 -68.83
N TYR A 107 15.99 -13.60 -67.70
CA TYR A 107 17.22 -14.32 -67.41
C TYR A 107 17.04 -15.01 -66.08
N VAL A 108 17.07 -16.33 -66.10
CA VAL A 108 16.67 -17.15 -64.96
C VAL A 108 17.79 -18.14 -64.67
N GLY A 109 18.21 -18.18 -63.41
CA GLY A 109 19.13 -19.21 -62.95
C GLY A 109 18.53 -19.99 -61.81
N VAL A 110 18.58 -21.32 -61.91
CA VAL A 110 17.97 -22.23 -60.94
C VAL A 110 18.96 -23.34 -60.62
N CYS A 111 19.17 -23.60 -59.33
CA CYS A 111 20.00 -24.72 -58.91
C CYS A 111 19.15 -25.83 -58.32
N ALA A 112 19.62 -27.07 -58.44
CA ALA A 112 18.94 -28.22 -57.88
C ALA A 112 19.95 -29.16 -57.27
N PHE A 113 19.55 -29.82 -56.18
CA PHE A 113 20.39 -30.77 -55.47
C PHE A 113 19.72 -32.14 -55.61
N VAL A 114 20.34 -33.03 -56.38
CA VAL A 114 19.75 -34.34 -56.68
C VAL A 114 20.57 -35.40 -55.97
N ARG A 115 19.88 -36.32 -55.31
CA ARG A 115 20.50 -37.42 -54.57
C ARG A 115 20.05 -38.75 -55.16
N VAL A 116 20.99 -39.50 -55.71
CA VAL A 116 20.77 -40.84 -56.22
C VAL A 116 21.14 -41.83 -55.13
N GLN A 117 20.34 -42.89 -55.00
CA GLN A 117 20.59 -43.96 -54.03
C GLN A 117 20.48 -45.30 -54.73
N LEU A 118 21.35 -46.23 -54.34
CA LEU A 118 21.27 -47.59 -54.84
C LEU A 118 20.49 -48.46 -53.87
N LYS A 119 20.12 -49.66 -54.34
CA LYS A 119 19.29 -50.55 -53.56
C LYS A 119 19.97 -51.06 -52.29
N ASP A 120 21.26 -50.77 -52.10
CA ASP A 120 21.97 -51.16 -50.89
C ASP A 120 22.15 -50.00 -49.92
N GLY A 121 21.56 -48.84 -50.23
CA GLY A 121 21.70 -47.66 -49.39
C GLY A 121 22.79 -46.71 -49.84
N SER A 122 23.71 -47.16 -50.70
CA SER A 122 24.73 -46.29 -51.25
C SER A 122 24.07 -45.11 -51.97
N TYR A 123 24.68 -43.93 -51.83
CA TYR A 123 24.09 -42.70 -52.35
C TYR A 123 25.17 -41.76 -52.82
N HIS A 124 24.80 -40.89 -53.76
CA HIS A 124 25.62 -39.78 -54.20
C HIS A 124 24.71 -38.59 -54.50
N GLU A 125 25.06 -37.43 -53.95
CA GLU A 125 24.27 -36.23 -54.12
C GLU A 125 25.14 -35.17 -54.79
N ASP A 126 24.58 -34.46 -55.76
CA ASP A 126 25.33 -33.44 -56.48
C ASP A 126 24.39 -32.31 -56.88
N VAL A 127 24.95 -31.28 -57.50
CA VAL A 127 24.22 -30.08 -57.87
C VAL A 127 24.10 -30.03 -59.39
N GLY A 128 22.91 -29.70 -59.87
CA GLY A 128 22.70 -29.35 -61.27
C GLY A 128 22.25 -27.91 -61.41
N TYR A 129 22.48 -27.31 -62.58
CA TYR A 129 22.03 -25.94 -62.82
C TYR A 129 21.21 -25.85 -64.09
N GLY A 130 20.34 -24.85 -64.12
CA GLY A 130 19.48 -24.57 -65.24
C GLY A 130 19.48 -23.09 -65.53
N VAL A 131 19.66 -22.74 -66.80
CA VAL A 131 19.87 -21.38 -67.26
C VAL A 131 18.85 -21.08 -68.36
N SER A 132 18.34 -19.84 -68.36
CA SER A 132 17.51 -19.39 -69.48
C SER A 132 17.72 -17.90 -69.67
N GLU A 133 18.42 -17.51 -70.73
CA GLU A 133 18.71 -16.11 -71.01
C GLU A 133 18.15 -15.73 -72.38
N GLY A 134 17.43 -14.62 -72.43
CA GLY A 134 16.99 -14.03 -73.67
C GLY A 134 15.51 -14.18 -73.96
N LEU A 135 14.86 -15.19 -73.39
CA LEU A 135 13.47 -15.46 -73.73
C LEU A 135 12.54 -14.36 -73.23
N LYS A 136 11.47 -14.12 -74.00
CA LYS A 136 10.47 -13.12 -73.63
C LYS A 136 9.38 -13.68 -72.75
N SER A 137 9.18 -14.99 -72.74
CA SER A 137 8.15 -15.63 -71.92
C SER A 137 8.76 -16.08 -70.59
N LYS A 138 8.27 -15.49 -69.49
CA LYS A 138 8.76 -15.89 -68.17
C LYS A 138 8.47 -17.36 -67.87
N ALA A 139 7.27 -17.83 -68.25
CA ALA A 139 6.88 -19.20 -67.91
C ALA A 139 7.80 -20.23 -68.54
N LEU A 140 8.11 -20.06 -69.84
CA LEU A 140 8.98 -21.03 -70.50
C LEU A 140 10.41 -20.92 -69.99
N SER A 141 10.86 -19.70 -69.65
CA SER A 141 12.18 -19.54 -69.05
C SER A 141 12.27 -20.34 -67.76
N LEU A 142 11.28 -20.18 -66.88
CA LEU A 142 11.29 -20.91 -65.62
C LEU A 142 11.21 -22.42 -65.82
N GLU A 143 10.34 -22.88 -66.73
CA GLU A 143 10.23 -24.32 -67.00
C GLU A 143 11.57 -24.88 -67.47
N LYS A 144 12.18 -24.20 -68.44
CA LYS A 144 13.47 -24.65 -68.98
C LYS A 144 14.52 -24.70 -67.87
N ALA A 145 14.59 -23.65 -67.07
CA ALA A 145 15.65 -23.59 -66.06
C ALA A 145 15.46 -24.65 -64.99
N ARG A 146 14.23 -24.83 -64.51
CA ARG A 146 13.98 -25.83 -63.47
C ARG A 146 14.24 -27.24 -63.97
N LYS A 147 13.65 -27.60 -65.12
CA LYS A 147 13.83 -28.95 -65.63
C LYS A 147 15.29 -29.23 -65.96
N GLU A 148 15.98 -28.28 -66.59
CA GLU A 148 17.39 -28.47 -66.88
C GLU A 148 18.19 -28.64 -65.60
N ALA A 149 17.91 -27.83 -64.58
CA ALA A 149 18.62 -27.96 -63.32
C ALA A 149 18.48 -29.37 -62.74
N VAL A 150 17.25 -29.89 -62.74
CA VAL A 150 17.01 -31.21 -62.16
C VAL A 150 17.72 -32.30 -62.96
N THR A 151 17.58 -32.25 -64.29
CA THR A 151 18.22 -33.28 -65.12
C THR A 151 19.73 -33.22 -65.00
N ASP A 152 20.30 -32.01 -65.03
CA ASP A 152 21.74 -31.84 -64.85
C ASP A 152 22.20 -32.39 -63.51
N GLY A 153 21.45 -32.12 -62.44
CA GLY A 153 21.80 -32.67 -61.14
C GLY A 153 21.76 -34.19 -61.14
N LEU A 154 20.79 -34.77 -61.83
CA LEU A 154 20.72 -36.22 -61.90
C LEU A 154 21.92 -36.79 -62.64
N LYS A 155 22.30 -36.16 -63.76
CA LYS A 155 23.47 -36.62 -64.50
C LYS A 155 24.74 -36.50 -63.66
N ARG A 156 24.92 -35.37 -62.98
CA ARG A 156 26.14 -35.17 -62.21
C ARG A 156 26.18 -36.05 -60.97
N ALA A 157 25.02 -36.40 -60.41
CA ALA A 157 25.00 -37.33 -59.28
C ALA A 157 25.33 -38.74 -59.74
N LEU A 158 24.81 -39.16 -60.89
CA LEU A 158 25.11 -40.49 -61.41
C LEU A 158 26.55 -40.59 -61.89
N ARG A 159 27.13 -39.46 -62.31
CA ARG A 159 28.53 -39.42 -62.74
C ARG A 159 29.47 -40.06 -61.73
N SER A 160 29.18 -39.89 -60.44
CA SER A 160 30.11 -40.31 -59.39
C SER A 160 30.21 -41.83 -59.23
N PHE A 161 29.45 -42.61 -59.98
CA PHE A 161 29.52 -44.07 -59.84
C PHE A 161 30.57 -44.72 -60.72
N GLY A 162 31.07 -44.03 -61.75
CA GLY A 162 32.12 -44.58 -62.57
C GLY A 162 32.03 -44.06 -63.99
N ASN A 163 32.98 -44.53 -64.80
CA ASN A 163 33.06 -44.08 -66.20
C ASN A 163 31.81 -44.47 -66.98
N ALA A 164 31.28 -45.67 -66.74
CA ALA A 164 30.15 -46.16 -67.53
C ALA A 164 28.92 -45.26 -67.37
N LEU A 165 28.81 -44.55 -66.25
CA LEU A 165 27.69 -43.65 -66.01
C LEU A 165 28.05 -42.18 -66.23
N GLY A 166 29.26 -41.89 -66.73
CA GLY A 166 29.55 -40.55 -67.19
C GLY A 166 30.79 -39.86 -66.66
N ASN A 167 31.61 -40.54 -65.86
CA ASN A 167 32.80 -39.89 -65.32
C ASN A 167 33.85 -39.63 -66.40
N CYS A 168 33.94 -40.54 -67.38
CA CYS A 168 34.98 -40.46 -68.39
C CYS A 168 34.90 -39.19 -69.22
N ILE A 169 33.71 -38.57 -69.29
CA ILE A 169 33.54 -37.34 -70.04
C ILE A 169 34.48 -36.24 -69.55
N LEU A 170 35.00 -36.35 -68.32
CA LEU A 170 35.89 -35.30 -67.82
C LEU A 170 37.35 -35.52 -68.16
N ASP A 171 37.72 -36.68 -68.71
CA ASP A 171 39.10 -36.98 -69.02
C ASP A 171 39.45 -36.38 -70.39
N LYS A 172 40.39 -35.44 -70.40
CA LYS A 172 40.77 -34.78 -71.65
C LYS A 172 41.37 -35.74 -72.65
N ASP A 173 42.07 -36.77 -72.16
CA ASP A 173 42.63 -37.79 -73.04
C ASP A 173 41.53 -38.61 -73.69
N TYR A 174 40.48 -38.93 -72.93
CA TYR A 174 39.33 -39.63 -73.49
C TYR A 174 38.67 -38.80 -74.59
N LEU A 175 38.62 -37.48 -74.41
CA LEU A 175 38.04 -36.62 -75.43
C LEU A 175 38.89 -36.60 -76.69
N ARG A 176 40.22 -36.50 -76.52
CA ARG A 176 41.12 -36.54 -77.67
C ARG A 176 40.98 -37.85 -78.43
N SER A 177 41.01 -38.98 -77.71
CA SER A 177 40.85 -40.27 -78.33
C SER A 177 39.47 -40.47 -78.93
N LEU A 178 38.48 -39.68 -78.50
CA LEU A 178 37.16 -39.76 -79.12
C LEU A 178 37.09 -38.98 -80.42
N ASN A 179 37.79 -37.84 -80.49
CA ASN A 179 37.78 -37.05 -81.72
C ASN A 179 38.47 -37.77 -82.88
N LYS A 180 39.53 -38.54 -82.58
CA LYS A 180 40.24 -39.28 -83.62
C LYS A 180 39.40 -40.40 -84.24
N LEU A 181 38.23 -40.70 -83.68
CA LEU A 181 37.38 -41.76 -84.20
C LEU A 181 36.51 -41.26 -85.36
N PRO A 182 36.19 -42.14 -86.31
CA PRO A 182 35.34 -41.74 -87.43
C PRO A 182 33.93 -41.37 -86.99
N ARG A 183 33.47 -40.20 -87.45
CA ARG A 183 32.11 -39.74 -87.15
C ARG A 183 31.07 -40.67 -87.79
N GLN A 184 30.43 -41.49 -86.97
CA GLN A 184 29.44 -42.44 -87.46
C GLN A 184 28.10 -41.76 -87.72
N LEU A 185 27.36 -42.30 -88.67
CA LEU A 185 26.07 -41.72 -88.98
C LEU A 185 25.05 -42.10 -87.90
N PRO A 186 24.10 -41.21 -87.60
CA PRO A 186 23.05 -41.53 -86.61
C PRO A 186 22.41 -42.88 -86.86
N LEU A 187 22.45 -43.75 -85.85
CA LEU A 187 21.87 -45.08 -85.97
C LEU A 187 20.37 -45.00 -86.28
N GLU A 188 19.88 -46.01 -87.00
CA GLU A 188 18.47 -46.12 -87.33
C GLU A 188 17.79 -47.08 -86.36
N VAL A 189 16.54 -46.78 -86.04
CA VAL A 189 15.78 -47.54 -85.04
C VAL A 189 14.76 -48.41 -85.75
N ASP A 190 14.71 -49.69 -85.38
CA ASP A 190 13.79 -50.65 -85.98
C ASP A 190 12.58 -50.78 -85.05
N LEU A 191 11.50 -50.08 -85.39
CA LEU A 191 10.29 -50.02 -84.58
C LEU A 191 9.33 -51.18 -84.85
N THR A 192 9.80 -52.26 -85.45
CA THR A 192 8.92 -53.40 -85.73
C THR A 192 8.55 -54.11 -84.44
N LYS A 193 9.50 -54.26 -83.51
CA LYS A 193 9.25 -54.90 -82.23
C LYS A 193 8.84 -53.91 -81.16
N ALA A 194 8.28 -52.77 -81.54
CA ALA A 194 7.83 -51.77 -80.57
C ALA A 194 6.55 -52.21 -79.86
N LYS A 195 6.41 -51.78 -78.61
CA LYS A 195 5.20 -52.07 -77.85
C LYS A 195 4.03 -51.30 -78.44
N ARG A 196 2.95 -52.02 -78.74
CA ARG A 196 1.80 -51.46 -79.45
C ARG A 196 0.49 -51.53 -78.67
N GLN A 197 0.42 -52.32 -77.60
CA GLN A 197 -0.77 -52.34 -76.76
C GLN A 197 -0.34 -52.37 -75.29
N ASP A 198 -1.26 -51.95 -74.42
CA ASP A 198 -0.92 -51.79 -73.01
C ASP A 198 -0.59 -53.13 -72.36
N LEU A 199 -1.37 -54.15 -72.65
CA LEU A 199 -1.29 -55.43 -71.95
C LEU A 199 0.12 -56.01 -71.99
N GLU A 200 0.56 -56.55 -70.84
CA GLU A 200 1.85 -57.21 -70.70
C GLU A 200 1.63 -58.59 -70.11
N PRO A 201 1.41 -59.61 -70.95
CA PRO A 201 1.01 -60.92 -70.40
C PRO A 201 2.06 -61.59 -69.54
N SER A 202 3.33 -61.60 -69.96
CA SER A 202 4.37 -62.21 -69.16
C SER A 202 4.55 -61.52 -67.82
N VAL A 203 4.49 -60.19 -67.81
CA VAL A 203 4.64 -59.44 -66.58
C VAL A 203 3.47 -59.72 -65.64
N GLU A 204 2.25 -59.67 -66.18
CA GLU A 204 1.07 -59.99 -65.39
C GLU A 204 1.15 -61.40 -64.82
N GLU A 205 1.70 -62.33 -65.59
CA GLU A 205 1.81 -63.71 -65.13
C GLU A 205 2.78 -63.82 -63.95
N ALA A 206 3.99 -63.26 -64.12
CA ALA A 206 4.97 -63.30 -63.03
C ALA A 206 4.45 -62.60 -61.78
N ARG A 207 3.68 -61.51 -61.96
CA ARG A 207 3.19 -60.81 -60.79
C ARG A 207 2.05 -61.57 -60.12
N TYR A 208 1.18 -62.19 -60.91
CA TYR A 208 0.15 -63.06 -60.35
C TYR A 208 0.80 -64.18 -59.54
N ASN A 209 1.92 -64.73 -60.04
CA ASN A 209 2.64 -65.75 -59.30
C ASN A 209 3.41 -65.18 -58.11
N SER A 210 3.52 -63.85 -57.99
CA SER A 210 4.21 -63.24 -56.88
C SER A 210 3.33 -63.03 -55.64
N CYS A 211 2.02 -63.23 -55.76
CA CYS A 211 1.14 -62.93 -54.62
C CYS A 211 0.88 -64.16 -53.76
N CYS B 28 3.68 -54.97 -46.95
CA CYS B 28 2.80 -54.00 -47.58
C CYS B 28 3.51 -53.23 -48.69
N PHE B 29 3.05 -52.02 -48.96
CA PHE B 29 3.67 -51.20 -50.00
C PHE B 29 4.96 -50.60 -49.48
N GLY B 30 5.97 -50.57 -50.35
CA GLY B 30 7.30 -50.17 -49.95
C GLY B 30 8.10 -51.26 -49.27
N GLN B 31 7.48 -52.40 -48.95
CA GLN B 31 8.15 -53.53 -48.31
C GLN B 31 8.34 -54.73 -49.22
N CYS B 32 7.44 -54.95 -50.18
CA CYS B 32 7.53 -56.10 -51.06
C CYS B 32 8.86 -56.08 -51.82
N GLN B 33 9.53 -57.21 -51.85
CA GLN B 33 10.73 -57.35 -52.66
C GLN B 33 10.38 -58.10 -53.94
N TYR B 34 10.87 -57.59 -55.06
CA TYR B 34 10.51 -58.18 -56.35
C TYR B 34 11.06 -59.60 -56.47
N THR B 35 10.19 -60.51 -56.88
CA THR B 35 10.61 -61.88 -57.17
C THR B 35 11.36 -61.91 -58.50
N ALA B 36 12.17 -62.96 -58.66
CA ALA B 36 13.00 -63.09 -59.86
C ALA B 36 12.18 -63.03 -61.13
N GLU B 37 11.05 -63.74 -61.16
CA GLU B 37 10.22 -63.77 -62.36
C GLU B 37 9.66 -62.40 -62.68
N GLU B 38 9.12 -61.71 -61.66
CA GLU B 38 8.53 -60.40 -61.89
C GLU B 38 9.60 -59.36 -62.23
N TYR B 39 10.74 -59.40 -61.54
CA TYR B 39 11.83 -58.52 -61.90
C TYR B 39 12.21 -58.74 -63.36
N GLN B 40 12.33 -59.99 -63.78
CA GLN B 40 12.79 -60.28 -65.14
C GLN B 40 11.78 -59.78 -66.17
N ALA B 41 10.50 -60.07 -65.94
CA ALA B 41 9.43 -59.60 -66.83
C ALA B 41 9.44 -58.08 -66.96
N ILE B 42 9.50 -57.37 -65.83
CA ILE B 42 9.42 -55.92 -65.87
C ILE B 42 10.66 -55.32 -66.50
N GLN B 43 11.85 -55.82 -66.13
CA GLN B 43 13.09 -55.31 -66.71
C GLN B 43 13.11 -55.48 -68.21
N LYS B 44 12.68 -56.65 -68.72
CA LYS B 44 12.62 -56.83 -70.17
C LYS B 44 11.57 -55.93 -70.80
N ALA B 45 10.37 -55.88 -70.22
CA ALA B 45 9.28 -55.13 -70.80
C ALA B 45 9.57 -53.63 -70.87
N LEU B 46 10.29 -53.09 -69.89
CA LEU B 46 10.53 -51.65 -69.85
C LEU B 46 11.45 -51.17 -70.97
N ARG B 47 12.22 -52.07 -71.58
CA ARG B 47 13.09 -51.66 -72.68
C ARG B 47 12.30 -51.34 -73.95
N GLN B 48 11.14 -51.96 -74.11
CA GLN B 48 10.34 -51.78 -75.33
C GLN B 48 10.11 -50.32 -75.62
N ARG B 49 10.35 -49.92 -76.86
CA ARG B 49 9.92 -48.61 -77.31
C ARG B 49 8.44 -48.65 -77.67
N LEU B 50 7.82 -47.47 -77.69
CA LEU B 50 6.38 -47.37 -77.91
C LEU B 50 6.07 -47.22 -79.39
N GLY B 51 5.03 -47.93 -79.84
CA GLY B 51 4.53 -47.81 -81.18
C GLY B 51 3.81 -46.50 -81.44
N PRO B 52 3.42 -46.25 -82.71
CA PRO B 52 2.75 -44.98 -83.04
C PRO B 52 1.39 -44.83 -82.39
N GLU B 53 0.81 -45.90 -81.84
CA GLU B 53 -0.48 -45.79 -81.18
C GLU B 53 -0.42 -44.90 -79.95
N TYR B 54 0.75 -44.82 -79.31
CA TYR B 54 0.89 -44.06 -78.07
C TYR B 54 1.22 -42.60 -78.32
N ILE B 55 1.99 -42.31 -79.35
CA ILE B 55 2.53 -40.97 -79.55
C ILE B 55 1.49 -40.09 -80.22
N SER B 56 1.40 -38.85 -79.76
CA SER B 56 0.55 -37.82 -80.33
C SER B 56 1.42 -36.61 -80.63
N SER B 57 0.83 -35.61 -81.29
CA SER B 57 1.61 -34.45 -81.70
C SER B 57 0.75 -33.21 -81.65
N ARG B 58 1.39 -32.08 -81.39
CA ARG B 58 0.76 -30.76 -81.41
C ARG B 58 1.70 -29.79 -82.10
N MET B 59 1.27 -28.54 -82.22
CA MET B 59 2.11 -27.51 -82.82
C MET B 59 2.59 -26.50 -81.77
N VAL B 66 5.54 -31.05 -82.20
CA VAL B 66 6.03 -31.55 -80.92
C VAL B 66 5.39 -32.89 -80.59
N CYS B 67 6.20 -33.91 -80.37
CA CYS B 67 5.70 -35.23 -80.00
C CYS B 67 5.58 -35.32 -78.49
N TYR B 68 4.65 -36.17 -78.03
CA TYR B 68 4.42 -36.36 -76.60
C TYR B 68 3.50 -37.57 -76.42
N ILE B 69 3.45 -38.06 -75.18
CA ILE B 69 2.53 -39.12 -74.78
C ILE B 69 1.47 -38.51 -73.89
N GLU B 70 0.20 -38.81 -74.18
CA GLU B 70 -0.90 -38.28 -73.39
C GLU B 70 -0.92 -38.89 -71.99
N GLY B 71 -1.41 -38.10 -71.04
CA GLY B 71 -1.35 -38.49 -69.63
C GLY B 71 -1.96 -39.85 -69.34
N HIS B 72 -3.21 -40.06 -69.78
CA HIS B 72 -3.90 -41.30 -69.46
C HIS B 72 -3.15 -42.50 -70.02
N ARG B 73 -2.47 -42.33 -71.16
CA ARG B 73 -1.69 -43.42 -71.71
C ARG B 73 -0.53 -43.78 -70.79
N VAL B 74 0.13 -42.78 -70.20
CA VAL B 74 1.22 -43.06 -69.27
C VAL B 74 0.68 -43.73 -68.02
N ILE B 75 -0.50 -43.29 -67.55
CA ILE B 75 -1.12 -43.90 -66.39
C ILE B 75 -1.40 -45.38 -66.67
N ASN B 76 -1.98 -45.68 -67.84
CA ASN B 76 -2.29 -47.05 -68.20
C ASN B 76 -1.01 -47.88 -68.38
N LEU B 77 0.03 -47.28 -68.98
CA LEU B 77 1.31 -47.96 -69.10
C LEU B 77 1.85 -48.37 -67.74
N ALA B 78 1.82 -47.44 -66.77
CA ALA B 78 2.34 -47.76 -65.44
C ALA B 78 1.48 -48.80 -64.75
N ASN B 79 0.15 -48.69 -64.88
CA ASN B 79 -0.73 -49.67 -64.27
C ASN B 79 -0.51 -51.05 -64.85
N GLU B 80 -0.19 -51.15 -66.14
CA GLU B 80 0.05 -52.46 -66.74
C GLU B 80 1.44 -53.00 -66.39
N MET B 81 2.44 -52.11 -66.30
CA MET B 81 3.80 -52.55 -66.02
C MET B 81 3.95 -53.01 -64.57
N PHE B 82 3.37 -52.29 -63.62
CA PHE B 82 3.59 -52.58 -62.21
C PHE B 82 2.35 -53.08 -61.48
N GLY B 83 1.18 -53.00 -62.10
CA GLY B 83 -0.02 -53.31 -61.35
C GLY B 83 -0.63 -52.07 -60.71
N TYR B 84 -1.94 -52.13 -60.51
CA TYR B 84 -2.63 -51.00 -59.87
C TYR B 84 -2.09 -50.71 -58.48
N ASN B 85 -1.49 -51.70 -57.81
CA ASN B 85 -0.98 -51.54 -56.46
C ASN B 85 0.54 -51.72 -56.40
N GLY B 86 1.23 -51.54 -57.53
CA GLY B 86 2.65 -51.74 -57.57
C GLY B 86 3.43 -50.46 -57.78
N TRP B 87 2.72 -49.38 -58.10
CA TRP B 87 3.34 -48.07 -58.20
C TRP B 87 2.48 -47.04 -57.47
N ALA B 88 3.13 -45.97 -57.02
CA ALA B 88 2.47 -44.91 -56.29
C ALA B 88 3.15 -43.60 -56.61
N HIS B 89 2.42 -42.49 -56.47
CA HIS B 89 3.02 -41.18 -56.63
C HIS B 89 2.41 -40.20 -55.65
N SER B 90 3.19 -39.18 -55.31
CA SER B 90 2.79 -38.16 -54.36
C SER B 90 3.37 -36.82 -54.80
N ILE B 91 2.72 -35.75 -54.38
CA ILE B 91 3.17 -34.39 -54.67
C ILE B 91 3.99 -33.91 -53.49
N THR B 92 5.31 -33.87 -53.66
CA THR B 92 6.20 -33.40 -52.59
C THR B 92 5.96 -31.93 -52.29
N GLN B 93 5.88 -31.11 -53.33
CA GLN B 93 5.63 -29.68 -53.15
C GLN B 93 5.15 -29.11 -54.48
N GLN B 94 4.19 -28.19 -54.41
CA GLN B 94 3.77 -27.40 -55.56
C GLN B 94 3.94 -25.93 -55.22
N ASN B 95 4.57 -25.18 -56.13
CA ASN B 95 4.93 -23.79 -55.89
C ASN B 95 4.47 -22.94 -57.07
N VAL B 96 3.64 -21.93 -56.79
CA VAL B 96 3.20 -20.98 -57.81
C VAL B 96 4.31 -19.96 -58.02
N ASP B 97 4.89 -19.95 -59.24
CA ASP B 97 6.01 -19.05 -59.51
C ASP B 97 5.57 -17.61 -59.65
N PHE B 98 4.48 -17.35 -60.38
CA PHE B 98 4.06 -15.97 -60.62
C PHE B 98 2.60 -15.95 -61.08
N VAL B 99 1.96 -14.81 -60.84
CA VAL B 99 0.65 -14.48 -61.39
C VAL B 99 0.72 -13.03 -61.84
N ASP B 100 0.78 -12.80 -63.16
CA ASP B 100 0.90 -11.47 -63.72
C ASP B 100 -0.35 -11.11 -64.54
N LEU B 101 -0.68 -9.83 -64.53
CA LEU B 101 -1.87 -9.30 -65.20
C LEU B 101 -1.45 -8.27 -66.26
N ASN B 102 -1.68 -8.59 -67.53
CA ASN B 102 -1.38 -7.69 -68.64
C ASN B 102 -2.67 -7.39 -69.40
N ASN B 103 -3.16 -6.16 -69.27
CA ASN B 103 -4.38 -5.65 -69.89
C ASN B 103 -5.47 -6.72 -69.96
N GLY B 104 -5.83 -7.25 -68.79
CA GLY B 104 -6.97 -8.13 -68.65
C GLY B 104 -6.70 -9.60 -68.89
N LYS B 105 -5.47 -9.98 -69.20
CA LYS B 105 -5.10 -11.37 -69.43
C LYS B 105 -4.11 -11.82 -68.37
N PHE B 106 -4.23 -13.08 -67.95
CA PHE B 106 -3.43 -13.64 -66.86
C PHE B 106 -2.37 -14.58 -67.39
N TYR B 107 -1.17 -14.48 -66.85
CA TYR B 107 -0.03 -15.30 -67.22
C TYR B 107 0.52 -15.93 -65.95
N VAL B 108 0.44 -17.26 -65.86
CA VAL B 108 0.71 -17.98 -64.61
C VAL B 108 1.68 -19.12 -64.90
N GLY B 109 2.72 -19.23 -64.06
CA GLY B 109 3.61 -20.37 -64.11
C GLY B 109 3.63 -21.12 -62.79
N VAL B 110 3.50 -22.44 -62.85
CA VAL B 110 3.41 -23.27 -61.65
C VAL B 110 4.28 -24.51 -61.84
N CYS B 111 5.14 -24.79 -60.86
CA CYS B 111 5.96 -26.00 -60.84
C CYS B 111 5.44 -26.96 -59.77
N ALA B 112 5.65 -28.26 -60.01
CA ALA B 112 5.26 -29.30 -59.07
C ALA B 112 6.36 -30.36 -59.02
N PHE B 113 6.53 -30.96 -57.84
CA PHE B 113 7.54 -32.00 -57.63
C PHE B 113 6.80 -33.30 -57.31
N VAL B 114 6.81 -34.24 -58.23
CA VAL B 114 6.09 -35.50 -58.11
C VAL B 114 7.11 -36.61 -57.92
N ARG B 115 6.85 -37.48 -56.95
CA ARG B 115 7.73 -38.60 -56.63
C ARG B 115 6.98 -39.91 -56.82
N VAL B 116 7.44 -40.72 -57.76
CA VAL B 116 6.87 -42.04 -58.01
C VAL B 116 7.62 -43.06 -57.19
N GLN B 117 6.89 -44.00 -56.60
CA GLN B 117 7.46 -45.08 -55.81
C GLN B 117 6.88 -46.41 -56.25
N LEU B 118 7.71 -47.43 -56.30
CA LEU B 118 7.29 -48.79 -56.58
C LEU B 118 7.05 -49.54 -55.29
N LYS B 119 6.42 -50.72 -55.41
CA LYS B 119 6.08 -51.47 -54.21
C LYS B 119 7.31 -51.99 -53.47
N ASP B 120 8.51 -51.81 -54.01
CA ASP B 120 9.73 -52.24 -53.34
C ASP B 120 10.51 -51.08 -52.71
N GLY B 121 9.98 -49.86 -52.76
CA GLY B 121 10.66 -48.71 -52.23
C GLY B 121 11.43 -47.89 -53.25
N SER B 122 11.71 -48.45 -54.43
CA SER B 122 12.36 -47.69 -55.49
C SER B 122 11.54 -46.46 -55.82
N TYR B 123 12.23 -45.35 -56.11
CA TYR B 123 11.55 -44.07 -56.28
C TYR B 123 12.23 -43.23 -57.35
N HIS B 124 11.45 -42.36 -57.98
CA HIS B 124 11.98 -41.36 -58.89
C HIS B 124 11.16 -40.08 -58.73
N GLU B 125 11.85 -38.96 -58.55
CA GLU B 125 11.21 -37.67 -58.35
C GLU B 125 11.69 -36.70 -59.42
N ASP B 126 10.76 -35.91 -59.98
CA ASP B 126 11.11 -34.97 -61.03
C ASP B 126 10.22 -33.74 -60.92
N VAL B 127 10.48 -32.79 -61.81
CA VAL B 127 9.81 -31.49 -61.81
C VAL B 127 8.84 -31.44 -62.98
N GLY B 128 7.63 -30.94 -62.72
CA GLY B 128 6.71 -30.60 -63.78
C GLY B 128 6.40 -29.12 -63.80
N TYR B 129 5.98 -28.59 -64.94
CA TYR B 129 5.58 -27.19 -65.01
C TYR B 129 4.22 -27.05 -65.67
N GLY B 130 3.51 -25.98 -65.30
CA GLY B 130 2.20 -25.69 -65.84
C GLY B 130 2.04 -24.21 -66.17
N VAL B 131 1.54 -23.91 -67.36
CA VAL B 131 1.47 -22.55 -67.90
C VAL B 131 0.05 -22.27 -68.34
N SER B 132 -0.40 -21.03 -68.15
CA SER B 132 -1.70 -20.60 -68.66
C SER B 132 -1.58 -19.12 -69.01
N GLU B 133 -1.58 -18.81 -70.30
CA GLU B 133 -1.43 -17.45 -70.80
C GLU B 133 -2.64 -17.08 -71.63
N GLY B 134 -3.20 -15.90 -71.35
CA GLY B 134 -4.25 -15.32 -72.18
C GLY B 134 -5.62 -15.35 -71.56
N LEU B 135 -5.88 -16.25 -70.61
CA LEU B 135 -7.21 -16.37 -70.04
C LEU B 135 -7.57 -15.13 -69.23
N LYS B 136 -8.85 -14.81 -69.22
CA LYS B 136 -9.36 -13.69 -68.45
C LYS B 136 -9.73 -14.08 -67.02
N SER B 137 -9.87 -15.38 -66.75
CA SER B 137 -10.22 -15.87 -65.43
C SER B 137 -8.96 -16.22 -64.64
N LYS B 138 -8.74 -15.52 -63.54
CA LYS B 138 -7.61 -15.82 -62.66
C LYS B 138 -7.69 -17.24 -62.12
N ALA B 139 -8.88 -17.64 -61.68
CA ALA B 139 -9.08 -18.96 -61.10
C ALA B 139 -8.86 -20.07 -62.12
N LEU B 140 -9.39 -19.90 -63.33
CA LEU B 140 -9.25 -20.95 -64.34
C LEU B 140 -7.80 -21.06 -64.80
N SER B 141 -7.10 -19.93 -64.87
CA SER B 141 -5.67 -19.94 -65.19
C SER B 141 -4.90 -20.74 -64.14
N LEU B 142 -5.15 -20.45 -62.86
CA LEU B 142 -4.47 -21.19 -61.80
C LEU B 142 -4.80 -22.68 -61.85
N GLU B 143 -6.08 -23.02 -62.07
CA GLU B 143 -6.46 -24.43 -62.13
C GLU B 143 -5.70 -25.15 -63.24
N LYS B 144 -5.69 -24.55 -64.44
CA LYS B 144 -5.00 -25.17 -65.57
C LYS B 144 -3.51 -25.34 -65.26
N ALA B 145 -2.90 -24.29 -64.71
CA ALA B 145 -1.46 -24.33 -64.48
C ALA B 145 -1.09 -25.38 -63.44
N ARG B 146 -1.83 -25.43 -62.32
CA ARG B 146 -1.53 -26.39 -61.27
C ARG B 146 -1.72 -27.82 -61.74
N LYS B 147 -2.87 -28.11 -62.35
CA LYS B 147 -3.13 -29.47 -62.80
C LYS B 147 -2.12 -29.90 -63.86
N GLU B 148 -1.82 -29.01 -64.80
CA GLU B 148 -0.85 -29.31 -65.85
C GLU B 148 0.53 -29.59 -65.25
N ALA B 149 0.95 -28.78 -64.28
CA ALA B 149 2.24 -28.99 -63.63
C ALA B 149 2.30 -30.36 -62.98
N VAL B 150 1.23 -30.76 -62.27
CA VAL B 150 1.27 -32.05 -61.59
C VAL B 150 1.33 -33.19 -62.60
N THR B 151 0.51 -33.13 -63.66
CA THR B 151 0.53 -34.19 -64.65
C THR B 151 1.89 -34.30 -65.34
N ASP B 152 2.47 -33.15 -65.70
CA ASP B 152 3.80 -33.14 -66.29
C ASP B 152 4.84 -33.74 -65.36
N GLY B 153 4.77 -33.40 -64.07
CA GLY B 153 5.70 -33.97 -63.12
C GLY B 153 5.57 -35.48 -63.01
N LEU B 154 4.34 -35.98 -63.04
CA LEU B 154 4.14 -37.43 -62.98
C LEU B 154 4.70 -38.11 -64.23
N LYS B 155 4.46 -37.53 -65.41
CA LYS B 155 5.00 -38.11 -66.63
C LYS B 155 6.52 -38.14 -66.59
N ARG B 156 7.14 -37.04 -66.16
CA ARG B 156 8.60 -36.96 -66.14
C ARG B 156 9.21 -37.86 -65.07
N ALA B 157 8.50 -38.09 -63.96
CA ALA B 157 8.99 -39.03 -62.95
C ALA B 157 8.89 -40.48 -63.42
N LEU B 158 7.81 -40.83 -64.12
CA LEU B 158 7.67 -42.18 -64.63
C LEU B 158 8.63 -42.44 -65.79
N ARG B 159 8.98 -41.39 -66.52
CA ARG B 159 9.94 -41.49 -67.62
C ARG B 159 11.23 -42.20 -67.20
N SER B 160 11.67 -42.00 -65.96
CA SER B 160 12.98 -42.47 -65.51
C SER B 160 13.08 -43.98 -65.35
N PHE B 161 11.98 -44.74 -65.55
CA PHE B 161 12.04 -46.18 -65.40
C PHE B 161 12.44 -46.93 -66.67
N GLY B 162 12.38 -46.29 -67.83
CA GLY B 162 12.79 -46.91 -69.06
C GLY B 162 12.01 -46.38 -70.24
N ASN B 163 12.35 -46.92 -71.42
CA ASN B 163 11.72 -46.46 -72.66
C ASN B 163 10.21 -46.71 -72.65
N ALA B 164 9.78 -47.86 -72.11
CA ALA B 164 8.38 -48.24 -72.19
C ALA B 164 7.47 -47.23 -71.49
N LEU B 165 7.99 -46.50 -70.50
CA LEU B 165 7.22 -45.52 -69.75
C LEU B 165 7.45 -44.09 -70.23
N GLY B 166 8.19 -43.91 -71.33
CA GLY B 166 8.25 -42.60 -71.96
C GLY B 166 9.64 -42.06 -72.22
N ASN B 167 10.67 -42.83 -71.90
CA ASN B 167 12.03 -42.33 -72.11
C ASN B 167 12.38 -42.28 -73.59
N CYS B 168 11.88 -43.24 -74.38
CA CYS B 168 12.25 -43.32 -75.79
C CYS B 168 11.83 -42.09 -76.56
N ILE B 169 10.78 -41.39 -76.08
CA ILE B 169 10.33 -40.19 -76.77
C ILE B 169 11.42 -39.13 -76.86
N LEU B 170 12.46 -39.23 -76.03
CA LEU B 170 13.52 -38.23 -76.07
C LEU B 170 14.63 -38.56 -77.06
N ASP B 171 14.63 -39.75 -77.64
CA ASP B 171 15.67 -40.15 -78.58
C ASP B 171 15.30 -39.65 -79.97
N LYS B 172 16.11 -38.75 -80.52
CA LYS B 172 15.82 -38.15 -81.83
C LYS B 172 15.83 -39.19 -82.94
N ASP B 173 16.63 -40.25 -82.80
CA ASP B 173 16.61 -41.31 -83.80
C ASP B 173 15.27 -42.04 -83.79
N TYR B 174 14.74 -42.28 -82.60
CA TYR B 174 13.42 -42.90 -82.46
C TYR B 174 12.32 -42.05 -83.08
N LEU B 175 12.44 -40.73 -82.98
CA LEU B 175 11.42 -39.86 -83.56
C LEU B 175 11.44 -39.95 -85.08
N ARG B 176 12.64 -39.95 -85.66
CA ARG B 176 12.76 -40.12 -87.11
C ARG B 176 12.21 -41.47 -87.55
N SER B 177 12.56 -42.54 -86.83
CA SER B 177 12.00 -43.85 -87.15
C SER B 177 10.48 -43.90 -86.94
N LEU B 178 9.94 -42.97 -86.17
CA LEU B 178 8.48 -42.89 -86.03
C LEU B 178 7.85 -42.12 -87.18
N ASN B 179 8.54 -41.11 -87.71
CA ASN B 179 7.98 -40.34 -88.83
C ASN B 179 7.89 -41.20 -90.09
N LYS B 180 8.87 -42.08 -90.30
CA LYS B 180 8.87 -42.98 -91.44
C LYS B 180 7.76 -44.02 -91.39
N LEU B 181 7.06 -44.14 -90.26
CA LEU B 181 5.98 -45.10 -90.13
C LEU B 181 4.68 -44.54 -90.70
N PRO B 182 3.82 -45.40 -91.23
CA PRO B 182 2.54 -44.94 -91.80
C PRO B 182 1.63 -44.31 -90.75
N ARG B 183 1.16 -43.11 -91.04
CA ARG B 183 0.21 -42.42 -90.15
C ARG B 183 -1.11 -43.18 -90.14
N GLN B 184 -1.33 -43.96 -89.09
CA GLN B 184 -2.55 -44.75 -88.96
C GLN B 184 -3.66 -43.88 -88.35
N LEU B 185 -4.90 -44.17 -88.73
CA LEU B 185 -6.00 -43.40 -88.19
C LEU B 185 -6.28 -43.81 -86.75
N PRO B 186 -6.70 -42.87 -85.89
CA PRO B 186 -7.02 -43.22 -84.50
C PRO B 186 -7.93 -44.43 -84.37
N LEU B 187 -7.44 -45.45 -83.66
CA LEU B 187 -8.22 -46.66 -83.43
C LEU B 187 -9.51 -46.33 -82.69
N GLU B 188 -10.52 -47.17 -82.91
CA GLU B 188 -11.83 -47.01 -82.30
C GLU B 188 -11.95 -47.87 -81.04
N VAL B 189 -12.76 -47.39 -80.10
CA VAL B 189 -12.92 -48.02 -78.81
C VAL B 189 -14.21 -48.82 -78.81
N ASP B 190 -14.15 -50.06 -78.34
CA ASP B 190 -15.30 -50.97 -78.33
C ASP B 190 -15.99 -50.91 -76.98
N LEU B 191 -17.09 -50.16 -76.91
CA LEU B 191 -17.83 -49.95 -75.68
C LEU B 191 -18.88 -51.03 -75.42
N THR B 192 -18.77 -52.19 -76.07
CA THR B 192 -19.76 -53.24 -75.83
C THR B 192 -19.58 -53.87 -74.46
N LYS B 193 -18.34 -54.16 -74.07
CA LYS B 193 -18.03 -54.72 -72.77
C LYS B 193 -17.69 -53.65 -71.73
N ALA B 194 -18.22 -52.44 -71.89
CA ALA B 194 -17.96 -51.39 -70.92
C ALA B 194 -18.68 -51.68 -69.62
N LYS B 195 -18.11 -51.20 -68.52
CA LYS B 195 -18.71 -51.41 -67.21
C LYS B 195 -20.03 -50.64 -67.14
N ARG B 196 -21.10 -51.34 -66.76
CA ARG B 196 -22.44 -50.80 -66.82
C ARG B 196 -23.11 -50.72 -65.46
N GLN B 197 -22.61 -51.43 -64.46
CA GLN B 197 -23.10 -51.35 -63.10
C GLN B 197 -21.92 -51.35 -62.15
N ASP B 198 -22.15 -50.86 -60.93
CA ASP B 198 -21.05 -50.67 -60.00
C ASP B 198 -20.48 -52.01 -59.54
N LEU B 199 -21.37 -52.96 -59.22
CA LEU B 199 -20.96 -54.23 -58.61
C LEU B 199 -19.90 -54.94 -59.45
N GLU B 200 -18.93 -55.54 -58.76
CA GLU B 200 -17.88 -56.34 -59.37
C GLU B 200 -17.93 -57.70 -58.68
N PRO B 201 -18.72 -58.64 -59.20
CA PRO B 201 -18.97 -59.87 -58.44
C PRO B 201 -17.73 -60.72 -58.21
N SER B 202 -16.90 -60.94 -59.24
CA SER B 202 -15.68 -61.70 -59.04
C SER B 202 -14.76 -61.01 -58.04
N VAL B 203 -14.67 -59.69 -58.12
CA VAL B 203 -13.84 -58.94 -57.18
C VAL B 203 -14.36 -59.08 -55.77
N GLU B 204 -15.68 -58.90 -55.59
CA GLU B 204 -16.29 -59.08 -54.27
C GLU B 204 -16.05 -60.49 -53.73
N GLU B 205 -16.11 -61.49 -54.61
CA GLU B 205 -15.89 -62.87 -54.17
C GLU B 205 -14.46 -63.06 -53.67
N ALA B 206 -13.49 -62.65 -54.49
CA ALA B 206 -12.09 -62.76 -54.07
C ALA B 206 -11.81 -61.97 -52.80
N ARG B 207 -12.46 -60.81 -52.61
CA ARG B 207 -12.18 -60.02 -51.43
C ARG B 207 -12.80 -60.65 -50.19
N TYR B 208 -14.02 -61.16 -50.31
CA TYR B 208 -14.64 -61.89 -49.21
C TYR B 208 -13.80 -63.11 -48.84
N ASN B 209 -13.25 -63.81 -49.82
CA ASN B 209 -12.36 -64.95 -49.54
C ASN B 209 -10.99 -64.51 -49.06
N SER B 210 -10.67 -63.21 -49.11
CA SER B 210 -9.37 -62.72 -48.66
C SER B 210 -9.30 -62.47 -47.16
N CYS B 211 -10.42 -62.54 -46.44
CA CYS B 211 -10.43 -62.18 -45.02
C CYS B 211 -10.17 -63.40 -44.14
N CYS C 28 -3.83 -54.35 -39.97
CA CYS C 28 -4.78 -53.25 -40.11
C CYS C 28 -4.71 -52.61 -41.50
N PHE C 29 -5.12 -51.35 -41.60
CA PHE C 29 -5.11 -50.64 -42.88
C PHE C 29 -3.68 -50.20 -43.20
N GLY C 30 -3.32 -50.29 -44.48
CA GLY C 30 -1.95 -50.06 -44.89
C GLY C 30 -1.04 -51.25 -44.67
N GLN C 31 -1.50 -52.28 -43.96
CA GLN C 31 -0.74 -53.49 -43.73
C GLN C 31 -1.25 -54.69 -44.50
N CYS C 32 -2.56 -54.76 -44.77
CA CYS C 32 -3.12 -55.89 -45.49
C CYS C 32 -2.44 -56.02 -46.85
N GLN C 33 -2.03 -57.24 -47.19
CA GLN C 33 -1.44 -57.51 -48.49
C GLN C 33 -2.47 -58.22 -49.37
N TYR C 34 -2.57 -57.77 -50.62
CA TYR C 34 -3.56 -58.31 -51.54
C TYR C 34 -3.28 -59.78 -51.85
N THR C 35 -4.33 -60.59 -51.74
CA THR C 35 -4.25 -61.98 -52.17
C THR C 35 -4.27 -62.06 -53.70
N ALA C 36 -3.77 -63.17 -54.22
CA ALA C 36 -3.68 -63.36 -55.66
C ALA C 36 -5.03 -63.18 -56.34
N GLU C 37 -6.08 -63.77 -55.76
CA GLU C 37 -7.41 -63.71 -56.38
C GLU C 37 -7.92 -62.27 -56.44
N GLU C 38 -7.83 -61.54 -55.33
CA GLU C 38 -8.33 -60.17 -55.31
C GLU C 38 -7.49 -59.25 -56.18
N TYR C 39 -6.16 -59.41 -56.13
CA TYR C 39 -5.30 -58.64 -57.02
C TYR C 39 -5.70 -58.86 -58.47
N GLN C 40 -5.85 -60.11 -58.88
CA GLN C 40 -6.11 -60.41 -60.28
C GLN C 40 -7.48 -59.89 -60.70
N ALA C 41 -8.49 -60.10 -59.85
CA ALA C 41 -9.82 -59.58 -60.10
C ALA C 41 -9.80 -58.08 -60.28
N ILE C 42 -9.13 -57.36 -59.37
CA ILE C 42 -9.12 -55.90 -59.43
C ILE C 42 -8.35 -55.42 -60.65
N GLN C 43 -7.20 -56.03 -60.93
CA GLN C 43 -6.41 -55.64 -62.09
C GLN C 43 -7.21 -55.79 -63.38
N LYS C 44 -7.93 -56.89 -63.54
CA LYS C 44 -8.77 -57.05 -64.73
C LYS C 44 -9.93 -56.07 -64.74
N ALA C 45 -10.64 -55.93 -63.61
CA ALA C 45 -11.83 -55.08 -63.56
C ALA C 45 -11.51 -53.61 -63.82
N LEU C 46 -10.34 -53.14 -63.39
CA LEU C 46 -10.00 -51.72 -63.55
C LEU C 46 -9.78 -51.33 -65.00
N ARG C 47 -9.54 -52.30 -65.89
CA ARG C 47 -9.32 -51.99 -67.29
C ARG C 47 -10.61 -51.55 -67.98
N GLN C 48 -11.77 -51.99 -67.48
CA GLN C 48 -13.04 -51.64 -68.10
C GLN C 48 -13.20 -50.14 -68.23
N ARG C 49 -13.58 -49.69 -69.43
CA ARG C 49 -14.02 -48.32 -69.59
C ARG C 49 -15.48 -48.19 -69.15
N LEU C 50 -15.90 -46.95 -68.91
CA LEU C 50 -17.23 -46.70 -68.38
C LEU C 50 -18.24 -46.51 -69.50
N GLY C 51 -19.43 -47.11 -69.31
CA GLY C 51 -20.53 -46.89 -70.20
C GLY C 51 -21.10 -45.49 -70.06
N PRO C 52 -22.08 -45.17 -70.92
CA PRO C 52 -22.67 -43.82 -70.88
C PRO C 52 -23.44 -43.54 -69.60
N GLU C 53 -23.69 -44.55 -68.77
CA GLU C 53 -24.43 -44.34 -67.52
C GLU C 53 -23.69 -43.41 -66.56
N TYR C 54 -22.36 -43.42 -66.63
CA TYR C 54 -21.53 -42.66 -65.68
C TYR C 54 -21.22 -41.25 -66.16
N ILE C 55 -21.08 -41.05 -67.46
CA ILE C 55 -20.55 -39.81 -68.01
C ILE C 55 -21.63 -38.76 -68.09
N SER C 56 -21.27 -37.53 -67.73
CA SER C 56 -22.14 -36.36 -67.85
C SER C 56 -21.35 -35.29 -68.61
N SER C 57 -22.03 -34.20 -68.95
CA SER C 57 -21.39 -33.17 -69.75
C SER C 57 -21.93 -31.80 -69.39
N ARG C 58 -21.08 -30.79 -69.58
CA ARG C 58 -21.45 -29.39 -69.41
C ARG C 58 -20.84 -28.61 -70.56
N MET C 59 -21.06 -27.29 -70.57
CA MET C 59 -20.50 -26.40 -71.57
C MET C 59 -19.41 -25.55 -70.94
N ALA C 60 -18.34 -25.32 -71.69
CA ALA C 60 -17.17 -24.61 -71.20
C ALA C 60 -17.17 -23.17 -71.68
N GLY C 61 -16.11 -22.44 -71.31
CA GLY C 61 -15.98 -21.04 -71.66
C GLY C 61 -15.78 -20.80 -73.14
N GLY C 62 -15.26 -21.79 -73.87
CA GLY C 62 -15.09 -21.70 -75.30
C GLY C 62 -16.25 -22.25 -76.10
N GLY C 63 -17.39 -22.52 -75.46
CA GLY C 63 -18.52 -23.11 -76.15
C GLY C 63 -18.29 -24.55 -76.57
N GLN C 64 -17.48 -25.29 -75.80
CA GLN C 64 -17.11 -26.66 -76.15
C GLN C 64 -17.64 -27.63 -75.10
N LYS C 65 -17.79 -28.89 -75.53
CA LYS C 65 -18.34 -29.94 -74.68
C LYS C 65 -17.24 -30.55 -73.82
N VAL C 66 -17.51 -30.67 -72.52
CA VAL C 66 -16.57 -31.22 -71.56
C VAL C 66 -17.27 -32.33 -70.78
N CYS C 67 -16.70 -33.53 -70.82
CA CYS C 67 -17.24 -34.68 -70.10
C CYS C 67 -16.62 -34.77 -68.71
N TYR C 68 -17.34 -35.44 -67.80
CA TYR C 68 -16.88 -35.65 -66.44
C TYR C 68 -17.74 -36.73 -65.79
N ILE C 69 -17.25 -37.27 -64.68
CA ILE C 69 -17.96 -38.22 -63.86
C ILE C 69 -18.35 -37.55 -62.55
N GLU C 70 -19.61 -37.70 -62.15
CA GLU C 70 -20.08 -37.08 -60.91
C GLU C 70 -19.45 -37.73 -59.70
N GLY C 71 -19.29 -36.92 -58.64
CA GLY C 71 -18.57 -37.38 -57.45
C GLY C 71 -19.11 -38.66 -56.88
N HIS C 72 -20.42 -38.72 -56.64
CA HIS C 72 -21.03 -39.89 -56.00
C HIS C 72 -20.82 -41.16 -56.83
N ARG C 73 -20.79 -41.02 -58.16
CA ARG C 73 -20.53 -42.18 -59.01
C ARG C 73 -19.12 -42.71 -58.77
N VAL C 74 -18.14 -41.80 -58.65
CA VAL C 74 -16.77 -42.23 -58.40
C VAL C 74 -16.64 -42.85 -57.02
N ILE C 75 -17.33 -42.27 -56.02
CA ILE C 75 -17.28 -42.83 -54.67
C ILE C 75 -17.80 -44.26 -54.66
N ASN C 76 -18.96 -44.48 -55.31
CA ASN C 76 -19.50 -45.84 -55.37
C ASN C 76 -18.61 -46.77 -56.17
N LEU C 77 -18.04 -46.28 -57.27
CA LEU C 77 -17.09 -47.08 -58.05
C LEU C 77 -15.94 -47.56 -57.19
N ALA C 78 -15.35 -46.65 -56.41
CA ALA C 78 -14.21 -47.02 -55.58
C ALA C 78 -14.63 -47.97 -54.46
N ASN C 79 -15.80 -47.71 -53.85
CA ASN C 79 -16.29 -48.58 -52.80
C ASN C 79 -16.52 -50.00 -53.31
N GLU C 80 -16.94 -50.14 -54.56
CA GLU C 80 -17.13 -51.48 -55.13
C GLU C 80 -15.80 -52.11 -55.53
N MET C 81 -14.86 -51.30 -56.04
CA MET C 81 -13.60 -51.85 -56.51
C MET C 81 -12.73 -52.35 -55.36
N PHE C 82 -12.65 -51.59 -54.27
CA PHE C 82 -11.73 -51.94 -53.18
C PHE C 82 -12.43 -52.31 -51.89
N GLY C 83 -13.73 -52.10 -51.79
CA GLY C 83 -14.40 -52.26 -50.51
C GLY C 83 -14.46 -50.96 -49.74
N TYR C 84 -15.49 -50.84 -48.90
CA TYR C 84 -15.63 -49.66 -48.07
C TYR C 84 -14.40 -49.44 -47.19
N ASN C 85 -13.66 -50.51 -46.89
CA ASN C 85 -12.49 -50.44 -46.03
C ASN C 85 -11.21 -50.79 -46.78
N GLY C 86 -11.22 -50.67 -48.10
CA GLY C 86 -10.06 -51.01 -48.90
C GLY C 86 -9.43 -49.81 -49.55
N TRP C 87 -10.09 -48.67 -49.49
CA TRP C 87 -9.52 -47.42 -49.97
C TRP C 87 -9.76 -46.33 -48.94
N ALA C 88 -8.89 -45.31 -48.98
CA ALA C 88 -8.98 -44.19 -48.06
C ALA C 88 -8.46 -42.97 -48.78
N HIS C 89 -8.91 -41.79 -48.34
CA HIS C 89 -8.36 -40.55 -48.88
C HIS C 89 -8.29 -39.51 -47.77
N SER C 90 -7.36 -38.58 -47.94
CA SER C 90 -7.10 -37.53 -46.96
C SER C 90 -6.75 -36.25 -47.72
N ILE C 91 -6.98 -35.13 -47.06
CA ILE C 91 -6.66 -33.82 -47.61
C ILE C 91 -5.29 -33.44 -47.06
N THR C 92 -4.27 -33.54 -47.92
CA THR C 92 -2.92 -33.17 -47.50
C THR C 92 -2.82 -31.68 -47.22
N GLN C 93 -3.39 -30.85 -48.09
CA GLN C 93 -3.38 -29.40 -47.90
C GLN C 93 -4.47 -28.79 -48.77
N GLN C 94 -5.17 -27.80 -48.22
CA GLN C 94 -6.08 -26.95 -48.99
C GLN C 94 -5.63 -25.51 -48.81
N ASN C 95 -5.48 -24.79 -49.92
CA ASN C 95 -4.96 -23.43 -49.91
C ASN C 95 -5.85 -22.53 -50.76
N VAL C 96 -6.36 -21.46 -50.16
CA VAL C 96 -7.14 -20.47 -50.89
C VAL C 96 -6.16 -19.57 -51.64
N ASP C 97 -6.23 -19.61 -52.98
CA ASP C 97 -5.27 -18.85 -53.77
C ASP C 97 -5.56 -17.35 -53.74
N PHE C 98 -6.83 -16.96 -53.84
CA PHE C 98 -7.16 -15.54 -53.88
C PHE C 98 -8.64 -15.36 -53.58
N VAL C 99 -8.96 -14.16 -53.09
CA VAL C 99 -10.33 -13.69 -52.92
C VAL C 99 -10.37 -12.25 -53.42
N ASP C 100 -10.98 -12.02 -54.58
CA ASP C 100 -11.03 -10.70 -55.20
C ASP C 100 -12.46 -10.19 -55.21
N LEU C 101 -12.61 -8.87 -55.09
CA LEU C 101 -13.90 -8.20 -55.07
C LEU C 101 -13.99 -7.24 -56.25
N ASN C 102 -14.86 -7.55 -57.20
CA ASN C 102 -15.08 -6.73 -58.40
C ASN C 102 -16.53 -6.27 -58.44
N ASN C 103 -16.74 -4.98 -58.23
CA ASN C 103 -18.06 -4.33 -58.19
C ASN C 103 -19.11 -5.23 -57.56
N GLY C 104 -18.84 -5.66 -56.34
CA GLY C 104 -19.83 -6.39 -55.56
C GLY C 104 -19.87 -7.87 -55.82
N LYS C 105 -19.01 -8.38 -56.69
CA LYS C 105 -18.98 -9.79 -57.04
C LYS C 105 -17.67 -10.40 -56.56
N PHE C 106 -17.73 -11.64 -56.10
CA PHE C 106 -16.58 -12.33 -55.53
C PHE C 106 -16.05 -13.38 -56.48
N TYR C 107 -14.72 -13.44 -56.61
CA TYR C 107 -14.03 -14.39 -57.49
C TYR C 107 -12.98 -15.10 -56.66
N VAL C 108 -13.12 -16.42 -56.50
CA VAL C 108 -12.34 -17.19 -55.54
C VAL C 108 -11.72 -18.38 -56.24
N GLY C 109 -10.42 -18.59 -56.00
CA GLY C 109 -9.76 -19.81 -56.45
C GLY C 109 -9.17 -20.59 -55.28
N VAL C 110 -9.43 -21.89 -55.23
CA VAL C 110 -8.98 -22.74 -54.13
C VAL C 110 -8.44 -24.05 -54.70
N CYS C 111 -7.23 -24.42 -54.28
CA CYS C 111 -6.62 -25.70 -54.63
C CYS C 111 -6.60 -26.61 -53.41
N ALA C 112 -6.64 -27.91 -53.66
CA ALA C 112 -6.55 -28.92 -52.60
C ALA C 112 -5.68 -30.08 -53.09
N PHE C 113 -4.94 -30.68 -52.16
CA PHE C 113 -4.08 -31.83 -52.49
C PHE C 113 -4.66 -33.04 -51.76
N VAL C 114 -5.22 -33.96 -52.53
CA VAL C 114 -5.91 -35.13 -51.98
C VAL C 114 -5.05 -36.35 -52.25
N ARG C 115 -4.87 -37.18 -51.24
CA ARG C 115 -4.07 -38.40 -51.33
C ARG C 115 -4.96 -39.59 -51.02
N VAL C 116 -5.13 -40.46 -52.01
CA VAL C 116 -5.89 -41.70 -51.86
C VAL C 116 -4.91 -42.82 -51.53
N GLN C 117 -5.29 -43.69 -50.60
CA GLN C 117 -4.49 -44.83 -50.22
C GLN C 117 -5.34 -46.09 -50.23
N LEU C 118 -4.75 -47.18 -50.69
CA LEU C 118 -5.41 -48.49 -50.65
C LEU C 118 -4.99 -49.25 -49.40
N LYS C 119 -5.71 -50.33 -49.11
CA LYS C 119 -5.46 -51.08 -47.89
C LYS C 119 -4.09 -51.76 -47.87
N ASP C 120 -3.33 -51.71 -48.96
CA ASP C 120 -1.97 -52.27 -48.97
C ASP C 120 -0.89 -51.21 -48.88
N GLY C 121 -1.26 -49.94 -48.73
CA GLY C 121 -0.32 -48.85 -48.65
C GLY C 121 -0.08 -48.09 -49.94
N SER C 122 -0.45 -48.68 -51.08
CA SER C 122 -0.34 -47.98 -52.36
C SER C 122 -1.16 -46.69 -52.31
N TYR C 123 -0.65 -45.64 -52.95
CA TYR C 123 -1.23 -44.32 -52.82
C TYR C 123 -1.14 -43.57 -54.13
N HIS C 124 -2.06 -42.61 -54.30
CA HIS C 124 -2.00 -41.67 -55.41
C HIS C 124 -2.49 -40.32 -54.90
N GLU C 125 -1.70 -39.28 -55.15
CA GLU C 125 -2.00 -37.94 -54.69
C GLU C 125 -2.04 -36.98 -55.87
N ASP C 126 -3.04 -36.11 -55.89
CA ASP C 126 -3.21 -35.16 -56.99
C ASP C 126 -3.84 -33.88 -56.47
N VAL C 127 -3.99 -32.91 -57.36
CA VAL C 127 -4.52 -31.59 -57.03
C VAL C 127 -5.91 -31.47 -57.59
N GLY C 128 -6.80 -30.87 -56.81
CA GLY C 128 -8.09 -30.41 -57.30
C GLY C 128 -8.15 -28.90 -57.19
N TYR C 129 -9.00 -28.28 -58.00
CA TYR C 129 -9.22 -26.83 -57.94
C TYR C 129 -10.70 -26.56 -57.78
N GLY C 130 -11.00 -25.39 -57.20
CA GLY C 130 -12.37 -24.97 -57.02
C GLY C 130 -12.55 -23.52 -57.40
N VAL C 131 -13.57 -23.21 -58.19
CA VAL C 131 -13.77 -21.88 -58.75
C VAL C 131 -15.16 -21.38 -58.40
N SER C 132 -15.26 -20.10 -58.07
CA SER C 132 -16.55 -19.45 -57.86
C SER C 132 -16.42 -18.00 -58.27
N GLU C 133 -17.02 -17.64 -59.40
CA GLU C 133 -16.96 -16.28 -59.94
C GLU C 133 -18.36 -15.74 -60.12
N GLY C 134 -18.59 -14.52 -59.65
CA GLY C 134 -19.81 -13.79 -59.90
C GLY C 134 -20.72 -13.65 -58.70
N LEU C 135 -20.60 -14.54 -57.71
CA LEU C 135 -21.50 -14.51 -56.57
C LEU C 135 -21.26 -13.26 -55.72
N LYS C 136 -22.34 -12.75 -55.13
CA LYS C 136 -22.24 -11.60 -54.25
C LYS C 136 -21.97 -11.99 -52.80
N SER C 137 -22.19 -13.26 -52.43
CA SER C 137 -21.93 -13.73 -51.08
C SER C 137 -20.52 -14.32 -51.03
N LYS C 138 -19.65 -13.70 -50.24
CA LYS C 138 -18.30 -14.22 -50.07
C LYS C 138 -18.31 -15.62 -49.45
N ALA C 139 -19.16 -15.84 -48.45
CA ALA C 139 -19.17 -17.13 -47.75
C ALA C 139 -19.54 -18.26 -48.68
N LEU C 140 -20.57 -18.07 -49.52
CA LEU C 140 -20.95 -19.13 -50.44
C LEU C 140 -19.89 -19.36 -51.51
N SER C 141 -19.24 -18.29 -51.96
CA SER C 141 -18.13 -18.44 -52.90
C SER C 141 -17.04 -19.32 -52.32
N LEU C 142 -16.62 -19.03 -51.07
CA LEU C 142 -15.59 -19.82 -50.43
C LEU C 142 -16.03 -21.27 -50.22
N GLU C 143 -17.27 -21.48 -49.75
CA GLU C 143 -17.74 -22.85 -49.55
C GLU C 143 -17.73 -23.63 -50.85
N LYS C 144 -18.27 -23.04 -51.90
CA LYS C 144 -18.33 -23.68 -53.20
C LYS C 144 -16.93 -24.02 -53.69
N ALA C 145 -16.00 -23.07 -53.56
CA ALA C 145 -14.66 -23.29 -54.07
C ALA C 145 -13.94 -24.39 -53.31
N ARG C 146 -14.05 -24.38 -51.97
CA ARG C 146 -13.35 -25.37 -51.16
C ARG C 146 -13.89 -26.77 -51.42
N LYS C 147 -15.22 -26.93 -51.37
CA LYS C 147 -15.80 -28.26 -51.57
C LYS C 147 -15.50 -28.78 -52.98
N GLU C 148 -15.64 -27.92 -54.00
CA GLU C 148 -15.35 -28.33 -55.36
C GLU C 148 -13.89 -28.75 -55.51
N ALA C 149 -12.98 -27.97 -54.92
CA ALA C 149 -11.55 -28.31 -54.97
C ALA C 149 -11.29 -29.69 -54.39
N VAL C 150 -11.88 -29.97 -53.23
CA VAL C 150 -11.63 -31.27 -52.58
C VAL C 150 -12.19 -32.41 -53.40
N THR C 151 -13.43 -32.27 -53.88
CA THR C 151 -14.03 -33.34 -54.68
C THR C 151 -13.25 -33.58 -55.97
N ASP C 152 -12.85 -32.50 -56.65
CA ASP C 152 -12.05 -32.61 -57.86
C ASP C 152 -10.72 -33.30 -57.58
N GLY C 153 -10.05 -32.94 -56.48
CA GLY C 153 -8.81 -33.60 -56.13
C GLY C 153 -8.99 -35.08 -55.87
N LEU C 154 -10.10 -35.44 -55.23
CA LEU C 154 -10.36 -36.87 -55.00
C LEU C 154 -10.56 -37.60 -56.31
N LYS C 155 -11.34 -37.02 -57.23
CA LYS C 155 -11.53 -37.67 -58.52
C LYS C 155 -10.22 -37.81 -59.28
N ARG C 156 -9.40 -36.77 -59.29
CA ARG C 156 -8.15 -36.82 -60.05
C ARG C 156 -7.14 -37.77 -59.42
N ALA C 157 -7.19 -37.93 -58.09
CA ALA C 157 -6.32 -38.91 -57.44
C ALA C 157 -6.78 -40.33 -57.77
N LEU C 158 -8.10 -40.56 -57.78
CA LEU C 158 -8.62 -41.89 -58.10
C LEU C 158 -8.41 -42.26 -59.56
N ARG C 159 -8.34 -41.25 -60.45
CA ARG C 159 -8.10 -41.52 -61.86
C ARG C 159 -6.91 -42.45 -62.08
N SER C 160 -5.86 -42.30 -61.26
CA SER C 160 -4.60 -42.99 -61.51
C SER C 160 -4.66 -44.50 -61.29
N PHE C 161 -5.80 -45.03 -60.85
CA PHE C 161 -5.90 -46.46 -60.60
C PHE C 161 -6.32 -47.25 -61.83
N GLY C 162 -6.88 -46.60 -62.85
CA GLY C 162 -7.22 -47.28 -64.08
C GLY C 162 -8.42 -46.61 -64.73
N ASN C 163 -8.80 -47.18 -65.89
CA ASN C 163 -9.91 -46.62 -66.66
C ASN C 163 -11.22 -46.69 -65.88
N ALA C 164 -11.44 -47.78 -65.15
CA ALA C 164 -12.72 -47.97 -64.47
C ALA C 164 -13.00 -46.88 -63.46
N LEU C 165 -11.96 -46.24 -62.92
CA LEU C 165 -12.12 -45.15 -61.95
C LEU C 165 -11.98 -43.77 -62.57
N GLY C 166 -11.87 -43.68 -63.90
CA GLY C 166 -11.98 -42.39 -64.56
C GLY C 166 -10.84 -42.05 -65.50
N ASN C 167 -9.90 -42.97 -65.70
CA ASN C 167 -8.78 -42.66 -66.58
C ASN C 167 -9.22 -42.57 -68.04
N CYS C 168 -10.20 -43.38 -68.44
CA CYS C 168 -10.62 -43.45 -69.83
C CYS C 168 -11.26 -42.15 -70.31
N ILE C 169 -11.82 -41.35 -69.40
CA ILE C 169 -12.49 -40.10 -69.77
C ILE C 169 -11.54 -39.15 -70.49
N LEU C 170 -10.23 -39.34 -70.36
CA LEU C 170 -9.26 -38.46 -71.00
C LEU C 170 -8.90 -38.90 -72.41
N ASP C 171 -9.36 -40.08 -72.83
CA ASP C 171 -9.06 -40.61 -74.15
C ASP C 171 -10.06 -40.07 -75.14
N LYS C 172 -9.58 -39.29 -76.11
CA LYS C 172 -10.48 -38.70 -77.10
C LYS C 172 -11.16 -39.77 -77.96
N ASP C 173 -10.52 -40.92 -78.14
CA ASP C 173 -11.14 -42.00 -78.89
C ASP C 173 -12.34 -42.55 -78.14
N TYR C 174 -12.22 -42.68 -76.81
CA TYR C 174 -13.34 -43.09 -75.98
C TYR C 174 -14.49 -42.08 -76.07
N LEU C 175 -14.15 -40.79 -76.14
CA LEU C 175 -15.18 -39.76 -76.25
C LEU C 175 -15.90 -39.83 -77.60
N ARG C 176 -15.14 -40.07 -78.68
CA ARG C 176 -15.76 -40.26 -79.98
C ARG C 176 -16.70 -41.45 -79.94
N SER C 177 -16.26 -42.58 -79.37
CA SER C 177 -17.11 -43.74 -79.24
C SER C 177 -18.30 -43.50 -78.31
N LEU C 178 -18.22 -42.48 -77.46
CA LEU C 178 -19.36 -42.15 -76.59
C LEU C 178 -20.40 -41.30 -77.30
N ASN C 179 -19.97 -40.37 -78.16
CA ASN C 179 -20.94 -39.55 -78.88
C ASN C 179 -21.73 -40.35 -79.90
N LYS C 180 -21.11 -41.36 -80.53
CA LYS C 180 -21.79 -42.19 -81.51
C LYS C 180 -22.91 -43.02 -80.91
N LEU C 181 -23.01 -43.05 -79.58
CA LEU C 181 -24.01 -43.80 -78.83
C LEU C 181 -25.29 -43.01 -78.65
N PRO C 182 -26.43 -43.72 -78.59
CA PRO C 182 -27.71 -43.04 -78.37
C PRO C 182 -27.75 -42.38 -76.99
N ARG C 183 -28.17 -41.12 -76.97
CA ARG C 183 -28.32 -40.42 -75.71
C ARG C 183 -29.38 -41.12 -74.89
N GLN C 184 -28.95 -41.86 -73.86
CA GLN C 184 -29.86 -42.68 -73.08
C GLN C 184 -30.66 -41.84 -72.10
N LEU C 185 -31.89 -42.30 -71.84
CA LEU C 185 -32.74 -41.56 -70.91
C LEU C 185 -32.32 -41.88 -69.48
N PRO C 186 -32.42 -40.91 -68.56
CA PRO C 186 -32.07 -41.15 -67.15
C PRO C 186 -32.76 -42.37 -66.55
N LEU C 187 -31.98 -43.33 -66.06
CA LEU C 187 -32.54 -44.51 -65.41
C LEU C 187 -33.32 -44.12 -64.16
N GLU C 188 -34.33 -44.94 -63.83
CA GLU C 188 -35.17 -44.73 -62.67
C GLU C 188 -34.72 -45.62 -61.51
N VAL C 189 -34.89 -45.12 -60.29
CA VAL C 189 -34.43 -45.79 -59.08
C VAL C 189 -35.63 -46.38 -58.35
N ASP C 190 -35.51 -47.65 -57.94
CA ASP C 190 -36.60 -48.36 -57.26
C ASP C 190 -36.35 -48.29 -55.75
N LEU C 191 -37.05 -47.38 -55.09
CA LEU C 191 -36.89 -47.13 -53.66
C LEU C 191 -37.75 -48.03 -52.78
N THR C 192 -38.21 -49.18 -53.30
CA THR C 192 -39.07 -50.03 -52.49
C THR C 192 -38.31 -50.71 -51.35
N LYS C 193 -37.12 -51.24 -51.62
CA LYS C 193 -36.28 -51.85 -50.59
C LYS C 193 -35.25 -50.87 -50.03
N ALA C 194 -35.54 -49.58 -50.03
CA ALA C 194 -34.63 -48.60 -49.46
C ALA C 194 -34.59 -48.75 -47.95
N LYS C 195 -33.46 -48.41 -47.37
CA LYS C 195 -33.30 -48.51 -45.91
C LYS C 195 -34.22 -47.53 -45.21
N ARG C 196 -35.01 -48.06 -44.26
CA ARG C 196 -36.05 -47.28 -43.60
C ARG C 196 -35.85 -47.14 -42.11
N GLN C 197 -35.00 -47.95 -41.50
CA GLN C 197 -34.66 -47.83 -40.09
C GLN C 197 -33.16 -48.03 -39.89
N ASP C 198 -32.65 -47.52 -38.78
CA ASP C 198 -31.21 -47.44 -38.58
C ASP C 198 -30.60 -48.84 -38.45
N LEU C 199 -31.20 -49.69 -37.63
CA LEU C 199 -30.60 -50.97 -37.27
C LEU C 199 -30.32 -51.83 -38.51
N GLU C 200 -29.19 -52.52 -38.47
CA GLU C 200 -28.76 -53.47 -39.51
C GLU C 200 -28.55 -54.80 -38.79
N PRO C 201 -29.58 -55.64 -38.70
CA PRO C 201 -29.50 -56.81 -37.81
C PRO C 201 -28.42 -57.81 -38.19
N SER C 202 -28.30 -58.15 -39.48
CA SER C 202 -27.23 -59.05 -39.89
C SER C 202 -25.86 -58.45 -39.57
N VAL C 203 -25.72 -57.14 -39.77
CA VAL C 203 -24.47 -56.46 -39.44
C VAL C 203 -24.21 -56.52 -37.94
N GLU C 204 -25.25 -56.24 -37.15
CA GLU C 204 -25.10 -56.31 -35.69
C GLU C 204 -24.66 -57.70 -35.24
N GLU C 205 -25.20 -58.75 -35.85
CA GLU C 205 -24.82 -60.11 -35.47
C GLU C 205 -23.37 -60.39 -35.86
N ALA C 206 -23.00 -60.08 -37.11
CA ALA C 206 -21.64 -60.30 -37.55
C ALA C 206 -20.63 -59.54 -36.69
N ARG C 207 -21.00 -58.36 -36.19
CA ARG C 207 -20.09 -57.60 -35.34
C ARG C 207 -20.03 -58.17 -33.93
N TYR C 208 -21.18 -58.58 -33.38
CA TYR C 208 -21.19 -59.25 -32.08
C TYR C 208 -20.31 -60.48 -32.08
N ASN C 209 -20.32 -61.25 -33.18
CA ASN C 209 -19.49 -62.44 -33.23
C ASN C 209 -18.01 -62.12 -33.43
N SER C 210 -17.65 -60.86 -33.68
CA SER C 210 -16.26 -60.48 -33.91
C SER C 210 -15.49 -60.14 -32.63
N CYS C 211 -16.16 -60.00 -31.49
CA CYS C 211 -15.46 -59.55 -30.30
C CYS C 211 -14.96 -60.73 -29.45
N CYS D 28 -6.57 -52.81 -30.47
CA CYS D 28 -7.35 -51.64 -30.12
C CYS D 28 -7.98 -51.00 -31.35
N PHE D 29 -8.25 -49.70 -31.29
CA PHE D 29 -8.86 -49.00 -32.42
C PHE D 29 -7.81 -48.70 -33.47
N GLY D 30 -8.20 -48.84 -34.74
CA GLY D 30 -7.28 -48.71 -35.85
C GLY D 30 -6.43 -49.93 -36.13
N GLN D 31 -6.45 -50.94 -35.26
CA GLN D 31 -5.66 -52.15 -35.44
C GLN D 31 -6.48 -53.38 -35.79
N CYS D 32 -7.71 -53.48 -35.30
CA CYS D 32 -8.56 -54.63 -35.58
C CYS D 32 -8.83 -54.74 -37.08
N GLN D 33 -8.71 -55.94 -37.62
CA GLN D 33 -9.03 -56.18 -39.02
C GLN D 33 -10.42 -56.80 -39.15
N TYR D 34 -11.18 -56.31 -40.12
CA TYR D 34 -12.56 -56.76 -40.30
C TYR D 34 -12.61 -58.23 -40.65
N THR D 35 -13.47 -58.96 -39.95
CA THR D 35 -13.73 -60.35 -40.27
C THR D 35 -14.61 -60.44 -41.52
N ALA D 36 -14.54 -61.59 -42.19
CA ALA D 36 -15.27 -61.79 -43.44
C ALA D 36 -16.77 -61.53 -43.26
N GLU D 37 -17.36 -62.05 -42.19
CA GLU D 37 -18.80 -61.88 -41.99
C GLU D 37 -19.17 -60.42 -41.76
N GLU D 38 -18.43 -59.72 -40.90
CA GLU D 38 -18.75 -58.32 -40.65
C GLU D 38 -18.46 -57.46 -41.87
N TYR D 39 -17.35 -57.75 -42.56
CA TYR D 39 -17.05 -57.06 -43.80
C TYR D 39 -18.20 -57.20 -44.79
N GLN D 40 -18.68 -58.43 -45.00
CA GLN D 40 -19.73 -58.65 -46.00
C GLN D 40 -21.03 -57.97 -45.60
N ALA D 41 -21.40 -58.10 -44.32
CA ALA D 41 -22.59 -57.43 -43.81
C ALA D 41 -22.52 -55.93 -44.04
N ILE D 42 -21.40 -55.31 -43.68
CA ILE D 42 -21.29 -53.85 -43.79
C ILE D 42 -21.25 -53.42 -45.25
N GLN D 43 -20.49 -54.13 -46.08
CA GLN D 43 -20.42 -53.78 -47.50
C GLN D 43 -21.79 -53.86 -48.16
N LYS D 44 -22.56 -54.91 -47.86
CA LYS D 44 -23.91 -54.99 -48.41
C LYS D 44 -24.79 -53.87 -47.87
N ALA D 45 -24.77 -53.65 -46.55
CA ALA D 45 -25.65 -52.64 -45.96
C ALA D 45 -25.34 -51.25 -46.48
N LEU D 46 -24.08 -50.95 -46.78
CA LEU D 46 -23.72 -49.61 -47.24
C LEU D 46 -24.24 -49.33 -48.64
N ARG D 47 -24.57 -50.36 -49.42
CA ARG D 47 -25.12 -50.13 -50.75
C ARG D 47 -26.54 -49.58 -50.68
N GLN D 48 -27.26 -49.92 -49.61
CA GLN D 48 -28.65 -49.51 -49.45
C GLN D 48 -28.81 -48.00 -49.58
N ARG D 49 -29.80 -47.58 -50.37
CA ARG D 49 -30.22 -46.19 -50.39
C ARG D 49 -31.15 -45.92 -49.20
N LEU D 50 -31.30 -44.64 -48.86
CA LEU D 50 -32.10 -44.24 -47.71
C LEU D 50 -33.55 -43.99 -48.12
N GLY D 51 -34.47 -44.43 -47.27
CA GLY D 51 -35.87 -44.15 -47.44
C GLY D 51 -36.21 -42.70 -47.13
N PRO D 52 -37.47 -42.30 -47.38
CA PRO D 52 -37.86 -40.90 -47.14
C PRO D 52 -37.84 -40.48 -45.68
N GLU D 53 -37.74 -41.42 -44.74
CA GLU D 53 -37.72 -41.06 -43.32
C GLU D 53 -36.50 -40.21 -42.97
N TYR D 54 -35.40 -40.37 -43.71
CA TYR D 54 -34.15 -39.68 -43.42
C TYR D 54 -34.06 -38.31 -44.06
N ILE D 55 -34.66 -38.14 -45.23
CA ILE D 55 -34.43 -36.94 -46.03
C ILE D 55 -35.27 -35.79 -45.50
N SER D 56 -34.66 -34.62 -45.39
CA SER D 56 -35.29 -33.36 -45.01
C SER D 56 -34.90 -32.30 -46.04
N SER D 57 -35.44 -31.10 -45.90
CA SER D 57 -35.11 -30.06 -46.88
C SER D 57 -35.06 -28.71 -46.19
N ARG D 58 -34.13 -27.88 -46.66
CA ARG D 58 -33.97 -26.49 -46.24
C ARG D 58 -33.59 -25.69 -47.48
N MET D 59 -33.23 -24.42 -47.28
CA MET D 59 -32.79 -23.56 -48.37
C MET D 59 -31.27 -23.44 -48.27
N ALA D 60 -30.57 -24.26 -49.03
CA ALA D 60 -29.11 -24.34 -48.95
C ALA D 60 -28.45 -23.23 -49.76
N GLY D 61 -27.16 -23.39 -50.05
CA GLY D 61 -26.46 -22.43 -50.88
C GLY D 61 -26.93 -22.50 -52.31
N GLY D 62 -27.30 -21.35 -52.86
CA GLY D 62 -27.92 -21.28 -54.18
C GLY D 62 -29.39 -20.92 -54.15
N GLY D 63 -30.00 -20.85 -52.97
CA GLY D 63 -31.36 -20.37 -52.82
C GLY D 63 -32.45 -21.26 -53.36
N GLN D 64 -32.15 -22.52 -53.67
CA GLN D 64 -33.15 -23.46 -54.14
C GLN D 64 -33.43 -24.52 -53.07
N LYS D 65 -34.50 -25.26 -53.28
CA LYS D 65 -34.87 -26.33 -52.36
C LYS D 65 -33.92 -27.50 -52.54
N VAL D 66 -33.25 -27.90 -51.46
CA VAL D 66 -32.15 -28.85 -51.49
C VAL D 66 -32.39 -29.88 -50.39
N CYS D 67 -32.31 -31.15 -50.74
CA CYS D 67 -32.51 -32.21 -49.78
C CYS D 67 -31.20 -32.51 -49.04
N TYR D 68 -31.32 -33.08 -47.85
CA TYR D 68 -30.18 -33.37 -47.00
C TYR D 68 -30.61 -34.33 -45.90
N ILE D 69 -29.62 -34.89 -45.21
CA ILE D 69 -29.83 -35.76 -44.06
C ILE D 69 -29.42 -34.99 -42.81
N GLU D 70 -30.29 -35.01 -41.80
CA GLU D 70 -30.02 -34.29 -40.56
C GLU D 70 -28.85 -34.92 -39.80
N GLY D 71 -28.14 -34.06 -39.05
CA GLY D 71 -26.92 -34.51 -38.38
C GLY D 71 -27.13 -35.73 -37.50
N HIS D 72 -28.11 -35.66 -36.59
CA HIS D 72 -28.33 -36.76 -35.66
C HIS D 72 -28.68 -38.06 -36.38
N ARG D 73 -29.35 -37.96 -37.53
CA ARG D 73 -29.65 -39.16 -38.31
C ARG D 73 -28.36 -39.80 -38.81
N VAL D 74 -27.42 -38.98 -39.29
CA VAL D 74 -26.15 -39.51 -39.77
C VAL D 74 -25.35 -40.11 -38.63
N ILE D 75 -25.40 -39.47 -37.45
CA ILE D 75 -24.70 -40.01 -36.28
C ILE D 75 -25.24 -41.39 -35.94
N ASN D 76 -26.57 -41.52 -35.89
CA ASN D 76 -27.17 -42.81 -35.56
C ASN D 76 -26.90 -43.85 -36.66
N LEU D 77 -26.94 -43.42 -37.93
CA LEU D 77 -26.61 -44.31 -39.04
C LEU D 77 -25.20 -44.88 -38.89
N ALA D 78 -24.23 -44.01 -38.58
CA ALA D 78 -22.86 -44.48 -38.46
C ALA D 78 -22.70 -45.36 -37.24
N ASN D 79 -23.34 -44.99 -36.12
CA ASN D 79 -23.26 -45.81 -34.92
C ASN D 79 -23.86 -47.20 -35.15
N GLU D 80 -24.90 -47.30 -35.98
CA GLU D 80 -25.47 -48.61 -36.28
C GLU D 80 -24.62 -49.38 -37.29
N MET D 81 -24.02 -48.68 -38.25
CA MET D 81 -23.23 -49.38 -39.27
C MET D 81 -21.94 -49.95 -38.68
N PHE D 82 -21.26 -49.18 -37.83
CA PHE D 82 -19.95 -49.59 -37.33
C PHE D 82 -19.92 -49.87 -35.83
N GLY D 83 -20.96 -49.52 -35.11
CA GLY D 83 -20.83 -49.61 -33.66
C GLY D 83 -20.33 -48.32 -33.06
N TYR D 84 -20.72 -48.08 -31.80
CA TYR D 84 -20.27 -46.88 -31.09
C TYR D 84 -18.75 -46.78 -31.02
N ASN D 85 -18.03 -47.90 -31.11
CA ASN D 85 -16.57 -47.93 -31.03
C ASN D 85 -15.94 -48.43 -32.32
N GLY D 86 -16.66 -48.34 -33.43
CA GLY D 86 -16.15 -48.85 -34.70
C GLY D 86 -15.85 -47.74 -35.69
N TRP D 87 -16.28 -46.53 -35.36
CA TRP D 87 -15.95 -45.36 -36.15
C TRP D 87 -15.51 -44.24 -35.23
N ALA D 88 -14.70 -43.33 -35.78
CA ALA D 88 -14.18 -42.22 -35.01
C ALA D 88 -14.02 -41.04 -35.95
N HIS D 89 -14.05 -39.83 -35.37
CA HIS D 89 -13.80 -38.63 -36.16
C HIS D 89 -13.05 -37.61 -35.33
N SER D 90 -12.30 -36.77 -36.02
CA SER D 90 -11.51 -35.71 -35.39
C SER D 90 -11.50 -34.49 -36.29
N ILE D 91 -11.30 -33.33 -35.69
CA ILE D 91 -11.21 -32.07 -36.42
C ILE D 91 -9.74 -31.78 -36.68
N THR D 92 -9.31 -31.99 -37.92
CA THR D 92 -7.91 -31.74 -38.27
C THR D 92 -7.56 -30.26 -38.15
N GLN D 93 -8.42 -29.39 -38.68
CA GLN D 93 -8.16 -27.96 -38.60
C GLN D 93 -9.47 -27.23 -38.87
N GLN D 94 -9.74 -26.18 -38.09
CA GLN D 94 -10.84 -25.27 -38.34
C GLN D 94 -10.30 -23.86 -38.47
N ASN D 95 -10.68 -23.16 -39.53
CA ASN D 95 -10.17 -21.83 -39.83
C ASN D 95 -11.31 -20.89 -40.15
N VAL D 96 -11.41 -19.79 -39.42
CA VAL D 96 -12.37 -18.73 -39.72
C VAL D 96 -11.83 -17.94 -40.90
N ASP D 97 -12.54 -18.00 -42.03
CA ASP D 97 -12.04 -17.34 -43.23
C ASP D 97 -12.12 -15.82 -43.11
N PHE D 98 -13.21 -15.30 -42.57
CA PHE D 98 -13.37 -13.87 -42.47
C PHE D 98 -14.48 -13.57 -41.48
N VAL D 99 -14.42 -12.36 -40.91
CA VAL D 99 -15.52 -11.80 -40.13
C VAL D 99 -15.67 -10.35 -40.56
N ASP D 100 -16.71 -10.07 -41.33
CA ASP D 100 -16.92 -8.73 -41.87
C ASP D 100 -18.19 -8.11 -41.28
N LEU D 101 -18.15 -6.79 -41.13
CA LEU D 101 -19.23 -6.02 -40.54
C LEU D 101 -19.75 -5.01 -41.56
N ASN D 102 -21.00 -5.18 -41.99
CA ASN D 102 -21.63 -4.25 -42.91
C ASN D 102 -22.83 -3.65 -42.21
N ASN D 103 -22.71 -2.38 -41.83
CA ASN D 103 -23.74 -1.61 -41.13
C ASN D 103 -24.48 -2.47 -40.11
N GLY D 104 -23.72 -2.98 -39.14
CA GLY D 104 -24.30 -3.62 -37.98
C GLY D 104 -24.63 -5.09 -38.10
N LYS D 105 -24.40 -5.70 -39.26
CA LYS D 105 -24.66 -7.13 -39.46
C LYS D 105 -23.34 -7.83 -39.75
N PHE D 106 -23.22 -9.05 -39.23
CA PHE D 106 -21.99 -9.83 -39.31
C PHE D 106 -22.11 -10.92 -40.36
N TYR D 107 -21.05 -11.08 -41.15
CA TYR D 107 -21.00 -12.08 -42.22
C TYR D 107 -19.75 -12.91 -41.99
N VAL D 108 -19.94 -14.19 -41.71
CA VAL D 108 -18.86 -15.06 -41.22
C VAL D 108 -18.81 -16.32 -42.06
N GLY D 109 -17.61 -16.69 -42.51
CA GLY D 109 -17.40 -17.97 -43.15
C GLY D 109 -16.35 -18.78 -42.42
N VAL D 110 -16.64 -20.05 -42.16
CA VAL D 110 -15.75 -20.92 -41.39
C VAL D 110 -15.69 -22.28 -42.07
N CYS D 111 -14.47 -22.77 -42.30
CA CYS D 111 -14.24 -24.10 -42.84
C CYS D 111 -13.68 -25.01 -41.75
N ALA D 112 -13.98 -26.31 -41.87
CA ALA D 112 -13.46 -27.31 -40.95
C ALA D 112 -13.05 -28.53 -41.76
N PHE D 113 -11.98 -29.20 -41.32
CA PHE D 113 -11.51 -30.39 -41.99
C PHE D 113 -11.69 -31.55 -41.02
N VAL D 114 -12.65 -32.42 -41.29
CA VAL D 114 -13.02 -33.52 -40.41
C VAL D 114 -12.58 -34.83 -41.06
N ARG D 115 -11.92 -35.68 -40.28
CA ARG D 115 -11.42 -36.97 -40.76
C ARG D 115 -12.06 -38.10 -39.97
N VAL D 116 -12.84 -38.94 -40.65
CA VAL D 116 -13.47 -40.10 -40.04
C VAL D 116 -12.56 -41.31 -40.21
N GLN D 117 -12.46 -42.13 -39.17
CA GLN D 117 -11.64 -43.34 -39.21
C GLN D 117 -12.45 -44.52 -38.69
N LEU D 118 -12.25 -45.67 -39.33
CA LEU D 118 -12.87 -46.92 -38.90
C LEU D 118 -11.91 -47.69 -38.01
N LYS D 119 -12.44 -48.73 -37.36
CA LYS D 119 -11.64 -49.49 -36.41
C LYS D 119 -10.53 -50.29 -37.08
N ASP D 120 -10.46 -50.33 -38.40
CA ASP D 120 -9.39 -51.02 -39.10
C ASP D 120 -8.33 -50.10 -39.67
N GLY D 121 -8.42 -48.79 -39.40
CA GLY D 121 -7.50 -47.81 -39.93
C GLY D 121 -7.99 -47.10 -41.16
N SER D 122 -9.00 -47.63 -41.85
CA SER D 122 -9.57 -46.94 -42.99
C SER D 122 -10.06 -45.56 -42.59
N TYR D 123 -9.89 -44.59 -43.48
CA TYR D 123 -10.19 -43.21 -43.15
C TYR D 123 -10.76 -42.48 -44.38
N HIS D 124 -11.56 -41.46 -44.10
CA HIS D 124 -12.02 -40.54 -45.13
C HIS D 124 -12.10 -39.16 -44.51
N GLU D 125 -11.49 -38.17 -45.17
CA GLU D 125 -11.43 -36.80 -44.68
C GLU D 125 -12.01 -35.87 -45.72
N ASP D 126 -12.82 -34.90 -45.28
CA ASP D 126 -13.46 -33.96 -46.18
C ASP D 126 -13.61 -32.61 -45.49
N VAL D 127 -14.11 -31.63 -46.24
CA VAL D 127 -14.24 -30.26 -45.76
C VAL D 127 -15.71 -29.95 -45.52
N GLY D 128 -15.99 -29.27 -44.41
CA GLY D 128 -17.29 -28.67 -44.20
C GLY D 128 -17.17 -27.17 -44.12
N TYR D 129 -18.26 -26.46 -44.41
CA TYR D 129 -18.27 -25.01 -44.28
C TYR D 129 -19.43 -24.57 -43.43
N GLY D 130 -19.27 -23.41 -42.80
CA GLY D 130 -20.31 -22.85 -41.96
C GLY D 130 -20.50 -21.38 -42.27
N VAL D 131 -21.74 -20.96 -42.44
CA VAL D 131 -22.08 -19.63 -42.92
C VAL D 131 -23.03 -18.96 -41.94
N SER D 132 -22.83 -17.66 -41.72
CA SER D 132 -23.78 -16.84 -40.96
C SER D 132 -23.69 -15.42 -41.50
N GLU D 133 -24.71 -15.01 -42.25
CA GLU D 133 -24.75 -13.68 -42.85
C GLU D 133 -26.00 -12.95 -42.39
N GLY D 134 -25.84 -11.73 -41.90
CA GLY D 134 -26.94 -10.86 -41.58
C GLY D 134 -27.21 -10.68 -40.10
N LEU D 135 -26.74 -11.60 -39.26
CA LEU D 135 -27.04 -11.52 -37.83
C LEU D 135 -26.33 -10.34 -37.18
N LYS D 136 -26.99 -9.77 -36.16
CA LYS D 136 -26.41 -8.67 -35.40
C LYS D 136 -25.54 -9.12 -34.24
N SER D 137 -25.69 -10.38 -33.80
CA SER D 137 -24.90 -10.91 -32.70
C SER D 137 -23.65 -11.57 -33.27
N LYS D 138 -22.48 -11.01 -32.96
CA LYS D 138 -21.22 -11.62 -33.41
C LYS D 138 -21.03 -13.01 -32.82
N ALA D 139 -21.32 -13.17 -31.54
CA ALA D 139 -21.08 -14.46 -30.89
C ALA D 139 -21.93 -15.55 -31.51
N LEU D 140 -23.21 -15.26 -31.75
CA LEU D 140 -24.10 -16.25 -32.31
C LEU D 140 -23.72 -16.57 -33.74
N SER D 141 -23.27 -15.56 -34.50
CA SER D 141 -22.79 -15.78 -35.86
C SER D 141 -21.59 -16.72 -35.88
N LEU D 142 -20.59 -16.44 -35.04
CA LEU D 142 -19.40 -17.30 -34.99
C LEU D 142 -19.75 -18.71 -34.55
N GLU D 143 -20.60 -18.84 -33.52
CA GLU D 143 -20.99 -20.17 -33.04
C GLU D 143 -21.68 -20.96 -34.15
N LYS D 144 -22.63 -20.32 -34.84
CA LYS D 144 -23.35 -20.97 -35.92
C LYS D 144 -22.38 -21.42 -37.00
N ALA D 145 -21.45 -20.55 -37.40
CA ALA D 145 -20.55 -20.88 -38.49
C ALA D 145 -19.61 -22.02 -38.12
N ARG D 146 -19.04 -21.97 -36.92
CA ARG D 146 -18.10 -23.02 -36.51
C ARG D 146 -18.80 -24.37 -36.38
N LYS D 147 -19.92 -24.41 -35.66
CA LYS D 147 -20.61 -25.68 -35.46
C LYS D 147 -21.11 -26.25 -36.79
N GLU D 148 -21.69 -25.40 -37.66
CA GLU D 148 -22.12 -25.88 -38.97
C GLU D 148 -20.93 -26.42 -39.77
N ALA D 149 -19.79 -25.72 -39.74
CA ALA D 149 -18.62 -26.22 -40.46
C ALA D 149 -18.24 -27.61 -40.00
N VAL D 150 -18.21 -27.83 -38.68
CA VAL D 150 -17.79 -29.14 -38.16
C VAL D 150 -18.79 -30.22 -38.55
N THR D 151 -20.10 -29.95 -38.35
CA THR D 151 -21.11 -30.96 -38.67
C THR D 151 -21.14 -31.27 -40.17
N ASP D 152 -21.08 -30.24 -41.01
CA ASP D 152 -21.04 -30.44 -42.46
C ASP D 152 -19.83 -31.26 -42.87
N GLY D 153 -18.66 -30.98 -42.29
CA GLY D 153 -17.49 -31.77 -42.62
C GLY D 153 -17.63 -33.22 -42.21
N LEU D 154 -18.26 -33.46 -41.06
CA LEU D 154 -18.48 -34.84 -40.63
C LEU D 154 -19.42 -35.58 -41.58
N LYS D 155 -20.51 -34.92 -41.98
CA LYS D 155 -21.44 -35.53 -42.93
C LYS D 155 -20.77 -35.82 -44.27
N ARG D 156 -19.98 -34.87 -44.77
CA ARG D 156 -19.34 -35.08 -46.07
C ARG D 156 -18.25 -36.14 -46.00
N ALA D 157 -17.62 -36.30 -44.83
CA ALA D 157 -16.64 -37.37 -44.65
C ALA D 157 -17.33 -38.73 -44.60
N LEU D 158 -18.49 -38.81 -43.93
CA LEU D 158 -19.21 -40.07 -43.87
C LEU D 158 -19.82 -40.44 -45.22
N ARG D 159 -20.09 -39.44 -46.07
CA ARG D 159 -20.60 -39.73 -47.41
C ARG D 159 -19.77 -40.77 -48.14
N SER D 160 -18.45 -40.75 -47.95
CA SER D 160 -17.55 -41.55 -48.77
C SER D 160 -17.62 -43.05 -48.51
N PHE D 161 -18.40 -43.51 -47.54
CA PHE D 161 -18.49 -44.94 -47.26
C PHE D 161 -19.58 -45.65 -48.04
N GLY D 162 -20.53 -44.94 -48.63
CA GLY D 162 -21.53 -45.57 -49.45
C GLY D 162 -22.83 -44.79 -49.40
N ASN D 163 -23.82 -45.31 -50.14
CA ASN D 163 -25.12 -44.64 -50.23
C ASN D 163 -25.80 -44.56 -48.87
N ALA D 164 -25.68 -45.62 -48.06
CA ALA D 164 -26.39 -45.70 -46.79
C ALA D 164 -26.01 -44.58 -45.82
N LEU D 165 -24.81 -44.03 -45.96
CA LEU D 165 -24.36 -42.95 -45.09
C LEU D 165 -24.46 -41.58 -45.75
N GLY D 166 -25.09 -41.49 -46.91
CA GLY D 166 -25.44 -40.20 -47.47
C GLY D 166 -24.97 -39.96 -48.90
N ASN D 167 -24.36 -40.94 -49.53
CA ASN D 167 -23.86 -40.72 -50.89
C ASN D 167 -25.01 -40.63 -51.89
N CYS D 168 -26.09 -41.37 -51.67
CA CYS D 168 -27.19 -41.43 -52.64
C CYS D 168 -27.90 -40.08 -52.78
N ILE D 169 -27.84 -39.23 -51.76
CA ILE D 169 -28.51 -37.93 -51.80
C ILE D 169 -28.05 -37.06 -52.97
N LEU D 170 -26.90 -37.36 -53.56
CA LEU D 170 -26.39 -36.55 -54.66
C LEU D 170 -26.86 -37.03 -56.03
N ASP D 171 -27.52 -38.18 -56.09
CA ASP D 171 -28.00 -38.74 -57.37
C ASP D 171 -29.35 -38.13 -57.70
N LYS D 172 -29.43 -37.38 -58.80
CA LYS D 172 -30.68 -36.74 -59.19
C LYS D 172 -31.76 -37.76 -59.55
N ASP D 173 -31.37 -38.93 -60.04
CA ASP D 173 -32.35 -39.96 -60.32
C ASP D 173 -32.98 -40.46 -59.02
N TYR D 174 -32.16 -40.58 -57.97
CA TYR D 174 -32.66 -40.92 -56.65
C TYR D 174 -33.63 -39.84 -56.16
N LEU D 175 -33.37 -38.57 -56.50
CA LEU D 175 -34.28 -37.50 -56.10
C LEU D 175 -35.62 -37.60 -56.82
N ARG D 176 -35.58 -37.88 -58.12
CA ARG D 176 -36.81 -38.06 -58.88
C ARG D 176 -37.62 -39.23 -58.32
N SER D 177 -36.95 -40.36 -58.03
CA SER D 177 -37.63 -41.49 -57.41
C SER D 177 -38.10 -41.19 -55.99
N LEU D 178 -37.54 -40.16 -55.35
CA LEU D 178 -38.02 -39.76 -54.03
C LEU D 178 -39.26 -38.88 -54.10
N ASN D 179 -39.34 -38.01 -55.10
CA ASN D 179 -40.51 -37.12 -55.20
C ASN D 179 -41.78 -37.89 -55.54
N LYS D 180 -41.68 -38.92 -56.38
CA LYS D 180 -42.84 -39.72 -56.74
C LYS D 180 -43.41 -40.56 -55.60
N LEU D 181 -42.73 -40.60 -54.45
CA LEU D 181 -43.19 -41.38 -53.32
C LEU D 181 -44.23 -40.59 -52.51
N PRO D 182 -45.16 -41.29 -51.87
CA PRO D 182 -46.18 -40.61 -51.04
C PRO D 182 -45.54 -39.87 -49.87
N ARG D 183 -45.87 -38.59 -49.74
CA ARG D 183 -45.35 -37.75 -48.66
C ARG D 183 -45.92 -38.25 -47.33
N GLN D 184 -45.09 -38.95 -46.56
CA GLN D 184 -45.51 -39.52 -45.28
C GLN D 184 -45.41 -38.49 -44.15
N LEU D 185 -46.31 -38.63 -43.16
CA LEU D 185 -46.30 -37.75 -42.01
C LEU D 185 -45.21 -38.15 -41.01
N PRO D 186 -44.59 -37.18 -40.33
CA PRO D 186 -43.56 -37.49 -39.32
C PRO D 186 -43.98 -38.56 -38.33
N LEU D 187 -43.21 -39.65 -38.28
CA LEU D 187 -43.46 -40.73 -37.33
C LEU D 187 -43.36 -40.23 -35.89
N GLU D 188 -44.09 -40.90 -35.00
CA GLU D 188 -44.12 -40.55 -33.58
C GLU D 188 -43.20 -41.47 -32.77
N VAL D 189 -42.63 -40.91 -31.71
CA VAL D 189 -41.67 -41.60 -30.85
C VAL D 189 -42.39 -41.98 -29.56
N ASP D 190 -42.24 -43.23 -29.14
CA ASP D 190 -42.89 -43.76 -27.94
C ASP D 190 -41.87 -43.71 -26.79
N LEU D 191 -42.01 -42.71 -25.93
CA LEU D 191 -41.08 -42.47 -24.83
C LEU D 191 -41.40 -43.28 -23.57
N THR D 192 -42.18 -44.36 -23.68
CA THR D 192 -42.50 -45.16 -22.49
C THR D 192 -41.28 -45.91 -21.99
N LYS D 193 -40.48 -46.48 -22.91
CA LYS D 193 -39.26 -47.19 -22.56
C LYS D 193 -38.03 -46.29 -22.62
N ALA D 194 -38.20 -44.98 -22.41
CA ALA D 194 -37.08 -44.07 -22.40
C ALA D 194 -36.24 -44.25 -21.14
N LYS D 195 -34.94 -43.99 -21.27
CA LYS D 195 -34.03 -44.11 -20.14
C LYS D 195 -34.35 -43.04 -19.10
N ARG D 196 -34.54 -43.48 -17.85
CA ARG D 196 -34.97 -42.61 -16.78
C ARG D 196 -34.00 -42.50 -15.62
N GLN D 197 -33.03 -43.40 -15.50
CA GLN D 197 -32.01 -43.27 -14.48
C GLN D 197 -30.65 -43.59 -15.07
N ASP D 198 -29.60 -43.11 -14.40
CA ASP D 198 -28.25 -43.18 -14.96
C ASP D 198 -27.76 -44.61 -15.05
N LEU D 199 -27.94 -45.38 -13.98
CA LEU D 199 -27.34 -46.70 -13.85
C LEU D 199 -27.73 -47.63 -15.00
N GLU D 200 -26.76 -48.41 -15.48
CA GLU D 200 -26.98 -49.41 -16.52
C GLU D 200 -26.49 -50.77 -16.02
N PRO D 201 -27.36 -51.54 -15.37
CA PRO D 201 -26.90 -52.78 -14.72
C PRO D 201 -26.38 -53.81 -15.72
N SER D 202 -27.04 -53.97 -16.86
CA SER D 202 -26.57 -54.91 -17.87
C SER D 202 -25.17 -54.54 -18.35
N VAL D 203 -24.92 -53.25 -18.56
CA VAL D 203 -23.59 -52.79 -18.97
C VAL D 203 -22.59 -52.96 -17.83
N GLU D 204 -22.99 -52.56 -16.62
CA GLU D 204 -22.10 -52.63 -15.46
C GLU D 204 -21.63 -54.06 -15.18
N GLU D 205 -22.50 -55.05 -15.35
CA GLU D 205 -22.10 -56.43 -15.09
C GLU D 205 -21.07 -56.90 -16.10
N ALA D 206 -21.36 -56.70 -17.39
CA ALA D 206 -20.40 -57.07 -18.43
C ALA D 206 -19.07 -56.36 -18.26
N ARG D 207 -19.09 -55.12 -17.77
CA ARG D 207 -17.82 -54.41 -17.61
C ARG D 207 -17.05 -54.94 -16.41
N TYR D 208 -17.74 -55.24 -15.31
CA TYR D 208 -17.08 -55.87 -14.17
C TYR D 208 -16.47 -57.21 -14.56
N ASN D 209 -17.18 -58.00 -15.37
CA ASN D 209 -16.63 -59.27 -15.85
C ASN D 209 -15.60 -59.09 -16.96
N SER D 210 -15.44 -57.88 -17.50
CA SER D 210 -14.45 -57.63 -18.53
C SER D 210 -13.07 -57.30 -17.98
N CYS D 211 -12.94 -57.10 -16.66
CA CYS D 211 -11.67 -56.68 -16.08
C CYS D 211 -10.85 -57.88 -15.64
N CYS E 28 -3.35 -51.09 -21.10
CA CYS E 28 -3.69 -49.83 -20.44
C CYS E 28 -4.80 -49.10 -21.20
N PHE E 29 -4.85 -47.77 -21.07
CA PHE E 29 -5.87 -46.98 -21.74
C PHE E 29 -5.52 -46.81 -23.21
N GLY E 30 -6.55 -46.87 -24.06
CA GLY E 30 -6.35 -46.88 -25.48
C GLY E 30 -5.97 -48.23 -26.05
N GLN E 31 -5.70 -49.22 -25.19
CA GLN E 31 -5.33 -50.56 -25.62
C GLN E 31 -6.43 -51.59 -25.37
N CYS E 32 -7.22 -51.43 -24.32
CA CYS E 32 -8.25 -52.42 -24.00
C CYS E 32 -9.24 -52.54 -25.16
N GLN E 33 -9.56 -53.77 -25.55
CA GLN E 33 -10.56 -54.01 -26.57
C GLN E 33 -11.87 -54.44 -25.92
N TYR E 34 -12.98 -53.89 -26.41
CA TYR E 34 -14.28 -54.20 -25.83
C TYR E 34 -14.62 -55.67 -26.02
N THR E 35 -15.01 -56.32 -24.94
CA THR E 35 -15.48 -57.69 -24.99
C THR E 35 -16.89 -57.75 -25.57
N ALA E 36 -17.24 -58.93 -26.09
CA ALA E 36 -18.53 -59.12 -26.75
C ALA E 36 -19.68 -58.72 -25.84
N GLU E 37 -19.63 -59.14 -24.57
CA GLU E 37 -20.70 -58.81 -23.64
C GLU E 37 -20.76 -57.31 -23.38
N GLU E 38 -19.61 -56.69 -23.10
CA GLU E 38 -19.61 -55.26 -22.82
C GLU E 38 -19.96 -54.44 -24.06
N TYR E 39 -19.41 -54.84 -25.22
CA TYR E 39 -19.77 -54.16 -26.46
C TYR E 39 -21.28 -54.20 -26.69
N GLN E 40 -21.88 -55.39 -26.59
CA GLN E 40 -23.29 -55.51 -26.91
C GLN E 40 -24.14 -54.75 -25.89
N ALA E 41 -23.80 -54.86 -24.61
CA ALA E 41 -24.50 -54.10 -23.58
C ALA E 41 -24.48 -52.60 -23.87
N ILE E 42 -23.29 -52.06 -24.20
CA ILE E 42 -23.17 -50.63 -24.42
C ILE E 42 -23.90 -50.21 -25.70
N GLN E 43 -23.75 -51.01 -26.75
CA GLN E 43 -24.44 -50.73 -28.01
C GLN E 43 -25.95 -50.69 -27.81
N LYS E 44 -26.48 -51.63 -27.02
CA LYS E 44 -27.90 -51.62 -26.70
C LYS E 44 -28.29 -50.39 -25.90
N ALA E 45 -27.53 -50.10 -24.84
CA ALA E 45 -27.89 -49.02 -23.93
C ALA E 45 -27.84 -47.66 -24.63
N LEU E 46 -26.90 -47.48 -25.57
CA LEU E 46 -26.75 -46.18 -26.22
C LEU E 46 -27.91 -45.82 -27.14
N ARG E 47 -28.71 -46.81 -27.56
CA ARG E 47 -29.86 -46.50 -28.42
C ARG E 47 -30.97 -45.78 -27.65
N GLN E 48 -31.05 -46.00 -26.33
CA GLN E 48 -32.11 -45.42 -25.52
C GLN E 48 -32.19 -43.91 -25.67
N ARG E 49 -33.40 -43.39 -25.88
CA ARG E 49 -33.60 -41.97 -25.72
C ARG E 49 -33.75 -41.64 -24.24
N LEU E 50 -33.54 -40.37 -23.90
CA LEU E 50 -33.55 -39.96 -22.50
C LEU E 50 -34.93 -39.53 -22.04
N GLY E 51 -35.28 -39.91 -20.81
CA GLY E 51 -36.49 -39.48 -20.15
C GLY E 51 -36.45 -38.03 -19.74
N PRO E 52 -37.58 -37.51 -19.25
CA PRO E 52 -37.64 -36.07 -18.89
C PRO E 52 -36.77 -35.68 -17.71
N GLU E 53 -36.24 -36.63 -16.94
CA GLU E 53 -35.37 -36.28 -15.81
C GLU E 53 -34.10 -35.58 -16.28
N TYR E 54 -33.67 -35.85 -17.52
CA TYR E 54 -32.42 -35.33 -18.05
C TYR E 54 -32.59 -33.98 -18.71
N ILE E 55 -33.72 -33.75 -19.35
CA ILE E 55 -33.92 -32.57 -20.19
C ILE E 55 -34.33 -31.38 -19.33
N SER E 56 -33.76 -30.22 -19.64
CA SER E 56 -34.15 -28.95 -19.05
C SER E 56 -34.45 -27.99 -20.19
N SER E 57 -34.99 -26.83 -19.85
CA SER E 57 -35.41 -25.91 -20.89
C SER E 57 -35.26 -24.47 -20.42
N ARG E 58 -35.06 -23.58 -21.38
CA ARG E 58 -34.99 -22.15 -21.16
C ARG E 58 -35.80 -21.46 -22.26
N MET E 59 -35.83 -20.13 -22.23
CA MET E 59 -36.50 -19.34 -23.25
C MET E 59 -35.44 -18.75 -24.17
N ALA E 60 -35.42 -19.21 -25.41
CA ALA E 60 -34.40 -18.78 -26.36
C ALA E 60 -34.65 -17.34 -26.79
N GLY E 61 -34.07 -16.96 -27.92
CA GLY E 61 -34.16 -15.60 -28.39
C GLY E 61 -35.56 -15.14 -28.71
N GLY E 62 -36.20 -15.80 -29.68
CA GLY E 62 -37.46 -15.32 -30.20
C GLY E 62 -38.69 -15.67 -29.40
N GLY E 63 -38.58 -15.65 -28.08
CA GLY E 63 -39.69 -16.05 -27.23
C GLY E 63 -40.12 -17.49 -27.47
N GLN E 64 -39.15 -18.37 -27.69
CA GLN E 64 -39.40 -19.78 -27.99
C GLN E 64 -38.75 -20.64 -26.92
N LYS E 65 -38.91 -21.95 -27.06
CA LYS E 65 -38.42 -22.92 -26.08
C LYS E 65 -37.26 -23.72 -26.69
N VAL E 66 -36.24 -23.97 -25.87
CA VAL E 66 -35.07 -24.74 -26.28
C VAL E 66 -34.67 -25.68 -25.15
N CYS E 67 -34.58 -26.97 -25.48
CA CYS E 67 -34.19 -28.01 -24.56
C CYS E 67 -32.68 -28.22 -24.57
N TYR E 68 -32.17 -28.78 -23.48
CA TYR E 68 -30.74 -29.08 -23.35
C TYR E 68 -30.55 -30.02 -22.18
N ILE E 69 -29.37 -30.66 -22.14
CA ILE E 69 -28.97 -31.51 -21.03
C ILE E 69 -27.86 -30.82 -20.26
N GLU E 70 -28.00 -30.76 -18.94
CA GLU E 70 -27.00 -30.11 -18.10
C GLU E 70 -25.71 -30.92 -18.06
N GLY E 71 -24.59 -30.21 -17.88
CA GLY E 71 -23.28 -30.83 -17.96
C GLY E 71 -23.10 -32.02 -17.05
N HIS E 72 -23.41 -31.85 -15.76
CA HIS E 72 -23.20 -32.92 -14.80
C HIS E 72 -24.02 -34.16 -15.16
N ARG E 73 -25.20 -33.97 -15.77
CA ARG E 73 -25.98 -35.12 -16.21
C ARG E 73 -25.25 -35.91 -17.27
N VAL E 74 -24.64 -35.22 -18.23
CA VAL E 74 -23.90 -35.90 -19.29
C VAL E 74 -22.65 -36.58 -18.72
N ILE E 75 -21.99 -35.92 -17.77
CA ILE E 75 -20.80 -36.51 -17.14
C ILE E 75 -21.16 -37.81 -16.44
N ASN E 76 -22.24 -37.81 -15.65
CA ASN E 76 -22.65 -39.02 -14.96
C ASN E 76 -23.13 -40.09 -15.95
N LEU E 77 -23.85 -39.67 -17.00
CA LEU E 77 -24.26 -40.62 -18.03
C LEU E 77 -23.05 -41.33 -18.64
N ALA E 78 -22.00 -40.58 -18.95
CA ALA E 78 -20.81 -41.19 -19.54
C ALA E 78 -20.09 -42.08 -18.54
N ASN E 79 -20.01 -41.63 -17.27
CA ASN E 79 -19.39 -42.46 -16.24
C ASN E 79 -20.14 -43.77 -16.05
N GLU E 80 -21.46 -43.77 -16.20
CA GLU E 80 -22.23 -45.00 -16.06
C GLU E 80 -22.12 -45.86 -17.31
N MET E 81 -22.08 -45.24 -18.49
CA MET E 81 -22.01 -46.01 -19.72
C MET E 81 -20.66 -46.69 -19.90
N PHE E 82 -19.57 -45.98 -19.62
CA PHE E 82 -18.23 -46.49 -19.91
C PHE E 82 -17.39 -46.76 -18.67
N GLY E 83 -17.84 -46.33 -17.50
CA GLY E 83 -16.95 -46.42 -16.35
C GLY E 83 -16.15 -45.15 -16.15
N TYR E 84 -15.77 -44.90 -14.91
CA TYR E 84 -14.95 -43.73 -14.60
C TYR E 84 -13.64 -43.74 -15.38
N ASN E 85 -13.16 -44.91 -15.76
CA ASN E 85 -11.89 -45.04 -16.48
C ASN E 85 -12.08 -45.61 -17.89
N GLY E 86 -13.28 -45.50 -18.44
CA GLY E 86 -13.55 -46.07 -19.74
C GLY E 86 -13.76 -45.01 -20.80
N TRP E 87 -13.86 -43.76 -20.37
CA TRP E 87 -13.93 -42.63 -21.29
C TRP E 87 -12.98 -41.55 -20.80
N ALA E 88 -12.53 -40.73 -21.74
CA ALA E 88 -11.61 -39.65 -21.43
C ALA E 88 -11.87 -38.51 -22.39
N HIS E 89 -11.53 -37.29 -21.98
CA HIS E 89 -11.63 -36.16 -22.88
C HIS E 89 -10.48 -35.19 -22.60
N SER E 90 -10.11 -34.45 -23.65
CA SER E 90 -9.04 -33.48 -23.60
C SER E 90 -9.42 -32.29 -24.47
N ILE E 91 -8.83 -31.15 -24.17
CA ILE E 91 -9.07 -29.92 -24.91
C ILE E 91 -7.96 -29.78 -25.94
N THR E 92 -8.29 -30.02 -27.21
CA THR E 92 -7.31 -29.90 -28.28
C THR E 92 -6.85 -28.45 -28.42
N GLN E 93 -7.79 -27.51 -28.43
CA GLN E 93 -7.46 -26.09 -28.51
C GLN E 93 -8.65 -25.27 -28.07
N GLN E 94 -8.37 -24.20 -27.32
CA GLN E 94 -9.37 -23.19 -27.00
C GLN E 94 -8.87 -21.84 -27.49
N ASN E 95 -9.72 -21.11 -28.22
CA ASN E 95 -9.35 -19.85 -28.83
C ASN E 95 -10.40 -18.80 -28.51
N VAL E 96 -9.98 -17.69 -27.91
CA VAL E 96 -10.87 -16.57 -27.63
C VAL E 96 -11.08 -15.81 -28.94
N ASP E 97 -12.31 -15.82 -29.44
CA ASP E 97 -12.59 -15.18 -30.72
C ASP E 97 -12.59 -13.66 -30.61
N PHE E 98 -13.18 -13.12 -29.55
CA PHE E 98 -13.24 -11.67 -29.41
C PHE E 98 -13.55 -11.28 -27.99
N VAL E 99 -13.11 -10.08 -27.61
CA VAL E 99 -13.46 -9.42 -26.35
C VAL E 99 -13.72 -7.95 -26.66
N ASP E 100 -14.98 -7.55 -26.64
CA ASP E 100 -15.37 -6.19 -27.00
C ASP E 100 -15.93 -5.43 -25.80
N LEU E 101 -15.69 -4.11 -25.80
CA LEU E 101 -16.09 -3.22 -24.72
C LEU E 101 -17.05 -2.16 -25.24
N ASN E 102 -18.30 -2.20 -24.80
CA ASN E 102 -19.31 -1.21 -25.18
C ASN E 102 -19.87 -0.56 -23.91
N ASN E 103 -19.53 0.71 -23.71
CA ASN E 103 -19.94 1.52 -22.56
C ASN E 103 -19.97 0.72 -21.25
N GLY E 104 -18.82 0.15 -20.93
CA GLY E 104 -18.63 -0.49 -19.64
C GLY E 104 -19.05 -1.93 -19.54
N LYS E 105 -19.56 -2.51 -20.62
CA LYS E 105 -19.99 -3.90 -20.62
C LYS E 105 -19.12 -4.70 -21.60
N PHE E 106 -18.81 -5.93 -21.23
CA PHE E 106 -17.93 -6.80 -22.01
C PHE E 106 -18.72 -7.89 -22.71
N TYR E 107 -18.37 -8.14 -23.97
CA TYR E 107 -19.02 -9.17 -24.79
C TYR E 107 -17.92 -10.05 -25.35
N VAL E 108 -17.94 -11.33 -24.95
CA VAL E 108 -16.84 -12.25 -25.19
C VAL E 108 -17.37 -13.51 -25.85
N GLY E 109 -16.69 -13.95 -26.91
CA GLY E 109 -16.97 -15.24 -27.52
C GLY E 109 -15.74 -16.12 -27.52
N VAL E 110 -15.89 -17.37 -27.08
CA VAL E 110 -14.76 -18.30 -26.93
C VAL E 110 -15.19 -19.65 -27.47
N CYS E 111 -14.37 -20.23 -28.34
CA CYS E 111 -14.60 -21.58 -28.86
C CYS E 111 -13.59 -22.54 -28.24
N ALA E 112 -13.98 -23.80 -28.13
CA ALA E 112 -13.11 -24.84 -27.61
C ALA E 112 -13.30 -26.11 -28.43
N PHE E 113 -12.22 -26.86 -28.59
CA PHE E 113 -12.22 -28.12 -29.34
C PHE E 113 -11.92 -29.25 -28.37
N VAL E 114 -12.93 -30.06 -28.08
CA VAL E 114 -12.86 -31.13 -27.09
C VAL E 114 -12.87 -32.47 -27.82
N ARG E 115 -11.96 -33.37 -27.43
CA ARG E 115 -11.86 -34.70 -28.01
C ARG E 115 -12.11 -35.74 -26.93
N VAL E 116 -13.18 -36.49 -27.06
CA VAL E 116 -13.49 -37.57 -26.15
C VAL E 116 -12.92 -38.86 -26.72
N GLN E 117 -12.32 -39.68 -25.85
CA GLN E 117 -11.77 -40.97 -26.24
C GLN E 117 -12.24 -42.04 -25.28
N LEU E 118 -12.55 -43.21 -25.83
CA LEU E 118 -12.92 -44.37 -25.03
C LEU E 118 -11.69 -45.23 -24.76
N LYS E 119 -11.84 -46.18 -23.85
CA LYS E 119 -10.73 -47.02 -23.43
C LYS E 119 -10.21 -47.94 -24.53
N ASP E 120 -10.87 -48.00 -25.68
CA ASP E 120 -10.41 -48.82 -26.80
C ASP E 120 -9.74 -48.00 -27.90
N GLY E 121 -9.56 -46.70 -27.69
CA GLY E 121 -8.97 -45.84 -28.68
C GLY E 121 -9.97 -45.09 -29.53
N SER E 122 -11.23 -45.52 -29.53
CA SER E 122 -12.27 -44.80 -30.24
C SER E 122 -12.35 -43.36 -29.75
N TYR E 123 -12.61 -42.44 -30.66
CA TYR E 123 -12.58 -41.02 -30.34
C TYR E 123 -13.65 -40.27 -31.11
N HIS E 124 -14.10 -39.16 -30.54
CA HIS E 124 -14.98 -38.21 -31.22
C HIS E 124 -14.61 -36.81 -30.77
N GLU E 125 -14.40 -35.91 -31.72
CA GLU E 125 -14.00 -34.54 -31.44
C GLU E 125 -15.00 -33.57 -32.06
N ASP E 126 -15.36 -32.54 -31.30
CA ASP E 126 -16.31 -31.54 -31.78
C ASP E 126 -15.95 -30.19 -31.17
N VAL E 127 -16.68 -29.15 -31.57
CA VAL E 127 -16.42 -27.78 -31.16
C VAL E 127 -17.53 -27.33 -30.22
N GLY E 128 -17.14 -26.64 -29.14
CA GLY E 128 -18.09 -25.94 -28.30
C GLY E 128 -17.87 -24.44 -28.31
N TYR E 129 -18.90 -23.67 -27.98
CA TYR E 129 -18.78 -22.23 -27.89
C TYR E 129 -19.25 -21.71 -26.54
N GLY E 130 -18.68 -20.58 -26.14
CA GLY E 130 -19.03 -19.93 -24.88
C GLY E 130 -19.19 -18.43 -25.06
N VAL E 131 -20.27 -17.87 -24.52
CA VAL E 131 -20.65 -16.49 -24.74
C VAL E 131 -20.86 -15.82 -23.39
N SER E 132 -20.50 -14.53 -23.29
CA SER E 132 -20.75 -13.74 -22.11
C SER E 132 -21.01 -12.29 -22.53
N GLU E 133 -22.26 -11.85 -22.40
CA GLU E 133 -22.67 -10.52 -22.79
C GLU E 133 -23.21 -9.77 -21.59
N GLY E 134 -22.73 -8.55 -21.37
CA GLY E 134 -23.31 -7.64 -20.40
C GLY E 134 -22.48 -7.43 -19.15
N LEU E 135 -21.61 -8.37 -18.80
CA LEU E 135 -20.87 -8.24 -17.55
C LEU E 135 -19.88 -7.08 -17.62
N LYS E 136 -19.67 -6.44 -16.47
CA LYS E 136 -18.75 -5.32 -16.38
C LYS E 136 -17.32 -5.75 -16.08
N SER E 137 -17.14 -6.98 -15.59
CA SER E 137 -15.82 -7.53 -15.30
C SER E 137 -15.33 -8.33 -16.51
N LYS E 138 -14.22 -7.88 -17.11
CA LYS E 138 -13.64 -8.63 -18.21
C LYS E 138 -13.24 -10.04 -17.77
N ALA E 139 -12.68 -10.16 -16.57
CA ALA E 139 -12.22 -11.46 -16.08
C ALA E 139 -13.38 -12.43 -15.94
N LEU E 140 -14.50 -11.98 -15.38
CA LEU E 140 -15.64 -12.87 -15.21
C LEU E 140 -16.27 -13.22 -16.55
N SER E 141 -16.30 -12.27 -17.48
CA SER E 141 -16.79 -12.56 -18.83
C SER E 141 -15.96 -13.64 -19.50
N LEU E 142 -14.63 -13.49 -19.45
CA LEU E 142 -13.75 -14.50 -20.04
C LEU E 142 -13.91 -15.85 -19.34
N GLU E 143 -13.99 -15.84 -18.00
CA GLU E 143 -14.16 -17.10 -17.27
C GLU E 143 -15.42 -17.82 -17.71
N LYS E 144 -16.54 -17.10 -17.75
CA LYS E 144 -17.81 -17.71 -18.14
C LYS E 144 -17.71 -18.24 -19.57
N ALA E 145 -17.15 -17.44 -20.47
CA ALA E 145 -17.10 -17.84 -21.87
C ALA E 145 -16.21 -19.06 -22.08
N ARG E 146 -15.05 -19.08 -21.44
CA ARG E 146 -14.12 -20.21 -21.60
C ARG E 146 -14.72 -21.50 -21.04
N LYS E 147 -15.20 -21.45 -19.79
CA LYS E 147 -15.74 -22.65 -19.18
C LYS E 147 -16.97 -23.16 -19.94
N GLU E 148 -17.87 -22.25 -20.33
CA GLU E 148 -19.04 -22.64 -21.09
C GLU E 148 -18.65 -23.27 -22.42
N ALA E 149 -17.65 -22.69 -23.11
CA ALA E 149 -17.19 -23.25 -24.37
C ALA E 149 -16.70 -24.68 -24.18
N VAL E 150 -15.90 -24.91 -23.15
CA VAL E 150 -15.35 -26.25 -22.93
C VAL E 150 -16.45 -27.24 -22.60
N THR E 151 -17.38 -26.86 -21.72
CA THR E 151 -18.47 -27.76 -21.36
C THR E 151 -19.35 -28.08 -22.57
N ASP E 152 -19.68 -27.07 -23.37
CA ASP E 152 -20.46 -27.30 -24.59
C ASP E 152 -19.73 -28.24 -25.55
N GLY E 153 -18.41 -28.04 -25.70
CA GLY E 153 -17.64 -28.92 -26.57
C GLY E 153 -17.64 -30.36 -26.08
N LEU E 154 -17.57 -30.55 -24.76
CA LEU E 154 -17.62 -31.89 -24.20
C LEU E 154 -18.98 -32.54 -24.47
N LYS E 155 -20.06 -31.79 -24.27
CA LYS E 155 -21.40 -32.33 -24.54
C LYS E 155 -21.55 -32.69 -26.02
N ARG E 156 -21.09 -31.83 -26.92
CA ARG E 156 -21.24 -32.11 -28.34
C ARG E 156 -20.33 -33.24 -28.79
N ALA E 157 -19.18 -33.43 -28.15
CA ALA E 157 -18.33 -34.57 -28.48
C ALA E 157 -18.94 -35.87 -27.99
N LEU E 158 -19.55 -35.86 -26.80
CA LEU E 158 -20.18 -37.07 -26.28
C LEU E 158 -21.44 -37.41 -27.06
N ARG E 159 -22.10 -36.40 -27.65
CA ARG E 159 -23.30 -36.65 -28.45
C ARG E 159 -23.09 -37.75 -29.50
N SER E 160 -21.89 -37.81 -30.09
CA SER E 160 -21.64 -38.66 -31.25
C SER E 160 -21.62 -40.16 -30.93
N PHE E 161 -21.75 -40.54 -29.66
CA PHE E 161 -21.73 -41.97 -29.31
C PHE E 161 -23.11 -42.61 -29.35
N GLY E 162 -24.18 -41.83 -29.37
CA GLY E 162 -25.51 -42.38 -29.49
C GLY E 162 -26.53 -41.49 -28.80
N ASN E 163 -27.79 -41.93 -28.88
CA ASN E 163 -28.90 -41.16 -28.33
C ASN E 163 -28.77 -41.01 -26.82
N ALA E 164 -28.32 -42.07 -26.12
CA ALA E 164 -28.29 -42.05 -24.67
C ALA E 164 -27.39 -40.96 -24.11
N LEU E 165 -26.40 -40.50 -24.87
CA LEU E 165 -25.50 -39.44 -24.42
C LEU E 165 -25.87 -38.07 -24.97
N GLY E 166 -27.01 -37.95 -25.66
CA GLY E 166 -27.53 -36.65 -25.99
C GLY E 166 -27.88 -36.42 -27.45
N ASN E 167 -27.75 -37.45 -28.29
CA ASN E 167 -28.04 -37.25 -29.70
C ASN E 167 -29.53 -37.06 -29.94
N CYS E 168 -30.38 -37.74 -29.15
CA CYS E 168 -31.82 -37.68 -29.38
C CYS E 168 -32.37 -36.28 -29.23
N ILE E 169 -31.69 -35.42 -28.46
CA ILE E 169 -32.14 -34.05 -28.26
C ILE E 169 -32.27 -33.31 -29.59
N LEU E 170 -31.63 -33.82 -30.65
CA LEU E 170 -31.69 -33.17 -31.96
C LEU E 170 -32.87 -33.63 -32.79
N ASP E 171 -33.63 -34.62 -32.33
CA ASP E 171 -34.76 -35.17 -33.07
C ASP E 171 -35.98 -34.30 -32.85
N LYS E 172 -36.49 -33.68 -33.92
CA LYS E 172 -37.63 -32.77 -33.80
C LYS E 172 -38.90 -33.50 -33.36
N ASP E 173 -39.07 -34.76 -33.77
CA ASP E 173 -40.21 -35.54 -33.33
C ASP E 173 -40.11 -35.90 -31.85
N TYR E 174 -38.89 -36.21 -31.41
CA TYR E 174 -38.64 -36.53 -30.00
C TYR E 174 -39.03 -35.39 -29.08
N LEU E 175 -38.80 -34.14 -29.49
CA LEU E 175 -39.15 -33.01 -28.63
C LEU E 175 -40.66 -32.88 -28.48
N ARG E 176 -41.40 -33.03 -29.58
CA ARG E 176 -42.85 -33.02 -29.48
C ARG E 176 -43.35 -34.18 -28.63
N SER E 177 -42.80 -35.39 -28.81
CA SER E 177 -43.18 -36.51 -27.97
C SER E 177 -42.79 -36.30 -26.51
N LEU E 178 -41.86 -35.38 -26.24
CA LEU E 178 -41.53 -35.02 -24.87
C LEU E 178 -42.51 -34.01 -24.29
N ASN E 179 -43.05 -33.12 -25.13
CA ASN E 179 -44.00 -32.12 -24.64
C ASN E 179 -45.30 -32.78 -24.17
N LYS E 180 -45.74 -33.84 -24.85
CA LYS E 180 -46.98 -34.52 -24.50
C LYS E 180 -46.94 -35.24 -23.15
N LEU E 181 -45.73 -35.36 -22.50
CA LEU E 181 -45.65 -36.01 -21.20
C LEU E 181 -45.94 -35.00 -20.08
N PRO E 182 -46.51 -35.48 -18.97
CA PRO E 182 -46.77 -34.56 -17.85
C PRO E 182 -45.47 -34.01 -17.28
N ARG E 183 -45.42 -32.68 -17.17
CA ARG E 183 -44.23 -32.01 -16.62
C ARG E 183 -44.07 -32.38 -15.15
N GLN E 184 -43.09 -33.24 -14.86
CA GLN E 184 -42.88 -33.69 -13.49
C GLN E 184 -42.10 -32.66 -12.68
N LEU E 185 -42.42 -32.60 -11.38
CA LEU E 185 -41.73 -31.73 -10.45
C LEU E 185 -40.39 -32.35 -10.06
N PRO E 186 -39.36 -31.54 -9.77
CA PRO E 186 -38.05 -32.10 -9.41
C PRO E 186 -38.08 -33.20 -8.35
N LEU E 187 -37.58 -34.38 -8.73
CA LEU E 187 -37.46 -35.49 -7.79
C LEU E 187 -36.53 -35.09 -6.64
N GLU E 188 -36.74 -35.72 -5.49
CA GLU E 188 -35.95 -35.40 -4.32
C GLU E 188 -34.75 -36.33 -4.16
N VAL E 189 -33.66 -35.76 -3.64
CA VAL E 189 -32.41 -36.48 -3.42
C VAL E 189 -32.30 -36.71 -1.92
N ASP E 190 -32.03 -37.95 -1.53
CA ASP E 190 -31.95 -38.33 -0.12
C ASP E 190 -30.48 -38.37 0.28
N LEU E 191 -30.03 -37.34 0.99
CA LEU E 191 -28.63 -37.18 1.38
C LEU E 191 -28.27 -37.97 2.63
N THR E 192 -29.05 -38.98 2.99
CA THR E 192 -28.75 -39.76 4.19
C THR E 192 -27.49 -40.61 4.01
N LYS E 193 -27.32 -41.22 2.82
CA LYS E 193 -26.14 -42.02 2.52
C LYS E 193 -25.03 -41.21 1.87
N ALA E 194 -24.97 -39.91 2.13
CA ALA E 194 -23.93 -39.08 1.56
C ALA E 194 -22.58 -39.37 2.21
N LYS E 195 -21.52 -39.23 1.41
CA LYS E 195 -20.17 -39.43 1.92
C LYS E 195 -19.82 -38.32 2.90
N ARG E 196 -19.38 -38.70 4.10
CA ARG E 196 -19.15 -37.75 5.17
C ARG E 196 -17.72 -37.69 5.67
N GLN E 197 -16.89 -38.69 5.35
CA GLN E 197 -15.47 -38.63 5.66
C GLN E 197 -14.70 -39.19 4.47
N ASP E 198 -13.41 -38.83 4.39
CA ASP E 198 -12.64 -39.06 3.18
C ASP E 198 -12.38 -40.55 2.93
N LEU E 199 -11.94 -41.28 3.95
CA LEU E 199 -11.44 -42.64 3.77
C LEU E 199 -12.48 -43.54 3.10
N GLU E 200 -12.01 -44.40 2.19
CA GLU E 200 -12.83 -45.37 1.47
C GLU E 200 -12.26 -46.77 1.71
N PRO E 201 -12.74 -47.47 2.75
CA PRO E 201 -12.08 -48.73 3.13
C PRO E 201 -12.14 -49.82 2.07
N SER E 202 -13.28 -50.02 1.42
CA SER E 202 -13.38 -51.04 0.38
C SER E 202 -12.42 -50.75 -0.78
N VAL E 203 -12.32 -49.49 -1.18
CA VAL E 203 -11.42 -49.11 -2.25
C VAL E 203 -9.98 -49.35 -1.84
N GLU E 204 -9.61 -48.92 -0.62
CA GLU E 204 -8.26 -49.16 -0.12
C GLU E 204 -7.93 -50.65 -0.08
N GLU E 205 -8.91 -51.48 0.29
CA GLU E 205 -8.68 -52.92 0.37
C GLU E 205 -8.43 -53.51 -1.02
N ALA E 206 -9.33 -53.23 -1.96
CA ALA E 206 -9.13 -53.73 -3.32
C ALA E 206 -7.82 -53.21 -3.93
N ARG E 207 -7.42 -51.98 -3.59
CA ARG E 207 -6.20 -51.44 -4.18
C ARG E 207 -4.97 -52.10 -3.58
N TYR E 208 -5.00 -52.35 -2.27
CA TYR E 208 -3.92 -53.13 -1.67
C TYR E 208 -3.85 -54.50 -2.31
N ASN E 209 -5.00 -55.09 -2.63
CA ASN E 209 -5.02 -56.37 -3.33
C ASN E 209 -4.59 -56.25 -4.78
N SER E 210 -4.44 -55.04 -5.30
CA SER E 210 -4.02 -54.86 -6.69
C SER E 210 -2.50 -54.89 -6.86
N CYS E 211 -1.72 -54.88 -5.78
CA CYS E 211 -0.28 -54.78 -5.89
C CYS E 211 0.39 -56.16 -5.95
N CYS F 28 4.53 -49.19 -14.96
CA CYS F 28 4.63 -47.91 -14.27
C CYS F 28 3.29 -47.15 -14.28
N PHE F 29 3.36 -45.83 -14.19
CA PHE F 29 2.15 -45.03 -14.20
C PHE F 29 1.62 -44.88 -15.63
N GLY F 30 0.30 -44.92 -15.77
CA GLY F 30 -0.31 -44.96 -17.07
C GLY F 30 -0.35 -46.33 -17.71
N GLN F 31 0.32 -47.33 -17.11
CA GLN F 31 0.32 -48.69 -17.63
C GLN F 31 -0.47 -49.66 -16.77
N CYS F 32 -0.54 -49.44 -15.45
CA CYS F 32 -1.27 -50.35 -14.57
C CYS F 32 -2.72 -50.44 -15.01
N GLN F 33 -3.25 -51.65 -15.08
CA GLN F 33 -4.66 -51.85 -15.40
C GLN F 33 -5.46 -52.15 -14.14
N TYR F 34 -6.62 -51.50 -14.01
CA TYR F 34 -7.45 -51.66 -12.82
C TYR F 34 -7.95 -53.09 -12.70
N THR F 35 -7.79 -53.66 -11.51
CA THR F 35 -8.35 -54.97 -11.23
C THR F 35 -9.86 -54.85 -11.01
N ALA F 36 -10.56 -55.98 -11.20
CA ALA F 36 -12.02 -55.98 -11.11
C ALA F 36 -12.51 -55.45 -9.78
N GLU F 37 -11.88 -55.88 -8.68
CA GLU F 37 -12.33 -55.45 -7.36
C GLU F 37 -12.14 -53.95 -7.19
N GLU F 38 -10.97 -53.43 -7.56
CA GLU F 38 -10.71 -52.00 -7.40
C GLU F 38 -11.55 -51.18 -8.35
N TYR F 39 -11.72 -51.65 -9.60
CA TYR F 39 -12.61 -50.96 -10.52
C TYR F 39 -14.01 -50.82 -9.93
N GLN F 40 -14.57 -51.93 -9.45
CA GLN F 40 -15.95 -51.90 -8.95
C GLN F 40 -16.06 -51.04 -7.70
N ALA F 41 -15.10 -51.17 -6.78
CA ALA F 41 -15.08 -50.33 -5.59
C ALA F 41 -15.08 -48.85 -5.95
N ILE F 42 -14.20 -48.45 -6.87
CA ILE F 42 -14.10 -47.04 -7.22
C ILE F 42 -15.36 -46.57 -7.97
N GLN F 43 -15.85 -47.40 -8.89
CA GLN F 43 -17.05 -47.08 -9.63
C GLN F 43 -18.23 -46.84 -8.69
N LYS F 44 -18.37 -47.69 -7.67
CA LYS F 44 -19.43 -47.50 -6.67
C LYS F 44 -19.18 -46.24 -5.85
N ALA F 45 -17.95 -46.06 -5.36
CA ALA F 45 -17.64 -44.95 -4.47
C ALA F 45 -17.82 -43.59 -5.15
N LEU F 46 -17.55 -43.51 -6.45
CA LEU F 46 -17.68 -42.22 -7.15
C LEU F 46 -19.13 -41.80 -7.29
N ARG F 47 -20.07 -42.74 -7.15
CA ARG F 47 -21.48 -42.40 -7.22
C ARG F 47 -21.93 -41.62 -5.98
N GLN F 48 -21.26 -41.83 -4.84
CA GLN F 48 -21.63 -41.17 -3.60
C GLN F 48 -21.70 -39.66 -3.77
N ARG F 49 -22.79 -39.08 -3.30
CA ARG F 49 -22.82 -37.63 -3.17
C ARG F 49 -22.09 -37.21 -1.90
N LEU F 50 -21.67 -35.96 -1.86
CA LEU F 50 -20.84 -35.46 -0.78
C LEU F 50 -21.69 -34.88 0.36
N GLY F 51 -21.28 -35.15 1.59
CA GLY F 51 -21.91 -34.58 2.76
C GLY F 51 -21.63 -33.09 2.93
N PRO F 52 -22.31 -32.46 3.89
CA PRO F 52 -22.13 -31.03 4.11
C PRO F 52 -20.74 -30.64 4.63
N GLU F 53 -19.94 -31.60 5.09
CA GLU F 53 -18.61 -31.30 5.60
C GLU F 53 -17.71 -30.72 4.52
N TYR F 54 -17.97 -31.05 3.26
CA TYR F 54 -17.12 -30.65 2.15
C TYR F 54 -17.49 -29.30 1.55
N ILE F 55 -18.77 -28.93 1.59
CA ILE F 55 -19.25 -27.77 0.86
C ILE F 55 -18.95 -26.50 1.65
N SER F 56 -18.51 -25.46 0.93
CA SER F 56 -18.27 -24.14 1.47
C SER F 56 -19.03 -23.14 0.61
N SER F 57 -19.05 -21.87 1.04
CA SER F 57 -19.83 -20.88 0.32
C SER F 57 -19.18 -19.51 0.41
N ARG F 58 -19.41 -18.72 -0.64
CA ARG F 58 -19.02 -17.32 -0.72
C ARG F 58 -20.17 -16.56 -1.38
N MET F 59 -20.00 -15.25 -1.55
CA MET F 59 -20.99 -14.43 -2.20
C MET F 59 -20.48 -13.99 -3.58
N ALA F 60 -21.33 -14.14 -4.59
CA ALA F 60 -20.97 -13.82 -5.97
C ALA F 60 -21.22 -12.33 -6.23
N GLY F 61 -21.31 -11.95 -7.50
CA GLY F 61 -21.45 -10.55 -7.84
C GLY F 61 -22.84 -10.02 -7.52
N GLY F 62 -23.87 -10.80 -7.85
CA GLY F 62 -25.25 -10.37 -7.65
C GLY F 62 -25.76 -10.59 -6.25
N GLY F 63 -24.85 -10.78 -5.30
CA GLY F 63 -25.26 -11.02 -3.92
C GLY F 63 -26.00 -12.31 -3.72
N GLN F 64 -25.56 -13.39 -4.36
CA GLN F 64 -26.20 -14.69 -4.27
C GLN F 64 -25.22 -15.73 -3.75
N LYS F 65 -25.77 -16.86 -3.31
CA LYS F 65 -24.96 -17.93 -2.73
C LYS F 65 -24.39 -18.83 -3.82
N VAL F 66 -23.09 -19.07 -3.76
CA VAL F 66 -22.40 -19.99 -4.66
C VAL F 66 -21.68 -21.03 -3.82
N CYS F 67 -21.97 -22.30 -4.06
CA CYS F 67 -21.32 -23.39 -3.34
C CYS F 67 -20.05 -23.83 -4.06
N TYR F 68 -19.14 -24.42 -3.31
CA TYR F 68 -17.88 -24.91 -3.86
C TYR F 68 -17.22 -25.84 -2.87
N ILE F 69 -16.24 -26.59 -3.36
CA ILE F 69 -15.40 -27.47 -2.56
C ILE F 69 -14.00 -26.86 -2.52
N GLU F 70 -13.43 -26.76 -1.32
CA GLU F 70 -12.11 -26.17 -1.18
C GLU F 70 -11.06 -27.10 -1.78
N GLY F 71 -9.97 -26.48 -2.26
CA GLY F 71 -8.96 -27.23 -3.00
C GLY F 71 -8.44 -28.43 -2.24
N HIS F 72 -8.00 -28.22 -0.99
CA HIS F 72 -7.42 -29.30 -0.20
C HIS F 72 -8.41 -30.44 0.00
N ARG F 73 -9.70 -30.12 0.07
CA ARG F 73 -10.72 -31.16 0.18
C ARG F 73 -10.69 -32.06 -1.05
N VAL F 74 -10.58 -31.46 -2.23
CA VAL F 74 -10.56 -32.22 -3.47
C VAL F 74 -9.27 -33.03 -3.55
N ILE F 75 -8.15 -32.45 -3.12
CA ILE F 75 -6.88 -33.19 -3.14
C ILE F 75 -6.97 -34.43 -2.26
N ASN F 76 -7.51 -34.28 -1.05
CA ASN F 76 -7.63 -35.43 -0.15
C ASN F 76 -8.62 -36.46 -0.68
N LEU F 77 -9.73 -35.99 -1.26
CA LEU F 77 -10.70 -36.90 -1.88
C LEU F 77 -10.03 -37.73 -2.97
N ALA F 78 -9.24 -37.09 -3.84
CA ALA F 78 -8.59 -37.80 -4.93
C ALA F 78 -7.53 -38.75 -4.41
N ASN F 79 -6.76 -38.34 -3.40
CA ASN F 79 -5.78 -39.24 -2.83
C ASN F 79 -6.43 -40.47 -2.20
N GLU F 80 -7.63 -40.31 -1.63
CA GLU F 80 -8.30 -41.46 -1.04
C GLU F 80 -8.95 -42.35 -2.09
N MET F 81 -9.48 -41.75 -3.17
CA MET F 81 -10.18 -42.53 -4.18
C MET F 81 -9.20 -43.39 -4.99
N PHE F 82 -8.05 -42.84 -5.37
CA PHE F 82 -7.15 -43.54 -6.27
C PHE F 82 -5.81 -43.92 -5.64
N GLY F 83 -5.51 -43.41 -4.45
CA GLY F 83 -4.16 -43.62 -3.93
C GLY F 83 -3.24 -42.48 -4.28
N TYR F 84 -2.23 -42.27 -3.41
CA TYR F 84 -1.26 -41.21 -3.68
C TYR F 84 -0.56 -41.39 -5.02
N ASN F 85 -0.48 -42.63 -5.52
CA ASN F 85 0.21 -42.94 -6.76
C ASN F 85 -0.76 -43.44 -7.84
N GLY F 86 -2.04 -43.13 -7.70
CA GLY F 86 -3.04 -43.61 -8.64
C GLY F 86 -3.66 -42.51 -9.48
N TRP F 87 -3.40 -41.26 -9.13
CA TRP F 87 -3.85 -40.13 -9.92
C TRP F 87 -2.71 -39.14 -10.08
N ALA F 88 -2.76 -38.36 -11.16
CA ALA F 88 -1.73 -37.38 -11.45
C ALA F 88 -2.37 -36.22 -12.18
N HIS F 89 -1.74 -35.06 -12.10
CA HIS F 89 -2.22 -33.93 -12.87
C HIS F 89 -1.03 -33.09 -13.34
N SER F 90 -1.23 -32.40 -14.45
CA SER F 90 -0.22 -31.54 -15.04
C SER F 90 -0.91 -30.32 -15.62
N ILE F 91 -0.15 -29.24 -15.73
CA ILE F 91 -0.66 -27.98 -16.29
C ILE F 91 -0.29 -27.98 -17.76
N THR F 92 -1.28 -28.23 -18.62
CA THR F 92 -1.01 -28.26 -20.05
C THR F 92 -0.57 -26.89 -20.56
N GLN F 93 -1.28 -25.84 -20.20
CA GLN F 93 -0.91 -24.50 -20.63
C GLN F 93 -1.64 -23.50 -19.75
N GLN F 94 -0.93 -22.45 -19.34
CA GLN F 94 -1.50 -21.31 -18.64
C GLN F 94 -1.19 -20.03 -19.41
N ASN F 95 -2.22 -19.22 -19.65
CA ASN F 95 -2.08 -18.01 -20.47
C ASN F 95 -2.73 -16.86 -19.72
N VAL F 96 -1.98 -15.78 -19.51
CA VAL F 96 -2.51 -14.57 -18.89
C VAL F 96 -3.32 -13.81 -19.94
N ASP F 97 -4.63 -13.71 -19.71
CA ASP F 97 -5.51 -13.09 -20.70
C ASP F 97 -5.26 -11.60 -20.78
N PHE F 98 -5.12 -10.93 -19.63
CA PHE F 98 -4.94 -9.49 -19.64
C PHE F 98 -4.39 -9.05 -18.29
N VAL F 99 -3.70 -7.92 -18.30
CA VAL F 99 -3.32 -7.21 -17.08
C VAL F 99 -3.59 -5.74 -17.31
N ASP F 100 -4.67 -5.23 -16.72
CA ASP F 100 -5.09 -3.86 -16.94
C ASP F 100 -4.96 -3.04 -15.66
N LEU F 101 -4.64 -1.76 -15.85
CA LEU F 101 -4.44 -0.81 -14.76
C LEU F 101 -5.47 0.29 -14.91
N ASN F 102 -6.39 0.39 -13.95
CA ASN F 102 -7.45 1.40 -13.93
C ASN F 102 -7.29 2.23 -12.67
N ASN F 103 -6.89 3.49 -12.84
CA ASN F 103 -6.66 4.45 -11.76
C ASN F 103 -6.04 3.80 -10.52
N GLY F 104 -4.89 3.17 -10.73
CA GLY F 104 -4.07 2.67 -9.66
C GLY F 104 -4.39 1.28 -9.16
N LYS F 105 -5.41 0.63 -9.71
CA LYS F 105 -5.78 -0.72 -9.31
C LYS F 105 -5.59 -1.67 -10.48
N PHE F 106 -5.17 -2.90 -10.17
CA PHE F 106 -4.87 -3.91 -11.18
C PHE F 106 -5.99 -4.94 -11.25
N TYR F 107 -6.34 -5.32 -12.48
CA TYR F 107 -7.38 -6.31 -12.74
C TYR F 107 -6.79 -7.34 -13.69
N VAL F 108 -6.70 -8.59 -13.22
CA VAL F 108 -5.95 -9.64 -13.91
C VAL F 108 -6.84 -10.86 -14.07
N GLY F 109 -6.89 -11.40 -15.28
CA GLY F 109 -7.55 -12.67 -15.54
C GLY F 109 -6.60 -13.69 -16.13
N VAL F 110 -6.58 -14.90 -15.60
CA VAL F 110 -5.64 -15.93 -16.03
C VAL F 110 -6.39 -17.24 -16.16
N CYS F 111 -6.22 -17.90 -17.30
CA CYS F 111 -6.79 -19.23 -17.53
C CYS F 111 -5.69 -20.28 -17.46
N ALA F 112 -6.08 -21.47 -17.04
CA ALA F 112 -5.15 -22.60 -16.95
C ALA F 112 -5.85 -23.86 -17.45
N PHE F 113 -5.08 -24.74 -18.08
CA PHE F 113 -5.60 -26.00 -18.61
C PHE F 113 -4.93 -27.14 -17.86
N VAL F 114 -5.69 -27.81 -17.00
CA VAL F 114 -5.17 -28.86 -16.14
C VAL F 114 -5.71 -30.20 -16.63
N ARG F 115 -4.83 -31.18 -16.75
CA ARG F 115 -5.19 -32.52 -17.21
C ARG F 115 -4.85 -33.52 -16.12
N VAL F 116 -5.86 -34.19 -15.58
CA VAL F 116 -5.69 -35.24 -14.58
C VAL F 116 -5.62 -36.58 -15.28
N GLN F 117 -4.73 -37.45 -14.83
CA GLN F 117 -4.60 -38.79 -15.38
C GLN F 117 -4.57 -39.81 -14.24
N LEU F 118 -5.22 -40.94 -14.49
CA LEU F 118 -5.22 -42.05 -13.54
C LEU F 118 -4.11 -43.02 -13.88
N LYS F 119 -3.86 -43.97 -12.97
CA LYS F 119 -2.76 -44.91 -13.14
C LYS F 119 -2.97 -45.87 -14.30
N ASP F 120 -4.15 -45.85 -14.94
CA ASP F 120 -4.40 -46.70 -16.10
C ASP F 120 -4.35 -45.93 -17.41
N GLY F 121 -4.00 -44.65 -17.38
CA GLY F 121 -3.95 -43.83 -18.56
C GLY F 121 -5.19 -42.98 -18.81
N SER F 122 -6.30 -43.30 -18.14
CA SER F 122 -7.50 -42.49 -18.25
C SER F 122 -7.22 -41.05 -17.85
N TYR F 123 -7.85 -40.11 -18.55
CA TYR F 123 -7.52 -38.71 -18.37
C TYR F 123 -8.78 -37.85 -18.49
N HIS F 124 -8.73 -36.69 -17.84
CA HIS F 124 -9.75 -35.65 -17.99
C HIS F 124 -9.06 -34.30 -17.92
N GLU F 125 -9.31 -33.44 -18.89
CA GLU F 125 -8.70 -32.13 -18.97
C GLU F 125 -9.79 -31.06 -19.00
N ASP F 126 -9.59 -29.99 -18.25
CA ASP F 126 -10.58 -28.92 -18.18
C ASP F 126 -9.84 -27.60 -17.95
N VAL F 127 -10.61 -26.51 -17.89
CA VAL F 127 -10.06 -25.17 -17.77
C VAL F 127 -10.31 -24.64 -16.36
N GLY F 128 -9.30 -23.98 -15.81
CA GLY F 128 -9.50 -23.17 -14.62
C GLY F 128 -9.25 -21.72 -14.91
N TYR F 129 -9.85 -20.83 -14.13
CA TYR F 129 -9.62 -19.40 -14.28
C TYR F 129 -9.21 -18.80 -12.95
N GLY F 130 -8.47 -17.70 -13.02
CA GLY F 130 -8.03 -17.01 -11.83
C GLY F 130 -8.23 -15.52 -11.96
N VAL F 131 -8.81 -14.90 -10.94
CA VAL F 131 -9.22 -13.50 -11.01
C VAL F 131 -8.60 -12.76 -9.83
N SER F 132 -8.18 -11.52 -10.06
CA SER F 132 -7.72 -10.63 -9.01
C SER F 132 -8.05 -9.20 -9.41
N GLU F 133 -9.05 -8.61 -8.77
CA GLU F 133 -9.50 -7.25 -9.10
C GLU F 133 -9.39 -6.36 -7.87
N GLY F 134 -8.80 -5.18 -8.05
CA GLY F 134 -8.78 -4.14 -7.05
C GLY F 134 -7.43 -3.92 -6.40
N LEU F 135 -6.55 -4.91 -6.41
CA LEU F 135 -5.27 -4.80 -5.73
C LEU F 135 -4.36 -3.78 -6.41
N LYS F 136 -3.54 -3.12 -5.60
CA LYS F 136 -2.57 -2.15 -6.11
C LYS F 136 -1.25 -2.78 -6.51
N SER F 137 -0.96 -4.00 -6.04
CA SER F 137 0.28 -4.68 -6.37
C SER F 137 0.07 -5.59 -7.57
N LYS F 138 0.77 -5.31 -8.67
CA LYS F 138 0.70 -6.17 -9.84
C LYS F 138 1.19 -7.58 -9.54
N ALA F 139 2.28 -7.71 -8.77
CA ALA F 139 2.87 -9.01 -8.51
C ALA F 139 1.91 -9.91 -7.75
N LEU F 140 1.27 -9.38 -6.70
CA LEU F 140 0.34 -10.22 -5.94
C LEU F 140 -0.91 -10.54 -6.74
N SER F 141 -1.37 -9.61 -7.58
CA SER F 141 -2.50 -9.88 -8.45
C SER F 141 -2.19 -11.05 -9.37
N LEU F 142 -1.02 -11.01 -10.02
CA LEU F 142 -0.64 -12.11 -10.91
C LEU F 142 -0.49 -13.42 -10.14
N GLU F 143 0.12 -13.38 -8.96
CA GLU F 143 0.26 -14.60 -8.16
C GLU F 143 -1.08 -15.22 -7.84
N LYS F 144 -2.01 -14.40 -7.33
CA LYS F 144 -3.33 -14.90 -6.98
C LYS F 144 -4.04 -15.47 -8.21
N ALA F 145 -3.96 -14.74 -9.33
CA ALA F 145 -4.69 -15.17 -10.53
C ALA F 145 -4.14 -16.48 -11.07
N ARG F 146 -2.82 -16.61 -11.13
CA ARG F 146 -2.22 -17.85 -11.66
C ARG F 146 -2.53 -19.04 -10.77
N LYS F 147 -2.29 -18.90 -9.46
CA LYS F 147 -2.53 -20.00 -8.54
C LYS F 147 -4.01 -20.41 -8.52
N GLU F 148 -4.91 -19.43 -8.48
CA GLU F 148 -6.34 -19.71 -8.52
C GLU F 148 -6.73 -20.44 -9.80
N ALA F 149 -6.19 -19.99 -10.94
CA ALA F 149 -6.47 -20.66 -12.21
C ALA F 149 -6.07 -22.13 -12.17
N VAL F 150 -4.87 -22.40 -11.65
CA VAL F 150 -4.37 -23.77 -11.63
C VAL F 150 -5.25 -24.64 -10.73
N THR F 151 -5.53 -24.15 -9.51
CA THR F 151 -6.34 -24.93 -8.57
C THR F 151 -7.75 -25.16 -9.10
N ASP F 152 -8.38 -24.12 -9.65
CA ASP F 152 -9.71 -24.26 -10.22
C ASP F 152 -9.71 -25.28 -11.36
N GLY F 153 -8.70 -25.24 -12.22
CA GLY F 153 -8.62 -26.22 -13.29
C GLY F 153 -8.48 -27.63 -12.77
N LEU F 154 -7.71 -27.80 -11.70
CA LEU F 154 -7.57 -29.13 -11.10
C LEU F 154 -8.91 -29.61 -10.55
N LYS F 155 -9.63 -28.72 -9.87
CA LYS F 155 -10.95 -29.10 -9.33
C LYS F 155 -11.90 -29.50 -10.45
N ARG F 156 -11.94 -28.72 -11.54
CA ARG F 156 -12.87 -29.01 -12.62
C ARG F 156 -12.47 -30.26 -13.41
N ALA F 157 -11.18 -30.56 -13.48
CA ALA F 157 -10.76 -31.80 -14.12
C ALA F 157 -11.11 -33.01 -13.27
N LEU F 158 -10.94 -32.91 -11.95
CA LEU F 158 -11.27 -34.03 -11.07
C LEU F 158 -12.79 -34.22 -10.98
N ARG F 159 -13.55 -33.14 -11.13
CA ARG F 159 -15.01 -33.21 -11.11
C ARG F 159 -15.56 -34.26 -12.06
N SER F 160 -14.93 -34.46 -13.21
CA SER F 160 -15.48 -35.29 -14.27
C SER F 160 -15.48 -36.78 -13.94
N PHE F 161 -14.91 -37.20 -12.80
CA PHE F 161 -14.90 -38.62 -12.47
C PHE F 161 -16.13 -39.09 -11.69
N GLY F 162 -16.90 -38.19 -11.12
CA GLY F 162 -18.12 -38.59 -10.45
C GLY F 162 -18.45 -37.65 -9.30
N ASN F 163 -19.57 -37.98 -8.64
CA ASN F 163 -20.06 -37.14 -7.55
C ASN F 163 -19.06 -37.08 -6.39
N ALA F 164 -18.41 -38.21 -6.08
CA ALA F 164 -17.53 -38.24 -4.92
C ALA F 164 -16.37 -37.25 -5.05
N LEU F 165 -15.99 -36.90 -6.27
CA LEU F 165 -14.91 -35.94 -6.49
C LEU F 165 -15.42 -34.55 -6.83
N GLY F 166 -16.74 -34.33 -6.79
CA GLY F 166 -17.25 -32.98 -6.87
C GLY F 166 -18.31 -32.70 -7.91
N ASN F 167 -18.76 -33.71 -8.66
CA ASN F 167 -19.74 -33.44 -9.71
C ASN F 167 -21.10 -33.08 -9.13
N CYS F 168 -21.45 -33.65 -7.97
CA CYS F 168 -22.78 -33.42 -7.40
C CYS F 168 -23.04 -31.95 -7.10
N ILE F 169 -21.98 -31.16 -6.92
CA ILE F 169 -22.12 -29.73 -6.64
C ILE F 169 -22.88 -29.01 -7.74
N LEU F 170 -22.97 -29.60 -8.94
CA LEU F 170 -23.66 -28.93 -10.04
C LEU F 170 -25.15 -29.24 -10.10
N ASP F 171 -25.64 -30.17 -9.28
CA ASP F 171 -27.05 -30.54 -9.31
C ASP F 171 -27.85 -29.59 -8.43
N LYS F 172 -28.75 -28.82 -9.05
CA LYS F 172 -29.56 -27.89 -8.27
C LYS F 172 -30.50 -28.63 -7.31
N ASP F 173 -30.92 -29.85 -7.68
CA ASP F 173 -31.72 -30.67 -6.78
C ASP F 173 -30.90 -31.13 -5.58
N TYR F 174 -29.64 -31.50 -5.81
CA TYR F 174 -28.74 -31.83 -4.71
C TYR F 174 -28.52 -30.66 -3.78
N LEU F 175 -28.49 -29.44 -4.34
CA LEU F 175 -28.24 -28.25 -3.52
C LEU F 175 -29.39 -27.97 -2.55
N ARG F 176 -30.64 -28.11 -3.01
CA ARG F 176 -31.78 -27.90 -2.13
C ARG F 176 -31.77 -28.89 -0.97
N SER F 177 -31.50 -30.16 -1.24
CA SER F 177 -31.41 -31.14 -0.17
C SER F 177 -30.28 -30.85 0.81
N LEU F 178 -29.31 -30.03 0.41
CA LEU F 178 -28.25 -29.62 1.32
C LEU F 178 -28.70 -28.48 2.22
N ASN F 179 -29.53 -27.58 1.68
CA ASN F 179 -30.06 -26.48 2.49
C ASN F 179 -31.03 -26.99 3.54
N LYS F 180 -31.80 -28.02 3.22
CA LYS F 180 -32.75 -28.62 4.16
C LYS F 180 -32.07 -29.32 5.32
N LEU F 181 -30.73 -29.54 5.26
CA LEU F 181 -29.98 -30.21 6.32
C LEU F 181 -29.55 -29.21 7.39
N PRO F 182 -29.46 -29.65 8.64
CA PRO F 182 -29.00 -28.76 9.71
C PRO F 182 -27.53 -28.41 9.51
N ARG F 183 -27.24 -27.11 9.49
CA ARG F 183 -25.86 -26.62 9.34
C ARG F 183 -25.07 -26.98 10.59
N GLN F 184 -24.18 -27.96 10.48
CA GLN F 184 -23.40 -28.41 11.62
C GLN F 184 -22.22 -27.47 11.88
N LEU F 185 -21.83 -27.37 13.15
CA LEU F 185 -20.74 -26.48 13.51
C LEU F 185 -19.42 -27.11 13.05
N PRO F 186 -18.43 -26.27 12.67
CA PRO F 186 -17.13 -26.80 12.20
C PRO F 186 -16.55 -27.91 13.04
N LEU F 187 -16.30 -29.06 12.41
CA LEU F 187 -15.68 -30.18 13.10
C LEU F 187 -14.31 -29.77 13.62
N GLU F 188 -13.92 -30.33 14.75
CA GLU F 188 -12.63 -30.02 15.35
C GLU F 188 -11.63 -31.13 15.06
N VAL F 189 -10.37 -30.74 14.94
CA VAL F 189 -9.29 -31.65 14.54
C VAL F 189 -8.45 -32.03 15.75
N ASP F 190 -8.19 -33.32 15.89
CA ASP F 190 -7.43 -33.87 17.01
C ASP F 190 -5.99 -34.03 16.55
N LEU F 191 -5.13 -33.07 16.93
CA LEU F 191 -3.74 -33.06 16.50
C LEU F 191 -2.84 -33.92 17.38
N THR F 192 -3.41 -34.84 18.15
CA THR F 192 -2.58 -35.69 19.00
C THR F 192 -1.79 -36.70 18.16
N LYS F 193 -2.41 -37.25 17.12
CA LYS F 193 -1.74 -38.19 16.23
C LYS F 193 -1.07 -37.51 15.04
N ALA F 194 -0.71 -36.24 15.18
CA ALA F 194 -0.02 -35.52 14.11
C ALA F 194 1.43 -35.97 13.99
N LYS F 195 1.95 -35.92 12.77
CA LYS F 195 3.35 -36.24 12.53
C LYS F 195 4.24 -35.17 13.16
N ARG F 196 5.21 -35.62 13.97
CA ARG F 196 6.03 -34.70 14.74
C ARG F 196 7.52 -34.76 14.41
N GLN F 197 8.00 -35.83 13.79
CA GLN F 197 9.39 -35.91 13.36
C GLN F 197 9.46 -36.58 11.99
N ASP F 198 10.59 -36.37 11.31
CA ASP F 198 10.70 -36.73 9.89
C ASP F 198 10.62 -38.24 9.68
N LEU F 199 11.37 -39.01 10.46
CA LEU F 199 11.55 -40.44 10.17
C LEU F 199 10.21 -41.16 10.13
N GLU F 200 10.08 -42.06 9.15
CA GLU F 200 8.91 -42.93 9.00
C GLU F 200 9.45 -44.35 8.96
N PRO F 201 9.59 -45.00 10.11
CA PRO F 201 10.29 -46.30 10.15
C PRO F 201 9.58 -47.40 9.37
N SER F 202 8.25 -47.50 9.49
CA SER F 202 7.53 -48.50 8.73
C SER F 202 7.69 -48.28 7.23
N VAL F 203 7.64 -47.03 6.79
CA VAL F 203 7.81 -46.73 5.37
C VAL F 203 9.23 -47.07 4.92
N GLU F 204 10.23 -46.67 5.71
CA GLU F 204 11.61 -47.00 5.38
C GLU F 204 11.81 -48.50 5.28
N GLU F 205 11.17 -49.26 6.15
CA GLU F 205 11.30 -50.73 6.14
C GLU F 205 10.65 -51.32 4.88
N ALA F 206 9.40 -50.92 4.60
CA ALA F 206 8.72 -51.40 3.41
C ALA F 206 9.49 -51.07 2.14
N ARG F 207 10.19 -49.93 2.11
CA ARG F 207 10.96 -49.57 0.92
C ARG F 207 12.27 -50.36 0.85
N TYR F 208 12.94 -50.56 1.99
CA TYR F 208 14.13 -51.39 2.00
C TYR F 208 13.82 -52.79 1.49
N ASN F 209 12.63 -53.32 1.82
CA ASN F 209 12.24 -54.63 1.32
C ASN F 209 11.90 -54.64 -0.16
N SER F 210 11.84 -53.47 -0.81
CA SER F 210 11.51 -53.39 -2.23
C SER F 210 12.72 -53.51 -3.15
N CYS F 211 13.94 -53.49 -2.61
CA CYS F 211 15.15 -53.48 -3.42
C CYS F 211 15.68 -54.90 -3.67
N CYS G 28 14.67 -48.40 -13.61
CA CYS G 28 15.16 -47.08 -13.25
C CYS G 28 14.06 -46.19 -12.66
N PHE G 29 14.24 -44.88 -12.76
CA PHE G 29 13.26 -43.94 -12.26
C PHE G 29 12.11 -43.80 -13.24
N GLY G 30 10.90 -43.65 -12.70
CA GLY G 30 9.69 -43.62 -13.51
C GLY G 30 9.18 -44.96 -13.94
N GLN G 31 9.93 -46.04 -13.73
CA GLN G 31 9.48 -47.38 -14.08
C GLN G 31 9.16 -48.26 -12.89
N CYS G 32 9.86 -48.08 -11.75
CA CYS G 32 9.63 -48.93 -10.59
C CYS G 32 8.16 -48.83 -10.19
N GLN G 33 7.50 -49.97 -9.97
CA GLN G 33 6.12 -49.97 -9.51
C GLN G 33 6.08 -50.26 -8.01
N TYR G 34 5.26 -49.49 -7.29
CA TYR G 34 5.23 -49.60 -5.84
C TYR G 34 4.76 -50.99 -5.39
N THR G 35 5.54 -51.58 -4.50
CA THR G 35 5.16 -52.83 -3.86
C THR G 35 4.04 -52.57 -2.86
N ALA G 36 3.29 -53.63 -2.55
CA ALA G 36 2.15 -53.50 -1.66
C ALA G 36 2.55 -52.89 -0.32
N GLU G 37 3.67 -53.35 0.25
CA GLU G 37 4.10 -52.86 1.56
C GLU G 37 4.43 -51.38 1.49
N GLU G 38 5.23 -50.97 0.50
CA GLU G 38 5.63 -49.57 0.42
C GLU G 38 4.45 -48.70 0.03
N TYR G 39 3.60 -49.17 -0.89
CA TYR G 39 2.40 -48.41 -1.22
C TYR G 39 1.56 -48.15 0.02
N GLN G 40 1.25 -49.19 0.79
CA GLN G 40 0.33 -49.00 1.91
C GLN G 40 0.97 -48.14 3.00
N ALA G 41 2.26 -48.38 3.29
CA ALA G 41 2.97 -47.54 4.24
C ALA G 41 2.90 -46.07 3.85
N ILE G 42 3.19 -45.76 2.58
CA ILE G 42 3.21 -44.37 2.15
C ILE G 42 1.80 -43.79 2.15
N GLN G 43 0.83 -44.56 1.67
CA GLN G 43 -0.56 -44.09 1.65
C GLN G 43 -1.05 -43.73 3.05
N LYS G 44 -0.74 -44.57 4.03
CA LYS G 44 -1.13 -44.25 5.41
C LYS G 44 -0.36 -43.05 5.94
N ALA G 45 0.96 -43.03 5.73
CA ALA G 45 1.78 -41.96 6.28
C ALA G 45 1.38 -40.59 5.75
N LEU G 46 0.94 -40.52 4.49
CA LEU G 46 0.58 -39.24 3.90
C LEU G 46 -0.68 -38.64 4.52
N ARG G 47 -1.50 -39.45 5.18
CA ARG G 47 -2.71 -38.92 5.82
C ARG G 47 -2.38 -38.09 7.05
N GLN G 48 -1.26 -38.39 7.71
CA GLN G 48 -0.86 -37.68 8.92
C GLN G 48 -0.85 -36.18 8.71
N ARG G 49 -1.46 -35.45 9.63
CA ARG G 49 -1.26 -34.01 9.67
C ARG G 49 0.07 -33.69 10.35
N LEU G 50 0.57 -32.48 10.11
CA LEU G 50 1.87 -32.10 10.63
C LEU G 50 1.72 -31.48 12.02
N GLY G 51 2.63 -31.84 12.91
CA GLY G 51 2.70 -31.24 14.23
C GLY G 51 3.18 -29.81 14.16
N PRO G 52 3.14 -29.11 15.31
CA PRO G 52 3.56 -27.70 15.32
C PRO G 52 5.04 -27.48 15.06
N GLU G 53 5.86 -28.52 15.10
CA GLU G 53 7.29 -28.35 14.84
C GLU G 53 7.55 -27.86 13.42
N TYR G 54 6.66 -28.20 12.49
CA TYR G 54 6.84 -27.89 11.08
C TYR G 54 6.30 -26.51 10.70
N ILE G 55 5.25 -26.07 11.35
CA ILE G 55 4.54 -24.88 10.92
C ILE G 55 5.27 -23.64 11.41
N SER G 56 5.35 -22.63 10.55
CA SER G 56 5.91 -21.33 10.87
C SER G 56 4.87 -20.28 10.50
N SER G 57 5.14 -19.03 10.87
CA SER G 57 4.13 -18.00 10.66
C SER G 57 4.75 -16.64 10.38
N ARG G 58 3.99 -15.83 9.66
CA ARG G 58 4.29 -14.42 9.44
C ARG G 58 2.99 -13.68 9.68
N MET G 59 3.03 -12.35 9.54
CA MET G 59 1.82 -11.57 9.73
C MET G 59 1.33 -10.97 8.42
N ALA G 60 0.02 -11.03 8.21
CA ALA G 60 -0.64 -10.27 7.16
C ALA G 60 -1.14 -8.95 7.72
N GLY G 61 -1.35 -7.99 6.82
CA GLY G 61 -1.59 -6.61 7.24
C GLY G 61 -2.89 -6.40 7.98
N GLY G 62 -3.94 -7.15 7.63
CA GLY G 62 -5.24 -6.95 8.22
C GLY G 62 -5.36 -7.43 9.66
N GLY G 63 -4.24 -7.82 10.25
CA GLY G 63 -4.23 -8.40 11.58
C GLY G 63 -4.39 -9.91 11.62
N GLN G 64 -4.28 -10.58 10.47
CA GLN G 64 -4.45 -12.02 10.36
C GLN G 64 -3.11 -12.73 10.28
N LYS G 65 -3.12 -14.01 10.64
CA LYS G 65 -1.92 -14.84 10.68
C LYS G 65 -1.88 -15.77 9.47
N VAL G 66 -0.69 -15.96 8.90
CA VAL G 66 -0.52 -16.82 7.73
C VAL G 66 0.50 -17.90 8.08
N CYS G 67 0.08 -19.16 7.97
CA CYS G 67 0.92 -20.32 8.23
C CYS G 67 1.60 -20.80 6.94
N TYR G 68 2.71 -21.51 7.12
CA TYR G 68 3.46 -22.09 6.01
C TYR G 68 4.46 -23.09 6.58
N ILE G 69 4.98 -23.94 5.69
CA ILE G 69 6.04 -24.89 6.02
C ILE G 69 7.31 -24.42 5.33
N GLU G 70 8.40 -24.39 6.08
CA GLU G 70 9.67 -23.90 5.54
C GLU G 70 10.21 -24.88 4.48
N GLY G 71 10.95 -24.31 3.53
CA GLY G 71 11.38 -25.10 2.37
C GLY G 71 12.13 -26.35 2.76
N HIS G 72 13.18 -26.22 3.58
CA HIS G 72 13.98 -27.38 3.94
C HIS G 72 13.14 -28.42 4.67
N ARG G 73 12.14 -27.98 5.42
CA ARG G 73 11.25 -28.92 6.10
C ARG G 73 10.48 -29.77 5.09
N VAL G 74 9.97 -29.14 4.03
CA VAL G 74 9.23 -29.88 3.01
C VAL G 74 10.16 -30.82 2.26
N ILE G 75 11.38 -30.36 1.98
CA ILE G 75 12.37 -31.22 1.32
C ILE G 75 12.67 -32.45 2.17
N ASN G 76 12.87 -32.25 3.47
CA ASN G 76 13.15 -33.37 4.36
C ASN G 76 11.94 -34.30 4.46
N LEU G 77 10.74 -33.72 4.53
CA LEU G 77 9.52 -34.52 4.53
C LEU G 77 9.45 -35.42 3.31
N ALA G 78 9.74 -34.86 2.13
CA ALA G 78 9.67 -35.66 0.91
C ALA G 78 10.77 -36.70 0.86
N ASN G 79 11.98 -36.35 1.30
CA ASN G 79 13.08 -37.31 1.32
C ASN G 79 12.77 -38.48 2.25
N GLU G 80 12.08 -38.23 3.35
CA GLU G 80 11.73 -39.35 4.23
C GLU G 80 10.52 -40.13 3.71
N MET G 81 9.57 -39.45 3.06
CA MET G 81 8.38 -40.14 2.59
C MET G 81 8.71 -41.05 1.40
N PHE G 82 9.53 -40.59 0.47
CA PHE G 82 9.78 -41.33 -0.76
C PHE G 82 11.22 -41.81 -0.90
N GLY G 83 12.14 -41.36 -0.05
CA GLY G 83 13.53 -41.70 -0.31
C GLY G 83 14.22 -40.63 -1.13
N TYR G 84 15.54 -40.52 -0.92
CA TYR G 84 16.32 -39.56 -1.69
C TYR G 84 16.20 -39.79 -3.19
N ASN G 85 15.92 -41.03 -3.59
CA ASN G 85 15.84 -41.41 -4.99
C ASN G 85 14.44 -41.89 -5.38
N GLY G 86 13.42 -41.50 -4.61
CA GLY G 86 12.07 -41.96 -4.87
C GLY G 86 11.15 -40.86 -5.35
N TRP G 87 11.62 -39.61 -5.26
CA TRP G 87 10.88 -38.47 -5.77
C TRP G 87 11.83 -37.57 -6.56
N ALA G 88 11.26 -36.81 -7.47
CA ALA G 88 12.03 -35.90 -8.31
C ALA G 88 11.17 -34.70 -8.66
N HIS G 89 11.82 -33.59 -8.98
CA HIS G 89 11.12 -32.40 -9.45
C HIS G 89 11.95 -31.71 -10.52
N SER G 90 11.25 -31.00 -11.40
CA SER G 90 11.88 -30.31 -12.52
C SER G 90 11.14 -29.00 -12.76
N ILE G 91 11.84 -28.04 -13.36
CA ILE G 91 11.26 -26.75 -13.71
C ILE G 91 10.79 -26.85 -15.15
N THR G 92 9.48 -26.97 -15.34
CA THR G 92 8.93 -27.05 -16.69
C THR G 92 9.14 -25.74 -17.44
N GLN G 93 8.86 -24.63 -16.78
CA GLN G 93 9.03 -23.32 -17.40
C GLN G 93 9.06 -22.28 -16.29
N GLN G 94 9.94 -21.29 -16.43
CA GLN G 94 9.94 -20.11 -15.60
C GLN G 94 9.80 -18.89 -16.48
N ASN G 95 8.88 -18.01 -16.14
CA ASN G 95 8.55 -16.84 -16.95
C ASN G 95 8.56 -15.62 -16.05
N VAL G 96 9.40 -14.64 -16.37
CA VAL G 96 9.41 -13.37 -15.65
C VAL G 96 8.24 -12.56 -16.20
N ASP G 97 7.25 -12.29 -15.34
CA ASP G 97 6.06 -11.59 -15.81
C ASP G 97 6.36 -10.13 -16.11
N PHE G 98 7.13 -9.47 -15.24
CA PHE G 98 7.45 -8.06 -15.43
C PHE G 98 8.64 -7.69 -14.55
N VAL G 99 9.35 -6.66 -14.97
CA VAL G 99 10.37 -6.00 -14.16
C VAL G 99 10.16 -4.51 -14.37
N ASP G 100 9.60 -3.83 -13.36
CA ASP G 100 9.28 -2.41 -13.46
C ASP G 100 10.14 -1.60 -12.53
N LEU G 101 10.41 -0.36 -12.94
CA LEU G 101 11.22 0.59 -12.20
C LEU G 101 10.34 1.78 -11.84
N ASN G 102 10.08 1.95 -10.54
CA ASN G 102 9.25 3.04 -10.04
C ASN G 102 10.08 3.87 -9.08
N ASN G 103 10.42 5.09 -9.49
CA ASN G 103 11.25 6.03 -8.74
C ASN G 103 12.41 5.32 -8.03
N GLY G 104 13.21 4.61 -8.82
CA GLY G 104 14.46 4.05 -8.33
C GLY G 104 14.34 2.73 -7.62
N LYS G 105 13.13 2.20 -7.47
CA LYS G 105 12.87 0.94 -6.79
C LYS G 105 12.33 -0.05 -7.81
N PHE G 106 12.70 -1.32 -7.68
CA PHE G 106 12.31 -2.36 -8.63
C PHE G 106 11.22 -3.25 -8.06
N TYR G 107 10.23 -3.56 -8.89
CA TYR G 107 9.10 -4.41 -8.51
C TYR G 107 9.00 -5.50 -9.56
N VAL G 108 9.20 -6.76 -9.14
CA VAL G 108 9.40 -7.88 -10.03
C VAL G 108 8.44 -9.00 -9.66
N GLY G 109 7.76 -9.56 -10.66
CA GLY G 109 6.97 -10.75 -10.47
C GLY G 109 7.45 -11.86 -11.38
N VAL G 110 7.64 -13.05 -10.83
CA VAL G 110 8.17 -14.19 -11.58
C VAL G 110 7.37 -15.43 -11.21
N CYS G 111 6.88 -16.14 -12.21
CA CYS G 111 6.19 -17.40 -12.01
C CYS G 111 7.07 -18.56 -12.44
N ALA G 112 6.85 -19.72 -11.81
CA ALA G 112 7.56 -20.94 -12.14
C ALA G 112 6.59 -22.11 -12.11
N PHE G 113 6.81 -23.07 -13.01
CA PHE G 113 5.98 -24.27 -13.12
C PHE G 113 6.84 -25.47 -12.75
N VAL G 114 6.57 -26.05 -11.58
CA VAL G 114 7.37 -27.13 -11.04
C VAL G 114 6.54 -28.41 -11.10
N ARG G 115 7.16 -29.49 -11.58
CA ARG G 115 6.52 -30.78 -11.71
C ARG G 115 7.27 -31.80 -10.85
N VAL G 116 6.59 -32.34 -9.85
CA VAL G 116 7.16 -33.39 -9.01
C VAL G 116 6.77 -34.74 -9.59
N GLN G 117 7.71 -35.69 -9.61
CA GLN G 117 7.46 -37.02 -10.12
C GLN G 117 7.95 -38.06 -9.14
N LEU G 118 7.19 -39.14 -8.99
CA LEU G 118 7.57 -40.26 -8.15
C LEU G 118 8.24 -41.34 -9.00
N LYS G 119 8.87 -42.29 -8.31
CA LYS G 119 9.61 -43.34 -8.99
C LYS G 119 8.71 -44.30 -9.77
N ASP G 120 7.39 -44.18 -9.66
CA ASP G 120 6.47 -45.02 -10.43
C ASP G 120 5.85 -44.28 -11.61
N GLY G 121 6.27 -43.05 -11.87
CA GLY G 121 5.71 -42.25 -12.94
C GLY G 121 4.64 -41.28 -12.51
N SER G 122 4.08 -41.46 -11.32
CA SER G 122 3.10 -40.51 -10.79
C SER G 122 3.71 -39.11 -10.71
N TYR G 123 2.88 -38.11 -11.01
CA TYR G 123 3.38 -36.75 -11.12
C TYR G 123 2.33 -35.77 -10.62
N HIS G 124 2.81 -34.62 -10.14
CA HIS G 124 1.96 -33.48 -9.80
C HIS G 124 2.71 -32.21 -10.16
N GLU G 125 2.05 -31.33 -10.91
CA GLU G 125 2.65 -30.08 -11.36
C GLU G 125 1.78 -28.91 -10.89
N ASP G 126 2.44 -27.86 -10.41
CA ASP G 126 1.74 -26.68 -9.91
C ASP G 126 2.59 -25.45 -10.20
N VAL G 127 2.04 -24.28 -9.86
CA VAL G 127 2.65 -22.99 -10.14
C VAL G 127 3.18 -22.41 -8.86
N GLY G 128 4.40 -21.86 -8.91
CA GLY G 128 4.89 -21.04 -7.82
C GLY G 128 5.12 -19.61 -8.26
N TYR G 129 5.08 -18.66 -7.33
CA TYR G 129 5.35 -17.28 -7.67
C TYR G 129 6.42 -16.70 -6.74
N GLY G 130 7.12 -15.70 -7.26
CA GLY G 130 8.17 -15.03 -6.52
C GLY G 130 8.05 -13.53 -6.68
N VAL G 131 8.11 -12.80 -5.57
CA VAL G 131 7.82 -11.37 -5.55
C VAL G 131 9.00 -10.64 -4.91
N SER G 132 9.32 -9.47 -5.46
CA SER G 132 10.29 -8.57 -4.85
C SER G 132 9.89 -7.15 -5.20
N GLU G 133 9.37 -6.41 -4.22
CA GLU G 133 8.93 -5.04 -4.43
C GLU G 133 9.68 -4.12 -3.47
N GLY G 134 10.24 -3.04 -4.02
CA GLY G 134 10.84 -1.98 -3.24
C GLY G 134 12.34 -1.93 -3.30
N LEU G 135 13.00 -3.04 -3.60
CA LEU G 135 14.45 -3.08 -3.58
C LEU G 135 15.04 -2.22 -4.69
N LYS G 136 16.20 -1.63 -4.41
CA LYS G 136 16.90 -0.80 -5.38
C LYS G 136 17.83 -1.60 -6.29
N SER G 137 18.19 -2.83 -5.91
CA SER G 137 19.05 -3.67 -6.71
C SER G 137 18.21 -4.55 -7.63
N LYS G 138 18.34 -4.34 -8.93
CA LYS G 138 17.63 -5.19 -9.89
C LYS G 138 18.07 -6.64 -9.75
N ALA G 139 19.38 -6.87 -9.57
CA ALA G 139 19.88 -8.23 -9.47
C ALA G 139 19.28 -8.96 -8.29
N LEU G 140 19.20 -8.29 -7.13
CA LEU G 140 18.63 -8.93 -5.95
C LEU G 140 17.14 -9.16 -6.14
N SER G 141 16.45 -8.23 -6.78
CA SER G 141 15.03 -8.41 -7.04
C SER G 141 14.78 -9.63 -7.91
N LEU G 142 15.51 -9.74 -9.04
CA LEU G 142 15.34 -10.88 -9.92
C LEU G 142 15.72 -12.20 -9.25
N GLU G 143 16.85 -12.21 -8.53
CA GLU G 143 17.27 -13.43 -7.85
C GLU G 143 16.23 -13.87 -6.84
N LYS G 144 15.76 -12.93 -6.02
CA LYS G 144 14.77 -13.26 -5.00
C LYS G 144 13.50 -13.80 -5.64
N ALA G 145 13.02 -13.14 -6.69
CA ALA G 145 11.76 -13.54 -7.30
C ALA G 145 11.88 -14.91 -7.96
N ARG G 146 12.97 -15.15 -8.69
CA ARG G 146 13.13 -16.43 -9.38
C ARG G 146 13.26 -17.59 -8.38
N LYS G 147 14.15 -17.45 -7.40
CA LYS G 147 14.35 -18.53 -6.43
C LYS G 147 13.08 -18.78 -5.63
N GLU G 148 12.41 -17.71 -5.18
CA GLU G 148 11.16 -17.87 -4.45
C GLU G 148 10.10 -18.56 -5.29
N ALA G 149 9.98 -18.18 -6.56
CA ALA G 149 9.02 -18.82 -7.45
C ALA G 149 9.28 -20.32 -7.54
N VAL G 150 10.53 -20.71 -7.72
CA VAL G 150 10.84 -22.13 -7.88
C VAL G 150 10.54 -22.90 -6.59
N THR G 151 10.98 -22.36 -5.45
CA THR G 151 10.74 -23.06 -4.18
C THR G 151 9.25 -23.17 -3.88
N ASP G 152 8.51 -22.07 -4.07
CA ASP G 152 7.06 -22.09 -3.87
C ASP G 152 6.38 -23.09 -4.79
N GLY G 153 6.80 -23.14 -6.06
CA GLY G 153 6.22 -24.12 -6.98
C GLY G 153 6.48 -25.54 -6.52
N LEU G 154 7.68 -25.80 -5.99
CA LEU G 154 7.98 -27.13 -5.48
C LEU G 154 7.08 -27.47 -4.29
N LYS G 155 6.90 -26.51 -3.38
CA LYS G 155 6.04 -26.74 -2.23
C LYS G 155 4.60 -27.02 -2.65
N ARG G 156 4.09 -26.23 -3.59
CA ARG G 156 2.70 -26.39 -4.01
C ARG G 156 2.49 -27.67 -4.83
N ALA G 157 3.52 -28.11 -5.55
CA ALA G 157 3.41 -29.38 -6.26
C ALA G 157 3.46 -30.56 -5.30
N LEU G 158 4.32 -30.47 -4.27
CA LEU G 158 4.42 -31.56 -3.30
C LEU G 158 3.19 -31.65 -2.39
N ARG G 159 2.54 -30.50 -2.14
CA ARG G 159 1.31 -30.49 -1.34
C ARG G 159 0.27 -31.48 -1.83
N SER G 160 0.18 -31.69 -3.14
CA SER G 160 -0.91 -32.46 -3.73
C SER G 160 -0.84 -33.96 -3.42
N PHE G 161 0.19 -34.43 -2.71
CA PHE G 161 0.33 -35.85 -2.39
C PHE G 161 -0.37 -36.24 -1.10
N GLY G 162 -0.70 -35.29 -0.25
CA GLY G 162 -1.43 -35.60 0.98
C GLY G 162 -1.09 -34.61 2.07
N ASN G 163 -1.74 -34.81 3.22
CA ASN G 163 -1.56 -33.91 4.35
C ASN G 163 -0.12 -33.90 4.84
N ALA G 164 0.53 -35.05 4.87
CA ALA G 164 1.87 -35.14 5.45
C ALA G 164 2.87 -34.26 4.71
N LEU G 165 2.62 -33.96 3.44
CA LEU G 165 3.51 -33.11 2.66
C LEU G 165 3.01 -31.67 2.54
N GLY G 166 1.94 -31.32 3.24
CA GLY G 166 1.56 -29.93 3.37
C GLY G 166 0.13 -29.59 3.01
N ASN G 167 -0.69 -30.59 2.69
CA ASN G 167 -2.07 -30.30 2.30
C ASN G 167 -2.90 -29.80 3.48
N CYS G 168 -2.62 -30.31 4.68
CA CYS G 168 -3.43 -29.96 5.85
C CYS G 168 -3.32 -28.47 6.20
N ILE G 169 -2.23 -27.82 5.80
CA ILE G 169 -2.03 -26.40 6.11
C ILE G 169 -3.16 -25.52 5.61
N LEU G 170 -3.95 -26.01 4.65
CA LEU G 170 -5.06 -25.23 4.10
C LEU G 170 -6.36 -25.44 4.86
N ASP G 171 -6.40 -26.37 5.81
CA ASP G 171 -7.61 -26.67 6.56
C ASP G 171 -7.74 -25.71 7.74
N LYS G 172 -8.82 -24.92 7.74
CA LYS G 172 -9.02 -23.94 8.80
C LYS G 172 -9.22 -24.60 10.16
N ASP G 173 -9.84 -25.79 10.19
CA ASP G 173 -10.01 -26.50 11.45
C ASP G 173 -8.68 -26.97 11.99
N TYR G 174 -7.80 -27.45 11.10
CA TYR G 174 -6.44 -27.77 11.50
C TYR G 174 -5.72 -26.54 12.04
N LEU G 175 -6.01 -25.37 11.47
CA LEU G 175 -5.38 -24.14 11.94
C LEU G 175 -5.86 -23.79 13.35
N ARG G 176 -7.17 -23.91 13.60
CA ARG G 176 -7.68 -23.66 14.95
C ARG G 176 -7.08 -24.65 15.95
N SER G 177 -7.05 -25.94 15.61
CA SER G 177 -6.44 -26.91 16.50
C SER G 177 -4.94 -26.69 16.68
N LEU G 178 -4.29 -25.98 15.76
CA LEU G 178 -2.88 -25.66 15.92
C LEU G 178 -2.65 -24.43 16.80
N ASN G 179 -3.54 -23.43 16.69
CA ASN G 179 -3.36 -22.21 17.47
C ASN G 179 -3.59 -22.45 18.96
N LYS G 180 -4.52 -23.33 19.31
CA LYS G 180 -4.81 -23.62 20.71
C LYS G 180 -3.68 -24.34 21.42
N LEU G 181 -2.64 -24.77 20.69
CA LEU G 181 -1.55 -25.51 21.28
C LEU G 181 -0.51 -24.58 21.91
N PRO G 182 0.17 -25.03 22.96
CA PRO G 182 1.19 -24.19 23.60
C PRO G 182 2.37 -23.91 22.66
N ARG G 183 2.74 -22.63 22.56
CA ARG G 183 3.86 -22.21 21.72
C ARG G 183 5.17 -22.79 22.23
N GLN G 184 5.70 -23.78 21.53
CA GLN G 184 6.92 -24.46 21.94
C GLN G 184 8.16 -23.66 21.57
N LEU G 185 9.22 -23.81 22.38
CA LEU G 185 10.45 -23.10 22.12
C LEU G 185 11.22 -23.79 20.98
N PRO G 186 11.94 -23.01 20.15
CA PRO G 186 12.74 -23.61 19.06
C PRO G 186 13.61 -24.77 19.51
N LEU G 187 13.41 -25.93 18.89
CA LEU G 187 14.20 -27.12 19.20
C LEU G 187 15.68 -26.87 18.92
N GLU G 188 16.53 -27.56 19.68
CA GLU G 188 17.98 -27.48 19.52
C GLU G 188 18.49 -28.67 18.71
N VAL G 189 19.55 -28.42 17.95
CA VAL G 189 20.14 -29.40 17.05
C VAL G 189 21.42 -29.93 17.68
N ASP G 190 21.58 -31.25 17.68
CA ASP G 190 22.75 -31.92 18.28
C ASP G 190 23.75 -32.24 17.18
N LEU G 191 24.77 -31.38 17.04
CA LEU G 191 25.78 -31.52 15.99
C LEU G 191 26.95 -32.41 16.39
N THR G 192 26.78 -33.28 17.40
CA THR G 192 27.88 -34.15 17.79
C THR G 192 28.13 -35.24 16.74
N LYS G 193 27.07 -35.82 16.20
CA LYS G 193 27.19 -36.82 15.14
C LYS G 193 27.08 -36.19 13.74
N ALA G 194 27.43 -34.92 13.60
CA ALA G 194 27.38 -34.26 12.31
C ALA G 194 28.52 -34.75 11.41
N LYS G 195 28.25 -34.75 10.11
CA LYS G 195 29.25 -35.17 9.13
C LYS G 195 30.40 -34.17 9.12
N ARG G 196 31.61 -34.69 9.27
CA ARG G 196 32.79 -33.85 9.42
C ARG G 196 33.86 -34.08 8.36
N GLN G 197 33.80 -35.19 7.62
CA GLN G 197 34.74 -35.43 6.53
C GLN G 197 33.99 -36.01 5.34
N ASP G 198 34.61 -35.91 4.16
CA ASP G 198 33.93 -36.23 2.92
C ASP G 198 33.62 -37.72 2.82
N LEU G 199 34.60 -38.57 3.13
CA LEU G 199 34.48 -40.00 2.89
C LEU G 199 33.27 -40.60 3.63
N GLU G 200 32.58 -41.51 2.93
CA GLU G 200 31.45 -42.25 3.50
C GLU G 200 31.75 -43.73 3.33
N PRO G 201 32.42 -44.35 4.31
CA PRO G 201 32.93 -45.72 4.09
C PRO G 201 31.85 -46.76 3.88
N SER G 202 30.77 -46.72 4.67
CA SER G 202 29.68 -47.68 4.48
C SER G 202 29.08 -47.54 3.08
N VAL G 203 28.91 -46.30 2.62
CA VAL G 203 28.37 -46.06 1.28
C VAL G 203 29.33 -46.58 0.22
N GLU G 204 30.62 -46.26 0.37
CA GLU G 204 31.62 -46.75 -0.59
C GLU G 204 31.62 -48.27 -0.67
N GLU G 205 31.49 -48.94 0.47
CA GLU G 205 31.48 -50.41 0.47
C GLU G 205 30.23 -50.95 -0.21
N ALA G 206 29.07 -50.44 0.19
CA ALA G 206 27.81 -50.87 -0.41
C ALA G 206 27.80 -50.63 -1.92
N ARG G 207 28.43 -49.55 -2.39
CA ARG G 207 28.44 -49.30 -3.83
C ARG G 207 29.44 -50.20 -4.55
N TYR G 208 30.61 -50.47 -3.93
CA TYR G 208 31.55 -51.39 -4.53
C TYR G 208 30.92 -52.76 -4.78
N ASN G 209 30.07 -53.22 -3.85
CA ASN G 209 29.35 -54.47 -4.06
C ASN G 209 28.21 -54.33 -5.04
N SER G 210 27.88 -53.11 -5.47
CA SER G 210 26.78 -52.87 -6.40
C SER G 210 27.19 -52.98 -7.86
N CYS G 211 28.49 -53.11 -8.16
CA CYS G 211 28.95 -53.12 -9.55
C CYS G 211 29.02 -54.53 -10.10
N CYS H 28 23.77 -48.65 -17.94
CA CYS H 28 24.55 -47.41 -17.99
C CYS H 28 24.00 -46.37 -17.01
N PHE H 29 24.25 -45.09 -17.29
CA PHE H 29 23.76 -44.03 -16.42
C PHE H 29 22.29 -43.76 -16.69
N GLY H 30 21.54 -43.51 -15.63
CA GLY H 30 20.10 -43.35 -15.71
C GLY H 30 19.32 -44.64 -15.76
N GLN H 31 19.98 -45.78 -15.93
CA GLN H 31 19.31 -47.08 -15.94
C GLN H 31 19.60 -47.94 -14.72
N CYS H 32 20.81 -47.85 -14.15
CA CYS H 32 21.17 -48.65 -12.99
C CYS H 32 20.21 -48.34 -11.84
N GLN H 33 19.72 -49.37 -11.18
CA GLN H 33 18.87 -49.19 -10.01
C GLN H 33 19.68 -49.43 -8.74
N TYR H 34 19.48 -48.56 -7.75
CA TYR H 34 20.26 -48.65 -6.53
C TYR H 34 19.96 -49.96 -5.81
N THR H 35 21.02 -50.65 -5.40
CA THR H 35 20.88 -51.86 -4.62
C THR H 35 20.48 -51.52 -3.19
N ALA H 36 19.88 -52.51 -2.51
CA ALA H 36 19.38 -52.29 -1.15
C ALA H 36 20.48 -51.76 -0.23
N GLU H 37 21.67 -52.34 -0.30
CA GLU H 37 22.75 -51.93 0.56
C GLU H 37 23.12 -50.48 0.29
N GLU H 38 23.32 -50.14 -0.98
CA GLU H 38 23.72 -48.78 -1.34
C GLU H 38 22.59 -47.80 -1.10
N TYR H 39 21.34 -48.18 -1.40
CA TYR H 39 20.23 -47.30 -1.12
C TYR H 39 20.17 -46.94 0.35
N GLN H 40 20.21 -47.94 1.24
CA GLN H 40 20.05 -47.64 2.65
C GLN H 40 21.25 -46.88 3.19
N ALA H 41 22.46 -47.26 2.78
CA ALA H 41 23.66 -46.53 3.18
C ALA H 41 23.56 -45.06 2.79
N ILE H 42 23.17 -44.77 1.54
CA ILE H 42 23.11 -43.39 1.08
C ILE H 42 21.98 -42.64 1.80
N GLN H 43 20.82 -43.29 1.97
CA GLN H 43 19.72 -42.67 2.68
C GLN H 43 20.13 -42.28 4.10
N LYS H 44 20.85 -43.15 4.79
CA LYS H 44 21.34 -42.83 6.13
C LYS H 44 22.34 -41.68 6.08
N ALA H 45 23.32 -41.77 5.17
CA ALA H 45 24.37 -40.76 5.13
C ALA H 45 23.82 -39.37 4.81
N LEU H 46 22.78 -39.29 3.97
CA LEU H 46 22.25 -37.98 3.58
C LEU H 46 21.55 -37.25 4.72
N ARG H 47 21.17 -37.97 5.78
CA ARG H 47 20.51 -37.33 6.92
C ARG H 47 21.50 -36.48 7.72
N GLN H 48 22.77 -36.85 7.72
CA GLN H 48 23.79 -36.13 8.49
C GLN H 48 23.81 -34.65 8.16
N ARG H 49 23.81 -33.82 9.19
CA ARG H 49 24.12 -32.42 9.00
C ARG H 49 25.63 -32.20 8.91
N LEU H 50 26.04 -31.06 8.37
CA LEU H 50 27.46 -30.78 8.17
C LEU H 50 28.07 -30.10 9.38
N GLY H 51 29.28 -30.52 9.71
CA GLY H 51 30.08 -29.87 10.73
C GLY H 51 30.59 -28.52 10.27
N PRO H 52 31.24 -27.78 11.18
CA PRO H 52 31.74 -26.44 10.83
C PRO H 52 32.85 -26.44 9.79
N GLU H 53 33.44 -27.60 9.49
CA GLU H 53 34.51 -27.64 8.49
C GLU H 53 34.03 -27.23 7.12
N TYR H 54 32.74 -27.46 6.82
CA TYR H 54 32.17 -27.18 5.51
C TYR H 54 31.63 -25.77 5.38
N ILE H 55 31.12 -25.20 6.46
CA ILE H 55 30.39 -23.94 6.40
C ILE H 55 31.37 -22.78 6.33
N SER H 56 31.05 -21.81 5.48
CA SER H 56 31.79 -20.55 5.38
C SER H 56 30.78 -19.42 5.51
N SER H 57 31.27 -18.20 5.66
CA SER H 57 30.37 -17.07 5.92
C SER H 57 30.94 -15.78 5.35
N ARG H 58 30.02 -14.87 5.01
CA ARG H 58 30.36 -13.52 4.61
C ARG H 58 29.38 -12.57 5.30
N MET H 59 29.54 -11.28 5.05
CA MET H 59 28.62 -10.27 5.58
C MET H 59 27.74 -9.77 4.44
N ALA H 60 26.43 -9.88 4.61
CA ALA H 60 25.51 -9.39 3.61
C ALA H 60 25.62 -7.87 3.48
N GLY H 61 24.90 -7.33 2.51
CA GLY H 61 24.90 -5.89 2.28
C GLY H 61 24.24 -5.09 3.38
N GLY H 62 23.74 -5.79 4.41
CA GLY H 62 23.11 -5.13 5.53
C GLY H 62 23.75 -5.45 6.87
N GLY H 63 25.00 -5.91 6.84
CA GLY H 63 25.73 -6.17 8.07
C GLY H 63 25.28 -7.38 8.84
N GLN H 64 24.57 -8.31 8.22
CA GLN H 64 24.13 -9.53 8.87
C GLN H 64 24.98 -10.71 8.40
N LYS H 65 24.99 -11.76 9.22
CA LYS H 65 25.83 -12.93 8.95
C LYS H 65 25.09 -13.87 8.00
N VAL H 66 25.76 -14.23 6.90
CA VAL H 66 25.19 -15.12 5.89
C VAL H 66 26.11 -16.31 5.74
N CYS H 67 25.57 -17.51 5.94
CA CYS H 67 26.30 -18.76 5.78
C CYS H 67 26.15 -19.29 4.35
N TYR H 68 27.12 -20.09 3.93
CA TYR H 68 27.11 -20.72 2.63
C TYR H 68 28.17 -21.82 2.61
N ILE H 69 28.04 -22.73 1.65
CA ILE H 69 29.01 -23.80 1.42
C ILE H 69 29.73 -23.52 0.09
N GLU H 70 31.06 -23.62 0.12
CA GLU H 70 31.84 -23.35 -1.08
C GLU H 70 31.62 -24.43 -2.13
N GLY H 71 31.74 -24.02 -3.41
CA GLY H 71 31.38 -24.91 -4.51
C GLY H 71 32.10 -26.24 -4.46
N HIS H 72 33.45 -26.21 -4.38
CA HIS H 72 34.23 -27.44 -4.43
C HIS H 72 33.87 -28.38 -3.29
N ARG H 73 33.46 -27.82 -2.14
CA ARG H 73 33.05 -28.65 -1.02
C ARG H 73 31.79 -29.44 -1.39
N VAL H 74 30.83 -28.79 -2.04
CA VAL H 74 29.60 -29.47 -2.44
C VAL H 74 29.89 -30.50 -3.52
N ILE H 75 30.78 -30.16 -4.46
CA ILE H 75 31.13 -31.10 -5.52
C ILE H 75 31.72 -32.37 -4.92
N ASN H 76 32.66 -32.21 -3.99
CA ASN H 76 33.27 -33.38 -3.35
C ASN H 76 32.25 -34.13 -2.50
N LEU H 77 31.35 -33.41 -1.83
CA LEU H 77 30.28 -34.07 -1.08
C LEU H 77 29.46 -34.98 -1.98
N ALA H 78 29.09 -34.49 -3.16
CA ALA H 78 28.28 -35.30 -4.07
C ALA H 78 29.09 -36.47 -4.62
N ASN H 79 30.36 -36.22 -4.95
CA ASN H 79 31.21 -37.30 -5.45
C ASN H 79 31.38 -38.40 -4.42
N GLU H 80 31.40 -38.04 -3.14
CA GLU H 80 31.53 -39.07 -2.09
C GLU H 80 30.20 -39.76 -1.83
N MET H 81 29.08 -39.04 -1.91
CA MET H 81 27.79 -39.63 -1.61
C MET H 81 27.35 -40.61 -2.70
N PHE H 82 27.56 -40.24 -3.97
CA PHE H 82 27.06 -41.04 -5.08
C PHE H 82 28.15 -41.68 -5.91
N GLY H 83 29.40 -41.31 -5.71
CA GLY H 83 30.42 -41.76 -6.64
C GLY H 83 30.63 -40.77 -7.77
N TYR H 84 31.85 -40.77 -8.31
CA TYR H 84 32.15 -39.89 -9.43
C TYR H 84 31.23 -40.13 -10.62
N ASN H 85 30.66 -41.33 -10.73
CA ASN H 85 29.81 -41.70 -11.85
C ASN H 85 28.38 -42.01 -11.41
N GLY H 86 27.97 -41.50 -10.25
CA GLY H 86 26.65 -41.79 -9.72
C GLY H 86 25.74 -40.58 -9.71
N TRP H 87 26.32 -39.41 -9.97
CA TRP H 87 25.54 -38.19 -10.11
C TRP H 87 26.01 -37.45 -11.36
N ALA H 88 25.12 -36.65 -11.92
CA ALA H 88 25.41 -35.89 -13.12
C ALA H 88 24.63 -34.59 -13.08
N HIS H 89 25.13 -33.58 -13.78
CA HIS H 89 24.38 -32.34 -13.89
C HIS H 89 24.57 -31.75 -15.28
N SER H 90 23.56 -30.99 -15.71
CA SER H 90 23.57 -30.31 -16.99
C SER H 90 22.87 -28.98 -16.83
N ILE H 91 23.20 -28.04 -17.71
CA ILE H 91 22.62 -26.71 -17.69
C ILE H 91 21.45 -26.72 -18.68
N THR H 92 20.23 -26.74 -18.15
CA THR H 92 19.04 -26.74 -19.00
C THR H 92 18.93 -25.44 -19.78
N GLN H 93 19.15 -24.31 -19.12
CA GLN H 93 19.10 -23.02 -19.78
C GLN H 93 19.80 -22.00 -18.90
N GLN H 94 20.56 -21.11 -19.54
CA GLN H 94 21.13 -19.94 -18.91
C GLN H 94 20.63 -18.71 -19.65
N ASN H 95 20.14 -17.73 -18.91
CA ASN H 95 19.53 -16.54 -19.50
C ASN H 95 20.13 -15.30 -18.83
N VAL H 96 20.71 -14.43 -19.63
CA VAL H 96 21.23 -13.16 -19.14
C VAL H 96 20.04 -12.22 -18.95
N ASP H 97 19.75 -11.87 -17.69
CA ASP H 97 18.58 -11.04 -17.42
C ASP H 97 18.81 -9.59 -17.85
N PHE H 98 19.99 -9.04 -17.56
CA PHE H 98 20.24 -7.66 -17.91
C PHE H 98 21.74 -7.38 -17.88
N VAL H 99 22.14 -6.40 -18.69
CA VAL H 99 23.49 -5.83 -18.66
C VAL H 99 23.30 -4.32 -18.79
N ASP H 100 23.50 -3.59 -17.69
CA ASP H 100 23.29 -2.15 -17.65
C ASP H 100 24.61 -1.42 -17.45
N LEU H 101 24.70 -0.22 -18.03
CA LEU H 101 25.89 0.62 -17.97
C LEU H 101 25.56 1.92 -17.27
N ASN H 102 26.10 2.12 -16.06
CA ASN H 102 25.90 3.32 -15.28
C ASN H 102 27.24 3.96 -14.99
N ASN H 103 27.48 5.13 -15.60
CA ASN H 103 28.72 5.92 -15.49
C ASN H 103 29.97 5.04 -15.42
N GLY H 104 30.14 4.23 -16.46
CA GLY H 104 31.37 3.48 -16.63
C GLY H 104 31.42 2.15 -15.92
N LYS H 105 30.38 1.79 -15.18
CA LYS H 105 30.31 0.54 -14.45
C LYS H 105 29.23 -0.36 -15.03
N PHE H 106 29.49 -1.66 -15.06
CA PHE H 106 28.56 -2.63 -15.64
C PHE H 106 27.88 -3.40 -14.52
N TYR H 107 26.57 -3.59 -14.66
CA TYR H 107 25.76 -4.31 -13.68
C TYR H 107 24.99 -5.39 -14.42
N VAL H 108 25.27 -6.65 -14.07
CA VAL H 108 24.85 -7.80 -14.86
C VAL H 108 24.12 -8.78 -13.96
N GLY H 109 22.95 -9.23 -14.41
CA GLY H 109 22.26 -10.33 -13.74
C GLY H 109 22.04 -11.48 -14.69
N VAL H 110 22.41 -12.69 -14.25
CA VAL H 110 22.33 -13.89 -15.07
C VAL H 110 21.75 -15.01 -14.22
N CYS H 111 20.73 -15.69 -14.74
CA CYS H 111 20.16 -16.86 -14.10
C CYS H 111 20.58 -18.10 -14.87
N ALA H 112 20.63 -19.23 -14.17
CA ALA H 112 20.95 -20.51 -14.77
C ALA H 112 20.06 -21.58 -14.15
N PHE H 113 19.69 -22.56 -14.96
CA PHE H 113 18.83 -23.67 -14.54
C PHE H 113 19.64 -24.96 -14.64
N VAL H 114 20.01 -25.52 -13.50
CA VAL H 114 20.87 -26.70 -13.43
C VAL H 114 20.03 -27.86 -12.93
N ARG H 115 20.16 -29.00 -13.61
CA ARG H 115 19.42 -30.21 -13.27
C ARG H 115 20.40 -31.31 -12.93
N VAL H 116 20.35 -31.79 -11.69
CA VAL H 116 21.18 -32.91 -11.24
C VAL H 116 20.39 -34.19 -11.40
N GLN H 117 21.06 -35.24 -11.88
CA GLN H 117 20.46 -36.56 -12.05
C GLN H 117 21.37 -37.63 -11.46
N LEU H 118 20.75 -38.62 -10.83
CA LEU H 118 21.48 -39.78 -10.31
C LEU H 118 21.42 -40.93 -11.31
N LYS H 119 22.26 -41.94 -11.07
CA LYS H 119 22.36 -43.06 -12.00
C LYS H 119 21.11 -43.91 -12.07
N ASP H 120 20.10 -43.65 -11.24
CA ASP H 120 18.84 -44.37 -11.30
C ASP H 120 17.74 -43.58 -11.99
N GLY H 121 18.06 -42.40 -12.52
CA GLY H 121 17.09 -41.55 -13.18
C GLY H 121 16.50 -40.46 -12.31
N SER H 122 16.65 -40.57 -10.99
CA SER H 122 16.19 -39.52 -10.09
C SER H 122 16.86 -38.21 -10.44
N TYR H 123 16.10 -37.12 -10.34
CA TYR H 123 16.58 -35.80 -10.76
C TYR H 123 16.05 -34.72 -9.85
N HIS H 124 16.79 -33.62 -9.77
CA HIS H 124 16.36 -32.41 -9.07
C HIS H 124 16.88 -31.22 -9.85
N GLU H 125 16.01 -30.27 -10.16
CA GLU H 125 16.35 -29.09 -10.93
C GLU H 125 16.01 -27.83 -10.14
N ASP H 126 16.91 -26.86 -10.16
CA ASP H 126 16.69 -25.60 -9.45
C ASP H 126 17.38 -24.48 -10.21
N VAL H 127 17.21 -23.25 -9.72
CA VAL H 127 17.73 -22.06 -10.36
C VAL H 127 18.87 -21.49 -9.53
N GLY H 128 19.95 -21.08 -10.20
CA GLY H 128 20.99 -20.30 -9.59
C GLY H 128 21.06 -18.91 -10.19
N TYR H 129 21.64 -17.96 -9.46
CA TYR H 129 21.80 -16.61 -9.98
C TYR H 129 23.25 -16.17 -9.84
N GLY H 130 23.66 -15.28 -10.74
CA GLY H 130 25.00 -14.74 -10.74
C GLY H 130 24.96 -13.25 -10.95
N VAL H 131 25.69 -12.51 -10.12
CA VAL H 131 25.63 -11.05 -10.07
C VAL H 131 27.03 -10.50 -10.23
N SER H 132 27.14 -9.37 -10.94
CA SER H 132 28.41 -8.64 -11.03
C SER H 132 28.10 -7.16 -11.16
N GLU H 133 28.36 -6.41 -10.10
CA GLU H 133 28.10 -4.97 -10.06
C GLU H 133 29.40 -4.24 -9.76
N GLY H 134 29.68 -3.19 -10.53
CA GLY H 134 30.79 -2.29 -10.27
C GLY H 134 31.96 -2.40 -11.23
N LEU H 135 32.11 -3.55 -11.90
CA LEU H 135 33.26 -3.76 -12.77
C LEU H 135 33.20 -2.86 -14.01
N LYS H 136 34.37 -2.46 -14.49
CA LYS H 136 34.48 -1.65 -15.69
C LYS H 136 34.52 -2.49 -16.97
N SER H 137 34.86 -3.78 -16.87
CA SER H 137 34.93 -4.67 -18.01
C SER H 137 33.62 -5.44 -18.14
N LYS H 138 32.91 -5.21 -19.26
CA LYS H 138 31.69 -5.97 -19.52
C LYS H 138 31.98 -7.46 -19.64
N ALA H 139 33.07 -7.83 -20.31
CA ALA H 139 33.38 -9.24 -20.50
C ALA H 139 33.61 -9.94 -19.16
N LEU H 140 34.37 -9.30 -18.27
CA LEU H 140 34.67 -9.92 -16.99
C LEU H 140 33.41 -9.99 -16.12
N SER H 141 32.56 -8.97 -16.22
CA SER H 141 31.27 -9.00 -15.52
C SER H 141 30.42 -10.17 -15.97
N LEU H 142 30.29 -10.34 -17.29
CA LEU H 142 29.50 -11.45 -17.82
C LEU H 142 30.09 -12.80 -17.42
N GLU H 143 31.42 -12.93 -17.47
CA GLU H 143 32.05 -14.18 -17.06
C GLU H 143 31.70 -14.53 -15.63
N LYS H 144 31.87 -13.54 -14.73
CA LYS H 144 31.56 -13.74 -13.32
C LYS H 144 30.11 -14.12 -13.12
N ALA H 145 29.20 -13.39 -13.79
CA ALA H 145 27.78 -13.61 -13.58
C ALA H 145 27.35 -14.98 -14.07
N ARG H 146 27.81 -15.38 -15.26
CA ARG H 146 27.41 -16.67 -15.81
C ARG H 146 27.95 -17.82 -14.96
N LYS H 147 29.24 -17.77 -14.62
CA LYS H 147 29.84 -18.85 -13.83
C LYS H 147 29.18 -18.94 -12.46
N GLU H 148 28.96 -17.80 -11.80
CA GLU H 148 28.29 -17.82 -10.50
C GLU H 148 26.87 -18.36 -10.61
N ALA H 149 26.12 -17.95 -11.63
CA ALA H 149 24.77 -18.46 -11.80
C ALA H 149 24.76 -19.97 -11.91
N VAL H 150 25.66 -20.52 -12.72
CA VAL H 150 25.68 -21.96 -12.92
C VAL H 150 26.07 -22.69 -11.63
N THR H 151 27.11 -22.21 -10.95
CA THR H 151 27.53 -22.87 -9.71
C THR H 151 26.45 -22.82 -8.64
N ASP H 152 25.82 -21.65 -8.47
CA ASP H 152 24.72 -21.51 -7.52
C ASP H 152 23.56 -22.44 -7.86
N GLY H 153 23.22 -22.55 -9.15
CA GLY H 153 22.17 -23.46 -9.56
C GLY H 153 22.51 -24.91 -9.24
N LEU H 154 23.77 -25.28 -9.42
CA LEU H 154 24.19 -26.63 -9.08
C LEU H 154 24.06 -26.88 -7.58
N LYS H 155 24.46 -25.90 -6.77
CA LYS H 155 24.35 -26.04 -5.32
C LYS H 155 22.88 -26.19 -4.90
N ARG H 156 22.00 -25.36 -5.44
CA ARG H 156 20.59 -25.41 -5.05
C ARG H 156 19.88 -26.66 -5.58
N ALA H 157 20.33 -27.19 -6.71
CA ALA H 157 19.77 -28.45 -7.20
C ALA H 157 20.23 -29.62 -6.34
N LEU H 158 21.50 -29.62 -5.92
CA LEU H 158 22.00 -30.70 -5.07
C LEU H 158 21.42 -30.63 -3.67
N ARG H 159 21.05 -29.42 -3.21
CA ARG H 159 20.45 -29.25 -1.90
C ARG H 159 19.28 -30.21 -1.66
N SER H 160 18.49 -30.47 -2.71
CA SER H 160 17.23 -31.20 -2.54
C SER H 160 17.43 -32.68 -2.21
N PHE H 161 18.67 -33.18 -2.19
CA PHE H 161 18.89 -34.60 -1.89
C PHE H 161 19.01 -34.88 -0.40
N GLY H 162 19.23 -33.87 0.43
CA GLY H 162 19.27 -34.05 1.86
C GLY H 162 20.19 -33.05 2.52
N ASN H 163 20.25 -33.13 3.84
CA ASN H 163 21.07 -32.20 4.61
C ASN H 163 22.55 -32.32 4.27
N ALA H 164 23.03 -33.54 4.06
CA ALA H 164 24.47 -33.76 3.84
C ALA H 164 24.97 -33.03 2.62
N LEU H 165 24.11 -32.74 1.66
CA LEU H 165 24.49 -32.02 0.44
C LEU H 165 24.11 -30.54 0.49
N GLY H 166 23.63 -30.05 1.63
CA GLY H 166 23.47 -28.63 1.82
C GLY H 166 22.10 -28.18 2.27
N ASN H 167 21.18 -29.11 2.54
CA ASN H 167 19.85 -28.70 2.94
C ASN H 167 19.84 -28.09 4.33
N CYS H 168 20.70 -28.58 5.24
CA CYS H 168 20.70 -28.13 6.62
C CYS H 168 21.08 -26.66 6.75
N ILE H 169 21.80 -26.10 5.78
CA ILE H 169 22.21 -24.70 5.85
C ILE H 169 21.01 -23.77 5.98
N LEU H 170 19.81 -24.22 5.63
CA LEU H 170 18.62 -23.40 5.71
C LEU H 170 17.93 -23.46 7.08
N ASP H 171 18.37 -24.36 7.96
CA ASP H 171 17.74 -24.51 9.27
C ASP H 171 18.36 -23.50 10.24
N LYS H 172 17.54 -22.57 10.73
CA LYS H 172 18.04 -21.54 11.63
C LYS H 172 18.51 -22.13 12.95
N ASP H 173 17.90 -23.23 13.39
CA ASP H 173 18.34 -23.90 14.60
C ASP H 173 19.72 -24.52 14.39
N TYR H 174 19.95 -25.10 13.22
CA TYR H 174 21.28 -25.59 12.87
C TYR H 174 22.29 -24.47 12.87
N LEU H 175 21.89 -23.26 12.44
CA LEU H 175 22.80 -22.13 12.43
C LEU H 175 23.16 -21.69 13.84
N ARG H 176 22.17 -21.63 14.73
CA ARG H 176 22.45 -21.30 16.13
C ARG H 176 23.35 -22.35 16.76
N SER H 177 23.06 -23.63 16.55
CA SER H 177 23.93 -24.69 17.05
C SER H 177 25.31 -24.65 16.41
N LEU H 178 25.44 -23.99 15.26
CA LEU H 178 26.74 -23.81 14.64
C LEU H 178 27.52 -22.67 15.27
N ASN H 179 26.81 -21.60 15.68
CA ASN H 179 27.50 -20.48 16.31
C ASN H 179 28.07 -20.86 17.67
N LYS H 180 27.32 -21.67 18.44
CA LYS H 180 27.81 -22.11 19.75
C LYS H 180 28.93 -23.13 19.65
N LEU H 181 29.23 -23.65 18.45
CA LEU H 181 30.36 -24.55 18.33
C LEU H 181 31.64 -23.74 18.17
N PRO H 182 32.78 -24.25 18.64
CA PRO H 182 34.04 -23.50 18.50
C PRO H 182 34.43 -23.34 17.04
N ARG H 183 34.63 -22.10 16.63
CA ARG H 183 35.07 -21.79 15.27
C ARG H 183 36.48 -22.33 15.12
N GLN H 184 36.62 -23.43 14.39
CA GLN H 184 37.93 -24.08 14.24
C GLN H 184 38.76 -23.37 13.19
N LEU H 185 40.08 -23.43 13.37
CA LEU H 185 40.98 -22.80 12.43
C LEU H 185 41.04 -23.61 11.13
N PRO H 186 41.21 -22.95 9.98
CA PRO H 186 41.29 -23.67 8.70
C PRO H 186 42.25 -24.85 8.74
N LEU H 187 41.72 -26.03 8.44
CA LEU H 187 42.54 -27.23 8.41
C LEU H 187 43.69 -27.09 7.41
N GLU H 188 44.78 -27.79 7.67
CA GLU H 188 45.92 -27.77 6.78
C GLU H 188 45.85 -28.99 5.88
N VAL H 189 46.32 -28.81 4.64
CA VAL H 189 46.23 -29.83 3.62
C VAL H 189 47.60 -30.47 3.46
N ASP H 190 47.63 -31.80 3.46
CA ASP H 190 48.88 -32.56 3.38
C ASP H 190 49.10 -32.98 1.93
N LEU H 191 49.94 -32.22 1.22
CA LEU H 191 50.22 -32.47 -0.18
C LEU H 191 51.33 -33.49 -0.40
N THR H 192 51.64 -34.28 0.63
CA THR H 192 52.69 -35.29 0.50
C THR H 192 52.23 -36.44 -0.39
N LYS H 193 50.97 -36.86 -0.24
CA LYS H 193 50.39 -37.92 -1.06
C LYS H 193 49.68 -37.38 -2.29
N ALA H 194 50.07 -36.20 -2.76
CA ALA H 194 49.48 -35.59 -3.94
C ALA H 194 49.96 -36.25 -5.23
N LYS H 195 49.08 -36.25 -6.23
CA LYS H 195 49.41 -36.75 -7.56
C LYS H 195 50.42 -35.82 -8.22
N ARG H 196 51.51 -36.41 -8.74
CA ARG H 196 52.60 -35.64 -9.31
C ARG H 196 52.89 -35.95 -10.77
N GLN H 197 52.40 -37.06 -11.30
CA GLN H 197 52.53 -37.36 -12.72
C GLN H 197 51.21 -37.92 -13.25
N ASP H 198 51.06 -37.87 -14.57
CA ASP H 198 49.78 -38.16 -15.19
C ASP H 198 49.37 -39.62 -14.99
N LEU H 199 50.31 -40.54 -15.21
CA LEU H 199 49.98 -41.96 -15.25
C LEU H 199 49.31 -42.43 -13.96
N GLU H 200 48.31 -43.30 -14.11
CA GLU H 200 47.59 -43.92 -12.98
C GLU H 200 47.66 -45.42 -13.17
N PRO H 201 48.70 -46.08 -12.64
CA PRO H 201 48.93 -47.49 -12.99
C PRO H 201 47.84 -48.43 -12.49
N SER H 202 47.36 -48.27 -11.25
CA SER H 202 46.29 -49.12 -10.76
C SER H 202 45.04 -48.99 -11.62
N VAL H 203 44.71 -47.76 -12.01
CA VAL H 203 43.54 -47.52 -12.84
C VAL H 203 43.74 -48.17 -14.20
N GLU H 204 44.91 -47.94 -14.82
CA GLU H 204 45.19 -48.52 -16.13
C GLU H 204 45.10 -50.04 -16.10
N GLU H 205 45.58 -50.68 -15.02
CA GLU H 205 45.52 -52.14 -14.92
C GLU H 205 44.09 -52.61 -14.76
N ALA H 206 43.34 -52.01 -13.83
CA ALA H 206 41.94 -52.40 -13.64
C ALA H 206 41.15 -52.22 -14.93
N ARG H 207 41.50 -51.22 -15.74
CA ARG H 207 40.78 -50.99 -16.98
C ARG H 207 41.18 -52.00 -18.06
N TYR H 208 42.48 -52.32 -18.16
CA TYR H 208 42.89 -53.34 -19.12
C TYR H 208 42.20 -54.66 -18.84
N ASN H 209 42.03 -55.00 -17.56
CA ASN H 209 41.30 -56.23 -17.26
C ASN H 209 39.79 -56.10 -17.51
N SER H 210 39.30 -54.89 -17.80
CA SER H 210 37.88 -54.67 -18.04
C SER H 210 37.43 -54.90 -19.48
N CYS H 211 38.34 -55.10 -20.42
CA CYS H 211 37.93 -55.19 -21.82
C CYS H 211 37.66 -56.63 -22.27
N CYS I 28 29.03 -49.96 -26.47
CA CYS I 28 29.81 -48.85 -27.00
C CYS I 28 29.93 -47.72 -25.97
N PHE I 29 30.14 -46.50 -26.44
CA PHE I 29 30.29 -45.36 -25.55
C PHE I 29 28.92 -44.89 -25.04
N GLY I 30 28.87 -44.53 -23.76
CA GLY I 30 27.63 -44.21 -23.11
C GLY I 30 26.83 -45.39 -22.65
N GLN I 31 27.20 -46.61 -23.03
CA GLN I 31 26.48 -47.81 -22.62
C GLN I 31 27.26 -48.68 -21.63
N CYS I 32 28.58 -48.69 -21.71
CA CYS I 32 29.40 -49.53 -20.83
C CYS I 32 29.16 -49.17 -19.36
N GLN I 33 29.02 -50.19 -18.52
CA GLN I 33 28.95 -49.99 -17.08
C GLN I 33 30.30 -50.33 -16.47
N TYR I 34 30.78 -49.48 -15.57
CA TYR I 34 32.10 -49.66 -14.98
C TYR I 34 32.15 -50.93 -14.14
N THR I 35 33.20 -51.72 -14.35
CA THR I 35 33.44 -52.87 -13.50
C THR I 35 33.98 -52.40 -12.15
N ALA I 36 33.81 -53.26 -11.14
CA ALA I 36 34.15 -52.89 -9.77
C ALA I 36 35.60 -52.43 -9.63
N GLU I 37 36.53 -53.13 -10.28
CA GLU I 37 37.94 -52.79 -10.13
C GLU I 37 38.23 -51.39 -10.66
N GLU I 38 37.79 -51.09 -11.87
CA GLU I 38 38.05 -49.79 -12.46
C GLU I 38 37.28 -48.69 -11.74
N TYR I 39 36.03 -48.98 -11.36
CA TYR I 39 35.26 -48.00 -10.59
C TYR I 39 36.02 -47.59 -9.34
N GLN I 40 36.46 -48.58 -8.55
CA GLN I 40 37.11 -48.23 -7.28
C GLN I 40 38.46 -47.54 -7.52
N ALA I 41 39.24 -48.02 -8.49
CA ALA I 41 40.50 -47.38 -8.82
C ALA I 41 40.29 -45.90 -9.13
N ILE I 42 39.33 -45.58 -10.00
CA ILE I 42 39.10 -44.20 -10.39
C ILE I 42 38.54 -43.40 -9.22
N GLN I 43 37.63 -44.00 -8.45
CA GLN I 43 37.06 -43.33 -7.29
C GLN I 43 38.15 -42.92 -6.30
N LYS I 44 39.11 -43.80 -6.05
CA LYS I 44 40.24 -43.44 -5.19
C LYS I 44 41.12 -42.39 -5.85
N ALA I 45 41.48 -42.60 -7.12
CA ALA I 45 42.43 -41.73 -7.78
C ALA I 45 41.93 -40.29 -7.90
N LEU I 46 40.62 -40.10 -8.08
CA LEU I 46 40.11 -38.75 -8.26
C LEU I 46 40.23 -37.89 -7.01
N ARG I 47 40.41 -38.50 -5.84
CA ARG I 47 40.55 -37.71 -4.62
C ARG I 47 41.89 -36.99 -4.56
N GLN I 48 42.92 -37.52 -5.20
CA GLN I 48 44.26 -36.95 -5.12
C GLN I 48 44.26 -35.48 -5.53
N ARG I 49 44.92 -34.65 -4.71
CA ARG I 49 45.22 -33.29 -5.12
C ARG I 49 46.47 -33.28 -6.01
N LEU I 50 46.63 -32.18 -6.75
CA LEU I 50 47.69 -32.07 -7.74
C LEU I 50 48.94 -31.46 -7.12
N GLY I 51 50.10 -31.98 -7.51
CA GLY I 51 51.36 -31.41 -7.11
C GLY I 51 51.61 -30.09 -7.80
N PRO I 52 52.68 -29.39 -7.41
CA PRO I 52 52.96 -28.06 -7.99
C PRO I 52 53.33 -28.10 -9.47
N GLU I 53 53.62 -29.27 -10.04
CA GLU I 53 53.99 -29.33 -11.45
C GLU I 53 52.86 -28.87 -12.36
N TYR I 54 51.60 -29.02 -11.92
CA TYR I 54 50.45 -28.73 -12.76
C TYR I 54 50.00 -27.28 -12.65
N ILE I 55 50.15 -26.66 -11.50
CA ILE I 55 49.54 -25.37 -11.22
C ILE I 55 50.39 -24.26 -11.82
N SER I 56 49.71 -23.29 -12.44
CA SER I 56 50.33 -22.08 -12.95
C SER I 56 49.53 -20.88 -12.44
N SER I 57 50.05 -19.68 -12.69
CA SER I 57 49.42 -18.48 -12.16
C SER I 57 49.63 -17.31 -13.10
N ARG I 58 48.69 -16.35 -13.06
CA ARG I 58 48.81 -15.11 -13.79
C ARG I 58 48.40 -13.98 -12.85
N MET I 59 48.49 -12.74 -13.35
CA MET I 59 48.09 -11.57 -12.59
C MET I 59 46.81 -10.99 -13.20
N ALA I 60 45.76 -10.89 -12.38
CA ALA I 60 44.50 -10.33 -12.82
C ALA I 60 44.60 -8.81 -12.87
N GLY I 61 43.46 -8.13 -13.07
CA GLY I 61 43.49 -6.69 -13.21
C GLY I 61 43.89 -5.97 -11.93
N GLY I 62 43.56 -6.56 -10.78
CA GLY I 62 43.88 -5.96 -9.51
C GLY I 62 45.26 -6.31 -8.99
N GLY I 63 46.12 -6.82 -9.87
CA GLY I 63 47.45 -7.23 -9.48
C GLY I 63 47.47 -8.39 -8.51
N GLN I 64 46.49 -9.29 -8.60
CA GLN I 64 46.35 -10.42 -7.70
C GLN I 64 46.80 -11.70 -8.39
N LYS I 65 47.32 -12.63 -7.58
CA LYS I 65 47.79 -13.92 -8.10
C LYS I 65 46.61 -14.87 -8.23
N VAL I 66 46.37 -15.36 -9.46
CA VAL I 66 45.25 -16.24 -9.77
C VAL I 66 45.82 -17.55 -10.32
N CYS I 67 45.44 -18.66 -9.69
CA CYS I 67 45.91 -19.97 -10.11
C CYS I 67 45.00 -20.59 -11.17
N TYR I 68 45.58 -21.50 -11.95
CA TYR I 68 44.86 -22.22 -12.99
C TYR I 68 45.71 -23.38 -13.46
N ILE I 69 45.07 -24.33 -14.15
CA ILE I 69 45.74 -25.46 -14.79
C ILE I 69 45.67 -25.27 -16.30
N GLU I 70 46.79 -25.43 -16.98
CA GLU I 70 46.80 -25.28 -18.43
C GLU I 70 46.01 -26.41 -19.10
N GLY I 71 45.43 -26.08 -20.26
CA GLY I 71 44.52 -27.01 -20.92
C GLY I 71 45.11 -28.38 -21.16
N HIS I 72 46.29 -28.44 -21.78
CA HIS I 72 46.88 -29.73 -22.15
C HIS I 72 47.12 -30.62 -20.94
N ARG I 73 47.44 -30.02 -19.79
CA ARG I 73 47.60 -30.83 -18.58
C ARG I 73 46.29 -31.47 -18.17
N VAL I 74 45.17 -30.74 -18.27
CA VAL I 74 43.88 -31.30 -17.92
C VAL I 74 43.49 -32.40 -18.92
N ILE I 75 43.80 -32.18 -20.20
CA ILE I 75 43.49 -33.18 -21.22
C ILE I 75 44.23 -34.47 -20.92
N ASN I 76 45.52 -34.36 -20.59
CA ASN I 76 46.32 -35.55 -20.27
C ASN I 76 45.84 -36.20 -18.98
N LEU I 77 45.46 -35.40 -17.99
CA LEU I 77 44.89 -35.93 -16.76
C LEU I 77 43.67 -36.80 -17.05
N ALA I 78 42.76 -36.29 -17.90
CA ALA I 78 41.56 -37.05 -18.21
C ALA I 78 41.88 -38.28 -19.04
N ASN I 79 42.80 -38.15 -20.00
CA ASN I 79 43.19 -39.29 -20.82
C ASN I 79 43.78 -40.42 -19.98
N GLU I 80 44.51 -40.07 -18.93
CA GLU I 80 45.05 -41.10 -18.06
C GLU I 80 44.00 -41.63 -17.08
N MET I 81 43.09 -40.78 -16.59
CA MET I 81 42.11 -41.21 -15.62
C MET I 81 41.09 -42.17 -16.23
N PHE I 82 40.59 -41.86 -17.43
CA PHE I 82 39.52 -42.63 -18.03
C PHE I 82 39.94 -43.36 -19.30
N GLY I 83 41.11 -43.07 -19.82
CA GLY I 83 41.44 -43.59 -21.13
C GLY I 83 41.07 -42.62 -22.22
N TYR I 84 41.81 -42.70 -23.34
CA TYR I 84 41.52 -41.84 -24.48
C TYR I 84 40.10 -42.02 -25.00
N ASN I 85 39.49 -43.18 -24.76
CA ASN I 85 38.15 -43.49 -25.25
C ASN I 85 37.15 -43.71 -24.12
N GLY I 86 37.44 -43.19 -22.93
CA GLY I 86 36.57 -43.40 -21.78
C GLY I 86 35.87 -42.12 -21.34
N TRP I 87 36.30 -40.99 -21.89
CA TRP I 87 35.66 -39.71 -21.66
C TRP I 87 35.47 -38.99 -22.99
N ALA I 88 34.46 -38.11 -23.03
CA ALA I 88 34.15 -37.36 -24.23
C ALA I 88 33.59 -36.00 -23.82
N HIS I 89 33.70 -35.03 -24.71
CA HIS I 89 33.08 -33.73 -24.49
C HIS I 89 32.56 -33.18 -25.81
N SER I 90 31.54 -32.34 -25.68
CA SER I 90 30.90 -31.71 -26.83
C SER I 90 30.52 -30.29 -26.44
N ILE I 91 30.41 -29.44 -27.45
CA ILE I 91 30.03 -28.04 -27.24
C ILE I 91 28.53 -27.96 -27.46
N THR I 92 27.77 -27.83 -26.37
CA THR I 92 26.31 -27.71 -26.48
C THR I 92 25.93 -26.40 -27.17
N GLN I 93 26.57 -25.30 -26.81
CA GLN I 93 26.29 -24.01 -27.40
C GLN I 93 27.45 -23.06 -27.12
N GLN I 94 27.83 -22.29 -28.13
CA GLN I 94 28.74 -21.16 -27.97
C GLN I 94 28.02 -19.90 -28.43
N ASN I 95 28.05 -18.87 -27.59
CA ASN I 95 27.29 -17.65 -27.86
C ASN I 95 28.21 -16.46 -27.67
N VAL I 96 28.34 -15.63 -28.71
CA VAL I 96 29.10 -14.40 -28.62
C VAL I 96 28.23 -13.37 -27.90
N ASP I 97 28.65 -12.97 -26.69
CA ASP I 97 27.85 -12.05 -25.90
C ASP I 97 27.87 -10.65 -26.51
N PHE I 98 29.04 -10.19 -26.95
CA PHE I 98 29.15 -8.85 -27.51
C PHE I 98 30.45 -8.74 -28.29
N VAL I 99 30.45 -7.83 -29.27
CA VAL I 99 31.63 -7.39 -29.97
C VAL I 99 31.52 -5.87 -30.08
N ASP I 100 32.32 -5.16 -29.28
CA ASP I 100 32.24 -3.71 -29.21
C ASP I 100 33.50 -3.08 -29.79
N LEU I 101 33.33 -1.91 -30.38
CA LEU I 101 34.43 -1.15 -30.95
C LEU I 101 34.49 0.16 -30.17
N ASN I 102 35.52 0.30 -29.35
CA ASN I 102 35.69 1.49 -28.51
C ASN I 102 37.01 2.14 -28.84
N ASN I 103 36.94 3.31 -29.46
CA ASN I 103 38.09 4.10 -29.90
C ASN I 103 39.21 3.21 -30.45
N GLY I 104 38.84 2.42 -31.46
CA GLY I 104 39.77 1.67 -32.28
C GLY I 104 40.16 0.30 -31.76
N LYS I 105 39.69 -0.10 -30.60
CA LYS I 105 39.99 -1.42 -30.04
C LYS I 105 38.73 -2.25 -29.87
N PHE I 106 38.88 -3.55 -30.03
CA PHE I 106 37.77 -4.50 -29.99
C PHE I 106 37.76 -5.22 -28.65
N TYR I 107 36.57 -5.35 -28.06
CA TYR I 107 36.40 -5.99 -26.76
C TYR I 107 35.32 -7.05 -26.94
N VAL I 108 35.69 -8.32 -26.72
CA VAL I 108 34.84 -9.44 -27.10
C VAL I 108 34.66 -10.34 -25.89
N GLY I 109 33.41 -10.70 -25.60
CA GLY I 109 33.12 -11.71 -24.60
C GLY I 109 32.31 -12.83 -25.21
N VAL I 110 32.72 -14.06 -24.99
CA VAL I 110 32.10 -15.23 -25.57
C VAL I 110 31.95 -16.30 -24.50
N CYS I 111 30.75 -16.86 -24.37
CA CYS I 111 30.50 -17.97 -23.47
C CYS I 111 30.31 -19.25 -24.28
N ALA I 112 30.67 -20.37 -23.67
CA ALA I 112 30.50 -21.68 -24.27
C ALA I 112 29.98 -22.65 -23.23
N PHE I 113 29.16 -23.60 -23.64
CA PHE I 113 28.63 -24.60 -22.73
C PHE I 113 29.20 -25.94 -23.17
N VAL I 114 30.09 -26.50 -22.36
CA VAL I 114 30.80 -27.73 -22.67
C VAL I 114 30.26 -28.81 -21.74
N ARG I 115 29.94 -29.98 -22.30
CA ARG I 115 29.40 -31.11 -21.54
C ARG I 115 30.35 -32.30 -21.70
N VAL I 116 30.93 -32.73 -20.60
CA VAL I 116 31.79 -33.91 -20.57
C VAL I 116 30.94 -35.12 -20.21
N GLN I 117 31.18 -36.23 -20.91
CA GLN I 117 30.47 -37.46 -20.63
C GLN I 117 31.47 -38.61 -20.53
N LEU I 118 31.23 -39.52 -19.60
CA LEU I 118 32.07 -40.69 -19.45
C LEU I 118 31.48 -41.88 -20.20
N LYS I 119 32.28 -42.93 -20.35
CA LYS I 119 31.83 -44.09 -21.13
C LYS I 119 30.67 -44.83 -20.48
N ASP I 120 30.25 -44.44 -19.28
CA ASP I 120 29.10 -45.05 -18.62
C ASP I 120 27.85 -44.21 -18.72
N GLY I 121 27.90 -43.07 -19.43
CA GLY I 121 26.77 -42.20 -19.56
C GLY I 121 26.75 -41.04 -18.59
N SER I 122 27.52 -41.13 -17.51
CA SER I 122 27.64 -40.02 -16.57
C SER I 122 28.15 -38.78 -17.29
N TYR I 123 27.64 -37.62 -16.90
CA TYR I 123 27.95 -36.39 -17.62
C TYR I 123 28.06 -35.22 -16.66
N HIS I 124 28.82 -34.21 -17.08
CA HIS I 124 28.89 -32.95 -16.37
C HIS I 124 29.02 -31.82 -17.39
N GLU I 125 28.17 -30.82 -17.28
CA GLU I 125 28.14 -29.69 -18.20
C GLU I 125 28.31 -28.39 -17.42
N ASP I 126 29.15 -27.50 -17.94
CA ASP I 126 29.39 -26.22 -17.30
C ASP I 126 29.68 -25.18 -18.39
N VAL I 127 29.88 -23.93 -17.95
CA VAL I 127 30.11 -22.81 -18.85
C VAL I 127 31.55 -22.36 -18.75
N GLY I 128 32.15 -22.06 -19.90
CA GLY I 128 33.41 -21.37 -19.94
C GLY I 128 33.26 -20.01 -20.58
N TYR I 129 34.18 -19.10 -20.29
CA TYR I 129 34.17 -17.78 -20.91
C TYR I 129 35.50 -17.53 -21.60
N GLY I 130 35.46 -16.70 -22.62
CA GLY I 130 36.66 -16.33 -23.35
C GLY I 130 36.66 -14.84 -23.59
N VAL I 131 37.77 -14.18 -23.28
CA VAL I 131 37.84 -12.73 -23.28
C VAL I 131 39.01 -12.28 -24.14
N SER I 132 38.81 -11.19 -24.87
CA SER I 132 39.89 -10.54 -25.61
C SER I 132 39.60 -9.05 -25.63
N GLU I 133 40.38 -8.28 -24.86
CA GLU I 133 40.21 -6.84 -24.73
C GLU I 133 41.48 -6.14 -25.16
N GLY I 134 41.35 -5.13 -26.01
CA GLY I 134 42.45 -4.27 -26.37
C GLY I 134 42.97 -4.48 -27.76
N LEU I 135 42.76 -5.65 -28.35
CA LEU I 135 43.31 -5.93 -29.66
C LEU I 135 42.63 -5.07 -30.72
N LYS I 136 43.40 -4.66 -31.72
CA LYS I 136 42.89 -3.84 -32.81
C LYS I 136 42.31 -4.67 -33.95
N SER I 137 42.67 -5.94 -34.04
CA SER I 137 42.16 -6.84 -35.06
C SER I 137 40.96 -7.59 -34.51
N LYS I 138 39.79 -7.38 -35.14
CA LYS I 138 38.57 -8.08 -34.73
C LYS I 138 38.70 -9.60 -34.85
N ALA I 139 39.32 -10.07 -35.94
CA ALA I 139 39.39 -11.51 -36.19
C ALA I 139 40.17 -12.23 -35.09
N LEU I 140 41.31 -11.67 -34.68
CA LEU I 140 42.09 -12.32 -33.64
C LEU I 140 41.39 -12.25 -32.29
N SER I 141 40.68 -11.16 -32.02
CA SER I 141 39.89 -11.06 -30.80
C SER I 141 38.85 -12.16 -30.75
N LEU I 142 38.09 -12.33 -31.84
CA LEU I 142 37.08 -13.38 -31.88
C LEU I 142 37.69 -14.77 -31.75
N GLU I 143 38.81 -15.02 -32.44
CA GLU I 143 39.46 -16.32 -32.34
C GLU I 143 39.87 -16.62 -30.91
N LYS I 144 40.53 -15.66 -30.25
CA LYS I 144 40.96 -15.85 -28.88
C LYS I 144 39.77 -16.10 -27.96
N ALA I 145 38.72 -15.30 -28.11
CA ALA I 145 37.59 -15.41 -27.19
C ALA I 145 36.88 -16.73 -27.34
N ARG I 146 36.65 -17.17 -28.58
CA ARG I 146 35.95 -18.43 -28.81
C ARG I 146 36.76 -19.62 -28.30
N LYS I 147 38.04 -19.69 -28.69
CA LYS I 147 38.86 -20.83 -28.28
C LYS I 147 39.01 -20.88 -26.76
N GLU I 148 39.27 -19.73 -26.13
CA GLU I 148 39.37 -19.70 -24.68
C GLU I 148 38.05 -20.10 -24.01
N ALA I 149 36.92 -19.64 -24.54
CA ALA I 149 35.63 -20.03 -23.97
C ALA I 149 35.47 -21.54 -23.97
N VAL I 150 35.81 -22.17 -25.10
CA VAL I 150 35.65 -23.61 -25.21
C VAL I 150 36.58 -24.34 -24.23
N THR I 151 37.86 -23.92 -24.19
CA THR I 151 38.82 -24.58 -23.30
C THR I 151 38.44 -24.39 -21.83
N ASP I 152 38.06 -23.17 -21.46
CA ASP I 152 37.61 -22.90 -20.09
C ASP I 152 36.40 -23.75 -19.72
N GLY I 153 35.43 -23.86 -20.63
CA GLY I 153 34.28 -24.69 -20.35
C GLY I 153 34.64 -26.15 -20.15
N LEU I 154 35.59 -26.65 -20.96
CA LEU I 154 36.04 -28.02 -20.78
C LEU I 154 36.73 -28.21 -19.43
N LYS I 155 37.59 -27.26 -19.04
CA LYS I 155 38.25 -27.37 -17.74
C LYS I 155 37.26 -27.35 -16.59
N ARG I 156 36.28 -26.44 -16.65
CA ARG I 156 35.31 -26.34 -15.56
C ARG I 156 34.36 -27.54 -15.53
N ALA I 157 34.09 -28.15 -16.68
CA ALA I 157 33.28 -29.37 -16.68
C ALA I 157 34.06 -30.54 -16.12
N LEU I 158 35.36 -30.66 -16.45
CA LEU I 158 36.15 -31.76 -15.94
C LEU I 158 36.43 -31.63 -14.45
N ARG I 159 36.51 -30.39 -13.94
CA ARG I 159 36.71 -30.19 -12.50
C ARG I 159 35.71 -30.95 -11.64
N SER I 160 34.47 -31.08 -12.10
CA SER I 160 33.38 -31.59 -11.28
C SER I 160 33.50 -33.08 -10.94
N PHE I 161 34.52 -33.78 -11.46
CA PHE I 161 34.69 -35.20 -11.16
C PHE I 161 35.53 -35.47 -9.93
N GLY I 162 36.28 -34.50 -9.45
CA GLY I 162 37.06 -34.65 -8.23
C GLY I 162 38.31 -33.80 -8.27
N ASN I 163 39.07 -33.88 -7.18
CA ASN I 163 40.27 -33.06 -7.02
C ASN I 163 41.31 -33.36 -8.10
N ALA I 164 41.47 -34.64 -8.46
CA ALA I 164 42.53 -35.03 -9.39
C ALA I 164 42.40 -34.34 -10.74
N LEU I 165 41.18 -33.95 -11.13
CA LEU I 165 40.96 -33.27 -12.40
C LEU I 165 40.81 -31.76 -12.24
N GLY I 166 41.04 -31.24 -11.04
CA GLY I 166 41.15 -29.80 -10.86
C GLY I 166 40.25 -29.20 -9.81
N ASN I 167 39.52 -30.02 -9.05
CA ASN I 167 38.59 -29.45 -8.06
C ASN I 167 39.34 -28.80 -6.90
N CYS I 168 40.50 -29.35 -6.52
CA CYS I 168 41.21 -28.84 -5.36
C CYS I 168 41.71 -27.42 -5.56
N ILE I 169 41.90 -26.99 -6.81
CA ILE I 169 42.42 -25.65 -7.08
C ILE I 169 41.54 -24.56 -6.48
N LEU I 170 40.29 -24.87 -6.16
CA LEU I 170 39.40 -23.88 -5.57
C LEU I 170 39.48 -23.82 -4.06
N ASP I 171 40.22 -24.74 -3.45
CA ASP I 171 40.36 -24.81 -1.99
C ASP I 171 41.49 -23.87 -1.57
N LYS I 172 41.14 -22.85 -0.77
CA LYS I 172 42.14 -21.89 -0.32
C LYS I 172 43.17 -22.56 0.59
N ASP I 173 42.76 -23.58 1.33
CA ASP I 173 43.69 -24.34 2.15
C ASP I 173 44.68 -25.11 1.28
N TYR I 174 44.19 -25.68 0.17
CA TYR I 174 45.06 -26.33 -0.78
C TYR I 174 46.08 -25.36 -1.34
N LEU I 175 45.66 -24.11 -1.58
CA LEU I 175 46.56 -23.11 -2.12
C LEU I 175 47.62 -22.72 -1.11
N ARG I 176 47.23 -22.54 0.16
CA ARG I 176 48.22 -22.27 1.19
C ARG I 176 49.23 -23.40 1.30
N SER I 177 48.74 -24.65 1.31
CA SER I 177 49.63 -25.80 1.34
C SER I 177 50.47 -25.91 0.08
N LEU I 178 50.07 -25.24 -1.01
CA LEU I 178 50.88 -25.23 -2.22
C LEU I 178 51.99 -24.18 -2.14
N ASN I 179 51.71 -23.06 -1.48
CA ASN I 179 52.74 -22.01 -1.40
C ASN I 179 53.92 -22.42 -0.52
N LYS I 180 53.69 -23.20 0.54
CA LYS I 180 54.76 -23.62 1.42
C LYS I 180 55.75 -24.56 0.75
N LEU I 181 55.44 -25.07 -0.45
CA LEU I 181 56.36 -25.97 -1.13
C LEU I 181 57.40 -25.20 -1.93
N PRO I 182 58.59 -25.76 -2.09
CA PRO I 182 59.64 -25.09 -2.86
C PRO I 182 59.26 -24.94 -4.33
N ARG I 183 59.37 -23.71 -4.83
CA ARG I 183 59.11 -23.42 -6.24
C ARG I 183 60.14 -24.14 -7.09
N GLN I 184 59.72 -25.23 -7.73
CA GLN I 184 60.60 -26.06 -8.54
C GLN I 184 60.80 -25.46 -9.93
N LEU I 185 61.98 -25.73 -10.49
CA LEU I 185 62.34 -25.26 -11.82
C LEU I 185 61.63 -26.10 -12.88
N PRO I 186 61.26 -25.49 -14.03
CA PRO I 186 60.58 -26.25 -15.09
C PRO I 186 61.29 -27.55 -15.44
N LEU I 187 60.60 -28.67 -15.28
CA LEU I 187 61.17 -29.95 -15.64
C LEU I 187 61.46 -29.99 -17.14
N GLU I 188 62.48 -30.74 -17.52
CA GLU I 188 62.83 -30.89 -18.93
C GLU I 188 62.28 -32.22 -19.45
N VAL I 189 61.92 -32.23 -20.72
CA VAL I 189 61.27 -33.36 -21.35
C VAL I 189 62.27 -34.12 -22.20
N ASP I 190 62.24 -35.44 -22.10
CA ASP I 190 63.20 -36.30 -22.79
C ASP I 190 62.60 -36.72 -24.13
N LEU I 191 62.98 -36.02 -25.20
CA LEU I 191 62.46 -36.26 -26.53
C LEU I 191 63.26 -37.30 -27.31
N THR I 192 64.06 -38.12 -26.62
CA THR I 192 64.87 -39.10 -27.32
C THR I 192 64.01 -40.24 -27.89
N LYS I 193 63.03 -40.70 -27.11
CA LYS I 193 62.10 -41.75 -27.52
C LYS I 193 60.83 -41.18 -28.15
N ALA I 194 60.91 -40.00 -28.75
CA ALA I 194 59.75 -39.37 -29.38
C ALA I 194 59.35 -40.09 -30.67
N LYS I 195 58.07 -40.03 -30.97
CA LYS I 195 57.51 -40.60 -32.20
C LYS I 195 58.01 -39.85 -33.42
N ARG I 196 58.54 -40.58 -34.40
CA ARG I 196 59.14 -39.99 -35.59
C ARG I 196 58.50 -40.38 -36.92
N GLN I 197 57.69 -41.44 -36.97
CA GLN I 197 56.97 -41.76 -38.20
C GLN I 197 55.54 -42.16 -37.86
N ASP I 198 54.68 -42.10 -38.88
CA ASP I 198 53.25 -42.27 -38.68
C ASP I 198 52.91 -43.68 -38.19
N LEU I 199 53.52 -44.69 -38.80
CA LEU I 199 53.13 -46.08 -38.56
C LEU I 199 53.22 -46.44 -37.09
N GLU I 200 52.22 -47.19 -36.62
CA GLU I 200 52.17 -47.73 -35.27
C GLU I 200 51.98 -49.23 -35.43
N PRO I 201 53.08 -50.00 -35.53
CA PRO I 201 52.93 -51.41 -35.94
C PRO I 201 52.18 -52.28 -34.96
N SER I 202 52.46 -52.17 -33.65
CA SER I 202 51.71 -52.96 -32.67
C SER I 202 50.24 -52.62 -32.72
N VAL I 203 49.91 -51.35 -32.92
CA VAL I 203 48.52 -50.93 -33.02
C VAL I 203 47.87 -51.56 -34.25
N GLU I 204 48.55 -51.51 -35.39
CA GLU I 204 48.02 -52.14 -36.59
C GLU I 204 47.79 -53.63 -36.39
N GLU I 205 48.69 -54.30 -35.68
CA GLU I 205 48.53 -55.73 -35.45
C GLU I 205 47.30 -56.00 -34.59
N ALA I 206 47.22 -55.31 -33.45
CA ALA I 206 46.06 -55.49 -32.57
C ALA I 206 44.75 -55.16 -33.28
N ARG I 207 44.75 -54.17 -34.18
CA ARG I 207 43.52 -53.81 -34.88
C ARG I 207 43.16 -54.83 -35.95
N TYR I 208 44.15 -55.31 -36.70
CA TYR I 208 43.89 -56.38 -37.68
C TYR I 208 43.33 -57.61 -36.99
N ASN I 209 43.82 -57.93 -35.79
CA ASN I 209 43.28 -59.09 -35.09
C ASN I 209 41.90 -58.84 -34.51
N SER I 210 41.42 -57.59 -34.53
CA SER I 210 40.10 -57.27 -34.01
C SER I 210 38.98 -57.42 -35.03
N CYS I 211 39.30 -57.60 -36.30
CA CYS I 211 38.28 -57.65 -37.34
C CYS I 211 37.86 -59.10 -37.63
N CYS J 28 29.06 -51.89 -36.64
CA CYS J 28 29.50 -50.87 -37.60
C CYS J 28 30.19 -49.72 -36.87
N PHE J 29 30.20 -48.54 -37.49
CA PHE J 29 30.85 -47.39 -36.88
C PHE J 29 29.97 -46.79 -35.79
N GLY J 30 30.61 -46.38 -34.69
CA GLY J 30 29.91 -45.92 -33.52
C GLY J 30 29.37 -47.02 -32.63
N GLN J 31 29.40 -48.27 -33.07
CA GLN J 31 28.92 -49.41 -32.31
C GLN J 31 30.02 -50.35 -31.85
N CYS J 32 31.09 -50.49 -32.63
CA CYS J 32 32.18 -51.40 -32.29
C CYS J 32 32.79 -51.03 -30.94
N GLN J 33 33.06 -52.04 -30.11
CA GLN J 33 33.72 -51.85 -28.84
C GLN J 33 35.19 -52.24 -28.96
N TYR J 34 36.07 -51.40 -28.41
CA TYR J 34 37.51 -51.65 -28.51
C TYR J 34 37.91 -52.90 -27.73
N THR J 35 38.68 -53.76 -28.38
CA THR J 35 39.27 -54.93 -27.73
C THR J 35 40.45 -54.52 -26.85
N ALA J 36 40.76 -55.38 -25.87
CA ALA J 36 41.83 -55.07 -24.92
C ALA J 36 43.16 -54.82 -25.62
N GLU J 37 43.51 -55.66 -26.59
CA GLU J 37 44.80 -55.51 -27.27
C GLU J 37 44.87 -54.19 -28.04
N GLU J 38 43.83 -53.89 -28.81
CA GLU J 38 43.82 -52.66 -29.61
C GLU J 38 43.71 -51.43 -28.71
N TYR J 39 42.85 -51.50 -27.68
CA TYR J 39 42.77 -50.39 -26.74
C TYR J 39 44.13 -50.09 -26.12
N GLN J 40 44.83 -51.13 -25.65
CA GLN J 40 46.10 -50.90 -24.96
C GLN J 40 47.14 -50.37 -25.92
N ALA J 41 47.23 -50.94 -27.12
CA ALA J 41 48.16 -50.43 -28.13
C ALA J 41 47.92 -48.95 -28.42
N ILE J 42 46.65 -48.57 -28.63
CA ILE J 42 46.35 -47.18 -28.99
C ILE J 42 46.63 -46.25 -27.81
N GLN J 43 46.21 -46.66 -26.61
CA GLN J 43 46.46 -45.86 -25.41
C GLN J 43 47.95 -45.63 -25.21
N LYS J 44 48.77 -46.66 -25.43
CA LYS J 44 50.21 -46.50 -25.32
C LYS J 44 50.73 -45.54 -26.37
N ALA J 45 50.31 -45.73 -27.63
CA ALA J 45 50.82 -44.93 -28.73
C ALA J 45 50.46 -43.46 -28.60
N LEU J 46 49.29 -43.14 -28.03
CA LEU J 46 48.88 -41.75 -27.91
C LEU J 46 49.73 -40.95 -26.94
N ARG J 47 50.46 -41.62 -26.04
CA ARG J 47 51.31 -40.90 -25.09
C ARG J 47 52.52 -40.28 -25.76
N GLN J 48 52.98 -40.85 -26.88
CA GLN J 48 54.17 -40.37 -27.56
C GLN J 48 54.09 -38.89 -27.90
N ARG J 49 55.14 -38.16 -27.59
CA ARG J 49 55.31 -36.81 -28.12
C ARG J 49 55.86 -36.88 -29.55
N LEU J 50 55.70 -35.80 -30.29
CA LEU J 50 56.09 -35.78 -31.70
C LEU J 50 57.55 -35.37 -31.87
N GLY J 51 58.23 -36.06 -32.77
CA GLY J 51 59.58 -35.69 -33.15
C GLY J 51 59.61 -34.42 -33.98
N PRO J 52 60.81 -33.92 -34.27
CA PRO J 52 60.93 -32.67 -35.02
C PRO J 52 60.45 -32.77 -36.47
N GLU J 53 60.26 -33.97 -37.01
CA GLU J 53 59.80 -34.09 -38.39
C GLU J 53 58.40 -33.51 -38.58
N TYR J 54 57.59 -33.52 -37.51
CA TYR J 54 56.21 -33.06 -37.60
C TYR J 54 56.07 -31.57 -37.35
N ILE J 55 56.94 -31.00 -36.53
CA ILE J 55 56.76 -29.63 -36.09
C ILE J 55 57.28 -28.67 -37.15
N SER J 56 56.50 -27.62 -37.39
CA SER J 56 56.84 -26.51 -38.27
C SER J 56 56.59 -25.22 -37.52
N SER J 57 56.92 -24.09 -38.14
CA SER J 57 56.74 -22.80 -37.47
C SER J 57 56.31 -21.77 -38.50
N ARG J 58 55.44 -20.87 -38.04
CA ARG J 58 54.91 -19.77 -38.82
C ARG J 58 54.77 -18.54 -37.92
N MET J 59 54.20 -17.47 -38.46
CA MET J 59 53.94 -16.24 -37.70
C MET J 59 52.46 -16.19 -37.36
N ALA J 60 52.13 -16.49 -36.10
CA ALA J 60 50.77 -16.62 -35.64
C ALA J 60 50.27 -15.31 -35.04
N GLY J 61 49.18 -15.38 -34.26
CA GLY J 61 48.59 -14.24 -33.60
C GLY J 61 49.32 -13.73 -32.38
N GLY J 62 50.43 -14.36 -32.01
CA GLY J 62 51.24 -13.88 -30.91
C GLY J 62 52.40 -13.03 -31.37
N GLY J 63 52.68 -13.07 -32.68
CA GLY J 63 53.73 -12.26 -33.26
C GLY J 63 55.13 -12.77 -33.06
N GLN J 64 55.31 -14.08 -33.05
CA GLN J 64 56.62 -14.68 -32.89
C GLN J 64 56.63 -16.03 -33.61
N LYS J 65 57.78 -16.69 -33.58
CA LYS J 65 57.91 -18.03 -34.15
C LYS J 65 57.07 -19.00 -33.33
N VAL J 66 55.97 -19.45 -33.91
CA VAL J 66 54.95 -20.27 -33.23
C VAL J 66 54.91 -21.63 -33.90
N CYS J 67 54.99 -22.69 -33.11
CA CYS J 67 54.99 -24.04 -33.66
C CYS J 67 53.56 -24.52 -33.90
N TYR J 68 53.45 -25.49 -34.80
CA TYR J 68 52.15 -26.07 -35.19
C TYR J 68 52.44 -27.36 -35.94
N ILE J 69 51.39 -28.16 -36.12
CA ILE J 69 51.45 -29.38 -36.93
C ILE J 69 50.64 -29.13 -38.19
N GLU J 70 51.23 -29.45 -39.34
CA GLU J 70 50.53 -29.25 -40.59
C GLU J 70 49.34 -30.19 -40.71
N GLY J 71 48.32 -29.72 -41.43
CA GLY J 71 47.06 -30.46 -41.50
C GLY J 71 47.23 -31.90 -41.94
N HIS J 72 47.91 -32.10 -43.08
CA HIS J 72 48.06 -33.46 -43.61
C HIS J 72 48.78 -34.37 -42.64
N ARG J 73 49.71 -33.82 -41.86
CA ARG J 73 50.40 -34.62 -40.86
C ARG J 73 49.43 -35.11 -39.79
N VAL J 74 48.52 -34.24 -39.35
CA VAL J 74 47.54 -34.65 -38.35
C VAL J 74 46.59 -35.69 -38.93
N ILE J 75 46.20 -35.51 -40.19
CA ILE J 75 45.32 -36.48 -40.84
C ILE J 75 45.98 -37.85 -40.91
N ASN J 76 47.26 -37.88 -41.32
CA ASN J 76 47.97 -39.16 -41.40
C ASN J 76 48.20 -39.76 -40.03
N LEU J 77 48.50 -38.93 -39.04
CA LEU J 77 48.62 -39.40 -37.66
C LEU J 77 47.35 -40.09 -37.21
N ALA J 78 46.19 -39.49 -37.48
CA ALA J 78 44.92 -40.08 -37.06
C ALA J 78 44.63 -41.35 -37.83
N ASN J 79 44.89 -41.35 -39.14
CA ASN J 79 44.66 -42.55 -39.95
C ASN J 79 45.51 -43.72 -39.46
N GLU J 80 46.73 -43.43 -38.99
CA GLU J 80 47.55 -44.51 -38.47
C GLU J 80 47.16 -44.91 -37.05
N MET J 81 46.73 -43.95 -36.23
CA MET J 81 46.37 -44.27 -34.85
C MET J 81 45.10 -45.10 -34.77
N PHE J 82 44.09 -44.74 -35.56
CA PHE J 82 42.78 -45.37 -35.46
C PHE J 82 42.39 -46.17 -36.68
N GLY J 83 43.13 -46.07 -37.77
CA GLY J 83 42.65 -46.70 -38.98
C GLY J 83 41.81 -45.74 -39.81
N TYR J 84 41.82 -45.99 -41.13
CA TYR J 84 41.04 -45.14 -42.03
C TYR J 84 39.56 -45.16 -41.67
N ASN J 85 39.09 -46.22 -41.04
CA ASN J 85 37.68 -46.39 -40.71
C ASN J 85 37.46 -46.44 -39.20
N GLY J 86 38.38 -45.90 -38.42
CA GLY J 86 38.25 -45.97 -36.98
C GLY J 86 38.01 -44.60 -36.35
N TRP J 87 38.16 -43.55 -37.14
CA TRP J 87 37.85 -42.19 -36.71
C TRP J 87 37.04 -41.47 -37.78
N ALA J 88 36.27 -40.47 -37.32
CA ALA J 88 35.41 -39.69 -38.21
C ALA J 88 35.31 -38.28 -37.64
N HIS J 89 34.99 -37.33 -38.52
CA HIS J 89 34.75 -35.97 -38.08
C HIS J 89 33.64 -35.34 -38.91
N SER J 90 32.95 -34.38 -38.31
CA SER J 90 31.83 -33.71 -38.96
C SER J 90 31.84 -32.23 -38.56
N ILE J 91 31.25 -31.41 -39.42
CA ILE J 91 31.13 -29.98 -39.18
C ILE J 91 29.75 -29.74 -38.57
N THR J 92 29.71 -29.50 -37.26
CA THR J 92 28.45 -29.20 -36.60
C THR J 92 27.91 -27.87 -37.09
N GLN J 93 28.76 -26.86 -37.17
CA GLN J 93 28.36 -25.54 -37.66
C GLN J 93 29.60 -24.77 -38.04
N GLN J 94 29.52 -24.06 -39.16
CA GLN J 94 30.50 -23.05 -39.54
C GLN J 94 29.76 -21.73 -39.71
N ASN J 95 30.28 -20.67 -39.09
CA ASN J 95 29.61 -19.37 -39.06
C ASN J 95 30.61 -18.29 -39.45
N VAL J 96 30.27 -17.51 -40.47
CA VAL J 96 31.08 -16.37 -40.87
C VAL J 96 30.80 -15.23 -39.89
N ASP J 97 31.82 -14.86 -39.11
CA ASP J 97 31.62 -13.83 -38.09
C ASP J 97 31.49 -12.44 -38.71
N PHE J 98 32.34 -12.11 -39.69
CA PHE J 98 32.29 -10.79 -40.29
C PHE J 98 33.07 -10.80 -41.61
N VAL J 99 32.69 -9.87 -42.48
CA VAL J 99 33.43 -9.55 -43.69
C VAL J 99 33.43 -8.04 -43.81
N ASP J 100 34.59 -7.41 -43.55
CA ASP J 100 34.72 -5.97 -43.56
C ASP J 100 35.65 -5.51 -44.68
N LEU J 101 35.37 -4.32 -45.21
CA LEU J 101 36.11 -3.74 -46.33
C LEU J 101 36.76 -2.43 -45.87
N ASN J 102 38.08 -2.39 -45.83
CA ASN J 102 38.84 -1.19 -45.45
C ASN J 102 39.77 -0.83 -46.61
N ASN J 103 39.46 0.28 -47.28
CA ASN J 103 40.19 0.81 -48.44
C ASN J 103 40.70 -0.30 -49.35
N GLY J 104 39.76 -1.11 -49.83
CA GLY J 104 40.04 -2.10 -50.84
C GLY J 104 40.55 -3.44 -50.35
N LYS J 105 40.73 -3.60 -49.03
CA LYS J 105 41.18 -4.86 -48.45
C LYS J 105 40.10 -5.44 -47.55
N PHE J 106 40.03 -6.76 -47.54
CA PHE J 106 39.01 -7.51 -46.83
C PHE J 106 39.58 -8.15 -45.57
N TYR J 107 38.82 -8.07 -44.48
CA TYR J 107 39.19 -8.65 -43.20
C TYR J 107 38.05 -9.57 -42.79
N VAL J 108 38.33 -10.87 -42.73
CA VAL J 108 37.29 -11.89 -42.62
C VAL J 108 37.62 -12.80 -41.46
N GLY J 109 36.62 -13.05 -40.61
CA GLY J 109 36.74 -14.06 -39.57
C GLY J 109 35.65 -15.11 -39.66
N VAL J 110 36.03 -16.39 -39.60
CA VAL J 110 35.09 -17.50 -39.74
C VAL J 110 35.42 -18.53 -38.68
N CYS J 111 34.41 -18.96 -37.93
CA CYS J 111 34.54 -20.04 -36.96
C CYS J 111 33.85 -21.29 -37.47
N ALA J 112 34.35 -22.45 -37.03
CA ALA J 112 33.78 -23.75 -37.38
C ALA J 112 33.82 -24.65 -36.16
N PHE J 113 32.81 -25.52 -36.05
CA PHE J 113 32.70 -26.47 -34.94
C PHE J 113 32.83 -27.87 -35.52
N VAL J 114 33.96 -28.53 -35.24
CA VAL J 114 34.27 -29.85 -35.78
C VAL J 114 34.20 -30.84 -34.62
N ARG J 115 33.52 -31.96 -34.85
CA ARG J 115 33.36 -33.02 -33.86
C ARG J 115 33.96 -34.30 -34.39
N VAL J 116 35.01 -34.77 -33.74
CA VAL J 116 35.65 -36.03 -34.09
C VAL J 116 35.03 -37.15 -33.27
N GLN J 117 34.77 -38.29 -33.90
CA GLN J 117 34.23 -39.46 -33.23
C GLN J 117 35.04 -40.70 -33.61
N LEU J 118 35.25 -41.57 -32.63
CA LEU J 118 35.92 -42.85 -32.87
C LEU J 118 34.88 -43.93 -33.11
N LYS J 119 35.36 -45.09 -33.57
CA LYS J 119 34.44 -46.17 -33.94
C LYS J 119 33.67 -46.74 -32.76
N ASP J 120 33.98 -46.32 -31.53
CA ASP J 120 33.26 -46.78 -30.34
C ASP J 120 32.30 -45.75 -29.79
N GLY J 121 32.15 -44.60 -30.46
CA GLY J 121 31.26 -43.54 -30.02
C GLY J 121 31.93 -42.43 -29.24
N SER J 122 33.13 -42.65 -28.73
CA SER J 122 33.86 -41.58 -28.05
C SER J 122 34.06 -40.41 -29.00
N TYR J 123 33.96 -39.20 -28.46
CA TYR J 123 33.94 -38.01 -29.31
C TYR J 123 34.66 -36.85 -28.62
N HIS J 124 35.15 -35.93 -29.46
CA HIS J 124 35.68 -34.66 -28.99
C HIS J 124 35.30 -33.59 -30.00
N GLU J 125 34.73 -32.50 -29.51
CA GLU J 125 34.31 -31.39 -30.35
C GLU J 125 35.00 -30.12 -29.87
N ASP J 126 35.51 -29.33 -30.81
CA ASP J 126 36.21 -28.09 -30.49
C ASP J 126 35.97 -27.07 -31.58
N VAL J 127 36.51 -25.87 -31.38
CA VAL J 127 36.32 -24.73 -32.28
C VAL J 127 37.61 -24.44 -33.04
N GLY J 128 37.48 -24.19 -34.34
CA GLY J 128 38.56 -23.65 -35.14
C GLY J 128 38.24 -22.27 -35.68
N TYR J 129 39.26 -21.48 -36.01
CA TYR J 129 39.03 -20.18 -36.61
C TYR J 129 39.81 -20.04 -37.90
N GLY J 130 39.32 -19.18 -38.78
CA GLY J 130 39.96 -18.90 -40.05
C GLY J 130 39.96 -17.42 -40.32
N VAL J 131 41.11 -16.87 -40.68
CA VAL J 131 41.31 -15.43 -40.81
C VAL J 131 41.90 -15.11 -42.17
N SER J 132 41.47 -13.98 -42.76
CA SER J 132 42.10 -13.46 -43.96
C SER J 132 41.98 -11.94 -43.93
N GLU J 133 43.09 -11.26 -43.66
CA GLU J 133 43.13 -9.80 -43.60
C GLU J 133 44.16 -9.29 -44.58
N GLY J 134 43.76 -8.32 -45.40
CA GLY J 134 44.65 -7.64 -46.30
C GLY J 134 44.43 -7.99 -47.76
N LEU J 135 43.82 -9.14 -48.03
CA LEU J 135 43.62 -9.56 -49.41
C LEU J 135 42.59 -8.67 -50.10
N LYS J 136 42.78 -8.47 -51.40
CA LYS J 136 41.85 -7.65 -52.18
C LYS J 136 40.70 -8.43 -52.76
N SER J 137 40.81 -9.76 -52.87
CA SER J 137 39.75 -10.58 -53.43
C SER J 137 38.87 -11.11 -52.29
N LYS J 138 37.59 -10.72 -52.32
CA LYS J 138 36.65 -11.22 -51.32
C LYS J 138 36.53 -12.73 -51.35
N ALA J 139 36.47 -13.31 -52.56
CA ALA J 139 36.30 -14.75 -52.70
C ALA J 139 37.47 -15.51 -52.07
N LEU J 140 38.70 -15.03 -52.32
CA LEU J 140 39.86 -15.72 -51.76
C LEU J 140 39.92 -15.56 -50.25
N SER J 141 39.51 -14.39 -49.73
CA SER J 141 39.46 -14.20 -48.29
C SER J 141 38.48 -15.18 -47.64
N LEU J 142 37.26 -15.27 -48.18
CA LEU J 142 36.27 -16.17 -47.62
C LEU J 142 36.73 -17.62 -47.72
N GLU J 143 37.29 -18.02 -48.87
CA GLU J 143 37.77 -19.39 -49.03
C GLU J 143 38.84 -19.72 -48.00
N LYS J 144 39.84 -18.83 -47.86
CA LYS J 144 40.92 -19.05 -46.91
C LYS J 144 40.36 -19.16 -45.49
N ALA J 145 39.44 -18.26 -45.12
CA ALA J 145 38.93 -18.24 -43.76
C ALA J 145 38.12 -19.50 -43.46
N ARG J 146 37.24 -19.91 -44.38
CA ARG J 146 36.41 -21.08 -44.13
C ARG J 146 37.25 -22.36 -44.03
N LYS J 147 38.12 -22.59 -45.03
CA LYS J 147 38.93 -23.80 -45.01
C LYS J 147 39.85 -23.83 -43.80
N GLU J 148 40.49 -22.71 -43.48
CA GLU J 148 41.34 -22.65 -42.30
C GLU J 148 40.55 -22.93 -41.02
N ALA J 149 39.34 -22.36 -40.91
CA ALA J 149 38.51 -22.61 -39.73
C ALA J 149 38.23 -24.10 -39.57
N VAL J 150 37.84 -24.77 -40.66
CA VAL J 150 37.51 -26.19 -40.56
C VAL J 150 38.74 -27.01 -40.20
N THR J 151 39.87 -26.75 -40.87
CA THR J 151 41.09 -27.51 -40.58
C THR J 151 41.58 -27.28 -39.16
N ASP J 152 41.58 -26.03 -38.71
CA ASP J 152 41.97 -25.70 -37.34
C ASP J 152 41.06 -26.40 -36.33
N GLY J 153 39.75 -26.40 -36.58
CA GLY J 153 38.85 -27.09 -35.68
C GLY J 153 39.13 -28.59 -35.63
N LEU J 154 39.44 -29.18 -36.77
CA LEU J 154 39.76 -30.61 -36.78
C LEU J 154 41.04 -30.89 -35.99
N LYS J 155 42.07 -30.07 -36.18
CA LYS J 155 43.30 -30.25 -35.43
C LYS J 155 43.07 -30.10 -33.93
N ARG J 156 42.30 -29.10 -33.51
CA ARG J 156 42.08 -28.89 -32.08
C ARG J 156 41.17 -29.96 -31.49
N ALA J 157 40.27 -30.54 -32.29
CA ALA J 157 39.46 -31.64 -31.80
C ALA J 157 40.30 -32.90 -31.63
N LEU J 158 41.24 -33.14 -32.55
CA LEU J 158 42.12 -34.29 -32.43
C LEU J 158 43.13 -34.11 -31.29
N ARG J 159 43.47 -32.86 -30.95
CA ARG J 159 44.37 -32.59 -29.83
C ARG J 159 43.95 -33.33 -28.57
N SER J 160 42.64 -33.42 -28.32
CA SER J 160 42.14 -33.91 -27.03
C SER J 160 42.36 -35.40 -26.82
N PHE J 161 42.89 -36.11 -27.80
CA PHE J 161 43.12 -37.55 -27.65
C PHE J 161 44.49 -37.89 -27.07
N GLY J 162 45.43 -36.98 -27.07
CA GLY J 162 46.72 -37.23 -26.45
C GLY J 162 47.83 -36.48 -27.16
N ASN J 163 49.05 -36.67 -26.63
CA ASN J 163 50.20 -35.97 -27.17
C ASN J 163 50.46 -36.33 -28.62
N ALA J 164 50.28 -37.61 -28.98
CA ALA J 164 50.62 -38.06 -30.32
C ALA J 164 49.81 -37.36 -31.40
N LEU J 165 48.60 -36.88 -31.06
CA LEU J 165 47.76 -36.18 -32.02
C LEU J 165 47.80 -34.67 -31.86
N GLY J 166 48.68 -34.15 -31.00
CA GLY J 166 48.93 -32.73 -31.00
C GLY J 166 48.78 -32.02 -29.66
N ASN J 167 48.52 -32.76 -28.59
CA ASN J 167 48.37 -32.11 -27.30
C ASN J 167 49.69 -31.57 -26.78
N CYS J 168 50.80 -32.28 -27.06
CA CYS J 168 52.11 -31.90 -26.55
C CYS J 168 52.62 -30.58 -27.15
N ILE J 169 52.12 -30.18 -28.33
CA ILE J 169 52.58 -28.94 -28.96
C ILE J 169 52.35 -27.74 -28.05
N LEU J 170 51.47 -27.87 -27.05
CA LEU J 170 51.18 -26.80 -26.11
C LEU J 170 52.08 -26.82 -24.88
N ASP J 171 52.92 -27.85 -24.74
CA ASP J 171 53.79 -28.00 -23.58
C ASP J 171 55.05 -27.18 -23.79
N LYS J 172 55.26 -26.17 -22.94
CA LYS J 172 56.41 -25.28 -23.07
C LYS J 172 57.72 -26.01 -22.82
N ASP J 173 57.72 -26.99 -21.93
CA ASP J 173 58.92 -27.79 -21.68
C ASP J 173 59.24 -28.62 -22.90
N TYR J 174 58.21 -29.18 -23.55
CA TYR J 174 58.39 -29.90 -24.80
C TYR J 174 58.96 -28.99 -25.87
N LEU J 175 58.55 -27.72 -25.90
CA LEU J 175 59.07 -26.81 -26.91
C LEU J 175 60.54 -26.50 -26.66
N ARG J 176 60.92 -26.27 -25.40
CA ARG J 176 62.33 -26.05 -25.09
C ARG J 176 63.16 -27.29 -25.46
N SER J 177 62.69 -28.47 -25.08
CA SER J 177 63.38 -29.70 -25.44
C SER J 177 63.40 -29.94 -26.94
N LEU J 178 62.50 -29.29 -27.69
CA LEU J 178 62.51 -29.41 -29.14
C LEU J 178 63.55 -28.48 -29.77
N ASN J 179 63.76 -27.30 -29.19
CA ASN J 179 64.74 -26.38 -29.77
C ASN J 179 66.16 -26.92 -29.64
N LYS J 180 66.45 -27.61 -28.54
CA LYS J 180 67.77 -28.18 -28.27
C LYS J 180 68.12 -29.35 -29.21
N LEU J 181 67.17 -29.82 -30.02
CA LEU J 181 67.45 -30.91 -30.93
C LEU J 181 68.06 -30.38 -32.22
N PRO J 182 68.91 -31.17 -32.89
CA PRO J 182 69.51 -30.72 -34.15
C PRO J 182 68.44 -30.50 -35.21
N ARG J 183 68.42 -29.30 -35.78
CA ARG J 183 67.45 -28.98 -36.83
C ARG J 183 67.77 -29.80 -38.06
N GLN J 184 66.99 -30.84 -38.30
CA GLN J 184 67.21 -31.73 -39.42
C GLN J 184 66.64 -31.15 -40.71
N LEU J 185 67.27 -31.51 -41.83
CA LEU J 185 66.91 -31.03 -43.15
C LEU J 185 65.64 -31.74 -43.63
N PRO J 186 64.80 -31.05 -44.44
CA PRO J 186 63.58 -31.67 -44.96
C PRO J 186 63.78 -33.06 -45.53
N LEU J 187 63.07 -34.04 -44.97
CA LEU J 187 63.16 -35.41 -45.41
C LEU J 187 62.76 -35.56 -46.87
N GLU J 188 63.36 -36.55 -47.53
CA GLU J 188 63.07 -36.84 -48.93
C GLU J 188 62.09 -38.00 -49.02
N VAL J 189 61.23 -37.94 -50.03
CA VAL J 189 60.16 -38.92 -50.24
C VAL J 189 60.55 -39.83 -51.39
N ASP J 190 60.38 -41.14 -51.20
CA ASP J 190 60.75 -42.14 -52.19
C ASP J 190 59.51 -42.49 -53.00
N LEU J 191 59.38 -41.87 -54.16
CA LEU J 191 58.22 -42.04 -55.04
C LEU J 191 58.37 -43.21 -56.01
N THR J 192 59.27 -44.15 -55.74
CA THR J 192 59.42 -45.28 -56.66
C THR J 192 58.21 -46.20 -56.62
N LYS J 193 57.68 -46.46 -55.43
CA LYS J 193 56.48 -47.28 -55.25
C LYS J 193 55.20 -46.47 -55.24
N ALA J 194 55.17 -45.33 -55.92
CA ALA J 194 53.97 -44.49 -55.95
C ALA J 194 52.86 -45.17 -56.76
N LYS J 195 51.63 -44.89 -56.36
CA LYS J 195 50.46 -45.45 -57.04
C LYS J 195 50.34 -44.87 -58.44
N ARG J 196 50.22 -45.75 -59.44
CA ARG J 196 50.23 -45.33 -60.84
C ARG J 196 48.96 -45.66 -61.62
N GLN J 197 48.12 -46.56 -61.13
CA GLN J 197 46.83 -46.82 -61.78
C GLN J 197 45.75 -46.98 -60.71
N ASP J 198 44.51 -46.83 -61.15
CA ASP J 198 43.39 -46.79 -60.21
C ASP J 198 43.20 -48.15 -59.52
N LEU J 199 43.27 -49.23 -60.30
CA LEU J 199 42.93 -50.55 -59.80
C LEU J 199 43.77 -50.95 -58.59
N GLU J 200 43.12 -51.60 -57.63
CA GLU J 200 43.75 -52.14 -56.42
C GLU J 200 43.40 -53.63 -56.38
N PRO J 201 44.22 -54.49 -57.00
CA PRO J 201 43.79 -55.90 -57.16
C PRO J 201 43.64 -56.65 -55.84
N SER J 202 44.59 -56.50 -54.93
CA SER J 202 44.48 -57.17 -53.63
C SER J 202 43.25 -56.68 -52.88
N VAL J 203 42.97 -55.38 -52.95
CA VAL J 203 41.80 -54.83 -52.28
C VAL J 203 40.53 -55.40 -52.89
N GLU J 204 40.45 -55.41 -54.23
CA GLU J 204 39.29 -55.96 -54.91
C GLU J 204 39.06 -57.42 -54.54
N GLU J 205 40.15 -58.19 -54.40
CA GLU J 205 40.01 -59.60 -54.04
C GLU J 205 39.49 -59.74 -52.60
N ALA J 206 40.11 -59.01 -51.67
CA ALA J 206 39.66 -59.06 -50.28
C ALA J 206 38.19 -58.66 -50.15
N ARG J 207 37.73 -57.73 -50.98
CA ARG J 207 36.34 -57.29 -50.92
C ARG J 207 35.41 -58.30 -51.58
N TYR J 208 35.84 -58.90 -52.70
CA TYR J 208 35.01 -59.89 -53.40
C TYR J 208 34.66 -61.05 -52.47
N ASN J 209 35.63 -61.51 -51.69
CA ASN J 209 35.41 -62.58 -50.73
C ASN J 209 34.64 -62.13 -49.51
N SER J 210 34.41 -60.83 -49.35
CA SER J 210 33.68 -60.30 -48.21
C SER J 210 32.17 -60.28 -48.42
N CYS J 211 31.69 -60.54 -49.64
CA CYS J 211 30.27 -60.42 -49.95
C CYS J 211 29.55 -61.75 -49.75
N CYS K 28 22.99 -53.36 -44.97
CA CYS K 28 23.00 -52.36 -46.04
C CYS K 28 24.14 -51.38 -45.86
N PHE K 29 23.98 -50.16 -46.39
CA PHE K 29 25.02 -49.15 -46.29
C PHE K 29 24.97 -48.52 -44.90
N GLY K 30 26.16 -48.26 -44.35
CA GLY K 30 26.27 -47.80 -42.98
C GLY K 30 26.21 -48.89 -41.93
N GLN K 31 25.88 -50.13 -42.30
CA GLN K 31 25.79 -51.25 -41.39
C GLN K 31 26.93 -52.26 -41.55
N CYS K 32 27.45 -52.41 -42.77
CA CYS K 32 28.48 -53.40 -43.03
C CYS K 32 29.72 -53.17 -42.16
N GLN K 33 30.26 -54.24 -41.60
CA GLN K 33 31.51 -54.19 -40.86
C GLN K 33 32.62 -54.72 -41.74
N TYR K 34 33.75 -54.01 -41.79
CA TYR K 34 34.85 -54.41 -42.65
C TYR K 34 35.47 -55.72 -42.18
N THR K 35 35.66 -56.64 -43.13
CA THR K 35 36.39 -57.86 -42.84
C THR K 35 37.87 -57.58 -42.72
N ALA K 36 38.58 -58.46 -42.02
CA ALA K 36 40.01 -58.26 -41.78
C ALA K 36 40.78 -58.08 -43.08
N GLU K 37 40.49 -58.92 -44.08
CA GLU K 37 41.23 -58.85 -45.34
C GLU K 37 41.01 -57.50 -46.02
N GLU K 38 39.74 -57.07 -46.12
CA GLU K 38 39.46 -55.82 -46.81
C GLU K 38 39.98 -54.63 -46.01
N TYR K 39 39.83 -54.66 -44.68
CA TYR K 39 40.39 -53.59 -43.86
C TYR K 39 41.89 -53.46 -44.10
N GLN K 40 42.62 -54.57 -44.06
CA GLN K 40 44.07 -54.49 -44.20
C GLN K 40 44.45 -54.01 -45.60
N ALA K 41 43.79 -54.54 -46.62
CA ALA K 41 44.05 -54.11 -47.99
C ALA K 41 43.86 -52.60 -48.15
N ILE K 42 42.73 -52.08 -47.67
CA ILE K 42 42.44 -50.66 -47.86
C ILE K 42 43.37 -49.80 -47.03
N GLN K 43 43.62 -50.20 -45.78
CA GLN K 43 44.54 -49.46 -44.92
C GLN K 43 45.92 -49.36 -45.54
N LYS K 44 46.43 -50.46 -46.10
CA LYS K 44 47.71 -50.42 -46.78
C LYS K 44 47.67 -49.56 -48.02
N ALA K 45 46.63 -49.75 -48.85
CA ALA K 45 46.56 -49.05 -50.13
C ALA K 45 46.45 -47.54 -49.96
N LEU K 46 45.79 -47.07 -48.91
CA LEU K 46 45.61 -45.63 -48.73
C LEU K 46 46.91 -44.90 -48.39
N ARG K 47 47.95 -45.60 -47.95
CA ARG K 47 49.21 -44.93 -47.65
C ARG K 47 49.93 -44.49 -48.92
N GLN K 48 49.71 -45.19 -50.04
CA GLN K 48 50.39 -44.88 -51.29
C GLN K 48 50.20 -43.42 -51.66
N ARG K 49 51.30 -42.76 -52.01
CA ARG K 49 51.20 -41.46 -52.65
C ARG K 49 50.89 -41.63 -54.13
N LEU K 50 50.40 -40.56 -54.75
CA LEU K 50 49.98 -40.62 -56.13
C LEU K 50 51.13 -40.27 -57.06
N GLY K 51 51.23 -41.01 -58.16
CA GLY K 51 52.20 -40.74 -59.20
C GLY K 51 51.84 -39.50 -59.99
N PRO K 52 52.72 -39.08 -60.89
CA PRO K 52 52.46 -37.86 -61.68
C PRO K 52 51.27 -37.97 -62.61
N GLU K 53 50.73 -39.17 -62.83
CA GLU K 53 49.57 -39.32 -63.70
C GLU K 53 48.35 -38.59 -63.15
N TYR K 54 48.29 -38.44 -61.83
CA TYR K 54 47.15 -37.85 -61.14
C TYR K 54 47.29 -36.35 -60.95
N ILE K 55 48.51 -35.85 -60.78
CA ILE K 55 48.76 -34.48 -60.36
C ILE K 55 48.67 -33.54 -61.55
N SER K 56 48.05 -32.37 -61.32
CA SER K 56 47.96 -31.31 -62.30
C SER K 56 48.43 -30.00 -61.66
N SER K 57 48.56 -28.96 -62.46
CA SER K 57 49.09 -27.69 -61.98
C SER K 57 48.44 -26.54 -62.73
N ARG K 58 48.35 -25.39 -62.06
CA ARG K 58 47.84 -24.16 -62.67
C ARG K 58 48.71 -23.00 -62.24
N MET K 59 48.36 -21.81 -62.71
CA MET K 59 49.05 -20.57 -62.32
C MET K 59 48.15 -19.76 -61.40
N ALA K 60 48.66 -19.39 -60.24
CA ALA K 60 47.91 -18.70 -59.21
C ALA K 60 48.06 -17.19 -59.38
N GLY K 61 47.55 -16.43 -58.42
CA GLY K 61 47.55 -14.98 -58.52
C GLY K 61 48.92 -14.33 -58.43
N GLY K 62 49.95 -15.09 -58.06
CA GLY K 62 51.29 -14.55 -57.99
C GLY K 62 52.22 -15.16 -59.02
N GLY K 63 51.66 -15.71 -60.08
CA GLY K 63 52.46 -16.39 -61.10
C GLY K 63 53.22 -17.57 -60.55
N GLN K 64 52.56 -18.41 -59.75
CA GLN K 64 53.20 -19.52 -59.07
C GLN K 64 52.51 -20.83 -59.45
N LYS K 65 53.06 -21.93 -58.96
CA LYS K 65 52.61 -23.26 -59.30
C LYS K 65 51.81 -23.84 -58.13
N VAL K 66 50.55 -24.21 -58.40
CA VAL K 66 49.68 -24.85 -57.41
C VAL K 66 49.28 -26.21 -57.97
N CYS K 67 49.56 -27.27 -57.21
CA CYS K 67 49.22 -28.61 -57.62
C CYS K 67 47.81 -28.99 -57.13
N TYR K 68 47.21 -29.94 -57.84
CA TYR K 68 45.88 -30.43 -57.51
C TYR K 68 45.62 -31.71 -58.29
N ILE K 69 44.60 -32.44 -57.86
CA ILE K 69 44.12 -33.64 -58.55
C ILE K 69 42.75 -33.31 -59.14
N GLU K 70 42.56 -33.65 -60.41
CA GLU K 70 41.29 -33.37 -61.08
C GLU K 70 40.19 -34.25 -60.52
N GLY K 71 38.96 -33.73 -60.58
CA GLY K 71 37.82 -34.37 -59.93
C GLY K 71 37.60 -35.81 -60.34
N HIS K 72 37.53 -36.07 -61.65
CA HIS K 72 37.22 -37.42 -62.10
C HIS K 72 38.26 -38.43 -61.63
N ARG K 73 39.52 -37.98 -61.50
CA ARG K 73 40.55 -38.86 -60.97
C ARG K 73 40.25 -39.24 -59.53
N VAL K 74 39.78 -38.29 -58.72
CA VAL K 74 39.45 -38.58 -57.33
C VAL K 74 38.25 -39.51 -57.25
N ILE K 75 37.25 -39.29 -58.11
CA ILE K 75 36.08 -40.17 -58.12
C ILE K 75 36.49 -41.60 -58.45
N ASN K 76 37.32 -41.77 -59.47
CA ASN K 76 37.78 -43.11 -59.84
C ASN K 76 38.63 -43.72 -58.74
N LEU K 77 39.48 -42.91 -58.10
CA LEU K 77 40.30 -43.38 -56.98
C LEU K 77 39.41 -43.93 -55.87
N ALA K 78 38.36 -43.20 -55.50
CA ALA K 78 37.49 -43.66 -54.42
C ALA K 78 36.69 -44.89 -54.84
N ASN K 79 36.20 -44.91 -56.08
CA ASN K 79 35.45 -46.07 -56.56
C ASN K 79 36.32 -47.33 -56.57
N GLU K 80 37.62 -47.19 -56.86
CA GLU K 80 38.50 -48.36 -56.83
C GLU K 80 38.90 -48.73 -55.41
N MET K 81 39.07 -47.74 -54.52
CA MET K 81 39.50 -48.04 -53.16
C MET K 81 38.39 -48.73 -52.37
N PHE K 82 37.14 -48.27 -52.52
CA PHE K 82 36.05 -48.77 -51.70
C PHE K 82 35.00 -49.53 -52.49
N GLY K 83 35.04 -49.48 -53.81
CA GLY K 83 33.93 -50.02 -54.56
C GLY K 83 32.89 -48.96 -54.86
N TYR K 84 32.18 -49.15 -55.98
CA TYR K 84 31.14 -48.22 -56.35
C TYR K 84 30.07 -48.06 -55.28
N ASN K 85 29.90 -49.07 -54.43
CA ASN K 85 28.88 -49.07 -53.38
C ASN K 85 29.50 -49.11 -51.99
N GLY K 86 30.76 -48.70 -51.87
CA GLY K 86 31.44 -48.74 -50.59
C GLY K 86 31.72 -47.37 -50.03
N TRP K 87 31.50 -46.35 -50.85
CA TRP K 87 31.61 -44.96 -50.42
C TRP K 87 30.41 -44.16 -50.91
N ALA K 88 30.10 -43.09 -50.18
CA ALA K 88 28.96 -42.24 -50.51
C ALA K 88 29.29 -40.82 -50.06
N HIS K 89 28.64 -39.85 -50.69
CA HIS K 89 28.76 -38.46 -50.25
C HIS K 89 27.44 -37.75 -50.42
N SER K 90 27.25 -36.71 -49.61
CA SER K 90 26.04 -35.91 -49.62
C SER K 90 26.41 -34.46 -49.37
N ILE K 91 25.55 -33.56 -49.83
CA ILE K 91 25.75 -32.13 -49.64
C ILE K 91 24.94 -31.72 -48.40
N THR K 92 25.64 -31.49 -47.29
CA THR K 92 24.97 -31.07 -46.07
C THR K 92 24.35 -29.68 -46.24
N GLN K 93 25.11 -28.75 -46.82
CA GLN K 93 24.59 -27.42 -47.08
C GLN K 93 25.49 -26.73 -48.10
N GLN K 94 24.86 -25.99 -49.02
CA GLN K 94 25.55 -25.09 -49.92
C GLN K 94 24.96 -23.69 -49.74
N ASN K 95 25.83 -22.70 -49.57
CA ASN K 95 25.42 -21.33 -49.28
C ASN K 95 26.18 -20.37 -50.20
N VAL K 96 25.44 -19.56 -50.94
CA VAL K 96 26.02 -18.53 -51.80
C VAL K 96 26.46 -17.37 -50.90
N ASP K 97 27.78 -17.14 -50.85
CA ASP K 97 28.29 -16.10 -49.96
C ASP K 97 28.01 -14.69 -50.50
N PHE K 98 28.19 -14.48 -51.80
CA PHE K 98 27.99 -13.14 -52.35
C PHE K 98 27.78 -13.21 -53.85
N VAL K 99 27.06 -12.21 -54.37
CA VAL K 99 26.91 -11.98 -55.80
C VAL K 99 27.04 -10.47 -56.03
N ASP K 100 28.17 -10.05 -56.58
CA ASP K 100 28.47 -8.64 -56.80
C ASP K 100 28.54 -8.33 -58.29
N LEU K 101 28.16 -7.09 -58.62
CA LEU K 101 28.18 -6.59 -59.99
C LEU K 101 29.15 -5.43 -60.02
N ASN K 102 30.27 -5.62 -60.73
CA ASN K 102 31.31 -4.60 -60.85
C ASN K 102 31.50 -4.27 -62.33
N ASN K 103 31.09 -3.07 -62.71
CA ASN K 103 31.12 -2.56 -64.08
C ASN K 103 30.80 -3.64 -65.11
N GLY K 104 29.62 -4.25 -64.92
CA GLY K 104 29.03 -5.15 -65.88
C GLY K 104 29.48 -6.60 -65.79
N LYS K 105 30.40 -6.93 -64.90
CA LYS K 105 30.90 -8.28 -64.74
C LYS K 105 30.55 -8.81 -63.35
N PHE K 106 30.30 -10.11 -63.27
CA PHE K 106 29.83 -10.74 -62.05
C PHE K 106 30.94 -11.49 -61.34
N TYR K 107 31.00 -11.34 -60.01
CA TYR K 107 32.00 -11.96 -59.16
C TYR K 107 31.26 -12.69 -58.05
N VAL K 108 31.38 -14.02 -58.02
CA VAL K 108 30.52 -14.87 -57.19
C VAL K 108 31.40 -15.82 -56.37
N GLY K 109 31.12 -15.90 -55.08
CA GLY K 109 31.73 -16.91 -54.22
C GLY K 109 30.69 -17.79 -53.56
N VAL K 110 30.88 -19.11 -53.62
CA VAL K 110 29.92 -20.08 -53.11
C VAL K 110 30.67 -21.16 -52.34
N CYS K 111 30.20 -21.46 -51.13
CA CYS K 111 30.76 -22.54 -50.32
C CYS K 111 29.80 -23.73 -50.27
N ALA K 112 30.36 -24.92 -50.08
CA ALA K 112 29.60 -26.15 -49.97
C ALA K 112 30.19 -27.02 -48.87
N PHE K 113 29.32 -27.76 -48.18
CA PHE K 113 29.71 -28.66 -47.11
C PHE K 113 29.38 -30.09 -47.55
N VAL K 114 30.42 -30.87 -47.82
CA VAL K 114 30.27 -32.23 -48.35
C VAL K 114 30.66 -33.22 -47.27
N ARG K 115 29.83 -34.23 -47.08
CA ARG K 115 30.06 -35.28 -46.08
C ARG K 115 30.14 -36.62 -46.80
N VAL K 116 31.32 -37.24 -46.76
CA VAL K 116 31.55 -38.56 -47.33
C VAL K 116 31.35 -39.60 -46.25
N GLN K 117 30.71 -40.72 -46.60
CA GLN K 117 30.50 -41.82 -45.68
C GLN K 117 30.89 -43.13 -46.33
N LEU K 118 31.51 -44.01 -45.55
CA LEU K 118 31.86 -45.35 -46.03
C LEU K 118 30.77 -46.34 -45.65
N LYS K 119 30.85 -47.54 -46.23
CA LYS K 119 29.81 -48.53 -46.02
C LYS K 119 29.77 -49.04 -44.59
N ASP K 120 30.71 -48.65 -43.74
CA ASP K 120 30.71 -49.04 -42.34
C ASP K 120 30.23 -47.94 -41.40
N GLY K 121 29.80 -46.80 -41.93
CA GLY K 121 29.36 -45.69 -41.13
C GLY K 121 30.42 -44.61 -40.91
N SER K 122 31.69 -44.93 -41.15
CA SER K 122 32.75 -43.94 -41.04
C SER K 122 32.47 -42.77 -41.98
N TYR K 123 32.79 -41.56 -41.54
CA TYR K 123 32.42 -40.37 -42.29
C TYR K 123 33.50 -39.30 -42.18
N HIS K 124 33.55 -38.43 -43.19
CA HIS K 124 34.39 -37.25 -43.16
C HIS K 124 33.68 -36.12 -43.89
N GLU K 125 33.61 -34.95 -43.25
CA GLU K 125 32.93 -33.79 -43.79
C GLU K 125 33.89 -32.62 -43.86
N ASP K 126 33.86 -31.89 -44.97
CA ASP K 126 34.75 -30.75 -45.14
C ASP K 126 34.04 -29.69 -45.99
N VAL K 127 34.73 -28.56 -46.18
CA VAL K 127 34.18 -27.40 -46.88
C VAL K 127 34.88 -27.27 -48.23
N GLY K 128 34.09 -26.99 -49.27
CA GLY K 128 34.61 -26.58 -50.56
C GLY K 128 34.19 -25.16 -50.92
N TYR K 129 34.94 -24.51 -51.81
CA TYR K 129 34.58 -23.17 -52.26
C TYR K 129 34.55 -23.12 -53.78
N GLY K 130 33.75 -22.21 -54.32
CA GLY K 130 33.64 -21.99 -55.75
C GLY K 130 33.62 -20.53 -56.12
N VAL K 131 34.40 -20.13 -57.11
CA VAL K 131 34.60 -18.73 -57.47
C VAL K 131 34.32 -18.57 -58.95
N SER K 132 33.73 -17.42 -59.33
CA SER K 132 33.54 -17.07 -60.74
C SER K 132 33.65 -15.56 -60.89
N GLU K 133 34.74 -15.11 -61.50
CA GLU K 133 35.02 -13.70 -61.70
C GLU K 133 35.17 -13.37 -63.18
N GLY K 134 34.50 -12.31 -63.61
CA GLY K 134 34.69 -11.74 -64.94
C GLY K 134 33.53 -11.98 -65.90
N LEU K 135 32.75 -13.03 -65.69
CA LEU K 135 31.66 -13.31 -66.61
C LEU K 135 30.56 -12.27 -66.49
N LYS K 136 29.93 -11.95 -67.61
CA LYS K 136 28.82 -11.02 -67.60
C LYS K 136 27.48 -11.72 -67.41
N SER K 137 27.43 -13.04 -67.57
CA SER K 137 26.21 -13.81 -67.37
C SER K 137 26.16 -14.27 -65.92
N LYS K 138 25.18 -13.77 -65.17
CA LYS K 138 25.01 -14.16 -63.77
C LYS K 138 24.73 -15.66 -63.64
N ALA K 139 23.90 -16.22 -64.52
CA ALA K 139 23.52 -17.63 -64.39
C ALA K 139 24.74 -18.53 -64.57
N LEU K 140 25.59 -18.25 -65.55
CA LEU K 140 26.76 -19.09 -65.78
C LEU K 140 27.75 -18.94 -64.63
N SER K 141 27.87 -17.74 -64.08
CA SER K 141 28.73 -17.52 -62.91
C SER K 141 28.26 -18.36 -61.73
N LEU K 142 26.95 -18.33 -61.44
CA LEU K 142 26.41 -19.13 -60.34
C LEU K 142 26.61 -20.61 -60.59
N GLU K 143 26.37 -21.08 -61.82
CA GLU K 143 26.56 -22.49 -62.15
C GLU K 143 28.00 -22.91 -61.88
N LYS K 144 28.95 -22.11 -62.39
CA LYS K 144 30.37 -22.41 -62.19
C LYS K 144 30.71 -22.45 -60.71
N ALA K 145 30.26 -21.45 -59.95
CA ALA K 145 30.64 -21.36 -58.55
C ALA K 145 30.06 -22.50 -57.73
N ARG K 146 28.77 -22.81 -57.94
CA ARG K 146 28.14 -23.89 -57.17
C ARG K 146 28.78 -25.24 -57.48
N LYS K 147 28.93 -25.56 -58.77
CA LYS K 147 29.50 -26.85 -59.13
C LYS K 147 30.93 -26.99 -58.64
N GLU K 148 31.74 -25.93 -58.80
CA GLU K 148 33.12 -25.96 -58.32
C GLU K 148 33.16 -26.15 -56.81
N ALA K 149 32.29 -25.44 -56.08
CA ALA K 149 32.25 -25.57 -54.63
C ALA K 149 31.96 -27.02 -54.22
N VAL K 150 30.97 -27.65 -54.86
CA VAL K 150 30.60 -29.01 -54.49
C VAL K 150 31.74 -29.97 -54.79
N THR K 151 32.33 -29.86 -55.99
CA THR K 151 33.41 -30.78 -56.36
C THR K 151 34.61 -30.60 -55.44
N ASP K 152 34.98 -29.34 -55.15
CA ASP K 152 36.08 -29.07 -54.23
C ASP K 152 35.81 -29.66 -52.85
N GLY K 153 34.57 -29.50 -52.35
CA GLY K 153 34.24 -30.08 -51.06
C GLY K 153 34.35 -31.59 -51.06
N LEU K 154 33.95 -32.23 -52.17
CA LEU K 154 34.08 -33.67 -52.25
C LEU K 154 35.55 -34.09 -52.24
N LYS K 155 36.40 -33.37 -52.99
CA LYS K 155 37.82 -33.70 -52.98
C LYS K 155 38.41 -33.54 -51.60
N ARG K 156 38.08 -32.45 -50.91
CA ARG K 156 38.66 -32.22 -49.58
C ARG K 156 38.11 -33.18 -48.53
N ALA K 157 36.86 -33.64 -48.70
CA ALA K 157 36.32 -34.64 -47.78
C ALA K 157 36.98 -35.99 -48.00
N LEU K 158 37.20 -36.38 -49.26
CA LEU K 158 37.85 -37.65 -49.53
C LEU K 158 39.31 -37.63 -49.16
N ARG K 159 39.93 -36.43 -49.19
CA ARG K 159 41.32 -36.28 -48.79
C ARG K 159 41.61 -36.89 -47.42
N SER K 160 40.66 -36.80 -46.50
CA SER K 160 40.89 -37.18 -45.10
C SER K 160 41.03 -38.68 -44.88
N PHE K 161 40.88 -39.50 -45.91
CA PHE K 161 41.01 -40.95 -45.77
C PHE K 161 42.43 -41.44 -45.95
N GLY K 162 43.32 -40.64 -46.52
CA GLY K 162 44.70 -41.04 -46.66
C GLY K 162 45.33 -40.40 -47.89
N ASN K 163 46.61 -40.73 -48.09
CA ASN K 163 47.37 -40.16 -49.20
C ASN K 163 46.76 -40.54 -50.55
N ALA K 164 46.27 -41.78 -50.68
CA ALA K 164 45.80 -42.27 -51.96
C ALA K 164 44.62 -41.46 -52.49
N LEU K 165 43.87 -40.82 -51.60
CA LEU K 165 42.73 -40.00 -52.02
C LEU K 165 43.05 -38.51 -52.05
N GLY K 166 44.30 -38.13 -51.85
CA GLY K 166 44.70 -36.76 -52.11
C GLY K 166 45.39 -36.03 -50.98
N ASN K 167 45.66 -36.71 -49.87
CA ASN K 167 46.31 -36.03 -48.75
C ASN K 167 47.76 -35.69 -49.07
N CYS K 168 48.44 -36.56 -49.82
CA CYS K 168 49.86 -36.36 -50.08
C CYS K 168 50.12 -35.09 -50.86
N ILE K 169 49.13 -34.60 -51.62
CA ILE K 169 49.30 -33.38 -52.39
C ILE K 169 49.67 -32.21 -51.50
N LEU K 170 49.43 -32.30 -50.18
CA LEU K 170 49.76 -31.20 -49.29
C LEU K 170 51.19 -31.28 -48.75
N ASP K 171 51.90 -32.37 -49.03
CA ASP K 171 53.26 -32.56 -48.53
C ASP K 171 54.25 -31.89 -49.46
N LYS K 172 54.97 -30.87 -48.96
CA LYS K 172 55.93 -30.15 -49.79
C LYS K 172 57.07 -31.06 -50.24
N ASP K 173 57.43 -32.03 -49.40
CA ASP K 173 58.46 -32.99 -49.78
C ASP K 173 57.97 -33.87 -50.92
N TYR K 174 56.69 -34.24 -50.87
CA TYR K 174 56.09 -35.00 -51.97
C TYR K 174 56.16 -34.21 -53.27
N LEU K 175 55.98 -32.89 -53.19
CA LEU K 175 56.00 -32.05 -54.38
C LEU K 175 57.42 -31.94 -54.96
N ARG K 176 58.42 -31.73 -54.09
CA ARG K 176 59.79 -31.69 -54.58
C ARG K 176 60.21 -33.03 -55.18
N SER K 177 59.89 -34.14 -54.51
CA SER K 177 60.16 -35.46 -55.06
C SER K 177 59.35 -35.74 -56.32
N LEU K 178 58.27 -34.98 -56.53
CA LEU K 178 57.48 -35.10 -57.75
C LEU K 178 58.13 -34.36 -58.91
N ASN K 179 58.77 -33.23 -58.64
CA ASN K 179 59.43 -32.49 -59.71
C ASN K 179 60.64 -33.25 -60.25
N LYS K 180 61.38 -33.94 -59.37
CA LYS K 180 62.57 -34.67 -59.78
C LYS K 180 62.28 -35.90 -60.65
N LEU K 181 61.00 -36.31 -60.77
CA LEU K 181 60.68 -37.45 -61.62
C LEU K 181 60.43 -36.98 -63.05
N PRO K 182 60.70 -37.82 -64.05
CA PRO K 182 60.49 -37.41 -65.44
C PRO K 182 59.02 -37.13 -65.75
N ARG K 183 58.75 -35.93 -66.27
CA ARG K 183 57.40 -35.53 -66.65
C ARG K 183 56.94 -36.34 -67.86
N GLN K 184 55.98 -37.22 -67.63
CA GLN K 184 55.44 -38.16 -68.61
C GLN K 184 54.48 -37.49 -69.59
N LEU K 185 54.41 -38.06 -70.81
CA LEU K 185 53.49 -37.57 -71.82
C LEU K 185 52.06 -38.02 -71.48
N PRO K 186 51.06 -37.19 -71.81
CA PRO K 186 49.66 -37.59 -71.58
C PRO K 186 49.39 -38.98 -72.13
N LEU K 187 48.98 -39.89 -71.25
CA LEU K 187 48.65 -41.24 -71.69
C LEU K 187 47.51 -41.20 -72.69
N GLU K 188 47.49 -42.19 -73.58
CA GLU K 188 46.44 -42.31 -74.57
C GLU K 188 45.39 -43.31 -74.09
N VAL K 189 44.14 -43.07 -74.48
CA VAL K 189 43.01 -43.87 -74.04
C VAL K 189 42.65 -44.83 -75.15
N ASP K 190 42.49 -46.11 -74.81
CA ASP K 190 42.20 -47.17 -75.78
C ASP K 190 40.70 -47.41 -75.77
N LEU K 191 40.00 -46.80 -76.72
CA LEU K 191 38.54 -46.87 -76.83
C LEU K 191 38.06 -48.07 -77.64
N THR K 192 38.90 -49.10 -77.80
CA THR K 192 38.47 -50.25 -78.60
C THR K 192 37.39 -51.05 -77.88
N LYS K 193 37.55 -51.28 -76.58
CA LYS K 193 36.56 -51.98 -75.77
C LYS K 193 35.59 -51.04 -75.07
N ALA K 194 35.33 -49.87 -75.63
CA ALA K 194 34.40 -48.93 -75.01
C ALA K 194 32.97 -49.47 -75.09
N LYS K 195 32.18 -49.14 -74.08
CA LYS K 195 30.79 -49.57 -74.03
C LYS K 195 29.98 -48.86 -75.11
N ARG K 196 29.29 -49.65 -75.94
CA ARG K 196 28.58 -49.15 -77.11
C ARG K 196 27.09 -49.40 -77.08
N GLN K 197 26.60 -50.29 -76.23
CA GLN K 197 25.18 -50.51 -76.06
C GLN K 197 24.85 -50.66 -74.58
N ASP K 198 23.58 -50.41 -74.26
CA ASP K 198 23.17 -50.27 -72.86
C ASP K 198 23.28 -51.60 -72.11
N LEU K 199 22.80 -52.69 -72.72
CA LEU K 199 22.66 -53.95 -72.02
C LEU K 199 23.99 -54.42 -71.41
N GLU K 200 23.90 -54.98 -70.20
CA GLU K 200 25.03 -55.55 -69.47
C GLU K 200 24.70 -57.00 -69.14
N PRO K 201 25.05 -57.95 -70.01
CA PRO K 201 24.56 -59.32 -69.83
C PRO K 201 25.09 -59.99 -68.57
N SER K 202 26.38 -59.84 -68.27
CA SER K 202 26.92 -60.43 -67.04
C SER K 202 26.24 -59.84 -65.82
N VAL K 203 26.04 -58.52 -65.81
CA VAL K 203 25.39 -57.86 -64.69
C VAL K 203 23.94 -58.30 -64.58
N GLU K 204 23.22 -58.32 -65.70
CA GLU K 204 21.82 -58.73 -65.70
C GLU K 204 21.66 -60.16 -65.18
N GLU K 205 22.56 -61.07 -65.58
CA GLU K 205 22.46 -62.45 -65.10
C GLU K 205 22.76 -62.55 -63.61
N ALA K 206 23.86 -61.91 -63.19
CA ALA K 206 24.19 -61.92 -61.76
C ALA K 206 23.06 -61.35 -60.92
N ARG K 207 22.32 -60.38 -61.45
CA ARG K 207 21.21 -59.80 -60.70
C ARG K 207 19.98 -60.72 -60.70
N TYR K 208 19.69 -61.35 -61.84
CA TYR K 208 18.60 -62.31 -61.89
C TYR K 208 18.82 -63.44 -60.89
N ASN K 209 20.06 -63.88 -60.72
CA ASN K 209 20.32 -64.93 -59.74
C ASN K 209 20.26 -64.43 -58.30
N SER K 210 20.13 -63.12 -58.07
CA SER K 210 20.11 -62.56 -56.72
C SER K 210 18.73 -62.47 -56.08
N CYS K 211 17.64 -62.73 -56.80
CA CYS K 211 16.31 -62.50 -56.24
C CYS K 211 15.73 -63.74 -55.54
N CYS L 28 -31.26 46.52 28.08
CA CYS L 28 -31.73 45.17 27.81
C CYS L 28 -32.33 44.54 29.07
N PHE L 29 -32.30 43.22 29.15
CA PHE L 29 -32.82 42.51 30.31
C PHE L 29 -31.81 42.60 31.45
N GLY L 30 -32.31 42.79 32.67
CA GLY L 30 -31.44 43.06 33.79
C GLY L 30 -31.03 44.50 33.94
N GLN L 31 -31.36 45.36 32.97
CA GLN L 31 -31.05 46.78 33.01
C GLN L 31 -32.26 47.67 33.26
N CYS L 32 -33.44 47.26 32.81
CA CYS L 32 -34.65 48.07 32.96
C CYS L 32 -34.91 48.34 34.44
N GLN L 33 -35.23 49.59 34.77
CA GLN L 33 -35.63 49.95 36.11
C GLN L 33 -37.15 50.08 36.15
N TYR L 34 -37.77 49.52 37.18
CA TYR L 34 -39.22 49.54 37.28
C TYR L 34 -39.72 50.97 37.46
N THR L 35 -40.70 51.36 36.66
CA THR L 35 -41.34 52.64 36.85
C THR L 35 -42.23 52.60 38.08
N ALA L 36 -42.48 53.79 38.64
CA ALA L 36 -43.27 53.87 39.87
C ALA L 36 -44.64 53.20 39.70
N GLU L 37 -45.28 53.44 38.55
CA GLU L 37 -46.61 52.88 38.30
C GLU L 37 -46.55 51.36 38.29
N GLU L 38 -45.60 50.80 37.53
CA GLU L 38 -45.50 49.36 37.41
C GLU L 38 -45.04 48.72 38.72
N TYR L 39 -44.10 49.35 39.41
CA TYR L 39 -43.70 48.85 40.71
C TYR L 39 -44.89 48.75 41.65
N GLN L 40 -45.67 49.82 41.75
CA GLN L 40 -46.79 49.83 42.69
C GLN L 40 -47.85 48.81 42.29
N ALA L 41 -48.17 48.75 41.00
CA ALA L 41 -49.14 47.77 40.52
C ALA L 41 -48.71 46.34 40.87
N ILE L 42 -47.45 46.00 40.59
CA ILE L 42 -46.99 44.63 40.82
C ILE L 42 -46.91 44.33 42.31
N GLN L 43 -46.39 45.28 43.09
CA GLN L 43 -46.29 45.10 44.54
C GLN L 43 -47.66 44.86 45.17
N LYS L 44 -48.67 45.64 44.74
CA LYS L 44 -50.02 45.42 45.27
C LYS L 44 -50.56 44.08 44.81
N ALA L 45 -50.43 43.76 43.51
CA ALA L 45 -51.02 42.54 42.98
C ALA L 45 -50.42 41.28 43.59
N LEU L 46 -49.13 41.29 43.92
CA LEU L 46 -48.49 40.10 44.46
C LEU L 46 -48.95 39.76 45.88
N ARG L 47 -49.55 40.71 46.60
CA ARG L 47 -50.03 40.40 47.94
C ARG L 47 -51.22 39.46 47.93
N GLN L 48 -51.99 39.46 46.84
CA GLN L 48 -53.19 38.64 46.75
C GLN L 48 -52.90 37.18 47.06
N ARG L 49 -53.72 36.59 47.92
CA ARG L 49 -53.71 35.14 48.01
C ARG L 49 -54.52 34.56 46.84
N LEU L 50 -54.27 33.30 46.55
CA LEU L 50 -54.86 32.66 45.38
C LEU L 50 -56.20 32.02 45.69
N GLY L 51 -57.14 32.16 44.76
CA GLY L 51 -58.42 31.52 44.87
C GLY L 51 -58.32 30.02 44.67
N PRO L 52 -59.44 29.31 44.88
CA PRO L 52 -59.42 27.84 44.76
C PRO L 52 -59.17 27.34 43.36
N GLU L 53 -59.27 28.20 42.33
CA GLU L 53 -59.03 27.75 40.96
C GLU L 53 -57.59 27.29 40.76
N TYR L 54 -56.65 27.84 41.52
CA TYR L 54 -55.23 27.56 41.31
C TYR L 54 -54.76 26.33 42.09
N ILE L 55 -55.31 26.09 43.27
CA ILE L 55 -54.78 25.08 44.17
C ILE L 55 -55.27 23.70 43.75
N SER L 56 -54.37 22.72 43.82
CA SER L 56 -54.68 21.33 43.55
C SER L 56 -54.22 20.50 44.75
N SER L 57 -54.56 19.22 44.74
CA SER L 57 -54.25 18.38 45.89
C SER L 57 -53.98 16.95 45.44
N ARG L 58 -53.15 16.27 46.22
CA ARG L 58 -52.85 14.85 46.03
C ARG L 58 -52.83 14.22 47.42
N MET L 59 -52.58 12.91 47.46
CA MET L 59 -52.46 12.19 48.71
C MET L 59 -51.00 11.80 48.94
N ALA L 60 -50.49 12.11 50.14
CA ALA L 60 -49.10 11.88 50.46
C ALA L 60 -48.87 10.41 50.79
N GLY L 61 -47.61 10.08 51.11
CA GLY L 61 -47.27 8.72 51.49
C GLY L 61 -47.90 8.31 52.80
N GLY L 62 -48.13 9.26 53.70
CA GLY L 62 -48.77 8.99 54.97
C GLY L 62 -50.28 9.16 54.98
N GLY L 63 -50.90 9.29 53.81
CA GLY L 63 -52.34 9.45 53.74
C GLY L 63 -52.83 10.79 54.26
N GLN L 64 -52.33 11.87 53.71
CA GLN L 64 -52.69 13.22 54.13
C GLN L 64 -52.72 14.15 52.93
N LYS L 65 -53.66 15.08 52.95
CA LYS L 65 -53.89 15.98 51.82
C LYS L 65 -52.73 16.97 51.68
N VAL L 66 -52.10 16.98 50.52
CA VAL L 66 -51.01 17.91 50.22
C VAL L 66 -51.45 18.80 49.06
N CYS L 67 -51.44 20.10 49.29
CA CYS L 67 -51.80 21.08 48.27
C CYS L 67 -50.57 21.50 47.47
N TYR L 68 -50.82 21.98 46.25
CA TYR L 68 -49.74 22.44 45.38
C TYR L 68 -50.35 23.21 44.22
N ILE L 69 -49.49 23.96 43.53
CA ILE L 69 -49.87 24.66 42.31
C ILE L 69 -49.15 23.99 41.14
N GLU L 70 -49.91 23.68 40.09
CA GLU L 70 -49.32 23.04 38.92
C GLU L 70 -48.44 24.02 38.15
N GLY L 71 -47.42 23.46 37.48
CA GLY L 71 -46.40 24.28 36.83
C GLY L 71 -46.95 25.31 35.86
N HIS L 72 -47.81 24.88 34.93
CA HIS L 72 -48.32 25.79 33.91
C HIS L 72 -49.07 26.97 34.51
N ARG L 73 -49.75 26.75 35.64
CA ARG L 73 -50.42 27.84 36.32
C ARG L 73 -49.41 28.87 36.80
N VAL L 74 -48.28 28.40 37.35
CA VAL L 74 -47.24 29.31 37.82
C VAL L 74 -46.61 30.06 36.66
N ILE L 75 -46.41 29.37 35.53
CA ILE L 75 -45.84 30.04 34.36
C ILE L 75 -46.75 31.16 33.88
N ASN L 76 -48.06 30.89 33.77
CA ASN L 76 -48.98 31.93 33.33
C ASN L 76 -49.10 33.06 34.36
N LEU L 77 -49.10 32.71 35.65
CA LEU L 77 -49.10 33.72 36.69
C LEU L 77 -47.91 34.66 36.55
N ALA L 78 -46.71 34.10 36.32
CA ALA L 78 -45.52 34.94 36.18
C ALA L 78 -45.58 35.75 34.89
N ASN L 79 -46.08 35.15 33.81
CA ASN L 79 -46.20 35.87 32.55
C ASN L 79 -47.13 37.06 32.68
N GLU L 80 -48.19 36.94 33.49
CA GLU L 80 -49.10 38.05 33.68
C GLU L 80 -48.55 39.08 34.67
N MET L 81 -47.84 38.64 35.71
CA MET L 81 -47.37 39.57 36.72
C MET L 81 -46.24 40.46 36.19
N PHE L 82 -45.30 39.87 35.45
CA PHE L 82 -44.12 40.60 35.00
C PHE L 82 -44.06 40.77 33.49
N GLY L 83 -44.93 40.11 32.75
CA GLY L 83 -44.75 40.11 31.31
C GLY L 83 -43.93 38.91 30.85
N TYR L 84 -44.17 38.50 29.61
CA TYR L 84 -43.41 37.39 29.05
C TYR L 84 -41.91 37.65 29.04
N ASN L 85 -41.51 38.92 29.03
CA ASN L 85 -40.10 39.30 28.98
C ASN L 85 -39.67 40.07 30.23
N GLY L 86 -40.41 39.90 31.32
CA GLY L 86 -40.11 40.62 32.54
C GLY L 86 -39.58 39.73 33.63
N TRP L 87 -39.65 38.43 33.42
CA TRP L 87 -39.04 37.46 34.32
C TRP L 87 -38.27 36.43 33.51
N ALA L 88 -37.27 35.84 34.15
CA ALA L 88 -36.43 34.84 33.50
C ALA L 88 -35.99 33.84 34.56
N HIS L 89 -35.67 32.63 34.11
CA HIS L 89 -35.13 31.63 35.02
C HIS L 89 -34.10 30.79 34.28
N SER L 90 -33.16 30.24 35.05
CA SER L 90 -32.08 29.42 34.52
C SER L 90 -31.78 28.32 35.53
N ILE L 91 -31.20 27.23 35.03
CA ILE L 91 -30.83 26.11 35.88
C ILE L 91 -29.37 26.30 36.27
N THR L 92 -29.15 26.73 37.51
CA THR L 92 -27.80 26.94 38.01
C THR L 92 -27.03 25.63 38.09
N GLN L 93 -27.68 24.59 38.63
CA GLN L 93 -27.05 23.29 38.73
C GLN L 93 -28.12 22.25 38.97
N GLN L 94 -27.98 21.11 38.29
CA GLN L 94 -28.78 19.92 38.57
C GLN L 94 -27.84 18.78 38.90
N ASN L 95 -28.09 18.10 40.01
CA ASN L 95 -27.21 17.05 40.51
C ASN L 95 -28.04 15.83 40.85
N VAL L 96 -27.71 14.70 40.24
CA VAL L 96 -28.36 13.43 40.55
C VAL L 96 -27.77 12.92 41.86
N ASP L 97 -28.59 12.87 42.91
CA ASP L 97 -28.08 12.47 44.22
C ASP L 97 -27.75 10.99 44.26
N PHE L 98 -28.63 10.15 43.72
CA PHE L 98 -28.40 8.71 43.76
C PHE L 98 -29.30 8.05 42.73
N VAL L 99 -28.86 6.86 42.30
CA VAL L 99 -29.68 5.97 41.49
C VAL L 99 -29.47 4.56 42.05
N ASP L 100 -30.48 4.04 42.74
CA ASP L 100 -30.39 2.74 43.39
C ASP L 100 -31.31 1.75 42.71
N LEU L 101 -30.90 0.49 42.72
CA LEU L 101 -31.65 -0.60 42.12
C LEU L 101 -32.02 -1.56 43.23
N ASN L 102 -33.32 -1.65 43.52
CA ASN L 102 -33.81 -2.51 44.59
C ASN L 102 -34.77 -3.52 43.97
N ASN L 103 -34.34 -4.78 43.94
CA ASN L 103 -35.08 -5.90 43.36
C ASN L 103 -35.85 -5.50 42.11
N GLY L 104 -35.11 -4.97 41.13
CA GLY L 104 -35.65 -4.70 39.81
C GLY L 104 -36.33 -3.36 39.66
N LYS L 105 -36.39 -2.56 40.73
CA LYS L 105 -37.03 -1.26 40.72
C LYS L 105 -36.00 -0.17 40.98
N PHE L 106 -36.18 0.97 40.33
CA PHE L 106 -35.22 2.06 40.41
C PHE L 106 -35.74 3.15 41.33
N TYR L 107 -34.86 3.66 42.18
CA TYR L 107 -35.18 4.70 43.17
C TYR L 107 -34.19 5.82 42.98
N VAL L 108 -34.69 7.01 42.60
CA VAL L 108 -33.84 8.09 42.12
C VAL L 108 -34.17 9.36 42.89
N GLY L 109 -33.13 10.06 43.34
CA GLY L 109 -33.28 11.40 43.90
C GLY L 109 -32.45 12.40 43.13
N VAL L 110 -33.05 13.51 42.73
CA VAL L 110 -32.38 14.52 41.90
C VAL L 110 -32.71 15.90 42.44
N CYS L 111 -31.70 16.72 42.66
CA CYS L 111 -31.87 18.10 43.06
C CYS L 111 -31.52 19.03 41.90
N ALA L 112 -32.17 20.19 41.87
CA ALA L 112 -31.91 21.21 40.87
C ALA L 112 -31.92 22.57 41.56
N PHE L 113 -31.08 23.48 41.08
CA PHE L 113 -31.02 24.84 41.62
C PHE L 113 -31.42 25.79 40.51
N VAL L 114 -32.59 26.40 40.67
CA VAL L 114 -33.17 27.29 39.67
C VAL L 114 -33.09 28.71 40.22
N ARG L 115 -32.67 29.64 39.37
CA ARG L 115 -32.56 31.06 39.72
C ARG L 115 -33.49 31.86 38.82
N VAL L 116 -34.50 32.49 39.41
CA VAL L 116 -35.43 33.35 38.69
C VAL L 116 -34.91 34.77 38.76
N GLN L 117 -34.97 35.49 37.65
CA GLN L 117 -34.52 36.87 37.58
C GLN L 117 -35.59 37.74 36.91
N LEU L 118 -35.76 38.95 37.43
CA LEU L 118 -36.66 39.92 36.83
C LEU L 118 -35.89 40.85 35.91
N LYS L 119 -36.65 41.61 35.12
CA LYS L 119 -36.04 42.50 34.14
C LYS L 119 -35.28 43.64 34.77
N ASP L 120 -35.32 43.79 36.09
CA ASP L 120 -34.57 44.82 36.79
C ASP L 120 -33.33 44.27 37.48
N GLY L 121 -33.04 42.99 37.32
CA GLY L 121 -31.92 42.36 37.96
C GLY L 121 -32.24 41.66 39.25
N SER L 122 -33.40 41.94 39.85
CA SER L 122 -33.82 41.25 41.05
C SER L 122 -33.88 39.75 40.78
N TYR L 123 -33.49 38.96 41.79
CA TYR L 123 -33.39 37.53 41.58
C TYR L 123 -33.76 36.80 42.87
N HIS L 124 -34.23 35.56 42.70
CA HIS L 124 -34.46 34.65 43.81
C HIS L 124 -34.08 33.25 43.33
N GLU L 125 -33.25 32.55 44.10
CA GLU L 125 -32.77 31.22 43.75
C GLU L 125 -33.15 30.24 44.84
N ASP L 126 -33.61 29.05 44.44
CA ASP L 126 -34.04 28.04 45.38
C ASP L 126 -33.73 26.66 44.80
N VAL L 127 -33.99 25.63 45.60
CA VAL L 127 -33.69 24.25 45.23
C VAL L 127 -35.00 23.52 44.94
N GLY L 128 -35.01 22.72 43.89
CA GLY L 128 -36.10 21.80 43.66
C GLY L 128 -35.63 20.37 43.76
N TYR L 129 -36.54 19.44 44.02
CA TYR L 129 -36.18 18.04 44.07
C TYR L 129 -37.09 17.20 43.17
N GLY L 130 -36.56 16.09 42.70
CA GLY L 130 -37.29 15.17 41.86
C GLY L 130 -37.10 13.73 42.30
N VAL L 131 -38.19 12.98 42.40
CA VAL L 131 -38.18 11.64 42.98
C VAL L 131 -38.81 10.67 41.99
N SER L 132 -38.25 9.46 41.90
CA SER L 132 -38.85 8.39 41.13
C SER L 132 -38.51 7.07 41.81
N GLU L 133 -39.49 6.46 42.46
CA GLU L 133 -39.31 5.21 43.18
C GLU L 133 -40.25 4.16 42.62
N GLY L 134 -39.72 2.98 42.31
CA GLY L 134 -40.51 1.81 41.95
C GLY L 134 -40.47 1.45 40.49
N LEU L 135 -40.16 2.39 39.60
CA LEU L 135 -40.22 2.14 38.17
C LEU L 135 -39.12 1.17 37.75
N LYS L 136 -39.44 0.36 36.73
CA LYS L 136 -38.49 -0.59 36.19
C LYS L 136 -37.61 -0.01 35.09
N SER L 137 -38.02 1.10 34.48
CA SER L 137 -37.24 1.74 33.43
C SER L 137 -36.34 2.81 34.04
N LYS L 138 -35.03 2.60 33.95
CA LYS L 138 -34.08 3.59 34.46
C LYS L 138 -34.23 4.93 33.73
N ALA L 139 -34.41 4.88 32.41
CA ALA L 139 -34.50 6.12 31.63
C ALA L 139 -35.70 6.95 32.04
N LEU L 140 -36.86 6.31 32.23
CA LEU L 140 -38.05 7.06 32.62
C LEU L 140 -37.91 7.60 34.04
N SER L 141 -37.26 6.83 34.93
CA SER L 141 -37.00 7.30 36.28
C SER L 141 -36.16 8.57 36.26
N LEU L 142 -35.06 8.55 35.52
CA LEU L 142 -34.19 9.72 35.45
C LEU L 142 -34.91 10.91 34.82
N GLU L 143 -35.65 10.67 33.73
CA GLU L 143 -36.37 11.77 33.08
C GLU L 143 -37.37 12.41 34.04
N LYS L 144 -38.16 11.59 34.72
CA LYS L 144 -39.14 12.09 35.66
C LYS L 144 -38.47 12.87 36.78
N ALA L 145 -37.38 12.33 37.33
CA ALA L 145 -36.74 12.98 38.47
C ALA L 145 -36.13 14.32 38.06
N ARG L 146 -35.46 14.37 36.90
CA ARG L 146 -34.82 15.61 36.47
C ARG L 146 -35.86 16.69 36.20
N LYS L 147 -36.90 16.36 35.42
CA LYS L 147 -37.91 17.36 35.11
C LYS L 147 -38.63 17.83 36.37
N GLU L 148 -38.96 16.88 37.27
CA GLU L 148 -39.61 17.24 38.53
C GLU L 148 -38.74 18.18 39.35
N ALA L 149 -37.44 17.89 39.43
CA ALA L 149 -36.52 18.76 40.18
C ALA L 149 -36.52 20.17 39.62
N VAL L 150 -36.44 20.31 38.30
CA VAL L 150 -36.37 21.64 37.70
C VAL L 150 -37.67 22.40 37.93
N THR L 151 -38.82 21.75 37.68
CA THR L 151 -40.10 22.42 37.86
C THR L 151 -40.32 22.82 39.32
N ASP L 152 -40.01 21.91 40.26
CA ASP L 152 -40.12 22.23 41.68
C ASP L 152 -39.24 23.41 42.05
N GLY L 153 -38.00 23.44 41.53
CA GLY L 153 -37.11 24.56 41.81
C GLY L 153 -37.66 25.88 41.29
N LEU L 154 -38.28 25.84 40.10
CA LEU L 154 -38.87 27.06 39.56
C LEU L 154 -40.03 27.54 40.43
N LYS L 155 -40.89 26.62 40.86
CA LYS L 155 -42.00 27.00 41.73
C LYS L 155 -41.51 27.59 43.04
N ARG L 156 -40.50 26.95 43.65
CA ARG L 156 -40.02 27.43 44.94
C ARG L 156 -39.25 28.74 44.81
N ALA L 157 -38.61 28.97 43.66
CA ALA L 157 -37.95 30.25 43.45
C ALA L 157 -38.97 31.37 43.23
N LEU L 158 -40.05 31.08 42.50
CA LEU L 158 -41.07 32.09 42.28
C LEU L 158 -41.87 32.37 43.55
N ARG L 159 -41.93 31.40 44.46
CA ARG L 159 -42.61 31.63 45.74
C ARG L 159 -42.14 32.92 46.42
N SER L 160 -40.85 33.23 46.28
CA SER L 160 -40.24 34.32 47.04
C SER L 160 -40.67 35.70 46.58
N PHE L 161 -41.47 35.81 45.52
CA PHE L 161 -41.90 37.12 45.05
C PHE L 161 -43.20 37.59 45.71
N GLY L 162 -43.94 36.70 46.35
CA GLY L 162 -45.14 37.10 47.06
C GLY L 162 -46.17 35.99 47.07
N ASN L 163 -47.29 36.29 47.71
CA ASN L 163 -48.36 35.30 47.88
C ASN L 163 -48.95 34.87 46.54
N ALA L 164 -49.12 35.81 45.61
CA ALA L 164 -49.79 35.53 44.34
C ALA L 164 -49.06 34.47 43.53
N LEU L 165 -47.74 34.32 43.72
CA LEU L 165 -46.94 33.36 42.98
C LEU L 165 -46.67 32.08 43.76
N GLY L 166 -47.30 31.91 44.92
CA GLY L 166 -47.27 30.61 45.58
C GLY L 166 -46.82 30.64 47.03
N ASN L 167 -46.58 31.84 47.57
CA ASN L 167 -46.15 31.90 48.96
C ASN L 167 -47.29 31.54 49.91
N CYS L 168 -48.53 31.88 49.53
CA CYS L 168 -49.68 31.65 50.40
C CYS L 168 -49.96 30.17 50.63
N ILE L 169 -49.52 29.30 49.71
CA ILE L 169 -49.77 27.87 49.85
C ILE L 169 -49.18 27.31 51.15
N LEU L 170 -48.23 28.02 51.75
CA LEU L 170 -47.60 27.57 52.99
C LEU L 170 -48.33 28.08 54.23
N ASP L 171 -49.33 28.94 54.06
CA ASP L 171 -50.05 29.52 55.19
C ASP L 171 -51.17 28.57 55.62
N LYS L 172 -51.08 28.06 56.85
CA LYS L 172 -52.06 27.11 57.36
C LYS L 172 -53.45 27.74 57.50
N ASP L 173 -53.50 29.04 57.81
CA ASP L 173 -54.78 29.73 57.91
C ASP L 173 -55.44 29.85 56.54
N TYR L 174 -54.63 30.14 55.51
CA TYR L 174 -55.12 30.16 54.14
C TYR L 174 -55.67 28.79 53.75
N LEU L 175 -55.04 27.72 54.23
CA LEU L 175 -55.51 26.38 53.92
C LEU L 175 -56.86 26.09 54.57
N ARG L 176 -57.01 26.48 55.85
CA ARG L 176 -58.30 26.29 56.51
C ARG L 176 -59.39 27.08 55.80
N SER L 177 -59.11 28.36 55.50
CA SER L 177 -60.09 29.17 54.78
C SER L 177 -60.34 28.66 53.36
N LEU L 178 -59.44 27.85 52.81
CA LEU L 178 -59.67 27.29 51.48
C LEU L 178 -60.55 26.05 51.53
N ASN L 179 -60.39 25.22 52.56
CA ASN L 179 -61.20 24.00 52.61
C ASN L 179 -62.68 24.29 52.84
N LYS L 180 -62.98 25.31 53.65
CA LYS L 180 -64.37 25.67 53.94
C LYS L 180 -65.11 26.26 52.73
N LEU L 181 -64.41 26.53 51.61
CA LEU L 181 -65.03 27.10 50.44
C LEU L 181 -65.68 26.02 49.57
N PRO L 182 -66.73 26.36 48.83
CA PRO L 182 -67.41 25.36 48.00
C PRO L 182 -66.53 24.81 46.89
N ARG L 183 -66.45 23.49 46.82
CA ARG L 183 -65.70 22.79 45.77
C ARG L 183 -66.33 23.04 44.41
N GLN L 184 -65.67 23.87 43.61
CA GLN L 184 -66.15 24.21 42.28
C GLN L 184 -65.84 23.11 41.28
N LEU L 185 -66.70 23.00 40.27
CA LEU L 185 -66.53 22.01 39.23
C LEU L 185 -65.41 22.44 38.28
N PRO L 186 -64.67 21.47 37.70
CA PRO L 186 -63.62 21.81 36.73
C PRO L 186 -64.09 22.78 35.67
N LEU L 187 -63.40 23.92 35.55
CA LEU L 187 -63.76 24.94 34.58
C LEU L 187 -63.70 24.40 33.16
N GLU L 188 -64.56 24.96 32.31
CA GLU L 188 -64.62 24.60 30.90
C GLU L 188 -63.88 25.65 30.07
N VAL L 189 -63.25 25.20 29.00
CA VAL L 189 -62.40 26.05 28.16
C VAL L 189 -63.12 26.35 26.86
N ASP L 190 -63.11 27.62 26.46
CA ASP L 190 -63.77 28.08 25.24
C ASP L 190 -62.69 28.17 24.16
N LEU L 191 -62.60 27.14 23.31
CA LEU L 191 -61.59 27.05 22.27
C LEU L 191 -62.02 27.71 20.96
N THR L 192 -63.01 28.60 20.99
CA THR L 192 -63.45 29.26 19.76
C THR L 192 -62.42 30.28 19.30
N LYS L 193 -61.84 31.03 20.23
CA LYS L 193 -60.80 32.01 19.92
C LYS L 193 -59.40 31.43 20.03
N ALA L 194 -59.25 30.13 19.87
CA ALA L 194 -57.93 29.50 19.90
C ALA L 194 -57.14 29.83 18.65
N LYS L 195 -55.82 29.93 18.80
CA LYS L 195 -54.96 30.20 17.67
C LYS L 195 -54.97 29.02 16.70
N ARG L 196 -55.26 29.28 15.43
CA ARG L 196 -55.44 28.22 14.45
C ARG L 196 -54.46 28.27 13.29
N GLN L 197 -53.78 29.39 13.06
CA GLN L 197 -52.71 29.44 12.08
C GLN L 197 -51.55 30.22 12.67
N ASP L 198 -50.36 30.02 12.08
CA ASP L 198 -49.14 30.53 12.69
C ASP L 198 -49.10 32.06 12.68
N LEU L 199 -49.46 32.67 11.56
CA LEU L 199 -49.26 34.11 11.36
C LEU L 199 -49.92 34.92 12.47
N GLU L 200 -49.22 35.96 12.90
CA GLU L 200 -49.69 36.91 13.91
C GLU L 200 -49.60 38.29 13.28
N PRO L 201 -50.66 38.74 12.61
CA PRO L 201 -50.54 39.99 11.83
C PRO L 201 -50.25 41.21 12.69
N SER L 202 -50.93 41.34 13.83
CA SER L 202 -50.67 42.46 14.73
C SER L 202 -49.23 42.46 15.21
N VAL L 203 -48.69 41.27 15.51
CA VAL L 203 -47.30 41.17 15.96
C VAL L 203 -46.34 41.58 14.86
N GLU L 204 -46.55 41.06 13.64
CA GLU L 204 -45.70 41.43 12.52
C GLU L 204 -45.73 42.94 12.27
N GLU L 205 -46.92 43.54 12.38
CA GLU L 205 -47.06 44.98 12.17
C GLU L 205 -46.32 45.76 13.24
N ALA L 206 -46.57 45.44 14.50
CA ALA L 206 -45.89 46.12 15.60
C ALA L 206 -44.37 45.95 15.53
N ARG L 207 -43.88 44.80 15.05
CA ARG L 207 -42.44 44.58 14.99
C ARG L 207 -41.77 45.31 13.83
N TYR L 208 -42.43 45.36 12.66
CA TYR L 208 -41.83 46.07 11.54
C TYR L 208 -41.52 47.53 11.88
N ASN L 209 -42.36 48.17 12.69
CA ASN L 209 -42.12 49.56 13.08
C ASN L 209 -40.95 49.72 14.04
N SER L 210 -40.38 48.64 14.56
CA SER L 210 -39.26 48.73 15.48
C SER L 210 -37.90 48.76 14.78
N CYS L 211 -37.85 48.47 13.48
CA CYS L 211 -36.56 48.39 12.80
C CYS L 211 -36.20 49.71 12.13
N CYS M 28 -27.64 45.05 18.87
CA CYS M 28 -27.58 43.69 18.34
C CYS M 28 -28.55 42.78 19.09
N PHE M 29 -28.25 41.48 19.09
CA PHE M 29 -29.10 40.52 19.80
C PHE M 29 -28.79 40.55 21.29
N GLY M 30 -29.83 40.42 22.10
CA GLY M 30 -29.72 40.56 23.53
C GLY M 30 -29.70 41.98 24.05
N GLN M 31 -29.61 42.98 23.17
CA GLN M 31 -29.63 44.38 23.56
C GLN M 31 -30.90 45.12 23.19
N CYS M 32 -31.55 44.77 22.08
CA CYS M 32 -32.75 45.47 21.65
C CYS M 32 -33.81 45.38 22.74
N GLN M 33 -34.42 46.51 23.07
CA GLN M 33 -35.51 46.54 24.05
C GLN M 33 -36.84 46.63 23.32
N TYR M 34 -37.81 45.84 23.79
CA TYR M 34 -39.10 45.76 23.11
C TYR M 34 -39.84 47.09 23.16
N THR M 35 -40.34 47.51 22.01
CA THR M 35 -41.18 48.70 21.91
C THR M 35 -42.59 48.39 22.45
N ALA M 36 -43.28 49.46 22.84
CA ALA M 36 -44.60 49.31 23.43
C ALA M 36 -45.55 48.53 22.52
N GLU M 37 -45.56 48.87 21.23
CA GLU M 37 -46.45 48.18 20.29
C GLU M 37 -46.08 46.71 20.17
N GLU M 38 -44.79 46.42 19.99
CA GLU M 38 -44.37 45.03 19.83
C GLU M 38 -44.54 44.25 21.12
N TYR M 39 -44.22 44.85 22.26
CA TYR M 39 -44.46 44.20 23.53
C TYR M 39 -45.93 43.84 23.68
N GLN M 40 -46.83 44.79 23.41
CA GLN M 40 -48.25 44.54 23.60
C GLN M 40 -48.76 43.45 22.67
N ALA M 41 -48.35 43.52 21.40
CA ALA M 41 -48.74 42.47 20.45
C ALA M 41 -48.29 41.10 20.94
N ILE M 42 -47.02 40.98 21.35
CA ILE M 42 -46.50 39.67 21.74
C ILE M 42 -47.14 39.17 23.03
N GLN M 43 -47.26 40.05 24.03
CA GLN M 43 -47.89 39.66 25.28
C GLN M 43 -49.33 39.22 25.08
N LYS M 44 -50.09 39.94 24.25
CA LYS M 44 -51.47 39.54 23.99
C LYS M 44 -51.52 38.21 23.24
N ALA M 45 -50.70 38.08 22.18
CA ALA M 45 -50.74 36.88 21.35
C ALA M 45 -50.33 35.63 22.13
N LEU M 46 -49.41 35.76 23.09
CA LEU M 46 -48.92 34.59 23.82
C LEU M 46 -49.97 33.97 24.73
N ARG M 47 -51.04 34.71 25.07
CA ARG M 47 -52.09 34.14 25.89
C ARG M 47 -52.91 33.12 25.10
N GLN M 48 -52.98 33.27 23.78
CA GLN M 48 -53.79 32.42 22.93
C GLN M 48 -53.48 30.94 23.14
N ARG M 49 -54.53 30.15 23.29
CA ARG M 49 -54.43 28.70 23.24
C ARG M 49 -54.37 28.21 21.80
N LEU M 50 -53.89 26.99 21.61
CA LEU M 50 -53.72 26.44 20.27
C LEU M 50 -54.95 25.66 19.83
N GLY M 51 -55.31 25.82 18.56
CA GLY M 51 -56.37 25.04 17.97
C GLY M 51 -55.94 23.60 17.77
N PRO M 52 -56.87 22.74 17.34
CA PRO M 52 -56.52 21.32 17.16
C PRO M 52 -55.51 21.06 16.06
N GLU M 53 -55.22 22.05 15.21
CA GLU M 53 -54.24 21.85 14.14
C GLU M 53 -52.84 21.60 14.69
N TYR M 54 -52.53 22.12 15.87
CA TYR M 54 -51.19 22.02 16.41
C TYR M 54 -50.95 20.76 17.22
N ILE M 55 -51.97 20.28 17.91
CA ILE M 55 -51.78 19.18 18.85
C ILE M 55 -51.81 17.87 18.08
N SER M 56 -50.90 16.97 18.43
CA SER M 56 -50.84 15.63 17.86
C SER M 56 -50.81 14.63 19.02
N SER M 57 -50.92 13.35 18.68
CA SER M 57 -51.01 12.34 19.71
C SER M 57 -50.33 11.06 19.23
N ARG M 58 -49.80 10.31 20.19
CA ARG M 58 -49.19 9.02 19.95
C ARG M 58 -49.63 8.07 21.04
N MET M 59 -49.16 6.83 20.98
CA MET M 59 -49.51 5.86 22.01
C MET M 59 -48.32 5.55 22.92
N VAL M 66 -51.11 10.22 24.52
CA VAL M 66 -50.31 11.36 24.96
C VAL M 66 -50.31 12.45 23.90
N CYS M 67 -50.73 13.65 24.28
CA CYS M 67 -50.74 14.78 23.36
C CYS M 67 -49.41 15.52 23.44
N TYR M 68 -49.07 16.20 22.35
CA TYR M 68 -47.84 16.99 22.27
C TYR M 68 -47.92 17.84 21.02
N ILE M 69 -47.01 18.82 20.93
CA ILE M 69 -46.84 19.64 19.75
C ILE M 69 -45.54 19.22 19.08
N GLU M 70 -45.59 18.98 17.76
CA GLU M 70 -44.42 18.54 17.03
C GLU M 70 -43.39 19.66 16.91
N GLY M 71 -42.12 19.24 16.80
CA GLY M 71 -41.01 20.18 16.85
C GLY M 71 -41.14 21.32 15.85
N HIS M 72 -41.37 20.99 14.57
CA HIS M 72 -41.43 22.02 13.55
C HIS M 72 -42.53 23.04 13.83
N ARG M 73 -43.63 22.58 14.44
CA ARG M 73 -44.70 23.51 14.81
C ARG M 73 -44.21 24.51 15.85
N VAL M 74 -43.44 24.03 16.85
CA VAL M 74 -42.93 24.94 17.87
C VAL M 74 -41.93 25.90 17.28
N ILE M 75 -41.07 25.41 16.37
CA ILE M 75 -40.09 26.28 15.72
C ILE M 75 -40.80 27.39 14.95
N ASN M 76 -41.81 27.03 14.15
CA ASN M 76 -42.53 28.03 13.38
C ASN M 76 -43.31 28.99 14.27
N LEU M 77 -43.92 28.47 15.34
CA LEU M 77 -44.61 29.32 16.31
C LEU M 77 -43.67 30.37 16.89
N ALA M 78 -42.46 29.94 17.29
CA ALA M 78 -41.51 30.88 17.87
C ALA M 78 -41.03 31.88 16.83
N ASN M 79 -40.78 31.41 15.60
CA ASN M 79 -40.36 32.30 14.52
C ASN M 79 -41.41 33.34 14.20
N GLU M 80 -42.70 32.98 14.34
CA GLU M 80 -43.75 33.95 14.08
C GLU M 80 -43.94 34.89 15.27
N MET M 81 -43.78 34.39 16.49
CA MET M 81 -44.00 35.23 17.67
C MET M 81 -42.90 36.26 17.83
N PHE M 82 -41.64 35.88 17.63
CA PHE M 82 -40.53 36.78 17.90
C PHE M 82 -39.76 37.20 16.65
N GLY M 83 -40.03 36.59 15.51
CA GLY M 83 -39.17 36.85 14.37
C GLY M 83 -38.06 35.82 14.28
N TYR M 84 -37.60 35.58 13.05
CA TYR M 84 -36.50 34.64 12.85
C TYR M 84 -35.26 35.03 13.64
N ASN M 85 -35.10 36.32 13.95
CA ASN M 85 -33.94 36.83 14.66
C ASN M 85 -34.34 37.43 16.01
N GLY M 86 -35.47 37.04 16.55
CA GLY M 86 -35.94 37.60 17.80
C GLY M 86 -35.90 36.63 18.95
N TRP M 87 -35.66 35.35 18.64
CA TRP M 87 -35.47 34.32 19.65
C TRP M 87 -34.24 33.50 19.30
N ALA M 88 -33.64 32.91 20.32
CA ALA M 88 -32.43 32.10 20.14
C ALA M 88 -32.43 31.01 21.18
N HIS M 89 -31.73 29.92 20.89
CA HIS M 89 -31.53 28.85 21.86
C HIS M 89 -30.15 28.25 21.70
N SER M 90 -29.64 27.71 22.81
CA SER M 90 -28.31 27.12 22.87
C SER M 90 -28.36 25.92 23.81
N ILE M 91 -27.42 25.00 23.63
CA ILE M 91 -27.33 23.81 24.48
C ILE M 91 -26.34 24.12 25.59
N THR M 92 -26.86 24.36 26.80
CA THR M 92 -26.00 24.63 27.94
C THR M 92 -25.15 23.42 28.29
N GLN M 93 -25.78 22.24 28.34
CA GLN M 93 -25.06 21.01 28.63
C GLN M 93 -25.91 19.83 28.22
N GLN M 94 -25.28 18.82 27.62
CA GLN M 94 -25.89 17.53 27.36
C GLN M 94 -25.05 16.45 28.02
N ASN M 95 -25.71 15.57 28.78
CA ASN M 95 -25.02 14.54 29.55
C ASN M 95 -25.68 13.19 29.31
N VAL M 96 -24.90 12.21 28.85
CA VAL M 96 -25.38 10.85 28.69
C VAL M 96 -25.41 10.19 30.05
N ASP M 97 -26.62 9.86 30.53
CA ASP M 97 -26.75 9.29 31.87
C ASP M 97 -26.24 7.86 31.93
N PHE M 98 -26.56 7.04 30.93
CA PHE M 98 -26.16 5.64 30.94
C PHE M 98 -26.27 5.05 29.55
N VAL M 99 -25.47 4.00 29.31
CA VAL M 99 -25.59 3.15 28.13
C VAL M 99 -25.46 1.71 28.61
N ASP M 100 -26.57 0.99 28.62
CA ASP M 100 -26.63 -0.38 29.11
C ASP M 100 -26.92 -1.35 27.98
N LEU M 101 -26.38 -2.57 28.12
CA LEU M 101 -26.53 -3.62 27.13
C LEU M 101 -27.26 -4.80 27.79
N ASN M 102 -28.46 -5.11 27.29
CA ASN M 102 -29.25 -6.20 27.82
C ASN M 102 -29.45 -7.21 26.70
N ASN M 103 -28.74 -8.34 26.81
CA ASN M 103 -28.76 -9.44 25.85
C ASN M 103 -28.92 -8.93 24.42
N GLY M 104 -27.99 -8.08 23.98
CA GLY M 104 -27.93 -7.62 22.61
C GLY M 104 -28.74 -6.38 22.30
N LYS M 105 -29.44 -5.81 23.28
CA LYS M 105 -30.20 -4.59 23.10
C LYS M 105 -29.62 -3.46 23.96
N PHE M 106 -29.66 -2.25 23.43
CA PHE M 106 -29.08 -1.09 24.08
C PHE M 106 -30.18 -0.19 24.64
N TYR M 107 -29.97 0.28 25.87
CA TYR M 107 -30.90 1.13 26.58
C TYR M 107 -30.15 2.37 27.05
N VAL M 108 -30.54 3.54 26.53
CA VAL M 108 -29.76 4.76 26.70
C VAL M 108 -30.67 5.86 27.22
N GLY M 109 -30.20 6.58 28.25
CA GLY M 109 -30.85 7.76 28.73
C GLY M 109 -29.96 8.99 28.65
N VAL M 110 -30.47 10.08 28.10
CA VAL M 110 -29.68 11.29 27.87
C VAL M 110 -30.50 12.51 28.28
N CYS M 111 -29.90 13.38 29.09
CA CYS M 111 -30.50 14.65 29.46
C CYS M 111 -29.79 15.79 28.75
N ALA M 112 -30.52 16.88 28.51
CA ALA M 112 -29.99 18.07 27.87
C ALA M 112 -30.55 19.30 28.55
N PHE M 113 -29.74 20.36 28.64
CA PHE M 113 -30.16 21.62 29.24
C PHE M 113 -30.16 22.68 28.16
N VAL M 114 -31.34 23.13 27.76
CA VAL M 114 -31.50 24.09 26.66
C VAL M 114 -31.95 25.42 27.25
N ARG M 115 -31.30 26.50 26.82
CA ARG M 115 -31.61 27.85 27.28
C ARG M 115 -32.02 28.69 26.08
N VAL M 116 -33.27 29.16 26.09
CA VAL M 116 -33.80 30.04 25.05
C VAL M 116 -33.64 31.48 25.50
N GLN M 117 -33.24 32.36 24.58
CA GLN M 117 -33.10 33.77 24.86
C GLN M 117 -33.79 34.58 23.78
N LEU M 118 -34.42 35.68 24.19
CA LEU M 118 -35.06 36.61 23.27
C LEU M 118 -34.09 37.74 22.93
N LYS M 119 -34.47 38.53 21.92
CA LYS M 119 -33.58 39.60 21.47
C LYS M 119 -33.41 40.70 22.51
N ASP M 120 -34.16 40.65 23.62
CA ASP M 120 -34.03 41.62 24.69
C ASP M 120 -33.27 41.09 25.91
N GLY M 121 -32.73 39.87 25.83
CA GLY M 121 -32.01 39.27 26.92
C GLY M 121 -32.83 38.36 27.81
N SER M 122 -34.16 38.46 27.74
CA SER M 122 -35.01 37.56 28.50
C SER M 122 -34.72 36.11 28.13
N TYR M 123 -34.76 35.23 29.12
CA TYR M 123 -34.35 33.84 28.92
C TYR M 123 -35.21 32.89 29.73
N HIS M 124 -35.29 31.66 29.24
CA HIS M 124 -35.91 30.56 29.97
C HIS M 124 -35.12 29.31 29.67
N GLU M 125 -34.73 28.58 30.72
CA GLU M 125 -33.93 27.37 30.58
C GLU M 125 -34.67 26.20 31.24
N ASP M 126 -34.66 25.05 30.58
CA ASP M 126 -35.33 23.87 31.09
C ASP M 126 -34.55 22.63 30.66
N VAL M 127 -35.02 21.48 31.09
CA VAL M 127 -34.36 20.20 30.87
C VAL M 127 -35.17 19.41 29.84
N GLY M 128 -34.45 18.78 28.90
CA GLY M 128 -35.07 17.80 28.04
C GLY M 128 -34.47 16.43 28.27
N TYR M 129 -35.22 15.37 27.93
CA TYR M 129 -34.69 14.02 28.03
C TYR M 129 -34.83 13.29 26.70
N GLY M 130 -33.94 12.34 26.50
CA GLY M 130 -33.96 11.52 25.30
C GLY M 130 -33.73 10.07 25.66
N VAL M 131 -34.57 9.18 25.14
CA VAL M 131 -34.56 7.78 25.53
C VAL M 131 -34.47 6.92 24.28
N SER M 132 -33.72 5.83 24.36
CA SER M 132 -33.70 4.82 23.29
C SER M 132 -33.46 3.45 23.94
N GLU M 133 -34.51 2.63 23.99
CA GLU M 133 -34.46 1.31 24.58
C GLU M 133 -34.86 0.27 23.54
N GLY M 134 -34.06 -0.78 23.40
CA GLY M 134 -34.39 -1.93 22.58
C GLY M 134 -33.62 -2.04 21.29
N LEU M 135 -33.10 -0.93 20.77
CA LEU M 135 -32.40 -0.98 19.48
C LEU M 135 -31.08 -1.73 19.65
N LYS M 136 -30.67 -2.40 18.58
CA LYS M 136 -29.43 -3.16 18.59
C LYS M 136 -28.21 -2.34 18.21
N SER M 137 -28.39 -1.19 17.56
CA SER M 137 -27.27 -0.34 17.18
C SER M 137 -27.02 0.67 18.28
N LYS M 138 -25.84 0.60 18.91
CA LYS M 138 -25.48 1.57 19.93
C LYS M 138 -25.45 2.98 19.35
N ALA M 139 -24.90 3.14 18.15
CA ALA M 139 -24.79 4.46 17.55
C ALA M 139 -26.16 5.07 17.32
N LEU M 140 -27.11 4.27 16.79
CA LEU M 140 -28.45 4.80 16.55
C LEU M 140 -29.18 5.08 17.86
N SER M 141 -28.95 4.25 18.87
CA SER M 141 -29.54 4.50 20.18
C SER M 141 -29.07 5.85 20.73
N LEU M 142 -27.76 6.07 20.71
CA LEU M 142 -27.21 7.33 21.21
C LEU M 142 -27.70 8.51 20.39
N GLU M 143 -27.76 8.36 19.06
CA GLU M 143 -28.24 9.45 18.21
C GLU M 143 -29.68 9.82 18.56
N LYS M 144 -30.56 8.83 18.65
CA LYS M 144 -31.95 9.10 18.95
C LYS M 144 -32.08 9.75 20.32
N ALA M 145 -31.35 9.24 21.32
CA ALA M 145 -31.48 9.78 22.67
C ALA M 145 -30.98 11.21 22.75
N ARG M 146 -29.83 11.50 22.12
CA ARG M 146 -29.29 12.87 22.17
C ARG M 146 -30.22 13.85 21.46
N LYS M 147 -30.64 13.52 20.23
CA LYS M 147 -31.50 14.42 19.49
C LYS M 147 -32.84 14.63 20.20
N GLU M 148 -33.42 13.55 20.74
CA GLU M 148 -34.66 13.69 21.50
C GLU M 148 -34.46 14.59 22.71
N ALA M 149 -33.35 14.42 23.43
CA ALA M 149 -33.08 15.27 24.59
C ALA M 149 -33.03 16.74 24.19
N VAL M 150 -32.32 17.05 23.11
CA VAL M 150 -32.18 18.45 22.71
C VAL M 150 -33.54 19.02 22.30
N THR M 151 -34.28 18.29 21.46
CA THR M 151 -35.58 18.80 20.99
C THR M 151 -36.55 18.96 22.15
N ASP M 152 -36.61 17.98 23.05
CA ASP M 152 -37.46 18.05 24.23
C ASP M 152 -37.12 19.26 25.08
N GLY M 153 -35.81 19.49 25.31
CA GLY M 153 -35.41 20.66 26.09
C GLY M 153 -35.80 21.96 25.44
N LEU M 154 -35.69 22.04 24.12
CA LEU M 154 -36.08 23.27 23.43
C LEU M 154 -37.58 23.51 23.54
N LYS M 155 -38.38 22.45 23.36
CA LYS M 155 -39.83 22.60 23.49
C LYS M 155 -40.22 23.03 24.91
N ARG M 156 -39.61 22.41 25.93
CA ARG M 156 -39.95 22.74 27.30
C ARG M 156 -39.46 24.13 27.70
N ALA M 157 -38.35 24.59 27.11
CA ALA M 157 -37.88 25.94 27.39
C ALA M 157 -38.79 26.97 26.74
N LEU M 158 -39.24 26.70 25.50
CA LEU M 158 -40.14 27.63 24.82
C LEU M 158 -41.53 27.63 25.45
N ARG M 159 -41.92 26.52 26.07
CA ARG M 159 -43.20 26.44 26.77
C ARG M 159 -43.40 27.60 27.76
N SER M 160 -42.33 28.03 28.44
CA SER M 160 -42.45 28.99 29.53
C SER M 160 -42.77 30.40 29.05
N PHE M 161 -42.87 30.64 27.75
CA PHE M 161 -43.17 31.98 27.24
C PHE M 161 -44.67 32.26 27.15
N GLY M 162 -45.51 31.25 27.21
CA GLY M 162 -46.94 31.45 27.21
C GLY M 162 -47.66 30.28 26.57
N ASN M 163 -48.99 30.38 26.56
CA ASN M 163 -49.82 29.31 26.01
C ASN M 163 -49.55 29.11 24.53
N ALA M 164 -49.35 30.20 23.79
CA ALA M 164 -49.19 30.11 22.34
C ALA M 164 -47.99 29.26 21.96
N LEU M 165 -47.00 29.15 22.82
CA LEU M 165 -45.82 28.34 22.54
C LEU M 165 -45.85 26.99 23.22
N GLY M 166 -46.97 26.62 23.86
CA GLY M 166 -47.13 25.25 24.28
C GLY M 166 -47.44 25.01 25.74
N ASN M 167 -47.65 26.08 26.52
CA ASN M 167 -47.93 25.87 27.93
C ASN M 167 -49.32 25.29 28.15
N CYS M 168 -50.29 25.67 27.30
CA CYS M 168 -51.68 25.27 27.50
C CYS M 168 -51.84 23.76 27.44
N ILE M 169 -50.92 23.07 26.77
CA ILE M 169 -50.98 21.61 26.68
C ILE M 169 -50.97 20.96 28.06
N LEU M 170 -50.55 21.70 29.09
CA LEU M 170 -50.48 21.12 30.43
C LEU M 170 -51.78 21.25 31.19
N ASP M 171 -52.76 21.99 30.66
CA ASP M 171 -54.05 22.21 31.31
C ASP M 171 -55.00 21.08 30.93
N LYS M 172 -55.43 20.28 31.92
CA LYS M 172 -56.34 19.18 31.62
C LYS M 172 -57.68 19.68 31.08
N ASP M 173 -58.11 20.86 31.50
CA ASP M 173 -59.36 21.40 30.98
C ASP M 173 -59.24 21.69 29.49
N TYR M 174 -58.10 22.24 29.06
CA TYR M 174 -57.85 22.47 27.64
C TYR M 174 -57.84 21.14 26.87
N LEU M 175 -57.32 20.09 27.49
CA LEU M 175 -57.29 18.79 26.83
C LEU M 175 -58.69 18.21 26.66
N ARG M 176 -59.51 18.31 27.71
CA ARG M 176 -60.89 17.84 27.62
C ARG M 176 -61.66 18.63 26.56
N SER M 177 -61.51 19.96 26.56
CA SER M 177 -62.14 20.78 25.52
C SER M 177 -61.57 20.52 24.14
N LEU M 178 -60.37 19.92 24.04
CA LEU M 178 -59.84 19.58 22.73
C LEU M 178 -60.41 18.26 22.22
N ASN M 179 -60.64 17.29 23.11
CA ASN M 179 -61.22 16.04 22.65
C ASN M 179 -62.65 16.23 22.18
N LYS M 180 -63.41 17.12 22.83
CA LYS M 180 -64.79 17.41 22.45
C LYS M 180 -64.90 18.14 21.11
N LEU M 181 -63.77 18.60 20.51
CA LEU M 181 -63.79 19.27 19.22
C LEU M 181 -63.74 18.24 18.09
N PRO M 182 -64.32 18.57 16.93
CA PRO M 182 -64.31 17.62 15.81
C PRO M 182 -62.90 17.32 15.31
N ARG M 183 -62.58 16.03 15.24
CA ARG M 183 -61.30 15.55 14.74
C ARG M 183 -61.16 15.89 13.27
N GLN M 184 -60.35 16.90 12.97
CA GLN M 184 -60.14 17.33 11.60
C GLN M 184 -59.11 16.45 10.91
N LEU M 185 -59.28 16.26 9.60
CA LEU M 185 -58.33 15.47 8.84
C LEU M 185 -57.09 16.29 8.55
N PRO M 186 -55.90 15.66 8.49
CA PRO M 186 -54.67 16.39 8.16
C PRO M 186 -54.80 17.25 6.91
N LEU M 187 -54.60 18.57 7.09
CA LEU M 187 -54.67 19.50 5.97
C LEU M 187 -53.61 19.17 4.92
N GLU M 188 -53.90 19.52 3.67
CA GLU M 188 -52.98 19.33 2.56
C GLU M 188 -52.23 20.62 2.29
N VAL M 189 -51.00 20.48 1.82
CA VAL M 189 -50.07 21.61 1.64
C VAL M 189 -50.01 21.96 0.16
N ASP M 190 -50.08 23.25 -0.15
CA ASP M 190 -50.08 23.75 -1.53
C ASP M 190 -48.65 24.11 -1.90
N LEU M 191 -47.98 23.21 -2.62
CA LEU M 191 -46.58 23.36 -2.99
C LEU M 191 -46.38 24.13 -4.29
N THR M 192 -47.38 24.89 -4.74
CA THR M 192 -47.22 25.62 -5.99
C THR M 192 -46.27 26.80 -5.84
N LYS M 193 -46.40 27.57 -4.75
CA LYS M 193 -45.51 28.68 -4.49
C LYS M 193 -44.34 28.31 -3.59
N ALA M 194 -43.93 27.05 -3.61
CA ALA M 194 -42.77 26.62 -2.83
C ALA M 194 -41.50 27.18 -3.45
N LYS M 195 -40.49 27.39 -2.60
CA LYS M 195 -39.21 27.90 -3.08
C LYS M 195 -38.54 26.90 -4.00
N ARG M 196 -38.15 27.36 -5.18
CA ARG M 196 -37.65 26.49 -6.23
C ARG M 196 -36.22 26.78 -6.66
N GLN M 197 -35.69 27.96 -6.37
CA GLN M 197 -34.29 28.27 -6.63
C GLN M 197 -33.73 29.08 -5.47
N ASP M 198 -32.40 29.10 -5.38
CA ASP M 198 -31.73 29.66 -4.21
C ASP M 198 -31.98 31.16 -4.10
N LEU M 199 -31.85 31.88 -5.22
CA LEU M 199 -31.88 33.35 -5.20
C LEU M 199 -33.15 33.88 -4.55
N GLU M 200 -32.97 34.94 -3.76
CA GLU M 200 -34.07 35.65 -3.11
C GLU M 200 -33.96 37.11 -3.53
N PRO M 201 -34.56 37.50 -4.66
CA PRO M 201 -34.27 38.83 -5.22
C PRO M 201 -34.69 39.99 -4.33
N SER M 202 -35.89 39.94 -3.75
CA SER M 202 -36.30 41.01 -2.83
C SER M 202 -35.37 41.09 -1.64
N VAL M 203 -34.98 39.93 -1.11
CA VAL M 203 -34.06 39.88 0.03
C VAL M 203 -32.69 40.41 -0.38
N GLU M 204 -32.18 39.93 -1.52
CA GLU M 204 -30.88 40.39 -2.01
C GLU M 204 -30.87 41.91 -2.20
N GLU M 205 -31.96 42.46 -2.71
CA GLU M 205 -32.05 43.90 -2.95
C GLU M 205 -32.09 44.67 -1.64
N ALA M 206 -32.97 44.27 -0.72
CA ALA M 206 -33.03 44.94 0.58
C ALA M 206 -31.70 44.86 1.33
N ARG M 207 -30.98 43.75 1.16
CA ARG M 207 -29.71 43.60 1.86
C ARG M 207 -28.64 44.48 1.24
N TYR M 208 -28.64 44.57 -0.10
CA TYR M 208 -27.76 45.51 -0.77
C TYR M 208 -28.04 46.94 -0.27
N ASN M 209 -29.32 47.25 -0.05
CA ASN M 209 -29.69 48.54 0.52
C ASN M 209 -29.39 48.64 2.00
N SER M 210 -29.00 47.55 2.65
CA SER M 210 -28.67 47.58 4.06
C SER M 210 -27.22 47.99 4.35
N CYS M 211 -26.38 48.09 3.33
CA CYS M 211 -24.97 48.37 3.55
C CYS M 211 -24.68 49.88 3.49
N CYS N 28 -19.53 45.44 12.97
CA CYS N 28 -18.99 44.20 12.40
C CYS N 28 -19.99 43.05 12.58
N PHE N 29 -19.48 41.82 12.61
CA PHE N 29 -20.34 40.65 12.77
C PHE N 29 -20.76 40.51 14.21
N GLY N 30 -22.03 40.14 14.41
CA GLY N 30 -22.62 40.11 15.73
C GLY N 30 -23.11 41.45 16.24
N GLN N 31 -22.81 42.55 15.53
CA GLN N 31 -23.23 43.90 15.90
C GLN N 31 -24.29 44.48 14.99
N CYS N 32 -24.28 44.12 13.71
CA CYS N 32 -25.23 44.68 12.74
C CYS N 32 -26.67 44.40 13.14
N GLN N 33 -27.51 45.43 13.07
CA GLN N 33 -28.94 45.27 13.27
C GLN N 33 -29.67 45.28 11.92
N TYR N 34 -30.61 44.36 11.77
CA TYR N 34 -31.34 44.22 10.53
C TYR N 34 -32.21 45.45 10.26
N THR N 35 -32.13 45.98 9.04
CA THR N 35 -33.01 47.07 8.63
C THR N 35 -34.41 46.53 8.38
N ALA N 36 -35.39 47.43 8.45
CA ALA N 36 -36.79 47.03 8.30
C ALA N 36 -37.03 46.26 7.00
N GLU N 37 -36.47 46.76 5.90
CA GLU N 37 -36.67 46.11 4.61
C GLU N 37 -36.07 44.71 4.61
N GLU N 38 -34.83 44.58 5.11
CA GLU N 38 -34.18 43.28 5.12
C GLU N 38 -34.85 42.33 6.10
N TYR N 39 -35.23 42.82 7.28
CA TYR N 39 -35.95 41.97 8.23
C TYR N 39 -37.23 41.42 7.59
N GLN N 40 -38.05 42.30 7.00
CA GLN N 40 -39.33 41.85 6.46
C GLN N 40 -39.13 40.90 5.29
N ALA N 41 -38.20 41.24 4.39
CA ALA N 41 -37.88 40.35 3.27
C ALA N 41 -37.48 38.97 3.76
N ILE N 42 -36.56 38.90 4.73
CA ILE N 42 -36.07 37.62 5.20
C ILE N 42 -37.16 36.86 5.95
N GLN N 43 -37.91 37.55 6.80
CA GLN N 43 -39.00 36.91 7.54
C GLN N 43 -40.01 36.28 6.60
N LYS N 44 -40.38 36.98 5.53
CA LYS N 44 -41.27 36.37 4.54
C LYS N 44 -40.59 35.22 3.81
N ALA N 45 -39.34 35.42 3.37
CA ALA N 45 -38.65 34.42 2.58
C ALA N 45 -38.45 33.12 3.35
N LEU N 46 -38.21 33.21 4.66
CA LEU N 46 -37.98 32.01 5.45
C LEU N 46 -39.25 31.17 5.62
N ARG N 47 -40.43 31.76 5.40
CA ARG N 47 -41.66 30.99 5.50
C ARG N 47 -41.82 30.01 4.35
N GLN N 48 -41.23 30.32 3.19
CA GLN N 48 -41.38 29.48 2.00
C GLN N 48 -40.96 28.05 2.29
N ARG N 49 -41.80 27.10 1.89
CA ARG N 49 -41.39 25.70 1.88
C ARG N 49 -40.53 25.42 0.66
N LEU N 50 -39.81 24.29 0.73
CA LEU N 50 -38.88 23.91 -0.32
C LEU N 50 -39.55 23.06 -1.38
N GLY N 51 -39.22 23.34 -2.64
CA GLY N 51 -39.68 22.53 -3.75
C GLY N 51 -39.01 21.18 -3.79
N PRO N 52 -39.48 20.30 -4.70
CA PRO N 52 -38.89 18.95 -4.78
C PRO N 52 -37.45 18.94 -5.24
N GLU N 53 -36.94 20.05 -5.77
CA GLU N 53 -35.56 20.08 -6.25
C GLU N 53 -34.57 19.89 -5.10
N TYR N 54 -34.96 20.29 -3.89
CA TYR N 54 -34.05 20.25 -2.74
C TYR N 54 -34.10 18.93 -2.00
N ILE N 55 -35.24 18.27 -1.95
CA ILE N 55 -35.43 17.11 -1.10
C ILE N 55 -34.83 15.88 -1.77
N SER N 56 -34.16 15.06 -0.97
CA SER N 56 -33.62 13.78 -1.38
C SER N 56 -34.10 12.72 -0.40
N SER N 57 -33.82 11.46 -0.72
CA SER N 57 -34.30 10.37 0.11
C SER N 57 -33.32 9.22 0.09
N ARG N 58 -33.28 8.47 1.18
CA ARG N 58 -32.48 7.27 1.30
C ARG N 58 -33.31 6.21 2.00
N MET N 59 -32.72 5.03 2.17
CA MET N 59 -33.37 3.92 2.86
C MET N 59 -32.71 3.67 4.21
N ALA N 60 -33.52 3.44 5.24
CA ALA N 60 -33.05 3.27 6.60
C ALA N 60 -32.96 1.78 6.94
N GLY N 61 -32.72 1.49 8.23
CA GLY N 61 -32.57 0.11 8.65
C GLY N 61 -33.87 -0.68 8.60
N GLY N 62 -34.99 -0.01 8.82
CA GLY N 62 -36.29 -0.65 8.77
C GLY N 62 -36.90 -0.74 7.39
N GLY N 63 -36.13 -0.46 6.34
CA GLY N 63 -36.67 -0.51 4.99
C GLY N 63 -37.70 0.56 4.72
N GLN N 64 -37.48 1.77 5.25
CA GLN N 64 -38.42 2.87 5.12
C GLN N 64 -37.75 4.08 4.48
N LYS N 65 -38.59 4.95 3.92
CA LYS N 65 -38.10 6.13 3.22
C LYS N 65 -37.84 7.26 4.20
N VAL N 66 -36.63 7.81 4.16
CA VAL N 66 -36.23 8.92 5.01
C VAL N 66 -35.79 10.06 4.11
N CYS N 67 -36.41 11.23 4.26
CA CYS N 67 -36.07 12.40 3.48
C CYS N 67 -35.00 13.22 4.18
N TYR N 68 -34.27 14.00 3.39
CA TYR N 68 -33.21 14.86 3.90
C TYR N 68 -32.82 15.86 2.83
N ILE N 69 -32.11 16.90 3.25
CA ILE N 69 -31.54 17.90 2.35
C ILE N 69 -30.03 17.71 2.35
N GLU N 70 -29.44 17.65 1.16
CA GLU N 70 -28.00 17.47 1.07
C GLU N 70 -27.27 18.71 1.58
N GLY N 71 -26.07 18.48 2.12
CA GLY N 71 -25.33 19.55 2.79
C GLY N 71 -25.15 20.79 1.96
N HIS N 72 -24.63 20.63 0.73
CA HIS N 72 -24.34 21.79 -0.11
C HIS N 72 -25.61 22.59 -0.40
N ARG N 73 -26.76 21.91 -0.48
CA ARG N 73 -28.02 22.63 -0.68
C ARG N 73 -28.33 23.52 0.51
N VAL N 74 -28.13 23.02 1.72
CA VAL N 74 -28.39 23.83 2.91
C VAL N 74 -27.41 24.98 2.99
N ILE N 75 -26.14 24.73 2.65
CA ILE N 75 -25.14 25.79 2.68
C ILE N 75 -25.51 26.91 1.71
N ASN N 76 -25.90 26.56 0.48
CA ASN N 76 -26.27 27.57 -0.50
C ASN N 76 -27.56 28.28 -0.09
N LEU N 77 -28.52 27.55 0.47
CA LEU N 77 -29.74 28.18 0.97
C LEU N 77 -29.40 29.25 2.01
N ALA N 78 -28.52 28.92 2.96
CA ALA N 78 -28.17 29.89 3.99
C ALA N 78 -27.39 31.07 3.41
N ASN N 79 -26.48 30.79 2.46
CA ASN N 79 -25.72 31.86 1.83
C ASN N 79 -26.64 32.82 1.07
N GLU N 80 -27.71 32.31 0.49
CA GLU N 80 -28.65 33.18 -0.20
C GLU N 80 -29.57 33.91 0.75
N MET N 81 -29.97 33.27 1.86
CA MET N 81 -30.89 33.89 2.80
C MET N 81 -30.22 35.03 3.56
N PHE N 82 -28.97 34.82 4.00
CA PHE N 82 -28.30 35.79 4.86
C PHE N 82 -27.08 36.44 4.19
N GLY N 83 -26.64 35.94 3.06
CA GLY N 83 -25.38 36.45 2.56
C GLY N 83 -24.22 35.60 3.04
N TYR N 84 -23.15 35.58 2.24
CA TYR N 84 -21.95 34.83 2.62
C TYR N 84 -21.39 35.28 3.95
N ASN N 85 -21.65 36.53 4.35
CA ASN N 85 -21.14 37.09 5.59
C ASN N 85 -22.26 37.45 6.55
N GLY N 86 -23.43 36.84 6.40
CA GLY N 86 -24.55 37.17 7.25
C GLY N 86 -24.91 36.06 8.21
N TRP N 87 -24.32 34.88 8.00
CA TRP N 87 -24.49 33.78 8.93
C TRP N 87 -23.12 33.15 9.19
N ALA N 88 -23.00 32.51 10.34
CA ALA N 88 -21.76 31.88 10.74
C ALA N 88 -22.10 30.66 11.58
N HIS N 89 -21.17 29.70 11.62
CA HIS N 89 -21.34 28.52 12.47
C HIS N 89 -20.00 28.11 13.05
N SER N 90 -20.06 27.48 14.23
CA SER N 90 -18.89 27.02 14.96
C SER N 90 -19.23 25.70 15.64
N ILE N 91 -18.19 24.93 15.92
CA ILE N 91 -18.32 23.65 16.61
C ILE N 91 -18.06 23.88 18.10
N THR N 92 -19.14 23.87 18.90
CA THR N 92 -18.99 24.06 20.34
C THR N 92 -18.23 22.89 20.96
N GLN N 93 -18.59 21.66 20.59
CA GLN N 93 -17.92 20.48 21.10
C GLN N 93 -18.25 19.30 20.19
N GLN N 94 -17.24 18.48 19.93
CA GLN N 94 -17.42 17.19 19.29
C GLN N 94 -16.87 16.11 20.21
N ASN N 95 -17.66 15.07 20.45
CA ASN N 95 -17.31 14.02 21.39
C ASN N 95 -17.49 12.66 20.73
N VAL N 96 -16.42 11.88 20.71
CA VAL N 96 -16.48 10.50 20.20
C VAL N 96 -17.08 9.64 21.31
N ASP N 97 -18.28 9.10 21.05
CA ASP N 97 -18.96 8.33 22.08
C ASP N 97 -18.30 6.97 22.29
N PHE N 98 -17.94 6.28 21.20
CA PHE N 98 -17.37 4.95 21.32
C PHE N 98 -16.70 4.55 20.01
N VAL N 99 -15.71 3.66 20.13
CA VAL N 99 -15.09 2.99 18.99
C VAL N 99 -14.95 1.53 19.39
N ASP N 100 -15.78 0.66 18.82
CA ASP N 100 -15.81 -0.75 19.16
C ASP N 100 -15.32 -1.60 17.99
N LEU N 101 -14.70 -2.73 18.33
CA LEU N 101 -14.13 -3.66 17.35
C LEU N 101 -14.84 -5.00 17.47
N ASN N 102 -15.60 -5.36 16.44
CA ASN N 102 -16.33 -6.63 16.39
C ASN N 102 -15.88 -7.39 15.15
N ASN N 103 -15.17 -8.49 15.36
CA ASN N 103 -14.60 -9.35 14.31
C ASN N 103 -14.08 -8.55 13.13
N GLY N 104 -13.18 -7.61 13.44
CA GLY N 104 -12.46 -6.92 12.39
C GLY N 104 -13.19 -5.73 11.78
N LYS N 105 -14.39 -5.43 12.22
CA LYS N 105 -15.18 -4.33 11.70
C LYS N 105 -15.35 -3.29 12.82
N PHE N 106 -15.31 -2.03 12.45
CA PHE N 106 -15.35 -0.93 13.41
C PHE N 106 -16.72 -0.25 13.40
N TYR N 107 -17.21 0.06 14.60
CA TYR N 107 -18.51 0.70 14.78
C TYR N 107 -18.29 1.92 15.66
N VAL N 108 -18.57 3.11 15.12
CA VAL N 108 -18.16 4.37 15.72
C VAL N 108 -19.37 5.28 15.83
N GLY N 109 -19.56 5.86 17.01
CA GLY N 109 -20.56 6.90 17.17
C GLY N 109 -19.93 8.19 17.65
N VAL N 110 -20.26 9.30 16.98
CA VAL N 110 -19.66 10.60 17.27
C VAL N 110 -20.78 11.65 17.26
N CYS N 111 -20.84 12.46 18.31
CA CYS N 111 -21.78 13.57 18.39
C CYS N 111 -21.02 14.89 18.20
N ALA N 112 -21.74 15.89 17.68
CA ALA N 112 -21.20 17.22 17.48
C ALA N 112 -22.26 18.25 17.87
N PHE N 113 -21.79 19.36 18.43
CA PHE N 113 -22.65 20.46 18.84
C PHE N 113 -22.29 21.66 17.98
N VAL N 114 -23.19 22.04 17.07
CA VAL N 114 -22.94 23.12 16.12
C VAL N 114 -23.85 24.28 16.48
N ARG N 115 -23.28 25.48 16.54
CA ARG N 115 -24.02 26.69 16.86
C ARG N 115 -23.89 27.65 15.69
N VAL N 116 -25.02 27.96 15.05
CA VAL N 116 -25.08 28.92 13.96
C VAL N 116 -25.43 30.28 14.55
N GLN N 117 -24.77 31.33 14.06
CA GLN N 117 -25.05 32.69 14.51
C GLN N 117 -25.24 33.59 13.30
N LEU N 118 -26.18 34.52 13.41
CA LEU N 118 -26.43 35.48 12.35
C LEU N 118 -25.68 36.78 12.61
N LYS N 119 -25.64 37.63 11.59
CA LYS N 119 -24.90 38.89 11.67
C LYS N 119 -25.50 39.86 12.69
N ASP N 120 -26.65 39.53 13.26
CA ASP N 120 -27.26 40.36 14.31
C ASP N 120 -27.09 39.77 15.70
N GLY N 121 -26.37 38.65 15.83
CA GLY N 121 -26.16 38.01 17.11
C GLY N 121 -27.10 36.86 17.39
N SER N 122 -28.21 36.78 16.67
CA SER N 122 -29.14 35.66 16.83
C SER N 122 -28.41 34.35 16.57
N TYR N 123 -28.78 33.32 17.33
CA TYR N 123 -28.07 32.05 17.28
C TYR N 123 -29.04 30.89 17.48
N HIS N 124 -28.67 29.74 16.92
CA HIS N 124 -29.38 28.49 17.17
C HIS N 124 -28.35 27.36 17.22
N GLU N 125 -28.41 26.55 18.28
CA GLU N 125 -27.46 25.47 18.49
C GLU N 125 -28.23 24.16 18.64
N ASP N 126 -27.71 23.11 18.01
CA ASP N 126 -28.34 21.79 18.05
C ASP N 126 -27.25 20.73 18.01
N VAL N 127 -27.67 19.47 18.06
CA VAL N 127 -26.77 18.32 18.11
C VAL N 127 -26.80 17.61 16.77
N GLY N 128 -25.61 17.26 16.27
CA GLY N 128 -25.53 16.39 15.12
C GLY N 128 -24.88 15.07 15.51
N TYR N 129 -25.16 14.01 14.77
CA TYR N 129 -24.54 12.73 15.04
C TYR N 129 -23.93 12.16 13.78
N GLY N 130 -22.90 11.34 13.97
CA GLY N 130 -22.22 10.69 12.88
C GLY N 130 -21.96 9.23 13.19
N VAL N 131 -22.28 8.36 12.24
CA VAL N 131 -22.25 6.93 12.43
C VAL N 131 -21.41 6.31 11.33
N SER N 132 -20.63 5.28 11.68
CA SER N 132 -19.89 4.50 10.69
C SER N 132 -19.80 3.08 11.19
N GLU N 133 -20.55 2.17 10.55
CA GLU N 133 -20.62 0.77 10.94
C GLU N 133 -20.20 -0.11 9.77
N GLY N 134 -19.30 -1.06 10.04
CA GLY N 134 -18.93 -2.08 9.08
C GLY N 134 -17.54 -1.95 8.52
N LEU N 135 -16.96 -0.74 8.54
CA LEU N 135 -15.65 -0.54 7.93
C LEU N 135 -14.57 -1.27 8.71
N LYS N 136 -13.55 -1.74 7.98
CA LYS N 136 -12.41 -2.39 8.60
C LYS N 136 -11.31 -1.41 9.00
N SER N 137 -11.33 -0.20 8.46
CA SER N 137 -10.34 0.83 8.78
C SER N 137 -10.88 1.74 9.88
N LYS N 138 -10.21 1.74 11.04
CA LYS N 138 -10.62 2.61 12.13
C LYS N 138 -10.55 4.08 11.73
N ALA N 139 -9.49 4.47 11.01
CA ALA N 139 -9.33 5.88 10.65
C ALA N 139 -10.46 6.36 9.75
N LEU N 140 -10.84 5.55 8.76
CA LEU N 140 -11.90 5.97 7.85
C LEU N 140 -13.25 6.00 8.55
N SER N 141 -13.47 5.08 9.49
CA SER N 141 -14.68 5.08 10.30
C SER N 141 -14.78 6.37 11.11
N LEU N 142 -13.70 6.73 11.81
CA LEU N 142 -13.69 7.95 12.60
C LEU N 142 -13.90 9.18 11.72
N GLU N 143 -13.23 9.23 10.56
CA GLU N 143 -13.39 10.38 9.67
C GLU N 143 -14.84 10.53 9.23
N LYS N 144 -15.45 9.43 8.77
CA LYS N 144 -16.83 9.47 8.33
C LYS N 144 -17.75 9.92 9.46
N ALA N 145 -17.55 9.37 10.65
CA ALA N 145 -18.44 9.69 11.77
C ALA N 145 -18.31 11.15 12.18
N ARG N 146 -17.08 11.66 12.29
CA ARG N 146 -16.88 13.04 12.71
C ARG N 146 -17.46 14.01 11.69
N LYS N 147 -17.13 13.83 10.41
CA LYS N 147 -17.62 14.76 9.39
C LYS N 147 -19.15 14.72 9.31
N GLU N 148 -19.73 13.53 9.33
CA GLU N 148 -21.19 13.43 9.30
C GLU N 148 -21.81 14.10 10.52
N ALA N 149 -21.22 13.91 11.70
CA ALA N 149 -21.73 14.58 12.89
C ALA N 149 -21.75 16.09 12.71
N VAL N 150 -20.66 16.65 12.19
CA VAL N 150 -20.59 18.11 12.04
C VAL N 150 -21.64 18.59 11.04
N THR N 151 -21.74 17.92 9.89
CA THR N 151 -22.72 18.34 8.88
C THR N 151 -24.14 18.21 9.40
N ASP N 152 -24.44 17.11 10.08
CA ASP N 152 -25.77 16.91 10.67
C ASP N 152 -26.09 18.02 11.67
N GLY N 153 -25.13 18.37 12.52
CA GLY N 153 -25.34 19.45 13.47
C GLY N 153 -25.59 20.78 12.79
N LEU N 154 -24.87 21.05 11.70
CA LEU N 154 -25.08 22.30 10.98
C LEU N 154 -26.48 22.34 10.37
N LYS N 155 -26.92 21.24 9.76
CA LYS N 155 -28.26 21.22 9.18
C LYS N 155 -29.33 21.41 10.25
N ARG N 156 -29.19 20.73 11.39
CA ARG N 156 -30.22 20.83 12.43
C ARG N 156 -30.20 22.18 13.12
N ALA N 157 -29.04 22.84 13.20
CA ALA N 157 -29.00 24.18 13.76
C ALA N 157 -29.62 25.19 12.80
N LEU N 158 -29.35 25.05 11.49
CA LEU N 158 -29.92 25.98 10.53
C LEU N 158 -31.42 25.78 10.36
N ARG N 159 -31.90 24.54 10.57
CA ARG N 159 -33.33 24.24 10.47
C ARG N 159 -34.19 25.18 11.33
N SER N 160 -33.67 25.59 12.49
CA SER N 160 -34.49 26.33 13.46
C SER N 160 -34.85 27.74 13.02
N PHE N 161 -34.37 28.20 11.86
CA PHE N 161 -34.70 29.55 11.40
C PHE N 161 -35.97 29.61 10.57
N GLY N 162 -36.48 28.48 10.10
CA GLY N 162 -37.73 28.48 9.36
C GLY N 162 -37.78 27.34 8.35
N ASN N 163 -38.90 27.29 7.64
CA ASN N 163 -39.12 26.22 6.67
C ASN N 163 -38.10 26.26 5.55
N ALA N 164 -37.72 27.47 5.10
CA ALA N 164 -36.83 27.61 3.95
C ALA N 164 -35.48 26.96 4.19
N LEU N 165 -35.05 26.86 5.45
CA LEU N 165 -33.76 26.27 5.78
C LEU N 165 -33.88 24.83 6.28
N GLY N 166 -35.06 24.23 6.22
CA GLY N 166 -35.16 22.81 6.44
C GLY N 166 -36.16 22.37 7.50
N ASN N 167 -36.95 23.30 8.05
CA ASN N 167 -37.90 22.87 9.08
C ASN N 167 -39.03 22.05 8.47
N CYS N 168 -39.44 22.39 7.25
CA CYS N 168 -40.56 21.72 6.61
C CYS N 168 -40.31 20.25 6.39
N ILE N 169 -39.03 19.83 6.31
CA ILE N 169 -38.73 18.42 6.13
C ILE N 169 -39.33 17.58 7.26
N LEU N 170 -39.64 18.21 8.40
CA LEU N 170 -40.24 17.47 9.51
C LEU N 170 -41.75 17.41 9.44
N ASP N 171 -42.37 18.12 8.49
CA ASP N 171 -43.83 18.17 8.37
C ASP N 171 -44.30 16.97 7.58
N LYS N 172 -45.06 16.09 8.23
CA LYS N 172 -45.55 14.88 7.57
C LYS N 172 -46.55 15.21 6.46
N ASP N 173 -47.33 16.29 6.62
CA ASP N 173 -48.25 16.68 5.58
C ASP N 173 -47.49 17.20 4.36
N TYR N 174 -46.43 17.97 4.59
CA TYR N 174 -45.56 18.39 3.50
C TYR N 174 -44.93 17.18 2.80
N LEU N 175 -44.63 16.13 3.56
CA LEU N 175 -44.06 14.93 2.97
C LEU N 175 -45.09 14.22 2.10
N ARG N 176 -46.34 14.13 2.57
CA ARG N 176 -47.40 13.53 1.75
C ARG N 176 -47.61 14.31 0.47
N SER N 177 -47.69 15.64 0.57
CA SER N 177 -47.85 16.47 -0.61
C SER N 177 -46.64 16.42 -1.54
N LEU N 178 -45.49 15.96 -1.04
CA LEU N 178 -44.31 15.79 -1.89
C LEU N 178 -44.36 14.50 -2.69
N ASN N 179 -44.90 13.43 -2.09
CA ASN N 179 -45.00 12.16 -2.79
C ASN N 179 -45.97 12.24 -3.96
N LYS N 180 -47.03 13.04 -3.82
CA LYS N 180 -48.02 13.21 -4.88
C LYS N 180 -47.45 13.91 -6.11
N LEU N 181 -46.23 14.45 -6.02
CA LEU N 181 -45.51 15.12 -7.09
C LEU N 181 -44.73 14.11 -7.94
N PRO N 182 -44.64 14.40 -9.24
CA PRO N 182 -43.87 13.53 -10.15
C PRO N 182 -42.38 13.58 -9.86
N ARG N 183 -41.77 12.40 -9.77
CA ARG N 183 -40.33 12.30 -9.56
C ARG N 183 -39.59 12.92 -10.73
N GLN N 184 -39.04 14.12 -10.51
CA GLN N 184 -38.37 14.87 -11.55
C GLN N 184 -36.94 14.35 -11.77
N LEU N 185 -36.48 14.47 -13.02
CA LEU N 185 -35.16 14.02 -13.39
C LEU N 185 -34.10 15.02 -12.89
N PRO N 186 -32.91 14.53 -12.51
CA PRO N 186 -31.84 15.43 -12.07
C PRO N 186 -31.59 16.58 -13.02
N LEU N 187 -31.74 17.81 -12.53
CA LEU N 187 -31.49 18.99 -13.36
C LEU N 187 -30.06 18.99 -13.88
N GLU N 188 -29.88 19.57 -15.05
CA GLU N 188 -28.57 19.67 -15.67
C GLU N 188 -28.00 21.07 -15.42
N VAL N 189 -26.68 21.14 -15.23
CA VAL N 189 -25.99 22.38 -14.92
C VAL N 189 -25.20 22.82 -16.14
N ASP N 190 -25.34 24.10 -16.49
CA ASP N 190 -24.68 24.67 -17.67
C ASP N 190 -23.38 25.32 -17.22
N LEU N 191 -22.27 24.64 -17.42
CA LEU N 191 -20.95 25.07 -16.97
C LEU N 191 -20.25 26.01 -17.96
N THR N 192 -20.99 26.66 -18.85
CA THR N 192 -20.34 27.55 -19.82
C THR N 192 -19.80 28.81 -19.15
N LYS N 193 -20.57 29.40 -18.24
CA LYS N 193 -20.13 30.57 -17.48
C LYS N 193 -19.50 30.20 -16.14
N ALA N 194 -18.95 29.01 -16.03
CA ALA N 194 -18.28 28.58 -14.81
C ALA N 194 -16.97 29.33 -14.63
N LYS N 195 -16.59 29.53 -13.38
CA LYS N 195 -15.34 30.20 -13.07
C LYS N 195 -14.15 29.37 -13.53
N ARG N 196 -13.27 29.97 -14.33
CA ARG N 196 -12.15 29.27 -14.94
C ARG N 196 -10.80 29.83 -14.56
N GLN N 197 -10.73 31.05 -14.02
CA GLN N 197 -9.49 31.64 -13.55
C GLN N 197 -9.71 32.35 -12.22
N ASP N 198 -8.61 32.53 -11.48
CA ASP N 198 -8.70 32.98 -10.09
C ASP N 198 -9.18 34.42 -9.98
N LEU N 199 -8.61 35.32 -10.78
CA LEU N 199 -8.81 36.75 -10.59
C LEU N 199 -10.29 37.11 -10.63
N GLU N 200 -10.68 38.04 -9.76
CA GLU N 200 -12.04 38.56 -9.67
C GLU N 200 -11.94 40.08 -9.83
N PRO N 201 -12.00 40.59 -11.06
CA PRO N 201 -11.69 42.02 -11.26
C PRO N 201 -12.68 42.97 -10.59
N SER N 202 -13.99 42.71 -10.71
CA SER N 202 -14.96 43.57 -10.04
C SER N 202 -14.77 43.55 -8.53
N VAL N 203 -14.49 42.38 -7.97
CA VAL N 203 -14.28 42.26 -6.53
C VAL N 203 -13.03 43.04 -6.11
N GLU N 204 -11.93 42.85 -6.84
CA GLU N 204 -10.70 43.58 -6.55
C GLU N 204 -10.93 45.09 -6.64
N GLU N 205 -11.73 45.53 -7.61
CA GLU N 205 -12.01 46.94 -7.78
C GLU N 205 -12.80 47.51 -6.62
N ALA N 206 -13.91 46.85 -6.26
CA ALA N 206 -14.70 47.29 -5.11
C ALA N 206 -13.90 47.28 -3.83
N ARG N 207 -12.98 46.33 -3.68
CA ARG N 207 -12.21 46.27 -2.44
C ARG N 207 -11.16 47.38 -2.42
N TYR N 208 -10.53 47.64 -3.57
CA TYR N 208 -9.63 48.78 -3.67
C TYR N 208 -10.36 50.08 -3.33
N ASN N 209 -11.60 50.21 -3.78
CA ASN N 209 -12.38 51.38 -3.42
C ASN N 209 -12.86 51.35 -1.96
N SER N 210 -12.73 50.21 -1.28
CA SER N 210 -13.15 50.12 0.11
C SER N 210 -12.05 50.52 1.11
N CYS N 211 -10.81 50.74 0.66
CA CYS N 211 -9.72 51.02 1.58
C CYS N 211 -9.50 52.52 1.80
N CYS O 28 -9.32 47.31 11.87
CA CYS O 28 -8.44 46.17 11.66
C CYS O 28 -9.24 44.94 11.25
N PHE O 29 -8.71 43.75 11.51
CA PHE O 29 -9.41 42.52 11.17
C PHE O 29 -10.48 42.22 12.20
N GLY O 30 -11.63 41.73 11.72
CA GLY O 30 -12.79 41.53 12.56
C GLY O 30 -13.61 42.76 12.83
N GLN O 31 -13.13 43.95 12.46
CA GLN O 31 -13.88 45.19 12.65
C GLN O 31 -14.40 45.79 11.36
N CYS O 32 -13.68 45.64 10.25
CA CYS O 32 -14.11 46.21 8.99
C CYS O 32 -15.45 45.64 8.58
N GLN O 33 -16.37 46.50 8.16
CA GLN O 33 -17.65 46.07 7.63
C GLN O 33 -17.61 46.14 6.11
N TYR O 34 -18.14 45.10 5.46
CA TYR O 34 -18.11 45.02 4.01
C TYR O 34 -18.94 46.13 3.39
N THR O 35 -18.36 46.83 2.43
CA THR O 35 -19.07 47.85 1.69
C THR O 35 -20.05 47.22 0.70
N ALA O 36 -21.07 48.00 0.33
CA ALA O 36 -22.12 47.50 -0.56
C ALA O 36 -21.54 46.96 -1.86
N GLU O 37 -20.60 47.69 -2.47
CA GLU O 37 -20.02 47.25 -3.73
C GLU O 37 -19.27 45.94 -3.55
N GLU O 38 -18.44 45.85 -2.50
CA GLU O 38 -17.67 44.63 -2.28
C GLU O 38 -18.58 43.48 -1.90
N TYR O 39 -19.60 43.74 -1.08
CA TYR O 39 -20.56 42.68 -0.76
C TYR O 39 -21.19 42.13 -2.03
N GLN O 40 -21.65 43.02 -2.93
CA GLN O 40 -22.33 42.55 -4.13
C GLN O 40 -21.37 41.76 -5.03
N ALA O 41 -20.16 42.30 -5.23
CA ALA O 41 -19.17 41.61 -6.04
C ALA O 41 -18.88 40.20 -5.50
N ILE O 42 -18.62 40.09 -4.19
CA ILE O 42 -18.26 38.80 -3.62
C ILE O 42 -19.46 37.86 -3.63
N GLN O 43 -20.64 38.37 -3.26
CA GLN O 43 -21.84 37.55 -3.24
C GLN O 43 -22.12 36.96 -4.63
N LYS O 44 -21.98 37.77 -5.68
CA LYS O 44 -22.15 37.24 -7.04
C LYS O 44 -21.06 36.24 -7.39
N ALA O 45 -19.79 36.60 -7.13
CA ALA O 45 -18.67 35.76 -7.53
C ALA O 45 -18.69 34.39 -6.85
N LEU O 46 -19.15 34.33 -5.61
CA LEU O 46 -19.13 33.05 -4.88
C LEU O 46 -20.10 32.04 -5.45
N ARG O 47 -21.11 32.48 -6.21
CA ARG O 47 -22.05 31.53 -6.79
C ARG O 47 -21.40 30.74 -7.93
N GLN O 48 -20.40 31.31 -8.59
CA GLN O 48 -19.76 30.66 -9.73
C GLN O 48 -19.31 29.25 -9.37
N ARG O 49 -19.67 28.30 -10.21
CA ARG O 49 -19.11 26.96 -10.12
C ARG O 49 -17.74 26.96 -10.78
N LEU O 50 -16.92 25.97 -10.42
CA LEU O 50 -15.56 25.91 -10.93
C LEU O 50 -15.50 25.09 -12.21
N GLY O 51 -14.71 25.58 -13.17
CA GLY O 51 -14.44 24.86 -14.38
C GLY O 51 -13.54 23.67 -14.13
N PRO O 52 -13.30 22.85 -15.15
CA PRO O 52 -12.46 21.66 -14.94
C PRO O 52 -11.01 21.98 -14.62
N GLU O 53 -10.57 23.23 -14.78
CA GLU O 53 -9.19 23.58 -14.47
C GLU O 53 -8.88 23.41 -12.99
N TYR O 54 -9.89 23.56 -12.13
CA TYR O 54 -9.68 23.48 -10.69
C TYR O 54 -9.83 22.06 -10.15
N ILE O 55 -10.69 21.27 -10.74
CA ILE O 55 -11.07 19.98 -10.15
C ILE O 55 -10.00 18.95 -10.46
N SER O 56 -9.70 18.14 -9.45
CA SER O 56 -8.80 17.01 -9.54
C SER O 56 -9.51 15.79 -8.95
N SER O 57 -8.89 14.63 -9.07
CA SER O 57 -9.51 13.42 -8.57
C SER O 57 -8.43 12.49 -8.06
N ARG O 58 -8.74 11.77 -6.97
CA ARG O 58 -7.88 10.74 -6.41
C ARG O 58 -8.75 9.60 -5.92
N MET O 59 -8.12 8.62 -5.28
CA MET O 59 -8.83 7.46 -4.74
C MET O 59 -8.91 7.62 -3.22
N ALA O 60 -9.92 8.36 -2.77
CA ALA O 60 -10.08 8.73 -1.37
C ALA O 60 -10.61 7.57 -0.52
N GLY O 61 -11.16 7.91 0.65
CA GLY O 61 -11.55 6.90 1.62
C GLY O 61 -12.61 5.93 1.12
N GLY O 62 -13.50 6.38 0.25
CA GLY O 62 -14.55 5.51 -0.26
C GLY O 62 -14.06 4.37 -1.14
N GLY O 63 -12.76 4.32 -1.43
CA GLY O 63 -12.25 3.33 -2.35
C GLY O 63 -12.59 3.57 -3.80
N GLN O 64 -13.34 4.63 -4.10
CA GLN O 64 -13.72 4.98 -5.46
C GLN O 64 -13.17 6.36 -5.82
N LYS O 65 -13.45 6.75 -7.05
CA LYS O 65 -13.00 8.05 -7.54
C LYS O 65 -13.73 9.17 -6.83
N VAL O 66 -12.98 10.10 -6.25
CA VAL O 66 -13.52 11.21 -5.49
C VAL O 66 -12.84 12.49 -5.98
N CYS O 67 -13.64 13.48 -6.35
CA CYS O 67 -13.11 14.73 -6.83
C CYS O 67 -12.81 15.66 -5.65
N TYR O 68 -11.91 16.61 -5.89
CA TYR O 68 -11.49 17.56 -4.88
C TYR O 68 -10.74 18.70 -5.54
N ILE O 69 -10.57 19.78 -4.79
CA ILE O 69 -9.76 20.92 -5.20
C ILE O 69 -8.48 20.87 -4.38
N GLU O 70 -7.34 21.00 -5.05
CA GLU O 70 -6.05 20.92 -4.36
C GLU O 70 -5.87 22.12 -3.43
N GLY O 71 -5.11 21.88 -2.35
CA GLY O 71 -4.99 22.88 -1.29
C GLY O 71 -4.57 24.24 -1.80
N HIS O 72 -3.49 24.29 -2.59
CA HIS O 72 -2.98 25.56 -3.08
C HIS O 72 -4.01 26.28 -3.94
N ARG O 73 -4.84 25.53 -4.68
CA ARG O 73 -5.91 26.15 -5.45
C ARG O 73 -6.94 26.81 -4.54
N VAL O 74 -7.30 26.14 -3.44
CA VAL O 74 -8.26 26.73 -2.51
C VAL O 74 -7.67 27.96 -1.85
N ILE O 75 -6.38 27.91 -1.51
CA ILE O 75 -5.72 29.06 -0.89
C ILE O 75 -5.73 30.25 -1.84
N ASN O 76 -5.38 30.03 -3.11
CA ASN O 76 -5.37 31.12 -4.07
C ASN O 76 -6.79 31.62 -4.36
N LEU O 77 -7.76 30.71 -4.43
CA LEU O 77 -9.16 31.11 -4.58
C LEU O 77 -9.59 32.05 -3.46
N ALA O 78 -9.26 31.70 -2.21
CA ALA O 78 -9.65 32.55 -1.09
C ALA O 78 -8.90 33.88 -1.12
N ASN O 79 -7.61 33.85 -1.48
CA ASN O 79 -6.83 35.08 -1.57
C ASN O 79 -7.39 36.02 -2.64
N GLU O 80 -7.94 35.47 -3.73
CA GLU O 80 -8.54 36.33 -4.75
C GLU O 80 -9.94 36.79 -4.34
N MET O 81 -10.69 35.93 -3.65
CA MET O 81 -12.05 36.29 -3.28
C MET O 81 -12.08 37.38 -2.20
N PHE O 82 -11.21 37.26 -1.19
CA PHE O 82 -11.25 38.15 -0.04
C PHE O 82 -10.02 39.03 0.08
N GLY O 83 -8.98 38.79 -0.69
CA GLY O 83 -7.75 39.51 -0.44
C GLY O 83 -6.84 38.75 0.50
N TYR O 84 -5.54 38.99 0.35
CA TYR O 84 -4.58 38.34 1.24
C TYR O 84 -4.84 38.63 2.70
N ASN O 85 -5.51 39.76 3.01
CA ASN O 85 -5.78 40.17 4.38
C ASN O 85 -7.28 40.22 4.69
N GLY O 86 -8.09 39.50 3.93
CA GLY O 86 -9.52 39.55 4.11
C GLY O 86 -10.10 38.26 4.65
N TRP O 87 -9.28 37.22 4.71
CA TRP O 87 -9.65 35.95 5.30
C TRP O 87 -8.55 35.46 6.22
N ALA O 88 -8.94 34.66 7.20
CA ALA O 88 -8.01 34.11 8.18
C ALA O 88 -8.52 32.74 8.60
N HIS O 89 -7.59 31.90 9.06
CA HIS O 89 -7.97 30.61 9.62
C HIS O 89 -7.03 30.25 10.76
N SER O 90 -7.55 29.44 11.69
CA SER O 90 -6.79 29.02 12.86
C SER O 90 -7.16 27.58 13.18
N ILE O 91 -6.24 26.88 13.85
CA ILE O 91 -6.48 25.50 14.26
C ILE O 91 -6.99 25.53 15.69
N THR O 92 -8.30 25.33 15.86
CA THR O 92 -8.89 25.32 17.19
C THR O 92 -8.36 24.16 18.03
N GLN O 93 -8.30 22.97 17.43
CA GLN O 93 -7.80 21.80 18.13
C GLN O 93 -7.41 20.75 17.11
N GLN O 94 -6.28 20.10 17.35
CA GLN O 94 -5.88 18.90 16.64
C GLN O 94 -5.68 17.80 17.67
N ASN O 95 -6.32 16.65 17.44
CA ASN O 95 -6.31 15.55 18.39
C ASN O 95 -6.00 14.27 17.63
N VAL O 96 -4.95 13.56 18.07
CA VAL O 96 -4.62 12.27 17.49
C VAL O 96 -5.58 11.23 18.06
N ASP O 97 -6.43 10.67 17.21
CA ASP O 97 -7.43 9.73 17.68
C ASP O 97 -6.78 8.43 18.12
N PHE O 98 -5.80 7.95 17.34
CA PHE O 98 -5.14 6.71 17.68
C PHE O 98 -3.82 6.61 16.92
N VAL O 99 -2.90 5.84 17.49
CA VAL O 99 -1.68 5.44 16.80
C VAL O 99 -1.50 3.96 17.11
N ASP O 100 -1.80 3.11 16.12
CA ASP O 100 -1.78 1.68 16.32
C ASP O 100 -0.67 1.05 15.49
N LEU O 101 -0.11 -0.03 16.03
CA LEU O 101 0.99 -0.75 15.42
C LEU O 101 0.51 -2.17 15.14
N ASN O 102 0.40 -2.52 13.86
CA ASN O 102 -0.04 -3.85 13.45
C ASN O 102 1.10 -4.48 12.67
N ASN O 103 1.75 -5.45 13.31
CA ASN O 103 2.90 -6.17 12.76
C ASN O 103 3.82 -5.25 11.96
N GLY O 104 4.30 -4.22 12.64
CA GLY O 104 5.34 -3.37 12.09
C GLY O 104 4.85 -2.22 11.23
N LYS O 105 3.55 -2.10 11.01
CA LYS O 105 3.00 -0.99 10.24
C LYS O 105 2.09 -0.15 11.13
N PHE O 106 2.11 1.15 10.89
CA PHE O 106 1.43 2.12 11.75
C PHE O 106 0.14 2.62 11.09
N TYR O 107 -0.90 2.75 11.90
CA TYR O 107 -2.21 3.23 11.47
C TYR O 107 -2.60 4.38 12.38
N VAL O 108 -2.74 5.56 11.79
CA VAL O 108 -2.87 6.81 12.54
C VAL O 108 -4.12 7.54 12.06
N GLY O 109 -4.94 7.99 13.01
CA GLY O 109 -6.04 8.87 12.68
C GLY O 109 -5.93 10.17 13.43
N VAL O 110 -6.07 11.28 12.73
CA VAL O 110 -5.90 12.61 13.32
C VAL O 110 -7.02 13.50 12.82
N CYS O 111 -7.72 14.16 13.75
CA CYS O 111 -8.74 15.14 13.43
C CYS O 111 -8.21 16.54 13.73
N ALA O 112 -8.72 17.52 13.00
CA ALA O 112 -8.36 18.91 13.20
C ALA O 112 -9.60 19.76 13.06
N PHE O 113 -9.67 20.83 13.85
CA PHE O 113 -10.81 21.74 13.85
C PHE O 113 -10.29 23.10 13.40
N VAL O 114 -10.66 23.50 12.19
CA VAL O 114 -10.17 24.72 11.57
C VAL O 114 -11.34 25.70 11.52
N ARG O 115 -11.09 26.95 11.92
CA ARG O 115 -12.09 28.00 11.91
C ARG O 115 -11.60 29.12 11.00
N VAL O 116 -12.33 29.37 9.91
CA VAL O 116 -12.03 30.46 8.99
C VAL O 116 -12.83 31.69 9.40
N GLN O 117 -12.20 32.86 9.37
CA GLN O 117 -12.87 34.11 9.69
C GLN O 117 -12.58 35.15 8.63
N LEU O 118 -13.60 35.95 8.29
CA LEU O 118 -13.45 37.05 7.35
C LEU O 118 -13.21 38.35 8.11
N LYS O 119 -12.82 39.39 7.35
CA LYS O 119 -12.44 40.65 7.99
C LYS O 119 -13.61 41.36 8.66
N ASP O 120 -14.84 40.87 8.49
CA ASP O 120 -15.99 41.47 9.14
C ASP O 120 -16.46 40.68 10.36
N GLY O 121 -15.73 39.61 10.72
CA GLY O 121 -16.09 38.77 11.83
C GLY O 121 -16.83 37.50 11.44
N SER O 122 -17.36 37.45 10.21
CA SER O 122 -18.01 36.24 9.74
C SER O 122 -17.05 35.06 9.82
N TYR O 123 -17.56 33.90 10.20
CA TYR O 123 -16.69 32.75 10.43
C TYR O 123 -17.41 31.48 10.03
N HIS O 124 -16.62 30.47 9.70
CA HIS O 124 -17.12 29.11 9.48
C HIS O 124 -16.08 28.14 10.02
N GLU O 125 -16.54 27.19 10.84
CA GLU O 125 -15.67 26.21 11.46
C GLU O 125 -16.13 24.81 11.08
N ASP O 126 -15.19 23.95 10.75
CA ASP O 126 -15.50 22.58 10.34
C ASP O 126 -14.38 21.66 10.79
N VAL O 127 -14.56 20.36 10.50
CA VAL O 127 -13.64 19.31 10.93
C VAL O 127 -12.86 18.78 9.74
N GLY O 128 -11.56 18.59 9.92
CA GLY O 128 -10.76 17.86 8.95
C GLY O 128 -10.21 16.57 9.52
N TYR O 129 -9.90 15.60 8.66
CA TYR O 129 -9.29 14.36 9.11
C TYR O 129 -8.03 14.07 8.31
N GLY O 130 -7.14 13.31 8.94
CA GLY O 130 -5.90 12.89 8.32
C GLY O 130 -5.64 11.42 8.61
N VAL O 131 -5.30 10.67 7.57
CA VAL O 131 -5.20 9.22 7.67
C VAL O 131 -3.83 8.78 7.16
N SER O 132 -3.23 7.79 7.84
CA SER O 132 -2.03 7.13 7.36
C SER O 132 -2.07 5.70 7.84
N GLU O 133 -2.30 4.76 6.92
CA GLU O 133 -2.37 3.34 7.24
C GLU O 133 -1.35 2.60 6.39
N GLY O 134 -0.54 1.76 7.03
CA GLY O 134 0.36 0.86 6.35
C GLY O 134 1.82 1.25 6.40
N LEU O 135 2.13 2.51 6.63
CA LEU O 135 3.52 2.93 6.60
C LEU O 135 4.27 2.32 7.78
N LYS O 136 5.55 1.99 7.55
CA LYS O 136 6.39 1.42 8.58
C LYS O 136 7.12 2.47 9.41
N SER O 137 7.22 3.69 8.91
CA SER O 137 7.87 4.78 9.64
C SER O 137 6.81 5.54 10.43
N LYS O 138 6.95 5.53 11.76
CA LYS O 138 6.02 6.25 12.62
C LYS O 138 6.02 7.74 12.32
N ALA O 139 7.20 8.32 12.10
CA ALA O 139 7.29 9.77 11.89
C ALA O 139 6.52 10.21 10.66
N LEU O 140 6.65 9.46 9.56
CA LEU O 140 5.97 9.85 8.32
C LEU O 140 4.46 9.69 8.45
N SER O 141 4.02 8.66 9.17
CA SER O 141 2.58 8.47 9.40
C SER O 141 1.98 9.64 10.15
N LEU O 142 2.58 10.03 11.28
CA LEU O 142 2.07 11.15 12.05
C LEU O 142 2.12 12.45 11.28
N GLU O 143 3.24 12.71 10.58
CA GLU O 143 3.36 13.94 9.81
C GLU O 143 2.27 14.03 8.75
N LYS O 144 2.09 12.95 7.99
CA LYS O 144 1.08 12.90 6.94
C LYS O 144 -0.31 13.11 7.53
N ALA O 145 -0.62 12.42 8.63
CA ALA O 145 -1.96 12.50 9.17
C ALA O 145 -2.28 13.88 9.71
N ARG O 146 -1.34 14.49 10.43
CA ARG O 146 -1.59 15.81 11.01
C ARG O 146 -1.75 16.86 9.91
N LYS O 147 -0.82 16.88 8.96
CA LYS O 147 -0.90 17.88 7.89
C LYS O 147 -2.16 17.71 7.07
N GLU O 148 -2.51 16.47 6.72
CA GLU O 148 -3.73 16.21 5.97
C GLU O 148 -4.96 16.65 6.74
N ALA O 149 -5.01 16.36 8.05
CA ALA O 149 -6.15 16.79 8.86
C ALA O 149 -6.32 18.30 8.80
N VAL O 150 -5.23 19.05 8.96
CA VAL O 150 -5.36 20.50 8.99
C VAL O 150 -5.79 21.04 7.62
N THR O 151 -5.16 20.56 6.54
CA THR O 151 -5.51 21.05 5.21
C THR O 151 -6.95 20.70 4.85
N ASP O 152 -7.37 19.47 5.13
CA ASP O 152 -8.74 19.04 4.90
C ASP O 152 -9.72 19.91 5.69
N GLY O 153 -9.39 20.21 6.94
CA GLY O 153 -10.26 21.07 7.74
C GLY O 153 -10.39 22.46 7.16
N LEU O 154 -9.29 23.00 6.63
CA LEU O 154 -9.36 24.33 6.01
C LEU O 154 -10.23 24.30 4.77
N LYS O 155 -10.08 23.27 3.93
CA LYS O 155 -10.92 23.16 2.73
C LYS O 155 -12.39 23.04 3.09
N ARG O 156 -12.70 22.20 4.09
CA ARG O 156 -14.10 21.99 4.45
C ARG O 156 -14.70 23.21 5.13
N ALA O 157 -13.88 24.00 5.84
CA ALA O 157 -14.39 25.24 6.41
C ALA O 157 -14.64 26.28 5.32
N LEU O 158 -13.76 26.33 4.31
CA LEU O 158 -13.96 27.28 3.22
C LEU O 158 -15.14 26.90 2.34
N ARG O 159 -15.49 25.61 2.30
CA ARG O 159 -16.65 25.17 1.54
C ARG O 159 -17.91 26.00 1.85
N SER O 160 -18.09 26.38 3.11
CA SER O 160 -19.35 26.98 3.55
C SER O 160 -19.58 28.39 3.03
N PHE O 161 -18.64 29.00 2.33
CA PHE O 161 -18.85 30.36 1.83
C PHE O 161 -19.48 30.42 0.44
N GLY O 162 -19.49 29.32 -0.29
CA GLY O 162 -20.15 29.28 -1.59
C GLY O 162 -19.47 28.31 -2.53
N ASN O 163 -20.05 28.22 -3.73
CA ASN O 163 -19.56 27.28 -4.73
C ASN O 163 -18.13 27.60 -5.15
N ALA O 164 -17.81 28.90 -5.29
CA ALA O 164 -16.51 29.29 -5.81
C ALA O 164 -15.37 28.80 -4.93
N LEU O 165 -15.62 28.58 -3.65
CA LEU O 165 -14.62 28.09 -2.72
C LEU O 165 -14.76 26.60 -2.44
N GLY O 166 -15.64 25.91 -3.15
CA GLY O 166 -15.65 24.45 -3.10
C GLY O 166 -16.97 23.80 -2.77
N ASN O 167 -18.04 24.59 -2.63
CA ASN O 167 -19.32 24.00 -2.28
C ASN O 167 -19.90 23.18 -3.43
N CYS O 168 -19.65 23.61 -4.67
CA CYS O 168 -20.23 22.94 -5.84
C CYS O 168 -19.71 21.52 -6.01
N ILE O 169 -18.52 21.22 -5.48
CA ILE O 169 -17.93 19.90 -5.63
C ILE O 169 -18.82 18.79 -5.07
N LEU O 170 -19.77 19.13 -4.20
CA LEU O 170 -20.64 18.12 -3.61
C LEU O 170 -21.87 17.81 -4.44
N ASP O 171 -22.12 18.57 -5.52
CA ASP O 171 -23.30 18.38 -6.34
C ASP O 171 -23.02 17.31 -7.40
N LYS O 172 -23.74 16.19 -7.33
CA LYS O 172 -23.53 15.12 -8.30
C LYS O 172 -23.88 15.56 -9.71
N ASP O 173 -24.86 16.46 -9.84
CA ASP O 173 -25.22 16.98 -11.15
C ASP O 173 -24.08 17.82 -11.72
N TYR O 174 -23.45 18.63 -10.88
CA TYR O 174 -22.26 19.36 -11.29
C TYR O 174 -21.15 18.41 -11.71
N LEU O 175 -21.03 17.26 -11.04
CA LEU O 175 -20.01 16.30 -11.40
C LEU O 175 -20.28 15.68 -12.77
N ARG O 176 -21.54 15.32 -13.04
CA ARG O 176 -21.89 14.80 -14.36
C ARG O 176 -21.65 15.85 -15.44
N SER O 177 -22.07 17.10 -15.20
CA SER O 177 -21.79 18.17 -16.16
C SER O 177 -20.30 18.45 -16.31
N LEU O 178 -19.49 18.02 -15.33
CA LEU O 178 -18.04 18.16 -15.44
C LEU O 178 -17.43 17.04 -16.26
N ASN O 179 -17.98 15.83 -16.15
CA ASN O 179 -17.41 14.70 -16.89
C ASN O 179 -17.63 14.85 -18.40
N LYS O 180 -18.77 15.40 -18.81
CA LYS O 180 -19.10 15.59 -20.21
C LYS O 180 -18.23 16.63 -20.91
N LEU O 181 -17.40 17.37 -20.18
CA LEU O 181 -16.56 18.41 -20.76
C LEU O 181 -15.27 17.83 -21.34
N PRO O 182 -14.70 18.46 -22.37
CA PRO O 182 -13.48 17.95 -23.00
C PRO O 182 -12.30 17.91 -22.04
N ARG O 183 -11.66 16.74 -21.97
CA ARG O 183 -10.49 16.52 -21.12
C ARG O 183 -9.32 17.37 -21.61
N GLN O 184 -9.05 18.48 -20.92
CA GLN O 184 -7.99 19.40 -21.28
C GLN O 184 -6.65 18.95 -20.68
N LEU O 185 -5.56 19.27 -21.39
CA LEU O 185 -4.23 18.96 -20.91
C LEU O 185 -3.80 19.97 -19.85
N PRO O 186 -2.99 19.55 -18.86
CA PRO O 186 -2.51 20.49 -17.83
C PRO O 186 -1.94 21.77 -18.41
N LEU O 187 -2.49 22.91 -17.97
CA LEU O 187 -2.02 24.21 -18.42
C LEU O 187 -0.54 24.39 -18.11
N GLU O 188 0.12 25.20 -18.93
CA GLU O 188 1.54 25.50 -18.75
C GLU O 188 1.71 26.83 -18.03
N VAL O 189 2.78 26.92 -17.24
CA VAL O 189 3.05 28.09 -16.42
C VAL O 189 4.17 28.88 -17.10
N ASP O 190 3.94 30.18 -17.26
CA ASP O 190 4.88 31.06 -17.96
C ASP O 190 5.72 31.76 -16.88
N LEU O 191 6.92 31.24 -16.65
CA LEU O 191 7.81 31.71 -15.59
C LEU O 191 8.68 32.88 -16.02
N THR O 192 8.31 33.60 -17.08
CA THR O 192 9.14 34.72 -17.51
C THR O 192 9.06 35.88 -16.53
N LYS O 193 7.86 36.20 -16.05
CA LYS O 193 7.65 37.28 -15.09
C LYS O 193 7.64 36.78 -13.64
N ALA O 194 8.29 35.66 -13.35
CA ALA O 194 8.36 35.16 -11.99
C ALA O 194 9.24 36.04 -11.13
N LYS O 195 8.90 36.12 -9.84
CA LYS O 195 9.69 36.92 -8.90
C LYS O 195 11.07 36.31 -8.71
N ARG O 196 12.11 37.12 -8.90
CA ARG O 196 13.49 36.65 -8.87
C ARG O 196 14.34 37.32 -7.81
N GLN O 197 13.91 38.44 -7.24
CA GLN O 197 14.59 39.08 -6.13
C GLN O 197 13.57 39.56 -5.12
N ASP O 198 14.02 39.74 -3.87
CA ASP O 198 13.13 39.97 -2.75
C ASP O 198 12.42 41.32 -2.85
N LEU O 199 13.16 42.39 -3.14
CA LEU O 199 12.65 43.74 -3.02
C LEU O 199 11.37 43.94 -3.84
N GLU O 200 10.41 44.66 -3.26
CA GLU O 200 9.14 45.00 -3.90
C GLU O 200 8.99 46.52 -3.84
N PRO O 201 9.48 47.23 -4.85
CA PRO O 201 9.58 48.70 -4.73
C PRO O 201 8.24 49.42 -4.58
N SER O 202 7.22 49.07 -5.37
CA SER O 202 5.93 49.72 -5.23
C SER O 202 5.34 49.49 -3.85
N VAL O 203 5.49 48.27 -3.33
CA VAL O 203 4.98 47.95 -2.00
C VAL O 203 5.70 48.78 -0.95
N GLU O 204 7.04 48.82 -1.03
CA GLU O 204 7.83 49.61 -0.09
C GLU O 204 7.45 51.08 -0.12
N GLU O 205 7.18 51.63 -1.31
CA GLU O 205 6.82 53.04 -1.43
C GLU O 205 5.46 53.31 -0.77
N ALA O 206 4.46 52.50 -1.12
CA ALA O 206 3.16 52.67 -0.51
C ALA O 206 3.23 52.53 1.01
N ARG O 207 4.09 51.65 1.52
CA ARG O 207 4.15 51.46 2.96
C ARG O 207 4.89 52.62 3.63
N TYR O 208 5.95 53.12 3.01
CA TYR O 208 6.60 54.32 3.54
C TYR O 208 5.63 55.49 3.62
N ASN O 209 4.80 55.66 2.60
CA ASN O 209 3.78 56.70 2.68
C ASN O 209 2.61 56.32 3.58
N SER O 210 2.56 55.07 4.07
CA SER O 210 1.50 54.62 4.96
C SER O 210 1.74 54.96 6.42
N CYS O 211 2.91 55.48 6.77
CA CYS O 211 3.26 55.72 8.17
C CYS O 211 2.84 57.10 8.65
N CYS P 28 -1.26 50.36 16.90
CA CYS P 28 -0.11 49.45 17.00
C CYS P 28 -0.30 48.21 16.13
N PHE P 29 0.34 47.10 16.52
CA PHE P 29 0.22 45.86 15.77
C PHE P 29 -1.12 45.20 16.07
N GLY P 30 -1.73 44.64 15.04
CA GLY P 30 -3.09 44.13 15.13
C GLY P 30 -4.15 45.20 15.00
N GLN P 31 -3.76 46.48 15.01
CA GLN P 31 -4.67 47.61 14.87
C GLN P 31 -4.53 48.33 13.54
N CYS P 32 -3.32 48.35 12.96
CA CYS P 32 -3.08 49.06 11.72
C CYS P 32 -3.97 48.55 10.60
N GLN P 33 -4.57 49.47 9.86
CA GLN P 33 -5.33 49.11 8.66
C GLN P 33 -4.49 49.41 7.43
N TYR P 34 -4.49 48.46 6.49
CA TYR P 34 -3.71 48.61 5.27
C TYR P 34 -4.28 49.75 4.44
N THR P 35 -3.41 50.64 3.97
CA THR P 35 -3.83 51.69 3.07
C THR P 35 -4.10 51.11 1.68
N ALA P 36 -4.93 51.81 0.91
CA ALA P 36 -5.32 51.32 -0.41
C ALA P 36 -4.11 51.03 -1.27
N GLU P 37 -3.13 51.93 -1.27
CA GLU P 37 -1.93 51.75 -2.08
C GLU P 37 -1.18 50.50 -1.62
N GLU P 38 -0.97 50.37 -0.30
CA GLU P 38 -0.23 49.23 0.23
C GLU P 38 -1.01 47.93 0.07
N TYR P 39 -2.33 47.97 0.31
CA TYR P 39 -3.14 46.77 0.08
C TYR P 39 -3.00 46.29 -1.35
N GLN P 40 -3.17 47.20 -2.31
CA GLN P 40 -3.14 46.78 -3.72
C GLN P 40 -1.75 46.31 -4.12
N ALA P 41 -0.72 47.03 -3.69
CA ALA P 41 0.66 46.62 -3.95
C ALA P 41 0.93 45.21 -3.45
N ILE P 42 0.54 44.91 -2.19
CA ILE P 42 0.82 43.60 -1.62
C ILE P 42 0.00 42.52 -2.32
N GLN P 43 -1.29 42.80 -2.56
CA GLN P 43 -2.13 41.83 -3.26
C GLN P 43 -1.56 41.48 -4.63
N LYS P 44 -1.06 42.47 -5.36
CA LYS P 44 -0.43 42.22 -6.64
C LYS P 44 0.85 41.40 -6.47
N ALA P 45 1.71 41.82 -5.54
CA ALA P 45 3.01 41.18 -5.39
C ALA P 45 2.88 39.72 -4.96
N LEU P 46 1.87 39.40 -4.14
CA LEU P 46 1.72 38.03 -3.65
C LEU P 46 1.29 37.06 -4.73
N ARG P 47 0.75 37.55 -5.85
CA ARG P 47 0.36 36.65 -6.92
C ARG P 47 1.57 36.04 -7.60
N GLN P 48 2.71 36.73 -7.58
CA GLN P 48 3.94 36.26 -8.24
C GLN P 48 4.32 34.85 -7.79
N ARG P 49 4.59 33.98 -8.76
CA ARG P 49 5.27 32.74 -8.46
C ARG P 49 6.76 33.01 -8.31
N LEU P 50 7.44 32.08 -7.64
CA LEU P 50 8.84 32.29 -7.28
C LEU P 50 9.76 31.76 -8.37
N GLY P 51 10.81 32.52 -8.66
CA GLY P 51 11.82 32.11 -9.60
C GLY P 51 12.71 30.99 -9.08
N PRO P 52 13.58 30.47 -9.95
CA PRO P 52 14.46 29.36 -9.54
C PRO P 52 15.49 29.75 -8.50
N GLU P 53 15.70 31.04 -8.24
CA GLU P 53 16.64 31.46 -7.20
C GLU P 53 16.20 31.00 -5.83
N TYR P 54 14.88 30.86 -5.62
CA TYR P 54 14.34 30.53 -4.31
C TYR P 54 14.24 29.03 -4.06
N ILE P 55 13.98 28.24 -5.09
CA ILE P 55 13.66 26.82 -4.92
C ILE P 55 14.92 26.00 -4.77
N SER P 56 14.88 25.03 -3.86
CA SER P 56 15.94 24.06 -3.66
C SER P 56 15.31 22.67 -3.74
N SER P 57 16.16 21.65 -3.76
CA SER P 57 15.65 20.29 -3.93
C SER P 57 16.52 19.29 -3.20
N ARG P 58 15.90 18.18 -2.79
CA ARG P 58 16.58 17.06 -2.19
C ARG P 58 15.99 15.78 -2.79
N MET P 59 16.48 14.63 -2.35
CA MET P 59 15.97 13.33 -2.78
C MET P 59 15.18 12.70 -1.64
N ALA P 60 13.97 12.24 -1.94
CA ALA P 60 13.10 11.69 -0.92
C ALA P 60 13.46 10.24 -0.62
N GLY P 61 12.66 9.61 0.24
CA GLY P 61 12.77 8.19 0.46
C GLY P 61 12.47 7.43 -0.81
N GLY P 62 13.39 6.57 -1.23
CA GLY P 62 13.28 5.91 -2.51
C GLY P 62 14.04 6.57 -3.64
N GLY P 63 14.56 7.77 -3.44
CA GLY P 63 15.33 8.45 -4.46
C GLY P 63 14.47 9.18 -5.47
N GLN P 64 13.83 10.26 -5.05
CA GLN P 64 13.02 11.08 -5.94
C GLN P 64 13.06 12.52 -5.45
N LYS P 65 12.96 13.45 -6.40
CA LYS P 65 13.20 14.86 -6.13
C LYS P 65 12.00 15.50 -5.42
N VAL P 66 12.29 16.22 -4.33
CA VAL P 66 11.31 16.97 -3.58
C VAL P 66 11.78 18.42 -3.50
N CYS P 67 10.96 19.35 -3.95
CA CYS P 67 11.30 20.76 -3.92
C CYS P 67 10.85 21.38 -2.59
N TYR P 68 11.53 22.46 -2.22
CA TYR P 68 11.22 23.18 -0.99
C TYR P 68 11.92 24.53 -1.02
N ILE P 69 11.48 25.42 -0.13
CA ILE P 69 12.10 26.72 0.07
C ILE P 69 12.79 26.71 1.43
N GLU P 70 14.04 27.14 1.46
CA GLU P 70 14.76 27.20 2.72
C GLU P 70 14.19 28.28 3.62
N GLY P 71 14.29 28.05 4.93
CA GLY P 71 13.64 28.91 5.90
C GLY P 71 13.97 30.38 5.74
N HIS P 72 15.27 30.69 5.67
CA HIS P 72 15.70 32.09 5.60
C HIS P 72 15.13 32.79 4.36
N ARG P 73 14.92 32.05 3.27
CA ARG P 73 14.32 32.64 2.09
C ARG P 73 12.89 33.08 2.36
N VAL P 74 12.12 32.25 3.07
CA VAL P 74 10.75 32.61 3.40
C VAL P 74 10.73 33.79 4.37
N ILE P 75 11.66 33.81 5.33
CA ILE P 75 11.73 34.91 6.28
C ILE P 75 12.00 36.22 5.55
N ASN P 76 12.97 36.21 4.62
CA ASN P 76 13.31 37.42 3.89
C ASN P 76 12.16 37.85 2.98
N LEU P 77 11.49 36.89 2.34
CA LEU P 77 10.31 37.20 1.53
C LEU P 77 9.26 37.92 2.36
N ALA P 78 8.99 37.41 3.56
CA ALA P 78 7.98 38.05 4.40
C ALA P 78 8.42 39.41 4.89
N ASN P 79 9.70 39.56 5.25
CA ASN P 79 10.22 40.85 5.70
C ASN P 79 10.11 41.90 4.59
N GLU P 80 10.31 41.49 3.34
CA GLU P 80 10.17 42.45 2.25
C GLU P 80 8.71 42.70 1.90
N MET P 81 7.85 41.68 2.01
CA MET P 81 6.45 41.84 1.65
C MET P 81 5.71 42.73 2.64
N PHE P 82 5.96 42.53 3.95
CA PHE P 82 5.21 43.22 4.98
C PHE P 82 6.05 44.18 5.82
N GLY P 83 7.36 44.14 5.70
CA GLY P 83 8.15 44.93 6.64
C GLY P 83 8.53 44.13 7.87
N TYR P 84 9.65 44.52 8.47
CA TYR P 84 10.10 43.86 9.70
C TYR P 84 9.05 43.92 10.81
N ASN P 85 8.16 44.92 10.76
CA ASN P 85 7.14 45.11 11.78
C ASN P 85 5.73 44.93 11.24
N GLY P 86 5.59 44.21 10.12
CA GLY P 86 4.28 44.03 9.50
C GLY P 86 3.78 42.61 9.55
N TRP P 87 4.64 41.67 9.95
CA TRP P 87 4.25 40.29 10.15
C TRP P 87 4.80 39.79 11.48
N ALA P 88 4.12 38.78 12.03
CA ALA P 88 4.49 38.19 13.31
C ALA P 88 4.10 36.71 13.29
N HIS P 89 4.79 35.93 14.11
CA HIS P 89 4.42 34.52 14.26
C HIS P 89 4.65 34.09 15.70
N SER P 90 3.88 33.09 16.13
CA SER P 90 3.96 32.56 17.48
C SER P 90 3.72 31.06 17.46
N ILE P 91 4.23 30.37 18.47
CA ILE P 91 4.08 28.94 18.61
C ILE P 91 2.90 28.67 19.54
N THR P 92 1.77 28.24 18.97
CA THR P 92 0.61 27.93 19.78
C THR P 92 0.87 26.74 20.69
N GLN P 93 1.45 25.67 20.13
CA GLN P 93 1.74 24.49 20.93
C GLN P 93 2.77 23.65 20.18
N GLN P 94 3.73 23.10 20.93
CA GLN P 94 4.65 22.11 20.41
C GLN P 94 4.53 20.84 21.24
N ASN P 95 4.39 19.71 20.56
CA ASN P 95 4.12 18.43 21.22
C ASN P 95 5.08 17.36 20.69
N VAL P 96 5.82 16.74 21.59
CA VAL P 96 6.69 15.63 21.25
C VAL P 96 5.83 14.38 21.11
N ASP P 97 5.74 13.86 19.88
CA ASP P 97 4.89 12.69 19.64
C ASP P 97 5.52 11.42 20.21
N PHE P 98 6.83 11.25 20.04
CA PHE P 98 7.48 10.03 20.51
C PHE P 98 8.98 10.25 20.61
N VAL P 99 9.61 9.46 21.49
CA VAL P 99 11.08 9.35 21.58
C VAL P 99 11.37 7.87 21.73
N ASP P 100 11.88 7.25 20.67
CA ASP P 100 12.14 5.81 20.66
C ASP P 100 13.63 5.52 20.57
N LEU P 101 14.04 4.43 21.20
CA LEU P 101 15.43 3.98 21.23
C LEU P 101 15.51 2.61 20.61
N ASN P 102 16.17 2.51 19.45
CA ASN P 102 16.34 1.23 18.75
C ASN P 102 17.83 0.96 18.60
N ASN P 103 18.32 -0.03 19.34
CA ASN P 103 19.72 -0.45 19.38
C ASN P 103 20.67 0.74 19.25
N GLY P 104 20.52 1.68 20.20
CA GLY P 104 21.46 2.77 20.38
C GLY P 104 21.22 4.01 19.55
N LYS P 105 20.20 4.03 18.70
CA LYS P 105 19.87 5.21 17.92
C LYS P 105 18.49 5.72 18.32
N PHE P 106 18.34 7.04 18.30
CA PHE P 106 17.12 7.71 18.76
C PHE P 106 16.30 8.15 17.57
N TYR P 107 14.98 7.95 17.67
CA TYR P 107 14.04 8.29 16.61
C TYR P 107 12.94 9.15 17.25
N VAL P 108 12.84 10.40 16.81
CA VAL P 108 12.03 11.41 17.49
C VAL P 108 11.12 12.09 16.48
N GLY P 109 9.84 12.22 16.83
CA GLY P 109 8.91 13.02 16.07
C GLY P 109 8.28 14.13 16.89
N VAL P 110 8.27 15.35 16.36
CA VAL P 110 7.78 16.52 17.08
C VAL P 110 6.92 17.35 16.13
N CYS P 111 5.72 17.72 16.58
CA CYS P 111 4.84 18.63 15.84
C CYS P 111 4.79 19.99 16.53
N ALA P 112 4.56 21.03 15.73
CA ALA P 112 4.44 22.41 16.22
C ALA P 112 3.30 23.10 15.50
N PHE P 113 2.61 23.99 16.21
CA PHE P 113 1.49 24.74 15.66
C PHE P 113 1.87 26.21 15.67
N VAL P 114 2.10 26.77 14.48
CA VAL P 114 2.58 28.14 14.31
C VAL P 114 1.44 28.98 13.75
N ARG P 115 1.22 30.16 14.32
CA ARG P 115 0.20 31.09 13.88
C ARG P 115 0.87 32.40 13.49
N VAL P 116 0.77 32.76 12.21
CA VAL P 116 1.31 34.00 11.68
C VAL P 116 0.21 35.07 11.71
N GLN P 117 0.58 36.29 12.07
CA GLN P 117 -0.36 37.41 12.08
C GLN P 117 0.24 38.61 11.36
N LEU P 118 -0.60 39.32 10.62
CA LEU P 118 -0.21 40.55 9.94
C LEU P 118 -0.51 41.76 10.81
N LYS P 119 0.02 42.92 10.41
CA LYS P 119 -0.15 44.11 11.22
C LYS P 119 -1.60 44.59 11.28
N ASP P 120 -2.51 43.99 10.51
CA ASP P 120 -3.91 44.35 10.55
C ASP P 120 -4.76 43.35 11.33
N GLY P 121 -4.14 42.34 11.93
CA GLY P 121 -4.84 41.31 12.66
C GLY P 121 -5.10 40.05 11.88
N SER P 122 -5.00 40.09 10.56
CA SER P 122 -5.16 38.90 9.74
C SER P 122 -4.15 37.84 10.17
N TYR P 123 -4.59 36.58 10.16
CA TYR P 123 -3.77 35.50 10.69
C TYR P 123 -3.96 34.23 9.88
N HIS P 124 -2.94 33.37 9.91
CA HIS P 124 -3.01 32.02 9.36
C HIS P 124 -2.19 31.11 10.25
N GLU P 125 -2.79 29.98 10.64
CA GLU P 125 -2.15 29.01 11.51
C GLU P 125 -2.12 27.65 10.83
N ASP P 126 -0.99 26.96 10.94
CA ASP P 126 -0.82 25.66 10.31
C ASP P 126 0.08 24.79 11.20
N VAL P 127 0.28 23.55 10.77
CA VAL P 127 1.04 22.57 11.52
C VAL P 127 2.39 22.35 10.87
N GLY P 128 3.44 22.29 11.67
CA GLY P 128 4.73 21.83 11.18
C GLY P 128 5.18 20.55 11.84
N TYR P 129 6.06 19.81 11.18
CA TYR P 129 6.62 18.60 11.77
C TYR P 129 8.12 18.62 11.73
N GLY P 130 8.73 17.96 12.71
CA GLY P 130 10.17 17.85 12.79
C GLY P 130 10.61 16.45 13.16
N VAL P 131 11.58 15.92 12.43
CA VAL P 131 12.03 14.54 12.57
C VAL P 131 13.53 14.54 12.74
N SER P 132 14.04 13.64 13.56
CA SER P 132 15.48 13.41 13.68
C SER P 132 15.66 11.93 13.92
N GLU P 133 16.17 11.24 12.91
CA GLU P 133 16.32 9.79 12.94
C GLU P 133 17.79 9.40 12.74
N GLY P 134 18.27 8.52 13.62
CA GLY P 134 19.58 7.90 13.48
C GLY P 134 20.61 8.37 14.46
N LEU P 135 20.47 9.58 15.00
CA LEU P 135 21.48 10.12 15.90
C LEU P 135 21.48 9.35 17.22
N LYS P 136 22.67 9.23 17.82
CA LYS P 136 22.81 8.54 19.09
C LYS P 136 22.62 9.45 20.30
N SER P 137 22.66 10.77 20.11
CA SER P 137 22.44 11.71 21.19
C SER P 137 20.96 12.10 21.22
N LYS P 138 20.28 11.75 22.31
CA LYS P 138 18.88 12.11 22.46
C LYS P 138 18.68 13.62 22.45
N ALA P 139 19.58 14.37 23.10
CA ALA P 139 19.42 15.82 23.16
C ALA P 139 19.48 16.44 21.77
N LEU P 140 20.44 16.02 20.94
CA LEU P 140 20.55 16.59 19.61
C LEU P 140 19.39 16.17 18.72
N SER P 141 18.89 14.95 18.90
CA SER P 141 17.71 14.50 18.16
C SER P 141 16.51 15.37 18.49
N LEU P 142 16.25 15.58 19.78
CA LEU P 142 15.13 16.43 20.18
C LEU P 142 15.32 17.86 19.68
N GLU P 143 16.55 18.39 19.75
CA GLU P 143 16.80 19.75 19.27
C GLU P 143 16.46 19.87 17.79
N LYS P 144 16.96 18.94 16.98
CA LYS P 144 16.69 19.00 15.54
C LYS P 144 15.20 18.87 15.28
N ALA P 145 14.53 17.93 15.96
CA ALA P 145 13.11 17.71 15.68
C ALA P 145 12.27 18.92 16.08
N ARG P 146 12.54 19.52 17.24
CA ARG P 146 11.76 20.67 17.69
C ARG P 146 11.97 21.87 16.76
N LYS P 147 13.23 22.19 16.47
CA LYS P 147 13.50 23.34 15.61
C LYS P 147 12.92 23.14 14.22
N GLU P 148 13.09 21.95 13.65
CA GLU P 148 12.52 21.65 12.33
C GLU P 148 11.00 21.77 12.35
N ALA P 149 10.35 21.27 13.40
CA ALA P 149 8.90 21.39 13.51
C ALA P 149 8.48 22.86 13.47
N VAL P 150 9.18 23.70 14.23
CA VAL P 150 8.80 25.12 14.28
C VAL P 150 8.98 25.77 12.91
N THR P 151 10.13 25.52 12.26
CA THR P 151 10.39 26.13 10.96
C THR P 151 9.38 25.65 9.92
N ASP P 152 9.12 24.35 9.87
CA ASP P 152 8.13 23.81 8.94
C ASP P 152 6.76 24.42 9.16
N GLY P 153 6.34 24.55 10.43
CA GLY P 153 5.06 25.17 10.71
C GLY P 153 4.99 26.62 10.26
N LEU P 154 6.09 27.35 10.43
CA LEU P 154 6.11 28.73 9.98
C LEU P 154 5.99 28.80 8.46
N LYS P 155 6.71 27.94 7.75
CA LYS P 155 6.61 27.93 6.29
C LYS P 155 5.20 27.59 5.82
N ARG P 156 4.58 26.58 6.43
CA ARG P 156 3.24 26.16 6.00
C ARG P 156 2.19 27.20 6.38
N ALA P 157 2.39 27.93 7.47
CA ALA P 157 1.47 29.00 7.82
C ALA P 157 1.60 30.16 6.85
N LEU P 158 2.84 30.51 6.47
CA LEU P 158 3.06 31.61 5.55
C LEU P 158 2.58 31.27 4.14
N ARG P 159 2.57 29.98 3.79
CA ARG P 159 2.05 29.56 2.49
C ARG P 159 0.67 30.16 2.19
N SER P 160 -0.17 30.31 3.21
CA SER P 160 -1.57 30.67 3.02
C SER P 160 -1.78 32.10 2.55
N PHE P 161 -0.72 32.91 2.45
CA PHE P 161 -0.89 34.29 2.01
C PHE P 161 -0.79 34.48 0.51
N GLY P 162 -0.24 33.52 -0.22
CA GLY P 162 -0.17 33.61 -1.66
C GLY P 162 1.05 32.90 -2.19
N ASN P 163 1.17 32.94 -3.53
CA ASN P 163 2.27 32.25 -4.21
C ASN P 163 3.63 32.82 -3.82
N ALA P 164 3.73 34.15 -3.67
CA ALA P 164 5.02 34.79 -3.42
C ALA P 164 5.66 34.30 -2.13
N LEU P 165 4.86 33.86 -1.16
CA LEU P 165 5.36 33.37 0.11
C LEU P 165 5.43 31.85 0.18
N GLY P 166 5.19 31.17 -0.93
CA GLY P 166 5.48 29.75 -0.97
C GLY P 166 4.35 28.87 -1.42
N ASN P 167 3.22 29.45 -1.81
CA ASN P 167 2.10 28.62 -2.24
C ASN P 167 2.40 27.94 -3.57
N CYS P 168 3.14 28.63 -4.44
CA CYS P 168 3.40 28.13 -5.79
C CYS P 168 4.19 26.82 -5.76
N ILE P 169 4.90 26.55 -4.66
CA ILE P 169 5.66 25.31 -4.53
C ILE P 169 4.77 24.09 -4.67
N LEU P 170 3.45 24.24 -4.47
CA LEU P 170 2.54 23.11 -4.57
C LEU P 170 1.97 22.88 -5.97
N ASP P 171 2.24 23.78 -6.91
CA ASP P 171 1.68 23.64 -8.26
C ASP P 171 2.57 22.72 -9.09
N LYS P 172 2.02 21.57 -9.48
CA LYS P 172 2.78 20.59 -10.24
C LYS P 172 3.16 21.11 -11.62
N ASP P 173 2.31 21.93 -12.22
CA ASP P 173 2.65 22.56 -13.50
C ASP P 173 3.78 23.55 -13.31
N TYR P 174 3.74 24.31 -12.22
CA TYR P 174 4.84 25.21 -11.88
C TYR P 174 6.14 24.44 -11.69
N LEU P 175 6.07 23.25 -11.09
CA LEU P 175 7.28 22.46 -10.91
C LEU P 175 7.82 21.94 -12.24
N ARG P 176 6.94 21.48 -13.12
CA ARG P 176 7.39 21.05 -14.44
C ARG P 176 8.04 22.21 -15.20
N SER P 177 7.38 23.38 -15.19
CA SER P 177 7.96 24.56 -15.83
C SER P 177 9.23 25.05 -15.15
N LEU P 178 9.46 24.63 -13.90
CA LEU P 178 10.71 24.98 -13.23
C LEU P 178 11.85 24.04 -13.61
N ASN P 179 11.55 22.75 -13.80
CA ASN P 179 12.59 21.81 -14.16
C ASN P 179 13.07 22.05 -15.59
N LYS P 180 12.17 22.42 -16.49
CA LYS P 180 12.53 22.71 -17.88
C LYS P 180 13.37 23.96 -18.04
N LEU P 181 13.55 24.75 -16.98
CA LEU P 181 14.33 25.98 -17.05
C LEU P 181 15.82 25.68 -16.87
N PRO P 182 16.68 26.51 -17.46
CA PRO P 182 18.13 26.28 -17.30
C PRO P 182 18.55 26.42 -15.85
N ARG P 183 19.22 25.38 -15.36
CA ARG P 183 19.73 25.35 -13.99
C ARG P 183 20.83 26.39 -13.83
N GLN P 184 20.52 27.50 -13.16
CA GLN P 184 21.48 28.56 -12.97
C GLN P 184 22.43 28.23 -11.83
N LEU P 185 23.65 28.73 -11.94
CA LEU P 185 24.63 28.46 -10.91
C LEU P 185 24.38 29.35 -9.69
N PRO P 186 24.66 28.86 -8.47
CA PRO P 186 24.46 29.66 -7.25
C PRO P 186 25.01 31.08 -7.30
N LEU P 187 24.14 32.04 -7.03
CA LEU P 187 24.51 33.45 -7.03
C LEU P 187 25.63 33.71 -6.01
N GLU P 188 26.46 34.70 -6.32
CA GLU P 188 27.53 35.12 -5.43
C GLU P 188 27.11 36.36 -4.65
N VAL P 189 27.57 36.48 -3.42
CA VAL P 189 27.18 37.57 -2.53
C VAL P 189 28.34 38.55 -2.40
N ASP P 190 28.05 39.83 -2.57
CA ASP P 190 29.05 40.90 -2.53
C ASP P 190 29.02 41.52 -1.12
N LEU P 191 29.98 41.14 -0.29
CA LEU P 191 30.07 41.57 1.10
C LEU P 191 30.78 42.91 1.27
N THR P 192 30.84 43.76 0.25
CA THR P 192 31.56 45.03 0.39
C THR P 192 30.84 45.99 1.33
N LYS P 193 29.52 46.10 1.21
CA LYS P 193 28.73 46.94 2.11
C LYS P 193 28.14 46.16 3.28
N ALA P 194 28.79 45.09 3.72
CA ALA P 194 28.29 44.34 4.86
C ALA P 194 28.46 45.15 6.13
N LYS P 195 27.53 44.96 7.07
CA LYS P 195 27.57 45.68 8.33
C LYS P 195 28.76 45.22 9.17
N ARG P 196 29.57 46.18 9.60
CA ARG P 196 30.80 45.90 10.31
C ARG P 196 30.87 46.49 11.71
N GLN P 197 29.98 47.42 12.05
CA GLN P 197 29.92 47.96 13.40
C GLN P 197 28.46 48.07 13.81
N ASP P 198 28.23 48.12 15.12
CA ASP P 198 26.87 48.06 15.66
C ASP P 198 26.07 49.31 15.30
N LEU P 199 26.68 50.49 15.47
CA LEU P 199 25.94 51.74 15.37
C LEU P 199 25.22 51.89 14.05
N GLU P 200 23.99 52.41 14.11
CA GLU P 200 23.17 52.72 12.95
C GLU P 200 22.79 54.19 13.09
N PRO P 201 23.62 55.10 12.57
CA PRO P 201 23.41 56.53 12.89
C PRO P 201 22.12 57.10 12.36
N SER P 202 21.74 56.79 11.12
CA SER P 202 20.48 57.28 10.58
C SER P 202 19.30 56.78 11.40
N VAL P 203 19.36 55.52 11.83
CA VAL P 203 18.28 54.95 12.64
C VAL P 203 18.20 55.67 13.98
N GLU P 204 19.35 55.85 14.64
CA GLU P 204 19.39 56.56 15.91
C GLU P 204 18.83 57.97 15.79
N GLU P 205 19.14 58.65 14.69
CA GLU P 205 18.67 60.02 14.49
C GLU P 205 17.16 60.05 14.29
N ALA P 206 16.65 59.22 13.39
CA ALA P 206 15.20 59.14 13.17
C ALA P 206 14.46 58.76 14.44
N ARG P 207 15.06 57.91 15.28
CA ARG P 207 14.37 57.51 16.50
C ARG P 207 14.38 58.64 17.53
N TYR P 208 15.49 59.36 17.65
CA TYR P 208 15.51 60.54 18.50
C TYR P 208 14.46 61.54 18.06
N ASN P 209 14.30 61.72 16.75
CA ASN P 209 13.24 62.60 16.27
C ASN P 209 11.86 61.96 16.38
N SER P 210 11.80 60.68 16.73
CA SER P 210 10.51 60.00 16.89
C SER P 210 9.91 60.18 18.28
N CYS P 211 10.62 60.78 19.23
CA CYS P 211 10.13 60.86 20.60
C CYS P 211 9.32 62.13 20.85
N CYS Q 28 2.92 53.57 25.81
CA CYS Q 28 3.94 52.75 26.46
C CYS Q 28 4.50 51.72 25.49
N PHE Q 29 5.00 50.60 26.02
CA PHE Q 29 5.57 49.56 25.18
C PHE Q 29 4.45 48.72 24.56
N GLY Q 30 4.65 48.34 23.30
CA GLY Q 30 3.62 47.68 22.54
C GLY Q 30 2.61 48.60 21.91
N GLN Q 31 2.65 49.90 22.21
CA GLN Q 31 1.71 50.87 21.67
C GLN Q 31 2.32 51.81 20.64
N CYS Q 32 3.59 52.15 20.78
CA CYS Q 32 4.23 53.10 19.87
C CYS Q 32 4.22 52.60 18.44
N GLN Q 33 3.84 53.47 17.50
CA GLN Q 33 3.95 53.16 16.08
C GLN Q 33 5.17 53.85 15.48
N TYR Q 34 5.87 53.10 14.64
CA TYR Q 34 7.11 53.59 14.05
C TYR Q 34 6.84 54.79 13.14
N THR Q 35 7.63 55.84 13.30
CA THR Q 35 7.55 56.98 12.40
C THR Q 35 8.15 56.60 11.04
N ALA Q 36 7.74 57.33 10.01
CA ALA Q 36 8.19 57.00 8.65
C ALA Q 36 9.70 56.95 8.55
N GLU Q 37 10.39 57.94 9.13
CA GLU Q 37 11.84 57.97 9.06
C GLU Q 37 12.46 56.76 9.75
N GLU Q 38 12.00 56.47 10.98
CA GLU Q 38 12.57 55.34 11.71
C GLU Q 38 12.18 54.01 11.08
N TYR Q 39 10.92 53.88 10.63
CA TYR Q 39 10.53 52.66 9.94
C TYR Q 39 11.44 52.39 8.74
N GLN Q 40 11.62 53.41 7.89
CA GLN Q 40 12.40 53.21 6.67
C GLN Q 40 13.86 52.93 7.01
N ALA Q 41 14.43 53.68 7.95
CA ALA Q 41 15.80 53.45 8.39
C ALA Q 41 16.00 52.01 8.85
N ILE Q 42 15.10 51.51 9.72
CA ILE Q 42 15.25 50.16 10.25
C ILE Q 42 15.03 49.13 9.17
N GLN Q 43 14.03 49.33 8.32
CA GLN Q 43 13.77 48.41 7.22
C GLN Q 43 14.98 48.28 6.32
N LYS Q 44 15.64 49.40 6.01
CA LYS Q 44 16.87 49.35 5.21
C LYS Q 44 17.99 48.66 5.98
N ALA Q 45 18.20 49.05 7.25
CA ALA Q 45 19.32 48.54 8.02
C ALA Q 45 19.26 47.03 8.23
N LEU Q 46 18.05 46.48 8.37
CA LEU Q 46 17.93 45.05 8.62
C LEU Q 46 18.33 44.22 7.40
N ARG Q 47 18.39 44.81 6.22
CA ARG Q 47 18.80 44.06 5.04
C ARG Q 47 20.29 43.73 5.08
N GLN Q 48 21.09 44.55 5.76
CA GLN Q 48 22.53 44.37 5.78
C GLN Q 48 22.91 42.95 6.23
N ARG Q 49 23.79 42.31 5.49
CA ARG Q 49 24.41 41.10 5.98
C ARG Q 49 25.56 41.46 6.92
N LEU Q 50 25.96 40.49 7.75
CA LEU Q 50 26.98 40.77 8.77
C LEU Q 50 28.37 40.47 8.23
N GLY Q 51 29.31 41.35 8.57
CA GLY Q 51 30.72 41.16 8.27
C GLY Q 51 31.34 40.06 9.12
N PRO Q 52 32.61 39.73 8.83
CA PRO Q 52 33.26 38.64 9.58
C PRO Q 52 33.52 38.95 11.05
N GLU Q 53 33.38 40.22 11.47
CA GLU Q 53 33.60 40.55 12.87
C GLU Q 53 32.57 39.88 13.77
N TYR Q 54 31.38 39.58 13.23
CA TYR Q 54 30.28 39.04 14.02
C TYR Q 54 30.28 37.52 14.07
N ILE Q 55 30.72 36.86 13.01
CA ILE Q 55 30.55 35.42 12.86
C ILE Q 55 31.62 34.67 13.64
N SER Q 56 31.20 33.58 14.27
CA SER Q 56 32.09 32.66 14.96
C SER Q 56 31.81 31.25 14.45
N SER Q 57 32.66 30.30 14.84
CA SER Q 57 32.52 28.93 14.32
C SER Q 57 33.00 27.94 15.37
N ARG Q 58 32.42 26.74 15.31
CA ARG Q 58 32.84 25.62 16.15
C ARG Q 58 32.86 24.36 15.30
N MET Q 59 33.23 23.24 15.93
CA MET Q 59 33.25 21.94 15.27
C MET Q 59 32.11 21.08 15.79
N ALA Q 60 31.41 20.42 14.87
CA ALA Q 60 30.16 19.74 15.16
C ALA Q 60 30.41 18.25 15.40
N GLY Q 61 29.32 17.49 15.50
CA GLY Q 61 29.43 16.06 15.77
C GLY Q 61 30.07 15.29 14.64
N GLY Q 62 29.82 15.72 13.40
CA GLY Q 62 30.44 15.14 12.24
C GLY Q 62 31.82 15.69 11.89
N GLY Q 63 32.29 16.69 12.64
CA GLY Q 63 33.58 17.29 12.38
C GLY Q 63 33.53 18.25 11.21
N GLN Q 64 32.50 19.09 11.17
CA GLN Q 64 32.31 20.07 10.11
C GLN Q 64 32.02 21.43 10.71
N LYS Q 65 32.48 22.47 10.01
CA LYS Q 65 32.36 23.84 10.52
C LYS Q 65 30.90 24.25 10.61
N VAL Q 66 30.52 24.80 11.76
CA VAL Q 66 29.19 25.36 11.98
C VAL Q 66 29.36 26.79 12.44
N CYS Q 67 28.75 27.73 11.73
CA CYS Q 67 28.82 29.14 12.06
C CYS Q 67 27.70 29.54 13.00
N TYR Q 68 27.93 30.61 13.76
CA TYR Q 68 26.96 31.14 14.71
C TYR Q 68 27.41 32.53 15.14
N ILE Q 69 26.48 33.27 15.74
CA ILE Q 69 26.75 34.57 16.33
C ILE Q 69 26.64 34.42 17.85
N GLU Q 70 27.64 34.94 18.56
CA GLU Q 70 27.62 34.86 20.02
C GLU Q 70 26.53 35.76 20.59
N GLY Q 71 26.02 35.34 21.77
CA GLY Q 71 24.85 36.00 22.35
C GLY Q 71 25.00 37.50 22.49
N HIS Q 72 26.09 37.95 23.14
CA HIS Q 72 26.26 39.37 23.41
C HIS Q 72 26.28 40.19 22.12
N ARG Q 73 26.80 39.63 21.03
CA ARG Q 73 26.77 40.32 19.75
C ARG Q 73 25.33 40.53 19.28
N VAL Q 74 24.47 39.53 19.44
CA VAL Q 74 23.08 39.66 19.02
C VAL Q 74 22.35 40.68 19.90
N ILE Q 75 22.64 40.67 21.21
CA ILE Q 75 22.01 41.64 22.11
C ILE Q 75 22.41 43.06 21.70
N ASN Q 76 23.69 43.28 21.42
CA ASN Q 76 24.13 44.61 21.00
C ASN Q 76 23.52 45.00 19.67
N LEU Q 77 23.42 44.04 18.74
CA LEU Q 77 22.75 44.30 17.46
C LEU Q 77 21.31 44.76 17.67
N ALA Q 78 20.57 44.07 18.54
CA ALA Q 78 19.17 44.44 18.77
C ALA Q 78 19.06 45.78 19.47
N ASN Q 79 19.93 46.04 20.45
CA ASN Q 79 19.91 47.32 21.14
C ASN Q 79 20.21 48.48 20.19
N GLU Q 80 21.06 48.26 19.19
CA GLU Q 80 21.33 49.33 18.24
C GLU Q 80 20.22 49.44 17.18
N MET Q 81 19.61 48.31 16.79
CA MET Q 81 18.58 48.36 15.76
C MET Q 81 17.31 49.00 16.28
N PHE Q 82 16.87 48.64 17.49
CA PHE Q 82 15.61 49.12 18.02
C PHE Q 82 15.76 50.02 19.23
N GLY Q 83 16.94 50.11 19.81
CA GLY Q 83 17.02 50.83 21.07
C GLY Q 83 16.81 49.91 22.25
N TYR Q 84 17.44 50.28 23.37
CA TYR Q 84 17.28 49.48 24.58
C TYR Q 84 15.81 49.36 24.99
N ASN Q 85 14.97 50.30 24.58
CA ASN Q 85 13.57 50.33 24.95
C ASN Q 85 12.65 50.16 23.76
N GLY Q 86 13.16 49.60 22.66
CA GLY Q 86 12.35 49.44 21.47
C GLY Q 86 12.07 47.99 21.14
N TRP Q 87 12.77 47.08 21.82
CA TRP Q 87 12.52 45.65 21.71
C TRP Q 87 12.50 45.02 23.09
N ALA Q 88 11.80 43.89 23.20
CA ALA Q 88 11.65 43.17 24.45
C ALA Q 88 11.52 41.69 24.14
N HIS Q 89 11.86 40.84 25.11
CA HIS Q 89 11.66 39.41 24.97
C HIS Q 89 11.28 38.80 26.31
N SER Q 90 10.57 37.68 26.24
CA SER Q 90 10.11 36.96 27.42
C SER Q 90 10.19 35.46 27.16
N ILE Q 91 10.29 34.68 28.23
CA ILE Q 91 10.34 33.22 28.15
C ILE Q 91 8.92 32.69 28.33
N THR Q 92 8.31 32.26 27.21
CA THR Q 92 6.95 31.72 27.27
C THR Q 92 6.92 30.42 28.06
N GLN Q 93 7.86 29.52 27.80
CA GLN Q 93 7.90 28.25 28.51
C GLN Q 93 9.28 27.62 28.33
N GLN Q 94 9.81 27.06 29.42
CA GLN Q 94 11.00 26.22 29.39
C GLN Q 94 10.66 24.86 29.96
N ASN Q 95 11.04 23.81 29.24
CA ASN Q 95 10.69 22.45 29.61
C ASN Q 95 11.94 21.58 29.54
N VAL Q 96 12.27 20.92 30.65
CA VAL Q 96 13.37 19.98 30.69
C VAL Q 96 12.89 18.67 30.05
N ASP Q 97 13.48 18.33 28.91
CA ASP Q 97 13.02 17.15 28.18
C ASP Q 97 13.42 15.88 28.91
N PHE Q 98 14.66 15.81 29.40
CA PHE Q 98 15.13 14.61 30.08
C PHE Q 98 16.36 14.94 30.89
N VAL Q 99 16.60 14.13 31.93
CA VAL Q 99 17.86 14.15 32.67
C VAL Q 99 18.23 12.68 32.88
N ASP Q 100 19.23 12.22 32.14
CA ASP Q 100 19.64 10.82 32.16
C ASP Q 100 21.03 10.68 32.78
N LEU Q 101 21.25 9.54 33.42
CA LEU Q 101 22.50 9.24 34.11
C LEU Q 101 23.12 8.03 33.41
N ASN Q 102 24.26 8.25 32.76
CA ASN Q 102 24.98 7.21 32.03
C ASN Q 102 26.36 7.07 32.64
N ASN Q 103 26.60 5.93 33.31
CA ASN Q 103 27.85 5.61 34.01
C ASN Q 103 28.45 6.85 34.67
N GLY Q 104 27.65 7.49 35.51
CA GLY Q 104 28.14 8.57 36.35
C GLY Q 104 28.16 9.93 35.69
N LYS Q 105 27.77 10.02 34.42
CA LYS Q 105 27.76 11.27 33.68
C LYS Q 105 26.32 11.61 33.31
N PHE Q 106 26.01 12.91 33.32
CA PHE Q 106 24.64 13.37 33.10
C PHE Q 106 24.48 13.96 31.71
N TYR Q 107 23.37 13.62 31.08
CA TYR Q 107 23.02 14.07 29.73
C TYR Q 107 21.64 14.70 29.80
N VAL Q 108 21.56 15.99 29.48
CA VAL Q 108 20.37 16.79 29.74
C VAL Q 108 19.95 17.51 28.46
N GLY Q 109 18.66 17.43 28.14
CA GLY Q 109 18.10 18.23 27.07
C GLY Q 109 16.99 19.14 27.57
N VAL Q 110 17.05 20.42 27.21
CA VAL Q 110 16.10 21.42 27.68
C VAL Q 110 15.69 22.31 26.51
N CYS Q 111 14.39 22.50 26.33
CA CYS Q 111 13.86 23.40 25.33
C CYS Q 111 13.29 24.65 25.98
N ALA Q 112 13.32 25.75 25.24
CA ALA Q 112 12.77 27.03 25.70
C ALA Q 112 12.06 27.71 24.54
N PHE Q 113 10.99 28.42 24.88
CA PHE Q 113 10.17 29.15 23.91
C PHE Q 113 10.32 30.63 24.24
N VAL Q 114 11.00 31.37 23.37
CA VAL Q 114 11.31 32.77 23.57
C VAL Q 114 10.52 33.59 22.57
N ARG Q 115 9.90 34.67 23.05
CA ARG Q 115 9.11 35.57 22.23
C ARG Q 115 9.72 36.96 22.31
N VAL Q 116 10.19 37.47 21.18
CA VAL Q 116 10.71 38.83 21.08
C VAL Q 116 9.58 39.74 20.62
N GLN Q 117 9.49 40.94 21.22
CA GLN Q 117 8.47 41.90 20.84
C GLN Q 117 9.11 43.27 20.62
N LEU Q 118 8.62 43.98 19.61
CA LEU Q 118 9.05 45.34 19.34
C LEU Q 118 8.08 46.33 19.98
N LYS Q 119 8.50 47.60 20.01
CA LYS Q 119 7.70 48.62 20.69
C LYS Q 119 6.37 48.89 20.00
N ASP Q 120 6.10 48.29 18.84
CA ASP Q 120 4.84 48.44 18.16
C ASP Q 120 3.92 47.25 18.31
N GLY Q 121 4.33 46.25 19.09
CA GLY Q 121 3.55 45.04 19.28
C GLY Q 121 3.96 43.88 18.39
N SER Q 122 4.72 44.16 17.33
CA SER Q 122 5.22 43.10 16.46
C SER Q 122 6.02 42.10 17.28
N TYR Q 123 5.91 40.83 16.94
CA TYR Q 123 6.52 39.78 17.75
C TYR Q 123 7.01 38.65 16.86
N HIS Q 124 8.01 37.93 17.36
CA HIS Q 124 8.45 36.68 16.73
C HIS Q 124 8.83 35.73 17.85
N GLU Q 125 8.27 34.52 17.79
CA GLU Q 125 8.51 33.50 18.80
C GLU Q 125 9.09 32.26 18.13
N ASP Q 126 10.10 31.67 18.75
CA ASP Q 126 10.78 30.49 18.22
C ASP Q 126 11.22 29.61 19.39
N VAL Q 127 11.82 28.48 19.05
CA VAL Q 127 12.26 27.49 20.02
C VAL Q 127 13.77 27.51 20.10
N GLY Q 128 14.29 27.51 21.33
CA GLY Q 128 15.70 27.29 21.55
C GLY Q 128 15.95 26.00 22.29
N TYR Q 129 17.15 25.44 22.14
CA TYR Q 129 17.50 24.22 22.85
C TYR Q 129 18.82 24.40 23.57
N GLY Q 130 18.97 23.64 24.66
CA GLY Q 130 20.18 23.66 25.45
C GLY Q 130 20.60 22.24 25.78
N VAL Q 131 21.89 21.95 25.60
CA VAL Q 131 22.40 20.59 25.70
C VAL Q 131 23.56 20.58 26.69
N SER Q 132 23.64 19.53 27.50
CA SER Q 132 24.78 19.31 28.37
C SER Q 132 24.97 17.80 28.51
N GLU Q 133 26.01 17.27 27.88
CA GLU Q 133 26.31 15.85 27.90
C GLU Q 133 27.71 15.64 28.45
N GLY Q 134 27.83 14.71 29.40
CA GLY Q 134 29.12 14.26 29.90
C GLY Q 134 29.45 14.73 31.31
N LEU Q 135 28.85 15.81 31.77
CA LEU Q 135 29.21 16.35 33.08
C LEU Q 135 28.76 15.40 34.19
N LYS Q 136 29.57 15.35 35.26
CA LYS Q 136 29.23 14.53 36.41
C LYS Q 136 28.38 15.27 37.44
N SER Q 137 28.34 16.60 37.38
CA SER Q 137 27.53 17.40 38.29
C SER Q 137 26.17 17.64 37.64
N LYS Q 138 25.11 17.12 38.24
CA LYS Q 138 23.77 17.34 37.71
C LYS Q 138 23.42 18.82 37.69
N ALA Q 139 23.81 19.55 38.74
CA ALA Q 139 23.45 20.96 38.81
C ALA Q 139 24.06 21.75 37.66
N LEU Q 140 25.33 21.50 37.34
CA LEU Q 140 25.96 22.24 36.25
C LEU Q 140 25.37 21.85 34.91
N SER Q 141 25.02 20.57 34.75
CA SER Q 141 24.37 20.12 33.53
C SER Q 141 23.05 20.85 33.31
N LEU Q 142 22.19 20.87 34.34
CA LEU Q 142 20.92 21.55 34.21
C LEU Q 142 21.10 23.04 33.99
N GLU Q 143 22.04 23.67 34.71
CA GLU Q 143 22.28 25.10 34.53
C GLU Q 143 22.69 25.42 33.11
N LYS Q 144 23.67 24.67 32.58
CA LYS Q 144 24.11 24.90 31.22
C LYS Q 144 22.97 24.70 30.24
N ALA Q 145 22.19 23.63 30.41
CA ALA Q 145 21.15 23.33 29.43
C ALA Q 145 20.06 24.40 29.44
N ARG Q 146 19.65 24.84 30.63
CA ARG Q 146 18.59 25.85 30.73
C ARG Q 146 19.04 27.18 30.14
N LYS Q 147 20.22 27.67 30.57
CA LYS Q 147 20.69 28.95 30.07
C LYS Q 147 20.93 28.90 28.57
N GLU Q 148 21.54 27.82 28.08
CA GLU Q 148 21.79 27.70 26.64
C GLU Q 148 20.48 27.68 25.86
N ALA Q 149 19.47 26.96 26.37
CA ALA Q 149 18.16 26.94 25.72
C ALA Q 149 17.59 28.34 25.62
N VAL Q 150 17.66 29.12 26.70
CA VAL Q 150 17.09 30.46 26.69
C VAL Q 150 17.82 31.34 25.69
N THR Q 151 19.15 31.31 25.71
CA THR Q 151 19.92 32.15 24.80
C THR Q 151 19.69 31.76 23.35
N ASP Q 152 19.68 30.45 23.06
CA ASP Q 152 19.41 29.99 21.71
C ASP Q 152 18.04 30.41 21.23
N GLY Q 153 17.01 30.30 22.08
CA GLY Q 153 15.69 30.74 21.70
C GLY Q 153 15.63 32.23 21.42
N LEU Q 154 16.34 33.03 22.22
CA LEU Q 154 16.36 34.46 21.96
C LEU Q 154 17.03 34.77 20.63
N LYS Q 155 18.15 34.10 20.34
CA LYS Q 155 18.81 34.31 19.06
C LYS Q 155 17.92 33.92 17.88
N ARG Q 156 17.26 32.76 17.98
CA ARG Q 156 16.44 32.30 16.86
C ARG Q 156 15.19 33.15 16.69
N ALA Q 157 14.66 33.72 17.78
CA ALA Q 157 13.53 34.62 17.67
C ALA Q 157 13.95 35.94 17.04
N LEU Q 158 15.11 36.47 17.42
CA LEU Q 158 15.58 37.73 16.84
C LEU Q 158 15.98 37.55 15.38
N ARG Q 159 16.42 36.35 15.00
CA ARG Q 159 16.78 36.06 13.61
C ARG Q 159 15.68 36.46 12.62
N SER Q 160 14.42 36.29 13.01
CA SER Q 160 13.29 36.44 12.09
C SER Q 160 13.03 37.88 11.65
N PHE Q 161 13.76 38.86 12.16
CA PHE Q 161 13.54 40.25 11.79
C PHE Q 161 14.32 40.69 10.56
N GLY Q 162 15.31 39.93 10.14
CA GLY Q 162 16.06 40.25 8.94
C GLY Q 162 17.48 39.73 9.04
N ASN Q 163 18.23 39.97 7.96
CA ASN Q 163 19.61 39.49 7.88
C ASN Q 163 20.48 40.11 8.97
N ALA Q 164 20.28 41.41 9.25
CA ALA Q 164 21.14 42.13 10.18
C ALA Q 164 21.12 41.53 11.58
N LEU Q 165 20.05 40.85 11.95
CA LEU Q 165 19.94 40.24 13.27
C LEU Q 165 20.24 38.74 13.25
N GLY Q 166 20.69 38.20 12.13
CA GLY Q 166 21.23 36.86 12.11
C GLY Q 166 20.64 35.89 11.11
N ASN Q 167 19.72 36.33 10.26
CA ASN Q 167 19.12 35.40 9.30
C ASN Q 167 20.10 35.02 8.21
N CYS Q 168 20.99 35.94 7.80
CA CYS Q 168 21.89 35.67 6.70
C CYS Q 168 22.82 34.51 6.98
N ILE Q 169 23.04 34.17 8.26
CA ILE Q 169 23.89 33.04 8.62
C ILE Q 169 23.38 31.75 8.00
N LEU Q 170 22.11 31.71 7.56
CA LEU Q 170 21.56 30.49 7.00
C LEU Q 170 21.76 30.38 5.49
N ASP Q 171 22.22 31.43 4.83
CA ASP Q 171 22.42 31.42 3.38
C ASP Q 171 23.80 30.87 3.06
N LYS Q 172 23.84 29.71 2.38
CA LYS Q 172 25.13 29.11 2.04
C LYS Q 172 25.93 29.98 1.08
N ASP Q 173 25.25 30.80 0.27
CA ASP Q 173 25.97 31.72 -0.61
C ASP Q 173 26.71 32.77 0.22
N TYR Q 174 26.06 33.27 1.27
CA TYR Q 174 26.71 34.18 2.20
C TYR Q 174 27.90 33.51 2.88
N LEU Q 175 27.78 32.22 3.19
CA LEU Q 175 28.89 31.49 3.82
C LEU Q 175 30.06 31.33 2.85
N ARG Q 176 29.76 31.02 1.58
CA ARG Q 176 30.82 30.94 0.58
C ARG Q 176 31.51 32.29 0.43
N SER Q 177 30.74 33.37 0.33
CA SER Q 177 31.34 34.69 0.25
C SER Q 177 32.10 35.05 1.53
N LEU Q 178 31.82 34.38 2.65
CA LEU Q 178 32.56 34.59 3.88
C LEU Q 178 33.87 33.82 3.92
N ASN Q 179 33.89 32.61 3.34
CA ASN Q 179 35.12 31.80 3.36
C ASN Q 179 36.22 32.44 2.51
N LYS Q 180 35.83 33.07 1.39
CA LYS Q 180 36.82 33.71 0.53
C LYS Q 180 37.49 34.90 1.18
N LEU Q 181 36.95 35.41 2.34
CA LEU Q 181 37.48 36.56 3.05
C LEU Q 181 38.59 36.17 4.00
N PRO Q 182 39.56 37.07 4.20
CA PRO Q 182 40.66 36.78 5.13
C PRO Q 182 40.19 36.72 6.57
N ARG Q 183 40.52 35.64 7.25
CA ARG Q 183 40.20 35.50 8.66
C ARG Q 183 40.96 36.56 9.45
N GLN Q 184 40.26 37.60 9.90
CA GLN Q 184 40.91 38.67 10.62
C GLN Q 184 41.13 38.27 12.07
N LEU Q 185 42.21 38.78 12.64
CA LEU Q 185 42.66 38.52 13.99
C LEU Q 185 41.82 39.29 15.01
N PRO Q 186 41.63 38.74 16.22
CA PRO Q 186 40.82 39.42 17.24
C PRO Q 186 41.13 40.89 17.46
N LEU Q 187 40.12 41.74 17.24
CA LEU Q 187 40.25 43.17 17.46
C LEU Q 187 40.55 43.48 18.92
N GLU Q 188 41.24 44.58 19.16
CA GLU Q 188 41.54 45.02 20.52
C GLU Q 188 40.57 46.12 20.93
N VAL Q 189 40.24 46.15 22.21
CA VAL Q 189 39.22 47.03 22.76
C VAL Q 189 39.86 48.18 23.52
N ASP Q 190 39.34 49.39 23.31
CA ASP Q 190 39.87 50.61 23.93
C ASP Q 190 39.07 50.91 25.19
N LEU Q 191 39.64 50.54 26.34
CA LEU Q 191 39.00 50.71 27.63
C LEU Q 191 39.28 52.09 28.26
N THR Q 192 39.71 53.06 27.45
CA THR Q 192 39.97 54.38 28.00
C THR Q 192 38.66 55.09 28.36
N LYS Q 193 37.65 54.96 27.50
CA LYS Q 193 36.32 55.52 27.75
C LYS Q 193 35.40 54.55 28.46
N ALA Q 194 35.94 53.60 29.22
CA ALA Q 194 35.10 52.66 29.94
C ALA Q 194 34.42 53.35 31.12
N LYS Q 195 33.20 52.89 31.43
CA LYS Q 195 32.47 53.42 32.57
C LYS Q 195 33.18 53.02 33.86
N ARG Q 196 33.47 54.01 34.71
CA ARG Q 196 34.28 53.76 35.90
C ARG Q 196 33.58 54.07 37.21
N GLN Q 197 32.49 54.83 37.21
CA GLN Q 197 31.71 55.05 38.42
C GLN Q 197 30.23 55.01 38.07
N ASP Q 198 29.42 54.74 39.10
CA ASP Q 198 28.00 54.48 38.88
C ASP Q 198 27.28 55.72 38.37
N LEU Q 199 27.55 56.88 38.97
CA LEU Q 199 26.77 58.08 38.68
C LEU Q 199 26.76 58.38 37.19
N GLU Q 200 25.59 58.76 36.68
CA GLU Q 200 25.41 59.16 35.29
C GLU Q 200 24.76 60.54 35.28
N PRO Q 201 25.57 61.60 35.31
CA PRO Q 201 25.00 62.95 35.49
C PRO Q 201 24.16 63.42 34.32
N SER Q 202 24.59 63.17 33.08
CA SER Q 202 23.79 63.55 31.92
C SER Q 202 22.44 62.85 31.92
N VAL Q 203 22.43 61.56 32.27
CA VAL Q 203 21.18 60.81 32.33
C VAL Q 203 20.31 61.33 33.46
N GLU Q 204 20.90 61.55 34.64
CA GLU Q 204 20.15 62.09 35.77
C GLU Q 204 19.52 63.44 35.44
N GLU Q 205 20.25 64.29 34.71
CA GLU Q 205 19.71 65.61 34.35
C GLU Q 205 18.59 65.47 33.35
N ALA Q 206 18.80 64.70 32.28
CA ALA Q 206 17.75 64.48 31.30
C ALA Q 206 16.49 63.90 31.93
N ARG Q 207 16.66 63.07 32.97
CA ARG Q 207 15.52 62.46 33.65
C ARG Q 207 14.81 63.44 34.58
N TYR Q 208 15.56 64.28 35.28
CA TYR Q 208 14.94 65.28 36.16
C TYR Q 208 13.99 66.19 35.39
N ASN Q 209 14.36 66.55 34.15
CA ASN Q 209 13.49 67.40 33.33
C ASN Q 209 12.28 66.65 32.79
N SER Q 210 12.20 65.34 32.96
CA SER Q 210 11.08 64.54 32.47
C SER Q 210 9.91 64.48 33.46
N CYS Q 211 10.09 64.96 34.68
CA CYS Q 211 9.06 64.83 35.71
C CYS Q 211 8.16 66.06 35.75
N CYS R 28 1.88 56.33 35.63
CA CYS R 28 2.59 55.53 36.62
C CYS R 28 3.65 54.65 35.96
N PHE R 29 4.00 53.53 36.61
CA PHE R 29 5.00 52.62 36.07
C PHE R 29 4.41 51.77 34.96
N GLY R 30 5.20 51.54 33.92
CA GLY R 30 4.71 50.87 32.73
C GLY R 30 3.95 51.75 31.76
N GLN R 31 3.66 53.00 32.13
CA GLN R 31 2.93 53.91 31.26
C GLN R 31 3.78 55.03 30.68
N CYS R 32 4.77 55.51 31.41
CA CYS R 32 5.60 56.61 30.95
C CYS R 32 6.32 56.27 29.66
N GLN R 33 6.31 57.19 28.71
CA GLN R 33 7.11 57.04 27.50
C GLN R 33 8.36 57.90 27.63
N TYR R 34 9.50 57.33 27.25
CA TYR R 34 10.77 58.02 27.43
C TYR R 34 10.83 59.29 26.59
N THR R 35 11.25 60.38 27.22
CA THR R 35 11.47 61.62 26.50
C THR R 35 12.75 61.52 25.68
N ALA R 36 12.84 62.36 24.65
CA ALA R 36 13.97 62.32 23.74
C ALA R 36 15.29 62.46 24.48
N GLU R 37 15.36 63.41 25.42
CA GLU R 37 16.60 63.63 26.16
C GLU R 37 16.97 62.43 27.00
N GLU R 38 16.01 61.88 27.76
CA GLU R 38 16.32 60.75 28.63
C GLU R 38 16.62 59.50 27.84
N TYR R 39 15.85 59.24 26.78
CA TYR R 39 16.15 58.12 25.90
C TYR R 39 17.56 58.23 25.35
N GLN R 40 17.91 59.42 24.85
CA GLN R 40 19.21 59.61 24.21
C GLN R 40 20.34 59.39 25.21
N ALA R 41 20.19 59.97 26.40
CA ALA R 41 21.17 59.78 27.46
C ALA R 41 21.36 58.29 27.77
N ILE R 42 20.25 57.57 27.98
CA ILE R 42 20.35 56.17 28.40
C ILE R 42 20.92 55.30 27.29
N GLN R 43 20.44 55.50 26.05
CA GLN R 43 20.97 54.73 24.92
C GLN R 43 22.46 54.95 24.75
N LYS R 44 22.92 56.20 24.89
CA LYS R 44 24.35 56.44 24.80
C LYS R 44 25.10 55.78 25.95
N ALA R 45 24.60 55.97 27.18
CA ALA R 45 25.31 55.45 28.35
C ALA R 45 25.40 53.93 28.37
N LEU R 46 24.38 53.24 27.85
CA LEU R 46 24.38 51.78 27.91
C LEU R 46 25.45 51.15 27.02
N ARG R 47 25.98 51.89 26.04
CA ARG R 47 27.02 51.36 25.20
C ARG R 47 28.33 51.20 25.97
N GLN R 48 28.52 52.03 27.00
CA GLN R 48 29.76 52.01 27.77
C GLN R 48 30.08 50.61 28.27
N ARG R 49 31.32 50.18 28.06
CA ARG R 49 31.82 49.00 28.73
C ARG R 49 32.21 49.37 30.17
N LEU R 50 32.31 48.35 31.02
CA LEU R 50 32.61 48.59 32.41
C LEU R 50 34.10 48.59 32.64
N GLY R 51 34.56 49.53 33.48
CA GLY R 51 35.94 49.57 33.89
C GLY R 51 36.27 48.43 34.83
N PRO R 52 37.56 48.28 35.17
CA PRO R 52 37.96 47.18 36.04
C PRO R 52 37.41 47.28 37.45
N GLU R 53 36.87 48.43 37.85
CA GLU R 53 36.30 48.58 39.19
C GLU R 53 35.09 47.67 39.38
N TYR R 54 34.39 47.34 38.30
CA TYR R 54 33.14 46.58 38.35
C TYR R 54 33.37 45.08 38.29
N ILE R 55 34.39 44.65 37.58
CA ILE R 55 34.59 43.24 37.26
C ILE R 55 35.26 42.54 38.43
N SER R 56 34.83 41.31 38.68
CA SER R 56 35.43 40.43 39.68
C SER R 56 35.78 39.13 39.00
N SER R 57 36.49 38.26 39.71
CA SER R 57 36.98 37.04 39.10
C SER R 57 37.04 35.91 40.11
N ARG R 58 36.89 34.68 39.62
CA ARG R 58 37.06 33.47 40.42
C ARG R 58 37.86 32.49 39.59
N MET R 59 38.14 31.31 40.15
CA MET R 59 38.87 30.27 39.45
C MET R 59 37.93 29.13 39.08
N ALA R 60 37.87 28.81 37.80
CA ALA R 60 37.33 27.52 37.38
C ALA R 60 38.40 26.46 37.58
N GLY R 61 38.10 25.23 37.16
CA GLY R 61 39.00 24.13 37.47
C GLY R 61 40.10 23.89 36.45
N GLY R 62 39.83 24.15 35.18
CA GLY R 62 40.80 23.87 34.13
C GLY R 62 41.95 24.86 34.06
N GLY R 63 42.23 25.55 35.17
CA GLY R 63 43.25 26.56 35.18
C GLY R 63 42.86 27.85 34.51
N GLN R 64 41.57 28.15 34.44
CA GLN R 64 41.06 29.32 33.74
C GLN R 64 40.46 30.31 34.72
N LYS R 65 40.42 31.57 34.31
CA LYS R 65 39.90 32.67 35.11
C LYS R 65 38.52 33.05 34.59
N VAL R 66 37.56 33.14 35.50
CA VAL R 66 36.16 33.41 35.16
C VAL R 66 35.76 34.74 35.79
N CYS R 67 35.32 35.67 34.96
CA CYS R 67 34.89 36.99 35.41
C CYS R 67 33.40 37.01 35.71
N TYR R 68 33.00 37.98 36.55
CA TYR R 68 31.60 38.18 36.91
C TYR R 68 31.47 39.53 37.59
N ILE R 69 30.23 40.01 37.67
CA ILE R 69 29.90 41.22 38.40
C ILE R 69 29.07 40.84 39.62
N GLU R 70 29.43 41.35 40.79
CA GLU R 70 28.70 41.04 42.00
C GLU R 70 27.31 41.67 41.96
N GLY R 71 26.36 41.03 42.67
CA GLY R 71 24.97 41.44 42.60
C GLY R 71 24.76 42.91 42.91
N HIS R 72 25.31 43.37 44.04
CA HIS R 72 25.10 44.76 44.45
C HIS R 72 25.63 45.74 43.42
N ARG R 73 26.69 45.37 42.71
CA ARG R 73 27.22 46.24 41.66
C ARG R 73 26.19 46.40 40.55
N VAL R 74 25.56 45.30 40.13
CA VAL R 74 24.57 45.36 39.07
C VAL R 74 23.33 46.12 39.53
N ILE R 75 22.93 45.92 40.80
CA ILE R 75 21.78 46.64 41.35
C ILE R 75 22.04 48.14 41.32
N ASN R 76 23.23 48.56 41.75
CA ASN R 76 23.56 49.99 41.73
C ASN R 76 23.64 50.51 40.30
N LEU R 77 24.19 49.72 39.39
CA LEU R 77 24.21 50.09 37.97
C LEU R 77 22.80 50.36 37.44
N ALA R 78 21.86 49.47 37.76
CA ALA R 78 20.49 49.64 37.28
C ALA R 78 19.81 50.83 37.95
N ASN R 79 20.03 51.02 39.25
CA ASN R 79 19.44 52.16 39.95
C ASN R 79 19.95 53.48 39.40
N GLU R 80 21.22 53.54 39.00
CA GLU R 80 21.73 54.78 38.43
C GLU R 80 21.33 54.96 36.97
N MET R 81 21.24 53.87 36.19
CA MET R 81 20.90 54.00 34.79
C MET R 81 19.46 54.43 34.59
N PHE R 82 18.52 53.86 35.35
CA PHE R 82 17.10 54.11 35.15
C PHE R 82 16.45 54.85 36.30
N GLY R 83 17.12 55.00 37.43
CA GLY R 83 16.44 55.53 38.58
C GLY R 83 15.88 54.42 39.46
N TYR R 84 15.76 54.73 40.75
CA TYR R 84 15.19 53.76 41.69
C TYR R 84 13.79 53.32 41.27
N ASN R 85 13.08 54.16 40.52
CA ASN R 85 11.71 53.89 40.08
C ASN R 85 11.62 53.77 38.57
N GLY R 86 12.73 53.45 37.90
CA GLY R 86 12.73 53.36 36.45
C GLY R 86 12.92 51.96 35.94
N TRP R 87 13.28 51.04 36.83
CA TRP R 87 13.36 49.63 36.47
C TRP R 87 12.70 48.80 37.57
N ALA R 88 12.22 47.62 37.19
CA ALA R 88 11.54 46.73 38.11
C ALA R 88 11.85 45.31 37.69
N HIS R 89 11.77 44.38 38.64
CA HIS R 89 11.94 42.97 38.33
C HIS R 89 11.00 42.14 39.20
N SER R 90 10.64 40.97 38.67
CA SER R 90 9.73 40.06 39.34
C SER R 90 10.19 38.64 39.07
N ILE R 91 9.82 37.73 39.97
CA ILE R 91 10.14 36.31 39.83
C ILE R 91 8.94 35.65 39.17
N THR R 92 9.07 35.33 37.88
CA THR R 92 7.98 34.67 37.16
C THR R 92 7.70 33.28 37.74
N GLN R 93 8.77 32.51 37.98
CA GLN R 93 8.74 31.17 38.56
C GLN R 93 10.12 30.78 39.08
N GLN R 94 10.12 30.13 40.23
CA GLN R 94 11.30 29.46 40.76
C GLN R 94 10.96 27.99 40.91
N ASN R 95 11.84 27.13 40.40
CA ASN R 95 11.59 25.69 40.36
C ASN R 95 12.81 24.97 40.91
N VAL R 96 12.60 24.19 41.97
CA VAL R 96 13.65 23.34 42.52
C VAL R 96 13.79 22.12 41.64
N ASP R 97 14.93 21.99 40.96
CA ASP R 97 15.08 20.88 40.03
C ASP R 97 15.23 19.55 40.76
N PHE R 98 16.05 19.52 41.83
CA PHE R 98 16.28 18.27 42.54
C PHE R 98 16.87 18.58 43.92
N VAL R 99 16.65 17.65 44.85
CA VAL R 99 17.34 17.63 46.13
C VAL R 99 17.75 16.19 46.39
N ASP R 100 19.03 15.89 46.23
CA ASP R 100 19.56 14.54 46.38
C ASP R 100 20.48 14.46 47.57
N LEU R 101 20.50 13.30 48.20
CA LEU R 101 21.30 13.05 49.39
C LEU R 101 22.31 11.94 49.06
N ASN R 102 23.59 12.30 49.02
CA ASN R 102 24.66 11.37 48.69
C ASN R 102 25.62 11.33 49.88
N ASN R 103 25.64 10.19 50.58
CA ASN R 103 26.46 9.92 51.77
C ASN R 103 26.54 11.15 52.69
N GLY R 104 25.37 11.63 53.10
CA GLY R 104 25.31 12.66 54.12
C GLY R 104 25.46 14.07 53.60
N LYS R 105 25.63 14.24 52.29
CA LYS R 105 25.82 15.54 51.66
C LYS R 105 24.64 15.84 50.75
N PHE R 106 24.24 17.12 50.70
CA PHE R 106 23.09 17.54 49.93
C PHE R 106 23.54 18.25 48.66
N TYR R 107 22.91 17.92 47.54
CA TYR R 107 23.23 18.50 46.25
C TYR R 107 21.94 19.01 45.64
N VAL R 108 21.85 20.33 45.44
CA VAL R 108 20.61 21.00 45.11
C VAL R 108 20.83 21.86 43.87
N GLY R 109 19.92 21.74 42.90
CA GLY R 109 19.90 22.65 41.78
C GLY R 109 18.56 23.34 41.71
N VAL R 110 18.58 24.66 41.57
CA VAL R 110 17.36 25.48 41.57
C VAL R 110 17.47 26.48 40.44
N CYS R 111 16.43 26.56 39.62
CA CYS R 111 16.32 27.56 38.56
C CYS R 111 15.28 28.60 38.92
N ALA R 112 15.48 29.82 38.42
CA ALA R 112 14.55 30.92 38.63
C ALA R 112 14.40 31.71 37.34
N PHE R 113 13.21 32.23 37.09
CA PHE R 113 12.96 33.02 35.90
C PHE R 113 12.60 34.43 36.33
N VAL R 114 13.50 35.38 36.05
CA VAL R 114 13.37 36.77 36.47
C VAL R 114 13.06 37.63 35.26
N ARG R 115 12.09 38.52 35.40
CA ARG R 115 11.66 39.43 34.35
C ARG R 115 11.89 40.86 34.82
N VAL R 116 12.79 41.58 34.13
CA VAL R 116 13.05 42.99 34.42
C VAL R 116 12.18 43.83 33.51
N GLN R 117 11.60 44.90 34.05
CA GLN R 117 10.79 45.82 33.27
C GLN R 117 11.22 47.26 33.53
N LEU R 118 11.21 48.08 32.48
CA LEU R 118 11.51 49.50 32.59
C LEU R 118 10.21 50.29 32.76
N LYS R 119 10.36 51.56 33.13
CA LYS R 119 9.18 52.39 33.39
C LYS R 119 8.36 52.66 32.14
N ASP R 120 8.82 52.25 30.96
CA ASP R 120 8.06 52.40 29.74
C ASP R 120 7.39 51.11 29.27
N GLY R 121 7.51 50.04 30.04
CA GLY R 121 6.95 48.76 29.68
C GLY R 121 7.93 47.81 29.02
N SER R 122 9.06 48.33 28.55
CA SER R 122 10.10 47.47 27.99
C SER R 122 10.53 46.44 29.03
N TYR R 123 10.78 45.22 28.57
CA TYR R 123 11.06 44.12 29.49
C TYR R 123 12.09 43.17 28.89
N HIS R 124 12.79 42.47 29.78
CA HIS R 124 13.69 41.39 29.40
C HIS R 124 13.62 40.32 30.49
N GLU R 125 13.40 39.07 30.08
CA GLU R 125 13.27 37.94 30.99
C GLU R 125 14.30 36.88 30.64
N ASP R 126 14.94 36.32 31.66
CA ASP R 126 15.96 35.31 31.47
C ASP R 126 15.88 34.33 32.64
N VAL R 127 16.71 33.29 32.58
CA VAL R 127 16.73 32.23 33.58
C VAL R 127 18.00 32.35 34.41
N GLY R 128 17.85 32.18 35.73
CA GLY R 128 18.99 32.04 36.59
C GLY R 128 19.05 30.66 37.22
N TYR R 129 20.23 30.24 37.64
CA TYR R 129 20.38 28.97 38.34
C TYR R 129 21.06 29.18 39.68
N GLY R 130 20.78 28.25 40.59
CA GLY R 130 21.38 28.30 41.91
C GLY R 130 21.84 26.91 42.30
N VAL R 131 23.07 26.80 42.78
CA VAL R 131 23.71 25.51 43.02
C VAL R 131 24.23 25.46 44.45
N SER R 132 24.08 24.30 45.09
CA SER R 132 24.70 24.03 46.39
C SER R 132 25.01 22.54 46.45
N GLU R 133 26.29 22.18 46.35
CA GLU R 133 26.71 20.79 46.38
C GLU R 133 27.70 20.58 47.52
N GLY R 134 27.45 19.56 48.32
CA GLY R 134 28.38 19.10 49.34
C GLY R 134 27.95 19.42 50.76
N LEU R 135 27.11 20.43 50.97
CA LEU R 135 26.76 20.85 52.31
C LEU R 135 25.92 19.80 53.02
N LYS R 136 26.10 19.73 54.34
CA LYS R 136 25.34 18.79 55.17
C LYS R 136 24.01 19.35 55.63
N SER R 137 23.82 20.66 55.57
CA SER R 137 22.58 21.29 55.99
C SER R 137 21.65 21.43 54.79
N LYS R 138 20.51 20.73 54.83
CA LYS R 138 19.53 20.86 53.77
C LYS R 138 19.00 22.29 53.68
N ALA R 139 18.72 22.90 54.83
CA ALA R 139 18.15 24.25 54.85
C ALA R 139 19.13 25.26 54.24
N LEU R 140 20.41 25.17 54.62
CA LEU R 140 21.38 26.11 54.09
C LEU R 140 21.64 25.87 52.61
N SER R 141 21.64 24.60 52.18
CA SER R 141 21.78 24.28 50.77
C SER R 141 20.65 24.89 49.95
N LEU R 142 19.41 24.68 50.41
CA LEU R 142 18.25 25.22 49.70
C LEU R 142 18.28 26.74 49.69
N GLU R 143 18.62 27.37 50.82
CA GLU R 143 18.70 28.82 50.87
C GLU R 143 19.71 29.35 49.86
N LYS R 144 20.91 28.76 49.86
CA LYS R 144 21.96 29.17 48.93
C LYS R 144 21.49 29.03 47.49
N ALA R 145 20.89 27.88 47.17
CA ALA R 145 20.51 27.62 45.79
C ALA R 145 19.41 28.56 45.33
N ARG R 146 18.39 28.77 46.16
CA ARG R 146 17.27 29.63 45.77
C ARG R 146 17.72 31.08 45.60
N LYS R 147 18.43 31.63 46.60
CA LYS R 147 18.86 33.02 46.50
C LYS R 147 19.81 33.22 45.33
N GLU R 148 20.75 32.29 45.14
CA GLU R 148 21.66 32.39 44.00
C GLU R 148 20.89 32.34 42.68
N ALA R 149 19.90 31.46 42.56
CA ALA R 149 19.10 31.39 41.35
C ALA R 149 18.43 32.72 41.05
N VAL R 150 17.82 33.33 42.06
CA VAL R 150 17.10 34.58 41.83
C VAL R 150 18.08 35.68 41.41
N THR R 151 19.19 35.82 42.14
CA THR R 151 20.16 36.86 41.82
C THR R 151 20.76 36.67 40.43
N ASP R 152 21.12 35.42 40.10
CA ASP R 152 21.65 35.11 38.78
C ASP R 152 20.65 35.45 37.68
N GLY R 153 19.38 35.11 37.90
CA GLY R 153 18.35 35.46 36.91
C GLY R 153 18.21 36.96 36.75
N LEU R 154 18.33 37.71 37.84
CA LEU R 154 18.25 39.16 37.75
C LEU R 154 19.43 39.71 36.93
N LYS R 155 20.64 39.20 37.19
CA LYS R 155 21.80 39.66 36.44
C LYS R 155 21.66 39.34 34.96
N ARG R 156 21.22 38.13 34.62
CA ARG R 156 21.11 37.74 33.22
C ARG R 156 19.97 38.48 32.52
N ALA R 157 18.91 38.83 33.26
CA ALA R 157 17.85 39.64 32.65
C ALA R 157 18.31 41.05 32.39
N LEU R 158 19.09 41.63 33.32
CA LEU R 158 19.58 42.99 33.11
C LEU R 158 20.64 43.05 32.02
N ARG R 159 21.36 41.95 31.80
CA ARG R 159 22.37 41.90 30.74
C ARG R 159 21.82 42.37 29.40
N SER R 160 20.55 42.05 29.12
CA SER R 160 20.01 42.29 27.77
C SER R 160 19.81 43.76 27.44
N PHE R 161 20.06 44.69 28.35
CA PHE R 161 19.86 46.11 28.06
C PHE R 161 21.09 46.79 27.47
N GLY R 162 22.26 46.20 27.58
CA GLY R 162 23.45 46.77 26.98
C GLY R 162 24.68 46.39 27.78
N ASN R 163 25.83 46.86 27.29
CA ASN R 163 27.10 46.53 27.93
C ASN R 163 27.17 47.11 29.34
N ALA R 164 26.65 48.31 29.54
CA ALA R 164 26.79 49.00 30.83
C ALA R 164 26.17 48.20 31.96
N LEU R 165 25.17 47.36 31.69
CA LEU R 165 24.55 46.55 32.70
C LEU R 165 25.08 45.12 32.72
N GLY R 166 26.12 44.83 31.95
CA GLY R 166 26.81 43.57 32.13
C GLY R 166 26.97 42.73 30.88
N ASN R 167 26.56 43.25 29.72
CA ASN R 167 26.68 42.45 28.50
C ASN R 167 28.14 42.28 28.09
N CYS R 168 28.95 43.33 28.27
CA CYS R 168 30.33 43.30 27.84
C CYS R 168 31.14 42.23 28.56
N ILE R 169 30.67 41.78 29.74
CA ILE R 169 31.37 40.73 30.47
C ILE R 169 31.51 39.48 29.62
N LEU R 170 30.70 39.34 28.56
CA LEU R 170 30.76 38.18 27.70
C LEU R 170 31.72 38.34 26.53
N ASP R 171 32.28 39.54 26.34
CA ASP R 171 33.18 39.80 25.22
C ASP R 171 34.60 39.36 25.60
N LYS R 172 35.12 38.36 24.89
CA LYS R 172 36.46 37.86 25.20
C LYS R 172 37.54 38.89 24.92
N ASP R 173 37.31 39.77 23.93
CA ASP R 173 38.26 40.85 23.68
C ASP R 173 38.25 41.85 24.82
N TYR R 174 37.06 42.15 25.35
CA TYR R 174 36.97 43.01 26.53
C TYR R 174 37.71 42.39 27.71
N LEU R 175 37.65 41.06 27.83
CA LEU R 175 38.36 40.38 28.90
C LEU R 175 39.87 40.46 28.71
N ARG R 176 40.35 40.28 27.47
CA ARG R 176 41.78 40.44 27.22
C ARG R 176 42.25 41.85 27.54
N SER R 177 41.50 42.85 27.06
CA SER R 177 41.84 44.24 27.36
C SER R 177 41.73 44.54 28.84
N LEU R 178 40.99 43.72 29.60
CA LEU R 178 40.92 43.88 31.03
C LEU R 178 42.11 43.25 31.75
N ASN R 179 42.62 42.14 31.24
CA ASN R 179 43.75 41.47 31.88
C ASN R 179 45.03 42.29 31.75
N LYS R 180 45.24 42.94 30.61
CA LYS R 180 46.43 43.74 30.36
C LYS R 180 46.51 45.02 31.18
N LEU R 181 45.46 45.39 31.90
CA LEU R 181 45.49 46.61 32.71
C LEU R 181 46.13 46.35 34.08
N PRO R 182 46.75 47.35 34.67
CA PRO R 182 47.36 47.17 36.00
C PRO R 182 46.32 46.81 37.05
N ARG R 183 46.59 45.73 37.77
CA ARG R 183 45.70 45.22 38.82
C ARG R 183 45.58 46.23 39.96
N GLN R 184 44.42 46.89 40.06
CA GLN R 184 44.20 47.90 41.08
C GLN R 184 43.83 47.26 42.41
N LEU R 185 44.27 47.91 43.51
CA LEU R 185 44.01 47.48 44.87
C LEU R 185 42.60 47.90 45.31
N PRO R 186 41.94 47.12 46.19
CA PRO R 186 40.59 47.48 46.67
C PRO R 186 40.46 48.91 47.15
N LEU R 187 39.55 49.66 46.51
CA LEU R 187 39.28 51.05 46.89
C LEU R 187 38.77 51.14 48.33
N GLU R 188 39.00 52.29 48.95
CA GLU R 188 38.54 52.56 50.31
C GLU R 188 37.26 53.39 50.27
N VAL R 189 36.39 53.16 51.25
CA VAL R 189 35.08 53.79 51.33
C VAL R 189 35.11 54.85 52.43
N ASP R 190 34.58 56.03 52.12
CA ASP R 190 34.56 57.17 53.05
C ASP R 190 33.21 57.19 53.75
N LEU R 191 33.17 56.64 54.96
CA LEU R 191 31.94 56.54 55.74
C LEU R 191 31.66 57.78 56.60
N THR R 192 32.28 58.92 56.28
CA THR R 192 32.03 60.11 57.08
C THR R 192 30.63 60.67 56.83
N LYS R 193 30.18 60.68 55.57
CA LYS R 193 28.83 61.09 55.22
C LYS R 193 27.84 59.94 55.16
N ALA R 194 28.09 58.87 55.91
CA ALA R 194 27.15 57.76 55.92
C ALA R 194 25.88 58.16 56.63
N LYS R 195 24.76 57.60 56.18
CA LYS R 195 23.48 57.88 56.81
C LYS R 195 23.47 57.29 58.21
N ARG R 196 23.17 58.11 59.20
CA ARG R 196 23.27 57.73 60.60
C ARG R 196 21.96 57.81 61.36
N GLN R 197 20.97 58.53 60.84
CA GLN R 197 19.64 58.57 61.42
C GLN R 197 18.61 58.53 60.30
N ASP R 198 17.40 58.10 60.66
CA ASP R 198 16.38 57.75 59.67
C ASP R 198 15.86 58.96 58.89
N LEU R 199 15.56 60.05 59.59
CA LEU R 199 14.82 61.16 58.98
C LEU R 199 15.52 61.68 57.73
N GLU R 200 14.72 61.99 56.71
CA GLU R 200 15.19 62.56 55.45
C GLU R 200 14.43 63.85 55.19
N PRO R 201 14.93 64.98 55.69
CA PRO R 201 14.12 66.21 55.65
C PRO R 201 13.80 66.72 54.25
N SER R 202 14.78 66.73 53.34
CA SER R 202 14.51 67.18 51.97
C SER R 202 13.47 66.29 51.29
N VAL R 203 13.56 64.98 51.51
CA VAL R 203 12.60 64.04 50.93
C VAL R 203 11.21 64.29 51.53
N GLU R 204 11.14 64.44 52.85
CA GLU R 204 9.87 64.71 53.51
C GLU R 204 9.23 66.00 52.99
N GLU R 205 10.04 67.03 52.75
CA GLU R 205 9.50 68.30 52.25
C GLU R 205 8.99 68.13 50.83
N ALA R 206 9.79 67.54 49.95
CA ALA R 206 9.34 67.33 48.58
C ALA R 206 8.07 66.48 48.52
N ARG R 207 7.93 65.52 49.44
CA ARG R 207 6.73 64.68 49.41
C ARG R 207 5.53 65.46 49.94
N TYR R 208 5.72 66.25 51.00
CA TYR R 208 4.65 67.11 51.47
C TYR R 208 4.19 68.06 50.37
N ASN R 209 5.13 68.58 49.58
CA ASN R 209 4.76 69.41 48.44
C ASN R 209 4.20 68.58 47.29
N SER R 210 4.30 67.26 47.35
CA SER R 210 3.75 66.38 46.33
C SER R 210 2.30 66.01 46.57
N CYS R 211 1.74 66.34 47.74
CA CYS R 211 0.38 65.93 48.09
C CYS R 211 -0.64 66.98 47.67
N CYS S 28 -4.47 57.03 43.44
CA CYS S 28 -4.30 56.13 44.57
C CYS S 28 -2.94 55.45 44.53
N PHE S 29 -2.83 54.27 45.15
CA PHE S 29 -1.56 53.56 45.17
C PHE S 29 -1.33 52.84 43.85
N GLY S 30 -0.08 52.85 43.39
CA GLY S 30 0.26 52.33 42.09
C GLY S 30 -0.01 53.27 40.94
N GLN S 31 -0.67 54.40 41.17
CA GLN S 31 -0.96 55.38 40.14
C GLN S 31 -0.16 56.67 40.28
N CYS S 32 0.15 57.09 41.51
CA CYS S 32 0.87 58.34 41.73
C CYS S 32 2.21 58.33 41.02
N GLN S 33 2.52 59.42 40.32
CA GLN S 33 3.83 59.59 39.70
C GLN S 33 4.69 60.49 40.56
N TYR S 34 5.95 60.09 40.74
CA TYR S 34 6.86 60.84 41.60
C TYR S 34 7.12 62.23 41.00
N THR S 35 6.99 63.25 41.84
CA THR S 35 7.30 64.61 41.42
C THR S 35 8.81 64.81 41.31
N ALA S 36 9.20 65.82 40.52
CA ALA S 36 10.62 66.07 40.25
C ALA S 36 11.41 66.24 41.55
N GLU S 37 10.88 67.04 42.48
CA GLU S 37 11.57 67.25 43.74
C GLU S 37 11.65 65.94 44.53
N GLU S 38 10.54 65.21 44.61
CA GLU S 38 10.53 63.97 45.38
C GLU S 38 11.39 62.90 44.72
N TYR S 39 11.32 62.77 43.40
CA TYR S 39 12.19 61.83 42.71
C TYR S 39 13.66 62.14 42.98
N GLN S 40 14.04 63.40 42.82
CA GLN S 40 15.46 63.75 42.94
C GLN S 40 15.93 63.56 44.38
N ALA S 41 15.12 64.00 45.35
CA ALA S 41 15.44 63.79 46.76
C ALA S 41 15.63 62.31 47.07
N ILE S 42 14.71 61.46 46.61
CA ILE S 42 14.80 60.05 46.95
C ILE S 42 15.99 59.39 46.26
N GLN S 43 16.20 59.70 44.98
CA GLN S 43 17.35 59.16 44.26
C GLN S 43 18.66 59.55 44.93
N LYS S 44 18.77 60.81 45.38
CA LYS S 44 19.97 61.23 46.08
C LYS S 44 20.12 60.50 47.42
N ALA S 45 19.03 60.46 48.21
CA ALA S 45 19.10 59.88 49.55
C ALA S 45 19.42 58.39 49.52
N LEU S 46 18.94 57.67 48.49
CA LEU S 46 19.17 56.23 48.44
C LEU S 46 20.62 55.84 48.21
N ARG S 47 21.45 56.79 47.74
CA ARG S 47 22.86 56.48 47.52
C ARG S 47 23.63 56.34 48.82
N GLN S 48 23.18 57.00 49.89
CA GLN S 48 23.89 56.97 51.17
C GLN S 48 24.10 55.55 51.68
N ARG S 49 25.32 55.27 52.10
CA ARG S 49 25.58 54.07 52.88
C ARG S 49 25.16 54.28 54.32
N LEU S 50 24.96 53.18 55.04
CA LEU S 50 24.48 53.24 56.42
C LEU S 50 25.64 53.27 57.40
N GLY S 51 25.51 54.11 58.43
CA GLY S 51 26.48 54.14 59.51
C GLY S 51 26.38 52.89 60.36
N PRO S 52 27.30 52.75 61.33
CA PRO S 52 27.29 51.54 62.18
C PRO S 52 26.06 51.43 63.07
N GLU S 53 25.25 52.49 63.18
CA GLU S 53 24.05 52.43 64.02
C GLU S 53 23.05 51.40 63.49
N TYR S 54 23.05 51.16 62.17
CA TYR S 54 22.10 50.26 61.54
C TYR S 54 22.59 48.82 61.52
N ILE S 55 23.90 48.62 61.39
CA ILE S 55 24.46 47.30 61.14
C ILE S 55 24.59 46.53 62.45
N SER S 56 24.27 45.25 62.41
CA SER S 56 24.44 44.33 63.51
C SER S 56 25.23 43.13 63.00
N SER S 57 25.64 42.25 63.92
CA SER S 57 26.50 41.15 63.53
C SER S 57 26.24 39.93 64.41
N ARG S 58 26.50 38.75 63.83
CA ARG S 58 26.47 37.50 64.56
C ARG S 58 27.69 36.69 64.14
N MET S 59 27.83 35.50 64.72
CA MET S 59 28.91 34.59 64.36
C MET S 59 28.35 33.40 63.61
N ALA S 60 28.96 33.09 62.47
CA ALA S 60 28.50 32.01 61.61
C ALA S 60 28.99 30.66 62.14
N GLY S 61 28.77 29.60 61.36
CA GLY S 61 29.14 28.27 61.80
C GLY S 61 30.63 28.02 61.82
N GLY S 62 31.43 28.91 61.23
CA GLY S 62 32.87 28.73 61.19
C GLY S 62 33.64 29.85 61.88
N GLY S 63 33.01 30.48 62.88
CA GLY S 63 33.68 31.53 63.63
C GLY S 63 33.93 32.81 62.87
N GLN S 64 33.26 33.02 61.75
CA GLN S 64 33.43 34.21 60.92
C GLN S 64 32.29 35.20 61.16
N LYS S 65 32.64 36.48 61.23
CA LYS S 65 31.66 37.52 61.52
C LYS S 65 30.77 37.75 60.30
N VAL S 66 29.46 37.83 60.53
CA VAL S 66 28.48 38.07 59.48
C VAL S 66 27.63 39.27 59.87
N CYS S 67 27.58 40.26 59.01
CA CYS S 67 26.79 41.48 59.25
C CYS S 67 25.38 41.32 58.71
N TYR S 68 24.47 42.12 59.27
CA TYR S 68 23.07 42.13 58.84
C TYR S 68 22.40 43.36 59.43
N ILE S 69 21.26 43.72 58.86
CA ILE S 69 20.42 44.79 59.36
C ILE S 69 19.15 44.16 59.93
N GLU S 70 18.79 44.57 61.14
CA GLU S 70 17.59 44.04 61.78
C GLU S 70 16.34 44.54 61.06
N GLY S 71 15.29 43.72 61.10
CA GLY S 71 14.10 43.99 60.32
C GLY S 71 13.50 45.36 60.57
N HIS S 72 13.28 45.70 61.85
CA HIS S 72 12.63 46.97 62.17
C HIS S 72 13.42 48.17 61.66
N ARG S 73 14.75 48.06 61.61
CA ARG S 73 15.55 49.16 61.06
C ARG S 73 15.26 49.36 59.58
N VAL S 74 15.15 48.27 58.82
CA VAL S 74 14.84 48.39 57.40
C VAL S 74 13.43 48.91 57.20
N ILE S 75 12.49 48.46 58.03
CA ILE S 75 11.10 48.93 57.92
C ILE S 75 11.04 50.43 58.14
N ASN S 76 11.71 50.93 59.19
CA ASN S 76 11.71 52.36 59.46
C ASN S 76 12.45 53.13 58.36
N LEU S 77 13.54 52.56 57.83
CA LEU S 77 14.22 53.18 56.70
C LEU S 77 13.27 53.38 55.54
N ALA S 78 12.48 52.36 55.21
CA ALA S 78 11.55 52.47 54.09
C ALA S 78 10.43 53.45 54.40
N ASN S 79 9.91 53.41 55.62
CA ASN S 79 8.85 54.34 56.01
C ASN S 79 9.32 55.79 55.93
N GLU S 80 10.60 56.04 56.23
CA GLU S 80 11.12 57.40 56.12
C GLU S 80 11.44 57.75 54.66
N MET S 81 11.89 56.78 53.87
CA MET S 81 12.27 57.06 52.48
C MET S 81 11.05 57.35 51.62
N PHE S 82 9.99 56.57 51.76
CA PHE S 82 8.84 56.69 50.89
C PHE S 82 7.58 57.16 51.60
N GLY S 83 7.58 57.20 52.92
CA GLY S 83 6.33 57.50 53.59
C GLY S 83 5.58 56.23 53.97
N TYR S 84 4.78 56.34 55.03
CA TYR S 84 3.98 55.20 55.48
C TYR S 84 3.06 54.69 54.38
N ASN S 85 2.68 55.55 53.43
CA ASN S 85 1.76 55.18 52.36
C ASN S 85 2.42 55.25 50.99
N GLY S 86 3.75 55.18 50.93
CA GLY S 86 4.45 55.30 49.67
C GLY S 86 5.10 54.00 49.22
N TRP S 87 5.16 53.01 50.10
CA TRP S 87 5.66 51.69 49.74
C TRP S 87 4.72 50.62 50.28
N ALA S 88 4.74 49.47 49.62
CA ALA S 88 3.89 48.35 50.00
C ALA S 88 4.62 47.06 49.68
N HIS S 89 4.25 45.99 50.38
CA HIS S 89 4.79 44.67 50.08
C HIS S 89 3.71 43.62 50.30
N SER S 90 3.86 42.51 49.58
CA SER S 90 2.91 41.40 49.65
C SER S 90 3.68 40.09 49.54
N ILE S 91 3.07 39.02 50.05
CA ILE S 91 3.68 37.70 49.99
C ILE S 91 3.12 36.98 48.77
N THR S 92 3.93 36.87 47.72
CA THR S 92 3.50 36.18 46.51
C THR S 92 3.24 34.70 46.80
N GLN S 93 4.18 34.05 47.47
CA GLN S 93 4.02 32.65 47.82
C GLN S 93 5.01 32.29 48.92
N GLN S 94 4.55 31.49 49.88
CA GLN S 94 5.41 30.88 50.89
C GLN S 94 5.24 29.37 50.81
N ASN S 95 6.35 28.65 50.73
CA ASN S 95 6.34 27.20 50.55
C ASN S 95 7.28 26.57 51.55
N VAL S 96 6.77 25.63 52.34
CA VAL S 96 7.57 24.87 53.29
C VAL S 96 8.35 23.79 52.54
N ASP S 97 9.68 23.90 52.55
CA ASP S 97 10.49 22.95 51.80
C ASP S 97 10.52 21.58 52.46
N PHE S 98 10.68 21.53 53.77
CA PHE S 98 10.80 20.25 54.47
C PHE S 98 10.57 20.45 55.96
N VAL S 99 10.13 19.37 56.60
CA VAL S 99 10.06 19.25 58.05
C VAL S 99 10.57 17.85 58.39
N ASP S 100 11.78 17.77 58.92
CA ASP S 100 12.42 16.50 59.24
C ASP S 100 12.60 16.36 60.75
N LEU S 101 12.51 15.12 61.22
CA LEU S 101 12.61 14.79 62.65
C LEU S 101 13.79 13.86 62.88
N ASN S 102 14.81 14.34 63.57
CA ASN S 102 16.01 13.56 63.89
C ASN S 102 16.14 13.49 65.42
N ASN S 103 15.92 12.30 65.96
CA ASN S 103 15.96 12.00 67.40
C ASN S 103 15.40 13.15 68.23
N GLY S 104 14.15 13.51 67.93
CA GLY S 104 13.42 14.47 68.75
C GLY S 104 13.63 15.92 68.40
N LYS S 105 14.43 16.22 67.38
CA LYS S 105 14.69 17.59 66.98
C LYS S 105 14.11 17.84 65.59
N PHE S 106 13.59 19.04 65.38
CA PHE S 106 12.92 19.39 64.13
C PHE S 106 13.80 20.31 63.30
N TYR S 107 13.85 20.04 62.00
CA TYR S 107 14.65 20.81 61.05
C TYR S 107 13.73 21.24 59.91
N VAL S 108 13.53 22.56 59.77
CA VAL S 108 12.49 23.11 58.91
C VAL S 108 13.10 24.15 57.98
N GLY S 109 12.80 24.04 56.69
CA GLY S 109 13.17 25.07 55.75
C GLY S 109 11.96 25.65 55.05
N VAL S 110 11.87 26.98 55.00
CA VAL S 110 10.73 27.67 54.41
C VAL S 110 11.24 28.81 53.56
N CYS S 111 10.77 28.89 52.32
CA CYS S 111 11.07 30.00 51.43
C CYS S 111 9.83 30.87 51.27
N ALA S 112 10.07 32.16 51.01
CA ALA S 112 9.01 33.12 50.77
C ALA S 112 9.40 34.06 49.64
N PHE S 113 8.41 34.48 48.87
CA PHE S 113 8.59 35.38 47.74
C PHE S 113 7.84 36.66 48.07
N VAL S 114 8.57 37.73 48.35
CA VAL S 114 8.00 39.00 48.76
C VAL S 114 8.20 39.99 47.63
N ARG S 115 7.15 40.75 47.30
CA ARG S 115 7.17 41.74 46.25
C ARG S 115 6.87 43.11 46.85
N VAL S 116 7.85 44.01 46.78
CA VAL S 116 7.68 45.39 47.24
C VAL S 116 7.20 46.23 46.08
N GLN S 117 6.26 47.12 46.34
CA GLN S 117 5.74 48.04 45.33
C GLN S 117 5.70 49.45 45.89
N LEU S 118 6.07 50.42 45.07
CA LEU S 118 5.99 51.82 45.43
C LEU S 118 4.69 52.43 44.92
N LYS S 119 4.38 53.63 45.38
CA LYS S 119 3.12 54.26 45.00
C LYS S 119 3.06 54.60 43.52
N ASP S 120 4.15 54.42 42.77
CA ASP S 120 4.17 54.65 41.33
C ASP S 120 4.09 53.37 40.51
N GLY S 121 3.98 52.22 41.15
CA GLY S 121 3.94 50.94 40.47
C GLY S 121 5.28 50.24 40.38
N SER S 122 6.38 50.96 40.60
CA SER S 122 7.69 50.34 40.60
C SER S 122 7.75 49.21 41.64
N TYR S 123 8.42 48.12 41.29
CA TYR S 123 8.40 46.94 42.14
C TYR S 123 9.73 46.21 42.11
N HIS S 124 10.02 45.48 43.19
CA HIS S 124 11.15 44.58 43.28
C HIS S 124 10.73 43.36 44.09
N GLU S 125 10.98 42.17 43.54
CA GLU S 125 10.61 40.92 44.18
C GLU S 125 11.86 40.06 44.34
N ASP S 126 11.99 39.43 45.50
CA ASP S 126 13.14 38.57 45.78
C ASP S 126 12.70 37.44 46.69
N VAL S 127 13.64 36.55 47.00
CA VAL S 127 13.39 35.35 47.79
C VAL S 127 13.99 35.51 49.18
N GLY S 128 13.23 35.12 50.20
CA GLY S 128 13.76 34.98 51.53
C GLY S 128 13.69 33.54 52.00
N TYR S 129 14.54 33.18 52.96
CA TYR S 129 14.51 31.84 53.54
C TYR S 129 14.44 31.91 55.05
N GLY S 130 13.85 30.87 55.64
CA GLY S 130 13.73 30.75 57.07
C GLY S 130 14.09 29.36 57.55
N VAL S 131 14.92 29.29 58.58
CA VAL S 131 15.50 28.04 59.05
C VAL S 131 15.21 27.90 60.54
N SER S 132 14.92 26.67 60.98
CA SER S 132 14.80 26.36 62.40
C SER S 132 15.22 24.91 62.59
N GLU S 133 16.39 24.69 63.16
CA GLU S 133 16.93 23.34 63.35
C GLU S 133 17.22 23.10 64.84
N GLY S 134 16.76 21.97 65.36
CA GLY S 134 17.13 21.51 66.68
C GLY S 134 16.04 21.62 67.72
N LEU S 135 15.04 22.47 67.51
CA LEU S 135 14.01 22.69 68.52
C LEU S 135 13.12 21.45 68.70
N LYS S 136 12.59 21.29 69.91
CA LYS S 136 11.73 20.16 70.23
C LYS S 136 10.28 20.40 69.85
N SER S 137 9.87 21.65 69.68
CA SER S 137 8.51 22.00 69.31
C SER S 137 8.44 22.18 67.80
N LYS S 138 7.66 21.31 67.14
CA LYS S 138 7.45 21.48 65.70
C LYS S 138 6.78 22.81 65.41
N ALA S 139 5.80 23.19 66.22
CA ALA S 139 5.07 24.44 65.99
C ALA S 139 5.99 25.65 66.08
N LEU S 140 6.87 25.67 67.08
CA LEU S 140 7.78 26.81 67.21
C LEU S 140 8.80 26.84 66.08
N SER S 141 9.24 25.65 65.64
CA SER S 141 10.14 25.57 64.49
C SER S 141 9.48 26.15 63.24
N LEU S 142 8.25 25.72 62.95
CA LEU S 142 7.54 26.22 61.78
C LEU S 142 7.29 27.72 61.88
N GLU S 143 6.89 28.20 63.06
CA GLU S 143 6.66 29.64 63.23
C GLU S 143 7.92 30.44 62.95
N LYS S 144 9.04 30.01 63.55
CA LYS S 144 10.31 30.70 63.36
C LYS S 144 10.70 30.70 61.89
N ALA S 145 10.58 29.54 61.23
CA ALA S 145 11.02 29.44 59.85
C ALA S 145 10.17 30.29 58.92
N ARG S 146 8.83 30.27 59.10
CA ARG S 146 7.94 31.03 58.22
C ARG S 146 8.15 32.53 58.40
N LYS S 147 8.15 33.01 59.66
CA LYS S 147 8.30 34.44 59.90
C LYS S 147 9.66 34.92 59.41
N GLU S 148 10.72 34.16 59.69
CA GLU S 148 12.05 34.54 59.21
C GLU S 148 12.10 34.56 57.69
N ALA S 149 11.48 33.59 57.02
CA ALA S 149 11.44 33.59 55.56
C ALA S 149 10.82 34.87 55.03
N VAL S 150 9.69 35.29 55.62
CA VAL S 150 9.01 36.48 55.14
C VAL S 150 9.87 37.72 55.37
N THR S 151 10.45 37.85 56.57
CA THR S 151 11.28 39.01 56.88
C THR S 151 12.50 39.07 55.97
N ASP S 152 13.15 37.92 55.75
CA ASP S 152 14.31 37.84 54.87
C ASP S 152 13.93 38.26 53.44
N GLY S 153 12.80 37.76 52.95
CA GLY S 153 12.36 38.14 51.61
C GLY S 153 12.08 39.62 51.49
N LEU S 154 11.49 40.21 52.52
CA LEU S 154 11.22 41.65 52.48
C LEU S 154 12.51 42.44 52.47
N LYS S 155 13.48 42.06 53.30
CA LYS S 155 14.77 42.75 53.31
C LYS S 155 15.46 42.66 51.94
N ARG S 156 15.47 41.45 51.35
CA ARG S 156 16.16 41.29 50.07
C ARG S 156 15.43 41.97 48.93
N ALA S 157 14.11 42.11 49.02
CA ALA S 157 13.37 42.86 48.02
C ALA S 157 13.64 44.36 48.13
N LEU S 158 13.74 44.86 49.38
CA LEU S 158 14.02 46.28 49.57
C LEU S 158 15.46 46.62 49.18
N ARG S 159 16.37 45.65 49.28
CA ARG S 159 17.76 45.87 48.87
C ARG S 159 17.88 46.49 47.47
N SER S 160 17.00 46.09 46.55
CA SER S 160 17.16 46.46 45.15
C SER S 160 16.89 47.94 44.86
N PHE S 161 16.44 48.73 45.84
CA PHE S 161 16.17 50.15 45.59
C PHE S 161 17.38 51.05 45.81
N GLY S 162 18.42 50.57 46.48
CA GLY S 162 19.63 51.36 46.65
C GLY S 162 20.33 51.01 47.94
N ASN S 163 21.46 51.70 48.15
CA ASN S 163 22.30 51.45 49.31
C ASN S 163 21.56 51.76 50.61
N ALA S 164 20.76 52.82 50.62
CA ALA S 164 20.13 53.28 51.86
C ALA S 164 19.23 52.21 52.47
N LEU S 165 18.69 51.30 51.65
CA LEU S 165 17.81 50.25 52.15
C LEU S 165 18.52 48.91 52.35
N GLY S 166 19.84 48.87 52.20
CA GLY S 166 20.57 47.69 52.62
C GLY S 166 21.48 47.09 51.57
N ASN S 167 21.57 47.73 50.40
CA ASN S 167 22.39 47.15 49.34
C ASN S 167 23.87 47.21 49.67
N CYS S 168 24.30 48.26 50.39
CA CYS S 168 25.72 48.46 50.67
C CYS S 168 26.30 47.35 51.52
N ILE S 169 25.49 46.64 52.30
CA ILE S 169 25.98 45.58 53.17
C ILE S 169 26.73 44.49 52.41
N LEU S 170 26.52 44.39 51.09
CA LEU S 170 27.18 43.35 50.31
C LEU S 170 28.54 43.76 49.77
N ASP S 171 28.92 45.03 49.92
CA ASP S 171 30.20 45.52 49.42
C ASP S 171 31.27 45.25 50.47
N LYS S 172 32.26 44.42 50.11
CA LYS S 172 33.30 44.05 51.06
C LYS S 172 34.13 45.26 51.48
N ASP S 173 34.27 46.25 50.59
CA ASP S 173 34.98 47.46 50.96
C ASP S 173 34.25 48.23 52.03
N TYR S 174 32.92 48.32 51.91
CA TYR S 174 32.10 48.94 52.93
C TYR S 174 32.22 48.21 54.26
N LEU S 175 32.35 46.88 54.21
CA LEU S 175 32.49 46.10 55.44
C LEU S 175 33.84 46.38 56.11
N ARG S 176 34.92 46.42 55.33
CA ARG S 176 36.22 46.78 55.90
C ARG S 176 36.18 48.17 56.50
N SER S 177 35.61 49.14 55.77
CA SER S 177 35.48 50.49 56.30
C SER S 177 34.58 50.55 57.52
N LEU S 178 33.75 49.53 57.73
CA LEU S 178 32.95 49.46 58.95
C LEU S 178 33.74 48.90 60.12
N ASN S 179 34.65 47.94 59.85
CA ASN S 179 35.46 47.41 60.94
C ASN S 179 36.43 48.46 61.48
N LYS S 180 36.99 49.28 60.59
CA LYS S 180 37.93 50.33 60.97
C LYS S 180 37.28 51.48 61.73
N LEU S 181 35.93 51.53 61.82
CA LEU S 181 35.37 52.61 62.61
C LEU S 181 35.31 52.20 64.08
N PRO S 182 35.43 53.16 65.00
CA PRO S 182 35.34 52.83 66.43
C PRO S 182 33.96 52.29 66.80
N ARG S 183 33.95 51.15 67.48
CA ARG S 183 32.69 50.56 67.92
C ARG S 183 31.98 51.45 68.93
N GLN S 184 30.93 52.11 68.48
CA GLN S 184 30.16 53.03 69.31
C GLN S 184 29.22 52.25 70.20
N LEU S 185 28.93 52.82 71.37
CA LEU S 185 28.04 52.16 72.29
C LEU S 185 26.60 52.29 71.80
N PRO S 186 25.76 51.25 72.02
CA PRO S 186 24.35 51.34 71.60
C PRO S 186 23.69 52.64 72.05
N LEU S 187 23.17 53.41 71.09
CA LEU S 187 22.48 54.63 71.43
C LEU S 187 21.30 54.33 72.34
N GLU S 188 20.97 55.28 73.20
CA GLU S 188 19.88 55.12 74.14
C GLU S 188 18.62 55.76 73.57
N VAL S 189 17.48 55.18 73.92
CA VAL S 189 16.20 55.62 73.40
C VAL S 189 15.50 56.44 74.45
N ASP S 190 15.02 57.63 74.06
CA ASP S 190 14.41 58.58 74.97
C ASP S 190 12.90 58.44 74.89
N LEU S 191 12.32 57.74 75.87
CA LEU S 191 10.89 57.47 75.93
C LEU S 191 10.08 58.59 76.58
N THR S 192 10.63 59.81 76.66
CA THR S 192 9.91 60.90 77.29
C THR S 192 8.71 61.34 76.47
N LYS S 193 8.87 61.44 75.15
CA LYS S 193 7.78 61.80 74.25
C LYS S 193 7.05 60.59 73.68
N ALA S 194 7.04 59.48 74.41
CA ALA S 194 6.36 58.27 73.95
C ALA S 194 4.84 58.43 73.99
N LYS S 195 4.19 57.76 73.04
CA LYS S 195 2.73 57.77 72.95
C LYS S 195 2.13 57.02 74.14
N ARG S 196 1.16 57.65 74.81
CA ARG S 196 0.60 57.10 76.03
C ARG S 196 -0.89 56.78 75.95
N GLN S 197 -1.62 57.36 74.99
CA GLN S 197 -3.01 57.02 74.76
C GLN S 197 -3.28 56.97 73.27
N ASP S 198 -4.40 56.31 72.91
CA ASP S 198 -4.68 56.01 71.51
C ASP S 198 -4.91 57.29 70.69
N LEU S 199 -5.69 58.23 71.24
CA LEU S 199 -6.17 59.38 70.48
C LEU S 199 -5.03 60.16 69.83
N GLU S 200 -5.24 60.58 68.58
CA GLU S 200 -4.29 61.39 67.80
C GLU S 200 -5.01 62.64 67.32
N PRO S 201 -5.00 63.73 68.12
CA PRO S 201 -5.87 64.87 67.82
C PRO S 201 -5.56 65.61 66.52
N SER S 202 -4.28 65.89 66.27
CA SER S 202 -3.90 66.56 65.02
C SER S 202 -4.28 65.72 63.82
N VAL S 203 -4.07 64.41 63.91
CA VAL S 203 -4.40 63.52 62.80
C VAL S 203 -5.91 63.52 62.57
N GLU S 204 -6.67 63.37 63.65
CA GLU S 204 -8.13 63.36 63.55
C GLU S 204 -8.66 64.65 62.95
N GLU S 205 -8.05 65.78 63.32
CA GLU S 205 -8.48 67.07 62.79
C GLU S 205 -8.18 67.19 61.29
N ALA S 206 -6.93 66.89 60.92
CA ALA S 206 -6.57 66.92 59.49
C ALA S 206 -7.45 65.98 58.67
N ARG S 207 -7.85 64.85 59.25
CA ARG S 207 -8.68 63.92 58.50
C ARG S 207 -10.11 64.42 58.38
N TYR S 208 -10.66 65.01 59.44
CA TYR S 208 -11.98 65.63 59.30
C TYR S 208 -11.95 66.69 58.21
N ASN S 209 -10.86 67.46 58.14
CA ASN S 209 -10.73 68.43 57.05
C ASN S 209 -10.41 67.78 55.72
N SER S 210 -10.09 66.48 55.71
CA SER S 210 -9.80 65.74 54.50
C SER S 210 -11.04 65.14 53.83
N CYS S 211 -12.19 65.18 54.49
CA CYS S 211 -13.39 64.52 53.95
C CYS S 211 -14.22 65.46 53.09
N CYS T 28 -14.09 55.94 46.60
CA CYS T 28 -14.37 54.94 47.61
C CYS T 28 -13.08 54.46 48.29
N PHE T 29 -13.10 53.24 48.80
CA PHE T 29 -11.94 52.68 49.48
C PHE T 29 -10.91 52.23 48.44
N GLY T 30 -9.64 52.47 48.73
CA GLY T 30 -8.59 52.21 47.77
C GLY T 30 -8.41 53.28 46.71
N GLN T 31 -9.28 54.29 46.66
CA GLN T 31 -9.16 55.37 45.69
C GLN T 31 -8.73 56.70 46.30
N CYS T 32 -9.13 56.97 47.55
CA CYS T 32 -8.82 58.25 48.19
C CYS T 32 -7.31 58.47 48.30
N GLN T 33 -6.88 59.68 47.97
CA GLN T 33 -5.50 60.09 48.16
C GLN T 33 -5.37 60.96 49.41
N TYR T 34 -4.35 60.67 50.20
CA TYR T 34 -4.13 61.37 51.47
C TYR T 34 -3.83 62.85 51.22
N THR T 35 -4.51 63.71 51.98
CA THR T 35 -4.22 65.14 51.92
C THR T 35 -2.91 65.44 52.63
N ALA T 36 -2.30 66.57 52.27
CA ALA T 36 -1.00 66.93 52.83
C ALA T 36 -1.03 66.98 54.35
N GLU T 37 -2.07 67.59 54.92
CA GLU T 37 -2.16 67.67 56.37
C GLU T 37 -2.31 66.29 56.99
N GLU T 38 -3.21 65.46 56.44
CA GLU T 38 -3.42 64.14 57.00
C GLU T 38 -2.19 63.25 56.78
N TYR T 39 -1.57 63.34 55.61
CA TYR T 39 -0.33 62.61 55.36
C TYR T 39 0.73 62.98 56.39
N GLN T 40 0.96 64.27 56.59
CA GLN T 40 2.03 64.70 57.48
C GLN T 40 1.73 64.31 58.93
N ALA T 41 0.48 64.52 59.36
CA ALA T 41 0.07 64.12 60.70
C ALA T 41 0.32 62.63 60.93
N ILE T 42 -0.10 61.78 59.98
CA ILE T 42 0.03 60.35 60.17
C ILE T 42 1.50 59.94 60.13
N GLN T 43 2.27 60.49 59.19
CA GLN T 43 3.69 60.17 59.09
C GLN T 43 4.43 60.53 60.37
N LYS T 44 4.13 61.70 60.93
CA LYS T 44 4.76 62.08 62.20
C LYS T 44 4.31 61.17 63.34
N ALA T 45 3.00 60.95 63.45
CA ALA T 45 2.47 60.18 64.57
C ALA T 45 3.00 58.75 64.58
N LEU T 46 3.23 58.15 63.41
CA LEU T 46 3.71 56.78 63.37
C LEU T 46 5.13 56.63 63.88
N ARG T 47 5.89 57.73 63.95
CA ARG T 47 7.25 57.65 64.46
C ARG T 47 7.28 57.41 65.97
N GLN T 48 6.24 57.85 66.69
CA GLN T 48 6.22 57.75 68.15
C GLN T 48 6.40 56.30 68.60
N ARG T 49 7.28 56.09 69.58
CA ARG T 49 7.35 54.81 70.25
C ARG T 49 6.24 54.71 71.30
N LEU T 50 5.94 53.47 71.70
CA LEU T 50 4.83 53.24 72.62
C LEU T 50 5.28 53.26 74.08
N GLY T 51 4.46 53.85 74.93
CA GLY T 51 4.69 53.84 76.36
C GLY T 51 4.46 52.48 76.97
N PRO T 52 4.77 52.33 78.26
CA PRO T 52 4.62 51.03 78.92
C PRO T 52 3.18 50.55 79.06
N GLU T 53 2.19 51.42 78.82
CA GLU T 53 0.79 51.02 78.97
C GLU T 53 0.41 49.90 78.01
N TYR T 54 1.09 49.83 76.86
CA TYR T 54 0.74 48.89 75.81
C TYR T 54 1.42 47.53 75.94
N ILE T 55 2.63 47.51 76.49
CA ILE T 55 3.49 46.32 76.44
C ILE T 55 3.08 45.33 77.53
N SER T 56 3.08 44.06 77.17
CA SER T 56 2.86 42.95 78.09
C SER T 56 3.99 41.94 77.90
N SER T 57 4.05 40.94 78.77
CA SER T 57 5.13 39.97 78.72
C SER T 57 4.66 38.60 79.18
N ARG T 58 5.33 37.57 78.68
CA ARG T 58 5.10 36.20 79.10
C ARG T 58 6.45 35.51 79.27
N MET T 59 6.43 34.26 79.71
CA MET T 59 7.64 33.46 79.85
C MET T 59 7.64 32.36 78.79
N ALA T 60 8.59 32.44 77.86
CA ALA T 60 8.66 31.49 76.76
C ALA T 60 9.26 30.17 77.25
N GLY T 61 9.63 29.30 76.30
CA GLY T 61 10.13 27.98 76.67
C GLY T 61 11.44 28.02 77.43
N GLY T 62 12.32 28.96 77.07
CA GLY T 62 13.58 29.11 77.76
C GLY T 62 13.53 29.86 79.06
N GLY T 63 12.34 30.15 79.58
CA GLY T 63 12.21 30.95 80.78
C GLY T 63 12.71 32.36 80.54
N GLN T 64 12.33 32.92 79.39
CA GLN T 64 12.85 34.20 78.92
C GLN T 64 11.70 35.18 78.72
N LYS T 65 11.95 36.44 79.08
CA LYS T 65 10.94 37.48 79.02
C LYS T 65 10.73 37.92 77.57
N VAL T 66 9.55 37.63 77.03
CA VAL T 66 9.21 37.97 75.65
C VAL T 66 8.09 39.00 75.68
N CYS T 67 8.32 40.13 75.03
CA CYS T 67 7.36 41.23 74.96
C CYS T 67 6.44 41.08 73.76
N TYR T 68 5.27 41.71 73.85
CA TYR T 68 4.27 41.71 72.80
C TYR T 68 3.24 42.78 73.10
N ILE T 69 2.47 43.15 72.08
CA ILE T 69 1.34 44.07 72.21
C ILE T 69 0.06 43.27 72.00
N GLU T 70 -0.90 43.44 72.91
CA GLU T 70 -2.16 42.71 72.82
C GLU T 70 -3.02 43.20 71.66
N GLY T 71 -3.82 42.28 71.12
CA GLY T 71 -4.58 42.54 69.90
C GLY T 71 -5.45 43.78 69.95
N HIS T 72 -6.29 43.89 70.99
CA HIS T 72 -7.25 44.99 71.04
C HIS T 72 -6.55 46.35 71.05
N ARG T 73 -5.38 46.44 71.68
CA ARG T 73 -4.63 47.69 71.66
C ARG T 73 -4.18 48.04 70.26
N VAL T 74 -3.72 47.06 69.49
CA VAL T 74 -3.29 47.33 68.12
C VAL T 74 -4.47 47.72 67.24
N ILE T 75 -5.61 47.06 67.45
CA ILE T 75 -6.81 47.37 66.67
C ILE T 75 -7.24 48.81 66.93
N ASN T 76 -7.30 49.21 68.20
CA ASN T 76 -7.68 50.59 68.52
C ASN T 76 -6.63 51.58 68.05
N LEU T 77 -5.35 51.24 68.16
CA LEU T 77 -4.28 52.09 67.62
C LEU T 77 -4.50 52.34 66.15
N ALA T 78 -4.80 51.30 65.38
CA ALA T 78 -5.00 51.46 63.94
C ALA T 78 -6.27 52.25 63.66
N ASN T 79 -7.33 52.00 64.44
CA ASN T 79 -8.58 52.74 64.27
C ASN T 79 -8.39 54.23 64.53
N GLU T 80 -7.52 54.58 65.46
CA GLU T 80 -7.23 55.99 65.71
C GLU T 80 -6.28 56.58 64.68
N MET T 81 -5.32 55.78 64.20
CA MET T 81 -4.33 56.28 63.25
C MET T 81 -4.97 56.56 61.89
N PHE T 82 -5.82 55.66 61.41
CA PHE T 82 -6.36 55.76 60.06
C PHE T 82 -7.86 55.99 60.02
N GLY T 83 -8.57 55.87 61.14
CA GLY T 83 -10.01 55.89 61.10
C GLY T 83 -10.61 54.50 60.98
N TYR T 84 -11.82 54.36 61.50
CA TYR T 84 -12.51 53.08 61.38
C TYR T 84 -12.68 52.65 59.92
N ASN T 85 -12.69 53.61 59.01
CA ASN T 85 -12.89 53.36 57.58
C ASN T 85 -11.67 53.74 56.74
N GLY T 86 -10.50 53.82 57.37
CA GLY T 86 -9.31 54.22 56.66
C GLY T 86 -8.30 53.10 56.53
N TRP T 87 -8.51 52.00 57.26
CA TRP T 87 -7.67 50.82 57.14
C TRP T 87 -8.56 49.59 57.07
N ALA T 88 -8.01 48.55 56.45
CA ALA T 88 -8.73 47.29 56.26
C ALA T 88 -7.74 46.16 56.32
N HIS T 89 -8.23 44.96 56.67
CA HIS T 89 -7.39 43.78 56.62
C HIS T 89 -8.21 42.58 56.17
N SER T 90 -7.52 41.62 55.55
CA SER T 90 -8.13 40.42 55.02
C SER T 90 -7.18 39.25 55.22
N ILE T 91 -7.74 38.05 55.26
CA ILE T 91 -6.98 36.83 55.40
C ILE T 91 -6.73 36.27 54.01
N THR T 92 -5.50 36.41 53.51
CA THR T 92 -5.17 35.90 52.19
C THR T 92 -5.29 34.38 52.16
N GLN T 93 -4.73 33.72 53.16
CA GLN T 93 -4.83 32.28 53.25
C GLN T 93 -4.48 31.85 54.67
N GLN T 94 -5.23 30.89 55.20
CA GLN T 94 -4.90 30.22 56.45
C GLN T 94 -4.77 28.73 56.20
N ASN T 95 -3.67 28.15 56.66
CA ASN T 95 -3.35 26.75 56.41
C ASN T 95 -2.95 26.07 57.71
N VAL T 96 -3.64 24.99 58.04
CA VAL T 96 -3.29 24.17 59.20
C VAL T 96 -2.07 23.33 58.81
N ASP T 97 -0.94 23.58 59.46
CA ASP T 97 0.28 22.88 59.09
C ASP T 97 0.24 21.42 59.54
N PHE T 98 -0.22 21.17 60.76
CA PHE T 98 -0.24 19.81 61.28
C PHE T 98 -1.17 19.75 62.48
N VAL T 99 -1.70 18.55 62.73
CA VAL T 99 -2.43 18.23 63.94
C VAL T 99 -1.93 16.86 64.40
N ASP T 100 -1.12 16.85 65.46
CA ASP T 100 -0.51 15.61 65.93
C ASP T 100 -1.07 15.23 67.29
N LEU T 101 -1.13 13.92 67.54
CA LEU T 101 -1.64 13.36 68.78
C LEU T 101 -0.52 12.56 69.43
N ASN T 102 -0.04 13.04 70.57
CA ASN T 102 1.04 12.39 71.31
C ASN T 102 0.51 12.01 72.69
N ASN T 103 0.35 10.71 72.91
CA ASN T 103 -0.18 10.10 74.14
C ASN T 103 -1.29 10.95 74.77
N GLY T 104 -2.32 11.20 73.97
CA GLY T 104 -3.56 11.80 74.43
C GLY T 104 -3.62 13.33 74.40
N LYS T 105 -2.54 14.00 74.00
CA LYS T 105 -2.54 15.45 73.88
C LYS T 105 -2.33 15.85 72.43
N PHE T 106 -2.96 16.95 72.04
CA PHE T 106 -2.95 17.44 70.67
C PHE T 106 -2.00 18.62 70.52
N TYR T 107 -1.24 18.62 69.43
CA TYR T 107 -0.27 19.66 69.14
C TYR T 107 -0.55 20.17 67.74
N VAL T 108 -0.90 21.45 67.63
CA VAL T 108 -1.44 22.00 66.40
C VAL T 108 -0.64 23.25 66.03
N GLY T 109 -0.22 23.33 64.77
CA GLY T 109 0.38 24.53 64.23
C GLY T 109 -0.40 25.04 63.04
N VAL T 110 -0.72 26.33 63.04
CA VAL T 110 -1.54 26.95 62.01
C VAL T 110 -0.91 28.26 61.60
N CYS T 111 -0.73 28.46 60.30
CA CYS T 111 -0.24 29.72 59.76
C CYS T 111 -1.38 30.49 59.08
N ALA T 112 -1.26 31.81 59.06
CA ALA T 112 -2.21 32.68 58.39
C ALA T 112 -1.48 33.81 57.69
N PHE T 113 -2.02 34.24 56.56
CA PHE T 113 -1.44 35.33 55.78
C PHE T 113 -2.47 36.46 55.78
N VAL T 114 -2.16 37.54 56.48
CA VAL T 114 -3.06 38.67 56.66
C VAL T 114 -2.49 39.84 55.87
N ARG T 115 -3.36 40.51 55.10
CA ARG T 115 -2.97 41.67 54.31
C ARG T 115 -3.79 42.87 54.75
N VAL T 116 -3.10 43.89 55.28
CA VAL T 116 -3.73 45.15 55.67
C VAL T 116 -3.61 46.13 54.51
N GLN T 117 -4.69 46.89 54.25
CA GLN T 117 -4.69 47.90 53.19
C GLN T 117 -5.24 49.20 53.75
N LEU T 118 -4.66 50.32 53.31
CA LEU T 118 -5.13 51.65 53.67
C LEU T 118 -6.07 52.20 52.61
N LYS T 119 -6.75 53.30 52.96
CA LYS T 119 -7.74 53.86 52.05
C LYS T 119 -7.14 54.43 50.76
N ASP T 120 -5.81 54.45 50.65
CA ASP T 120 -5.15 54.91 49.42
C ASP T 120 -4.63 53.76 48.57
N GLY T 121 -4.86 52.51 48.97
CA GLY T 121 -4.37 51.35 48.27
C GLY T 121 -3.09 50.78 48.84
N SER T 122 -2.37 51.55 49.66
CA SER T 122 -1.17 51.04 50.31
C SER T 122 -1.50 49.80 51.14
N TYR T 123 -0.58 48.84 51.12
CA TYR T 123 -0.85 47.54 51.74
C TYR T 123 0.40 46.97 52.36
N HIS T 124 0.21 46.11 53.38
CA HIS T 124 1.28 45.33 53.97
C HIS T 124 0.73 43.96 54.34
N GLU T 125 1.42 42.91 53.92
CA GLU T 125 1.01 41.53 54.17
C GLU T 125 2.12 40.78 54.90
N ASP T 126 1.73 39.99 55.90
CA ASP T 126 2.70 39.26 56.69
C ASP T 126 2.09 37.92 57.13
N VAL T 127 2.88 37.14 57.85
CA VAL T 127 2.51 35.80 58.28
C VAL T 127 2.23 35.83 59.77
N GLY T 128 1.15 35.18 60.18
CA GLY T 128 0.90 34.91 61.58
C GLY T 128 0.91 33.42 61.87
N TYR T 129 1.21 33.05 63.11
CA TYR T 129 1.16 31.64 63.51
C TYR T 129 0.36 31.46 64.78
N GLY T 130 -0.23 30.28 64.92
CA GLY T 130 -1.01 29.93 66.08
C GLY T 130 -0.67 28.55 66.58
N VAL T 131 -0.45 28.42 67.90
CA VAL T 131 0.05 27.19 68.50
C VAL T 131 -0.89 26.77 69.63
N SER T 132 -1.10 25.47 69.76
CA SER T 132 -1.82 24.91 70.90
C SER T 132 -1.24 23.54 71.19
N GLU T 133 -0.50 23.43 72.29
CA GLU T 133 0.13 22.18 72.69
C GLU T 133 -0.36 21.81 74.07
N GLY T 134 -0.78 20.56 74.23
CA GLY T 134 -1.13 19.98 75.52
C GLY T 134 -2.61 19.75 75.70
N LEU T 135 -3.48 20.46 74.98
CA LEU T 135 -4.91 20.30 75.18
C LEU T 135 -5.36 18.93 74.71
N LYS T 136 -6.35 18.36 75.39
CA LYS T 136 -6.91 17.07 75.01
C LYS T 136 -8.06 17.18 74.02
N SER T 137 -8.67 18.36 73.91
CA SER T 137 -9.75 18.58 72.96
C SER T 137 -9.18 19.12 71.65
N LYS T 138 -9.34 18.34 70.57
CA LYS T 138 -8.86 18.78 69.27
C LYS T 138 -9.54 20.08 68.83
N ALA T 139 -10.84 20.20 69.09
CA ALA T 139 -11.57 21.38 68.64
C ALA T 139 -11.01 22.65 69.25
N LEU T 140 -10.72 22.63 70.56
CA LEU T 140 -10.20 23.83 71.19
C LEU T 140 -8.77 24.12 70.74
N SER T 141 -7.97 23.09 70.51
CA SER T 141 -6.63 23.29 69.98
C SER T 141 -6.68 23.99 68.63
N LEU T 142 -7.51 23.48 67.73
CA LEU T 142 -7.64 24.10 66.42
C LEU T 142 -8.18 25.52 66.52
N GLU T 143 -9.17 25.74 67.39
CA GLU T 143 -9.72 27.08 67.58
C GLU T 143 -8.65 28.06 68.03
N LYS T 144 -7.88 27.67 69.05
CA LYS T 144 -6.81 28.52 69.57
C LYS T 144 -5.79 28.81 68.49
N ALA T 145 -5.37 27.77 67.76
CA ALA T 145 -4.30 27.93 66.78
C ALA T 145 -4.75 28.83 65.63
N ARG T 146 -5.95 28.61 65.11
CA ARG T 146 -6.42 29.42 63.98
C ARG T 146 -6.60 30.88 64.38
N LYS T 147 -7.30 31.12 65.50
CA LYS T 147 -7.55 32.50 65.91
C LYS T 147 -6.25 33.22 66.23
N GLU T 148 -5.34 32.55 66.95
CA GLU T 148 -4.05 33.17 67.23
C GLU T 148 -3.26 33.46 65.97
N ALA T 149 -3.26 32.53 65.01
CA ALA T 149 -2.57 32.77 63.74
C ALA T 149 -3.10 34.01 63.05
N VAL T 150 -4.43 34.17 63.00
CA VAL T 150 -4.99 35.32 62.32
C VAL T 150 -4.63 36.62 63.04
N THR T 151 -4.77 36.63 64.37
CA THR T 151 -4.46 37.84 65.13
C THR T 151 -2.98 38.20 65.01
N ASP T 152 -2.11 37.19 65.10
CA ASP T 152 -0.68 37.41 64.93
C ASP T 152 -0.36 37.99 63.56
N GLY T 153 -1.00 37.44 62.51
CA GLY T 153 -0.77 37.97 61.18
C GLY T 153 -1.22 39.42 61.05
N LEU T 154 -2.35 39.76 61.68
CA LEU T 154 -2.81 41.15 61.64
C LEU T 154 -1.83 42.07 62.35
N LYS T 155 -1.36 41.66 63.52
CA LYS T 155 -0.39 42.48 64.26
C LYS T 155 0.89 42.68 63.46
N ARG T 156 1.41 41.60 62.85
CA ARG T 156 2.66 41.70 62.11
C ARG T 156 2.50 42.48 60.81
N ALA T 157 1.31 42.45 60.21
CA ALA T 157 1.07 43.27 59.03
C ALA T 157 1.00 44.74 59.41
N LEU T 158 0.39 45.05 60.56
CA LEU T 158 0.32 46.44 61.00
C LEU T 158 1.68 46.95 61.47
N ARG T 159 2.56 46.06 61.95
CA ARG T 159 3.90 46.47 62.37
C ARG T 159 4.63 47.27 61.29
N SER T 160 4.42 46.94 60.02
CA SER T 160 5.21 47.51 58.94
C SER T 160 4.92 48.98 58.67
N PHE T 161 3.96 49.59 59.36
CA PHE T 161 3.62 50.99 59.15
C PHE T 161 4.43 51.95 60.01
N GLY T 162 5.09 51.46 61.05
CA GLY T 162 5.95 52.32 61.86
C GLY T 162 5.98 51.83 63.29
N ASN T 163 6.77 52.55 64.10
CA ASN T 163 6.95 52.17 65.50
C ASN T 163 5.63 52.23 66.27
N ALA T 164 4.81 53.24 65.98
CA ALA T 164 3.59 53.47 66.75
C ALA T 164 2.62 52.29 66.66
N LEU T 165 2.68 51.51 65.59
CA LEU T 165 1.81 50.36 65.41
C LEU T 165 2.50 49.03 65.76
N GLY T 166 3.71 49.08 66.32
CA GLY T 166 4.31 47.91 66.90
C GLY T 166 5.70 47.58 66.42
N ASN T 167 6.28 48.41 65.55
CA ASN T 167 7.61 48.10 65.05
C ASN T 167 8.67 48.24 66.12
N CYS T 168 8.51 49.21 67.04
CA CYS T 168 9.51 49.48 68.05
C CYS T 168 9.69 48.33 69.04
N ILE T 169 8.68 47.47 69.21
CA ILE T 169 8.78 46.35 70.14
C ILE T 169 9.96 45.45 69.82
N LEU T 170 10.49 45.52 68.60
CA LEU T 170 11.62 44.70 68.19
C LEU T 170 12.96 45.38 68.48
N ASP T 171 12.95 46.65 68.90
CA ASP T 171 14.16 47.41 69.17
C ASP T 171 14.60 47.11 70.60
N LYS T 172 15.77 46.47 70.73
CA LYS T 172 16.26 46.08 72.06
C LYS T 172 16.62 47.29 72.92
N ASP T 173 17.08 48.38 72.30
CA ASP T 173 17.38 49.58 73.06
C ASP T 173 16.10 50.18 73.63
N TYR T 174 15.03 50.15 72.85
CA TYR T 174 13.72 50.56 73.34
C TYR T 174 13.28 49.71 74.52
N LEU T 175 13.61 48.41 74.50
CA LEU T 175 13.25 47.54 75.61
C LEU T 175 14.05 47.90 76.87
N ARG T 176 15.34 48.18 76.72
CA ARG T 176 16.13 48.63 77.86
C ARG T 176 15.55 49.93 78.44
N SER T 177 15.24 50.89 77.57
CA SER T 177 14.62 52.13 78.03
C SER T 177 13.24 51.90 78.62
N LEU T 178 12.61 50.77 78.32
CA LEU T 178 11.33 50.43 78.95
C LEU T 178 11.50 49.83 80.34
N ASN T 179 12.56 49.06 80.55
CA ASN T 179 12.78 48.48 81.87
C ASN T 179 13.13 49.55 82.90
N LYS T 180 13.85 50.59 82.48
CA LYS T 180 14.26 51.68 83.37
C LYS T 180 13.08 52.53 83.85
N LEU T 181 11.90 52.35 83.28
CA LEU T 181 10.76 53.15 83.71
C LEU T 181 10.08 52.51 84.93
N PRO T 182 9.48 53.33 85.78
CA PRO T 182 8.79 52.79 86.96
C PRO T 182 7.60 51.92 86.56
N ARG T 183 7.54 50.73 87.15
CA ARG T 183 6.44 49.80 86.89
C ARG T 183 5.11 50.39 87.36
N GLN T 184 4.30 50.85 86.41
CA GLN T 184 3.03 51.50 86.73
C GLN T 184 1.95 50.45 87.00
N LEU T 185 1.03 50.80 87.89
CA LEU T 185 -0.05 49.89 88.23
C LEU T 185 -1.14 49.92 87.14
N PRO T 186 -1.79 48.77 86.88
CA PRO T 186 -2.86 48.73 85.87
C PRO T 186 -3.92 49.81 86.04
N LEU T 187 -4.08 50.66 85.03
CA LEU T 187 -5.11 51.70 85.07
C LEU T 187 -6.50 51.10 85.17
N GLU T 188 -7.41 51.86 85.78
CA GLU T 188 -8.81 51.47 85.95
C GLU T 188 -9.67 52.20 84.91
N VAL T 189 -10.76 51.52 84.51
CA VAL T 189 -11.63 52.02 83.44
C VAL T 189 -12.90 52.58 84.06
N ASP T 190 -13.31 53.77 83.58
CA ASP T 190 -14.49 54.48 84.09
C ASP T 190 -15.67 54.16 83.17
N LEU T 191 -16.52 53.24 83.60
CA LEU T 191 -17.65 52.78 82.81
C LEU T 191 -18.91 53.63 82.98
N THR T 192 -18.79 54.85 83.49
CA THR T 192 -19.96 55.71 83.62
C THR T 192 -20.45 56.19 82.26
N LYS T 193 -19.52 56.49 81.36
CA LYS T 193 -19.83 56.94 80.01
C LYS T 193 -19.89 55.78 79.02
N ALA T 194 -20.17 54.57 79.50
CA ALA T 194 -20.30 53.42 78.63
C ALA T 194 -21.59 53.48 77.82
N LYS T 195 -21.54 52.93 76.62
CA LYS T 195 -22.71 52.88 75.75
C LYS T 195 -23.76 51.94 76.35
N ARG T 196 -25.00 52.42 76.46
CA ARG T 196 -26.03 51.67 77.17
C ARG T 196 -27.23 51.27 76.32
N GLN T 197 -27.45 51.90 75.15
CA GLN T 197 -28.49 51.44 74.24
C GLN T 197 -27.96 51.55 72.82
N ASP T 198 -28.63 50.83 71.91
CA ASP T 198 -28.13 50.71 70.54
C ASP T 198 -28.16 52.05 69.82
N LEU T 199 -29.25 52.81 69.95
CA LEU T 199 -29.49 53.99 69.14
C LEU T 199 -28.34 54.98 69.21
N GLU T 200 -28.00 55.55 68.06
CA GLU T 200 -26.97 56.58 67.92
C GLU T 200 -27.62 57.78 67.24
N PRO T 201 -28.20 58.70 68.02
CA PRO T 201 -29.01 59.77 67.40
C PRO T 201 -28.19 60.72 66.54
N SER T 202 -27.00 61.12 67.00
CA SER T 202 -26.15 61.98 66.20
C SER T 202 -25.76 61.32 64.88
N VAL T 203 -25.46 60.02 64.93
CA VAL T 203 -25.08 59.28 63.73
C VAL T 203 -26.25 59.18 62.76
N GLU T 204 -27.44 58.84 63.28
CA GLU T 204 -28.62 58.72 62.44
C GLU T 204 -28.92 60.01 61.67
N GLU T 205 -28.75 61.16 62.33
CA GLU T 205 -29.03 62.44 61.68
C GLU T 205 -28.02 62.73 60.59
N ALA T 206 -26.73 62.61 60.90
CA ALA T 206 -25.69 62.84 59.90
C ALA T 206 -25.83 61.92 58.71
N ARG T 207 -26.31 60.69 58.92
CA ARG T 207 -26.49 59.77 57.80
C ARG T 207 -27.73 60.13 56.98
N TYR T 208 -28.82 60.52 57.65
CA TYR T 208 -30.00 60.98 56.94
C TYR T 208 -29.66 62.16 56.04
N ASN T 209 -28.80 63.07 56.51
CA ASN T 209 -28.39 64.17 55.66
C ASN T 209 -27.41 63.76 54.57
N SER T 210 -26.91 62.53 54.61
CA SER T 210 -25.97 62.07 53.61
C SER T 210 -26.64 61.43 52.38
N CYS T 211 -27.95 61.20 52.42
CA CYS T 211 -28.60 60.47 51.34
C CYS T 211 -29.15 61.42 50.27
N CYS U 28 -23.64 52.99 44.44
CA CYS U 28 -24.20 51.83 45.13
C CYS U 28 -23.35 51.44 46.34
N PHE U 29 -23.40 50.17 46.71
CA PHE U 29 -22.63 49.68 47.85
C PHE U 29 -21.18 49.49 47.46
N GLY U 30 -20.28 49.86 48.37
CA GLY U 30 -18.86 49.87 48.07
C GLY U 30 -18.38 51.10 47.33
N GLN U 31 -19.28 51.96 46.88
CA GLN U 31 -18.93 53.18 46.16
C GLN U 31 -19.10 54.45 46.97
N CYS U 32 -20.07 54.46 47.90
CA CYS U 32 -20.35 55.65 48.68
C CYS U 32 -19.13 56.08 49.48
N GLN U 33 -18.84 57.38 49.45
CA GLN U 33 -17.76 57.94 50.26
C GLN U 33 -18.37 58.59 51.50
N TYR U 34 -17.77 58.33 52.66
CA TYR U 34 -18.31 58.88 53.90
C TYR U 34 -18.16 60.39 53.93
N THR U 35 -19.26 61.07 54.23
CA THR U 35 -19.21 62.51 54.44
C THR U 35 -18.57 62.82 55.78
N ALA U 36 -18.05 64.05 55.90
CA ALA U 36 -17.36 64.46 57.12
C ALA U 36 -18.26 64.28 58.33
N GLU U 37 -19.53 64.66 58.21
CA GLU U 37 -20.47 64.58 59.33
C GLU U 37 -20.68 63.14 59.77
N GLU U 38 -20.98 62.26 58.82
CA GLU U 38 -21.24 60.86 59.17
C GLU U 38 -19.96 60.17 59.61
N TYR U 39 -18.84 60.46 58.95
CA TYR U 39 -17.57 59.91 59.39
C TYR U 39 -17.30 60.28 60.85
N GLN U 40 -17.49 61.56 61.20
CA GLN U 40 -17.20 62.01 62.55
C GLN U 40 -18.13 61.36 63.56
N ALA U 41 -19.43 61.29 63.23
CA ALA U 41 -20.39 60.64 64.11
C ALA U 41 -20.00 59.19 64.38
N ILE U 42 -19.68 58.43 63.33
CA ILE U 42 -19.37 57.02 63.51
C ILE U 42 -18.04 56.84 64.24
N GLN U 43 -17.03 57.63 63.86
CA GLN U 43 -15.73 57.56 64.53
C GLN U 43 -15.84 57.84 66.02
N LYS U 44 -16.62 58.85 66.40
CA LYS U 44 -16.82 59.12 67.81
C LYS U 44 -17.59 58.00 68.49
N ALA U 45 -18.68 57.55 67.86
CA ALA U 45 -19.53 56.54 68.49
C ALA U 45 -18.80 55.23 68.71
N LEU U 46 -17.88 54.85 67.81
CA LEU U 46 -17.18 53.58 67.97
C LEU U 46 -16.22 53.55 69.15
N ARG U 47 -15.83 54.71 69.68
CA ARG U 47 -14.93 54.72 70.83
C ARG U 47 -15.63 54.25 72.10
N GLN U 48 -16.95 54.43 72.18
CA GLN U 48 -17.70 54.05 73.38
C GLN U 48 -17.50 52.59 73.73
N ARG U 49 -17.20 52.33 75.01
CA ARG U 49 -17.30 50.96 75.50
C ARG U 49 -18.75 50.65 75.84
N LEU U 50 -19.05 49.36 75.94
CA LEU U 50 -20.42 48.91 76.19
C LEU U 50 -20.68 48.79 77.68
N GLY U 51 -21.87 49.21 78.09
CA GLY U 51 -22.30 49.04 79.46
C GLY U 51 -22.59 47.59 79.78
N PRO U 52 -22.87 47.30 81.06
CA PRO U 52 -23.14 45.90 81.45
C PRO U 52 -24.40 45.33 80.84
N GLU U 53 -25.25 46.14 80.21
CA GLU U 53 -26.47 45.64 79.60
C GLU U 53 -26.17 44.65 78.47
N TYR U 54 -25.02 44.81 77.81
CA TYR U 54 -24.67 43.98 76.66
C TYR U 54 -23.95 42.71 77.07
N ILE U 55 -23.14 42.78 78.13
CA ILE U 55 -22.23 41.69 78.45
C ILE U 55 -22.96 40.58 79.20
N SER U 56 -22.66 39.34 78.81
CA SER U 56 -23.13 38.11 79.43
C SER U 56 -21.91 37.22 79.68
N SER U 57 -22.13 36.06 80.31
CA SER U 57 -21.00 35.21 80.64
C SER U 57 -21.38 33.75 80.46
N ARG U 58 -20.38 32.96 80.04
CA ARG U 58 -20.48 31.53 79.83
C ARG U 58 -19.18 30.87 80.29
N MET U 59 -19.10 29.55 80.11
CA MET U 59 -17.90 28.79 80.46
C MET U 59 -17.17 28.46 79.15
N ALA U 60 -16.22 29.30 78.79
CA ALA U 60 -15.48 29.15 77.54
C ALA U 60 -14.46 28.01 77.68
N GLY U 61 -13.55 27.94 76.71
CA GLY U 61 -12.52 26.94 76.65
C GLY U 61 -11.40 27.07 77.66
N GLY U 62 -11.44 28.10 78.52
CA GLY U 62 -10.43 28.25 79.54
C GLY U 62 -10.89 27.73 80.88
N GLY U 63 -12.19 27.45 80.99
CA GLY U 63 -12.76 26.92 82.22
C GLY U 63 -12.90 27.92 83.34
N GLN U 64 -13.65 29.00 83.09
CA GLN U 64 -14.07 29.94 84.12
C GLN U 64 -15.06 30.93 83.56
N LYS U 65 -15.43 31.95 84.34
CA LYS U 65 -16.38 32.94 83.87
C LYS U 65 -15.73 33.80 82.78
N VAL U 66 -16.37 33.82 81.61
CA VAL U 66 -15.81 34.42 80.40
C VAL U 66 -16.88 35.31 79.77
N CYS U 67 -16.51 36.55 79.48
CA CYS U 67 -17.46 37.50 78.92
C CYS U 67 -17.55 37.37 77.40
N TYR U 68 -18.70 37.79 76.88
CA TYR U 68 -18.96 37.78 75.44
C TYR U 68 -20.21 38.64 75.19
N ILE U 69 -20.41 39.00 73.93
CA ILE U 69 -21.61 39.70 73.50
C ILE U 69 -22.44 38.73 72.67
N GLU U 70 -23.73 38.67 72.95
CA GLU U 70 -24.59 37.76 72.22
C GLU U 70 -24.73 38.22 70.77
N GLY U 71 -24.94 37.24 69.88
CA GLY U 71 -24.92 37.51 68.45
C GLY U 71 -25.87 38.62 68.04
N HIS U 72 -27.14 38.50 68.42
CA HIS U 72 -28.14 39.48 68.01
C HIS U 72 -27.78 40.87 68.51
N ARG U 73 -27.12 40.97 69.66
CA ARG U 73 -26.67 42.26 70.15
C ARG U 73 -25.64 42.88 69.21
N VAL U 74 -24.71 42.06 68.72
CA VAL U 74 -23.69 42.57 67.81
C VAL U 74 -24.33 42.97 66.48
N ILE U 75 -25.29 42.17 66.00
CA ILE U 75 -25.97 42.50 64.75
C ILE U 75 -26.70 43.83 64.87
N ASN U 76 -27.44 44.03 65.97
CA ASN U 76 -28.16 45.28 66.16
C ASN U 76 -27.20 46.46 66.35
N LEU U 77 -26.09 46.25 67.06
CA LEU U 77 -25.08 47.29 67.19
C LEU U 77 -24.58 47.73 65.81
N ALA U 78 -24.30 46.77 64.93
CA ALA U 78 -23.81 47.11 63.60
C ALA U 78 -24.90 47.80 62.78
N ASN U 79 -26.15 47.34 62.91
CA ASN U 79 -27.26 47.96 62.19
C ASN U 79 -27.46 49.41 62.62
N GLU U 80 -27.23 49.71 63.90
CA GLU U 80 -27.38 51.07 64.37
C GLU U 80 -26.16 51.93 64.01
N MET U 81 -24.97 51.33 64.04
CA MET U 81 -23.75 52.09 63.74
C MET U 81 -23.69 52.49 62.27
N PHE U 82 -24.02 51.57 61.37
CA PHE U 82 -23.85 51.81 59.95
C PHE U 82 -25.15 51.85 59.17
N GLY U 83 -26.27 51.47 59.78
CA GLY U 83 -27.47 51.34 58.98
C GLY U 83 -27.65 49.93 58.44
N TYR U 84 -28.91 49.55 58.23
CA TYR U 84 -29.19 48.24 57.65
C TYR U 84 -28.55 48.05 56.29
N ASN U 85 -28.27 49.15 55.59
CA ASN U 85 -27.67 49.11 54.25
C ASN U 85 -26.29 49.75 54.23
N GLY U 86 -25.63 49.86 55.38
CA GLY U 86 -24.33 50.49 55.43
C GLY U 86 -23.21 49.53 55.78
N TRP U 87 -23.56 48.32 56.19
CA TRP U 87 -22.57 47.28 56.42
C TRP U 87 -23.06 45.97 55.80
N ALA U 88 -22.10 45.11 55.48
CA ALA U 88 -22.40 43.83 54.86
C ALA U 88 -21.39 42.81 55.33
N HIS U 89 -21.76 41.54 55.29
CA HIS U 89 -20.83 40.46 55.60
C HIS U 89 -21.11 39.28 54.70
N SER U 90 -20.06 38.49 54.46
CA SER U 90 -20.12 37.33 53.60
C SER U 90 -19.23 36.25 54.17
N ILE U 91 -19.54 35.01 53.82
CA ILE U 91 -18.77 33.85 54.24
C ILE U 91 -17.76 33.55 53.15
N THR U 92 -16.50 33.89 53.39
CA THR U 92 -15.46 33.62 52.39
C THR U 92 -15.27 32.13 52.18
N GLN U 93 -15.18 31.38 53.28
CA GLN U 93 -15.05 29.94 53.20
C GLN U 93 -15.37 29.34 54.57
N GLN U 94 -16.09 28.22 54.56
CA GLN U 94 -16.31 27.43 55.75
C GLN U 94 -15.80 26.01 55.50
N ASN U 95 -14.98 25.51 56.42
CA ASN U 95 -14.33 24.22 56.27
C ASN U 95 -14.50 23.43 57.57
N VAL U 96 -15.07 22.22 57.45
CA VAL U 96 -15.21 21.33 58.59
C VAL U 96 -13.86 20.68 58.86
N ASP U 97 -13.27 20.98 60.02
CA ASP U 97 -11.95 20.47 60.33
C ASP U 97 -11.98 18.97 60.62
N PHE U 98 -12.98 18.51 61.37
CA PHE U 98 -13.04 17.10 61.71
C PHE U 98 -14.44 16.74 62.20
N VAL U 99 -14.80 15.47 62.02
CA VAL U 99 -16.00 14.89 62.62
C VAL U 99 -15.60 13.52 63.14
N ASP U 100 -15.49 13.38 64.46
CA ASP U 100 -15.05 12.15 65.09
C ASP U 100 -16.18 11.55 65.91
N LEU U 101 -16.20 10.22 65.98
CA LEU U 101 -17.20 9.46 66.70
C LEU U 101 -16.49 8.69 67.81
N ASN U 102 -16.78 9.06 69.07
CA ASN U 102 -16.17 8.44 70.24
C ASN U 102 -17.25 7.83 71.12
N ASN U 103 -17.29 6.50 71.16
CA ASN U 103 -18.28 5.71 71.92
C ASN U 103 -19.66 6.37 71.94
N GLY U 104 -20.16 6.62 70.74
CA GLY U 104 -21.52 7.08 70.56
C GLY U 104 -21.72 8.58 70.63
N LYS U 105 -20.66 9.35 70.89
CA LYS U 105 -20.73 10.80 70.94
C LYS U 105 -19.89 11.40 69.83
N PHE U 106 -20.37 12.51 69.27
CA PHE U 106 -19.73 13.16 68.14
C PHE U 106 -19.01 14.42 68.61
N TYR U 107 -17.80 14.63 68.08
CA TYR U 107 -16.99 15.80 68.42
C TYR U 107 -16.58 16.46 67.11
N VAL U 108 -17.04 17.70 66.91
CA VAL U 108 -16.97 18.36 65.60
C VAL U 108 -16.32 19.73 65.76
N GLY U 109 -15.36 20.03 64.90
CA GLY U 109 -14.78 21.35 64.82
C GLY U 109 -14.96 21.93 63.43
N VAL U 110 -15.44 23.17 63.35
CA VAL U 110 -15.73 23.82 62.08
C VAL U 110 -15.21 25.26 62.14
N CYS U 111 -14.46 25.66 61.13
CA CYS U 111 -13.98 27.03 61.02
C CYS U 111 -14.74 27.76 59.92
N ALA U 112 -14.86 29.08 60.09
CA ALA U 112 -15.50 29.92 59.10
C ALA U 112 -14.72 31.21 58.96
N PHE U 113 -14.66 31.74 57.73
CA PHE U 113 -13.95 32.97 57.44
C PHE U 113 -15.00 33.98 56.98
N VAL U 114 -15.27 34.98 57.82
CA VAL U 114 -16.32 35.97 57.56
C VAL U 114 -15.63 37.29 57.27
N ARG U 115 -16.08 37.95 56.19
CA ARG U 115 -15.54 39.24 55.78
C ARG U 115 -16.66 40.27 55.82
N VAL U 116 -16.53 41.25 56.71
CA VAL U 116 -17.48 42.34 56.82
C VAL U 116 -16.96 43.50 55.98
N GLN U 117 -17.86 44.15 55.24
CA GLN U 117 -17.49 45.32 54.44
C GLN U 117 -18.48 46.44 54.71
N LEU U 118 -17.97 47.67 54.75
CA LEU U 118 -18.83 48.83 54.91
C LEU U 118 -19.18 49.42 53.55
N LYS U 119 -20.14 50.34 53.58
CA LYS U 119 -20.66 50.94 52.34
C LYS U 119 -19.63 51.81 51.62
N ASP U 120 -18.45 52.02 52.21
CA ASP U 120 -17.39 52.76 51.55
C ASP U 120 -16.29 51.85 51.00
N GLY U 121 -16.45 50.54 51.13
CA GLY U 121 -15.47 49.57 50.68
C GLY U 121 -14.53 49.08 51.76
N SER U 122 -14.41 49.80 52.87
CA SER U 122 -13.60 49.33 53.99
C SER U 122 -14.10 47.97 54.46
N TYR U 123 -13.18 47.10 54.87
CA TYR U 123 -13.54 45.73 55.20
C TYR U 123 -12.69 45.21 56.34
N HIS U 124 -13.22 44.22 57.03
CA HIS U 124 -12.47 43.46 58.04
C HIS U 124 -12.89 42.01 57.98
N GLU U 125 -11.91 41.11 57.89
CA GLU U 125 -12.14 39.68 57.81
C GLU U 125 -11.44 38.97 58.95
N ASP U 126 -12.12 38.00 59.55
CA ASP U 126 -11.57 37.27 60.68
C ASP U 126 -12.07 35.82 60.62
N VAL U 127 -11.59 35.01 61.55
CA VAL U 127 -11.90 33.59 61.60
C VAL U 127 -12.86 33.33 62.75
N GLY U 128 -13.88 32.53 62.50
CA GLY U 128 -14.70 32.03 63.58
C GLY U 128 -14.60 30.53 63.70
N TYR U 129 -14.86 30.00 64.89
CA TYR U 129 -14.86 28.56 65.09
C TYR U 129 -16.15 28.12 65.77
N GLY U 130 -16.53 26.88 65.52
CA GLY U 130 -17.72 26.28 66.10
C GLY U 130 -17.43 24.89 66.62
N VAL U 131 -17.85 24.60 67.84
CA VAL U 131 -17.49 23.37 68.53
C VAL U 131 -18.77 22.68 69.00
N SER U 132 -18.79 21.35 68.91
CA SER U 132 -19.87 20.55 69.46
C SER U 132 -19.26 19.22 69.91
N GLU U 133 -19.16 19.03 71.22
CA GLU U 133 -18.55 17.84 71.79
C GLU U 133 -19.58 17.14 72.65
N GLY U 134 -19.77 15.83 72.43
CA GLY U 134 -20.57 15.02 73.32
C GLY U 134 -21.92 14.63 72.77
N LEU U 135 -22.47 15.38 71.82
CA LEU U 135 -23.82 15.10 71.34
C LEU U 135 -23.85 13.79 70.56
N LYS U 136 -24.99 13.10 70.65
CA LYS U 136 -25.18 11.85 69.94
C LYS U 136 -25.73 12.02 68.53
N SER U 137 -26.30 13.17 68.22
CA SER U 137 -26.86 13.43 66.89
C SER U 137 -25.80 14.09 66.03
N LYS U 138 -25.36 13.39 64.97
CA LYS U 138 -24.40 13.98 64.05
C LYS U 138 -24.96 15.23 63.40
N ALA U 139 -26.23 15.18 62.99
CA ALA U 139 -26.82 16.33 62.29
C ALA U 139 -26.86 17.55 63.18
N LEU U 140 -27.25 17.38 64.45
CA LEU U 140 -27.31 18.52 65.36
C LEU U 140 -25.92 19.04 65.68
N SER U 141 -24.95 18.14 65.80
CA SER U 141 -23.57 18.55 66.02
C SER U 141 -23.07 19.41 64.87
N LEU U 142 -23.27 18.95 63.63
CA LEU U 142 -22.84 19.71 62.47
C LEU U 142 -23.56 21.05 62.37
N GLU U 143 -24.89 21.06 62.59
CA GLU U 143 -25.64 22.31 62.52
C GLU U 143 -25.11 23.31 63.55
N LYS U 144 -24.94 22.86 64.79
CA LYS U 144 -24.44 23.74 65.85
C LYS U 144 -23.06 24.27 65.49
N ALA U 145 -22.17 23.38 65.02
CA ALA U 145 -20.80 23.80 64.76
C ALA U 145 -20.72 24.80 63.62
N ARG U 146 -21.45 24.53 62.52
CA ARG U 146 -21.41 25.45 61.38
C ARG U 146 -21.98 26.81 61.73
N LYS U 147 -23.18 26.82 62.32
CA LYS U 147 -23.82 28.09 62.66
C LYS U 147 -22.98 28.88 63.66
N GLU U 148 -22.47 28.20 64.70
CA GLU U 148 -21.62 28.87 65.66
C GLU U 148 -20.34 29.41 65.03
N ALA U 149 -19.72 28.63 64.13
CA ALA U 149 -18.53 29.11 63.46
C ALA U 149 -18.81 30.42 62.72
N VAL U 150 -19.92 30.46 61.98
CA VAL U 150 -20.23 31.66 61.20
C VAL U 150 -20.53 32.84 62.12
N THR U 151 -21.34 32.62 63.15
CA THR U 151 -21.68 33.72 64.06
C THR U 151 -20.45 34.25 64.79
N ASP U 152 -19.60 33.34 65.29
CA ASP U 152 -18.36 33.74 65.94
C ASP U 152 -17.46 34.53 64.98
N GLY U 153 -17.35 34.07 63.73
CA GLY U 153 -16.58 34.80 62.76
C GLY U 153 -17.12 36.19 62.49
N LEU U 154 -18.44 36.32 62.48
CA LEU U 154 -19.05 37.65 62.30
C LEU U 154 -18.73 38.56 63.47
N LYS U 155 -18.84 38.04 64.70
CA LYS U 155 -18.51 38.84 65.87
C LYS U 155 -17.06 39.26 65.86
N ARG U 156 -16.15 38.33 65.54
CA ARG U 156 -14.73 38.66 65.54
C ARG U 156 -14.34 39.59 64.40
N ALA U 157 -15.05 39.52 63.27
CA ALA U 157 -14.80 40.47 62.19
C ALA U 157 -15.28 41.86 62.55
N LEU U 158 -16.45 41.95 63.19
CA LEU U 158 -16.97 43.26 63.57
C LEU U 158 -16.19 43.88 64.71
N ARG U 159 -15.58 43.06 65.57
CA ARG U 159 -14.75 43.61 66.64
C ARG U 159 -13.71 44.62 66.16
N SER U 160 -13.16 44.41 64.96
CA SER U 160 -12.02 45.20 64.50
C SER U 160 -12.38 46.65 64.19
N PHE U 161 -13.65 47.04 64.29
CA PHE U 161 -14.05 48.41 64.02
C PHE U 161 -13.99 49.33 65.23
N GLY U 162 -13.92 48.78 66.44
CA GLY U 162 -13.78 49.60 67.62
C GLY U 162 -14.44 48.94 68.82
N ASN U 163 -14.35 49.65 69.96
CA ASN U 163 -14.89 49.13 71.21
C ASN U 163 -16.41 48.95 71.13
N ALA U 164 -17.10 49.88 70.48
CA ALA U 164 -18.56 49.85 70.46
C ALA U 164 -19.08 48.58 69.81
N LEU U 165 -18.31 47.97 68.91
CA LEU U 165 -18.71 46.75 68.23
C LEU U 165 -18.08 45.51 68.84
N GLY U 166 -17.39 45.66 69.97
CA GLY U 166 -16.98 44.49 70.74
C GLY U 166 -15.51 44.42 71.07
N ASN U 167 -14.73 45.43 70.71
CA ASN U 167 -13.29 45.36 70.98
C ASN U 167 -13.00 45.51 72.47
N CYS U 168 -13.78 46.34 73.16
CA CYS U 168 -13.49 46.65 74.56
C CYS U 168 -13.59 45.42 75.45
N ILE U 169 -14.36 44.42 75.03
CA ILE U 169 -14.51 43.19 75.80
C ILE U 169 -13.16 42.50 76.01
N LEU U 170 -12.15 42.84 75.21
CA LEU U 170 -10.86 42.19 75.34
C LEU U 170 -9.93 42.87 76.35
N ASP U 171 -10.32 44.02 76.89
CA ASP U 171 -9.48 44.75 77.84
C ASP U 171 -9.69 44.20 79.24
N LYS U 172 -8.62 43.66 79.83
CA LYS U 172 -8.72 43.08 81.17
C LYS U 172 -9.10 44.10 82.21
N ASP U 173 -8.70 45.37 82.02
CA ASP U 173 -9.07 46.42 82.95
C ASP U 173 -10.57 46.71 82.87
N TYR U 174 -11.12 46.70 81.64
CA TYR U 174 -12.55 46.89 81.43
C TYR U 174 -13.36 45.80 82.13
N LEU U 175 -12.84 44.58 82.19
CA LEU U 175 -13.58 43.50 82.83
C LEU U 175 -13.69 43.73 84.34
N ARG U 176 -12.59 44.12 84.98
CA ARG U 176 -12.64 44.46 86.41
C ARG U 176 -13.54 45.65 86.66
N SER U 177 -13.45 46.69 85.82
CA SER U 177 -14.36 47.82 85.95
C SER U 177 -15.81 47.42 85.71
N LEU U 178 -16.04 46.28 85.05
CA LEU U 178 -17.39 45.76 84.87
C LEU U 178 -17.87 45.01 86.10
N ASN U 179 -16.97 44.32 86.80
CA ASN U 179 -17.37 43.59 88.00
C ASN U 179 -17.80 44.53 89.12
N LYS U 180 -17.12 45.67 89.25
CA LYS U 180 -17.46 46.63 90.30
C LYS U 180 -18.82 47.31 90.09
N LEU U 181 -19.45 47.14 88.93
CA LEU U 181 -20.75 47.76 88.77
C LEU U 181 -21.85 46.85 89.31
N PRO U 182 -22.94 47.42 89.81
CA PRO U 182 -24.04 46.58 90.31
C PRO U 182 -24.66 45.76 89.18
N ARG U 183 -24.76 44.45 89.39
CA ARG U 183 -25.36 43.55 88.42
C ARG U 183 -26.85 43.84 88.28
N GLN U 184 -27.22 44.42 87.15
CA GLN U 184 -28.61 44.80 86.88
C GLN U 184 -29.43 43.59 86.46
N LEU U 185 -30.72 43.64 86.80
CA LEU U 185 -31.65 42.57 86.47
C LEU U 185 -32.05 42.64 84.99
N PRO U 186 -32.30 41.48 84.36
CA PRO U 186 -32.72 41.47 82.94
C PRO U 186 -33.83 42.46 82.61
N LEU U 187 -33.57 43.34 81.64
CA LEU U 187 -34.55 44.33 81.21
C LEU U 187 -35.83 43.66 80.70
N GLU U 188 -36.94 44.38 80.86
CA GLU U 188 -38.23 43.92 80.38
C GLU U 188 -38.55 44.58 79.05
N VAL U 189 -39.23 43.83 78.18
CA VAL U 189 -39.52 44.28 76.82
C VAL U 189 -40.98 44.69 76.73
N ASP U 190 -41.22 45.86 76.15
CA ASP U 190 -42.57 46.42 76.01
C ASP U 190 -43.06 46.14 74.60
N LEU U 191 -43.86 45.08 74.44
CA LEU U 191 -44.38 44.66 73.15
C LEU U 191 -45.69 45.33 72.78
N THR U 192 -46.01 46.49 73.39
CA THR U 192 -47.26 47.15 73.05
C THR U 192 -47.23 47.71 71.64
N LYS U 193 -46.10 48.31 71.24
CA LYS U 193 -45.92 48.80 69.88
C LYS U 193 -45.23 47.78 68.98
N ALA U 194 -45.38 46.48 69.27
CA ALA U 194 -44.78 45.44 68.45
C ALA U 194 -45.48 45.34 67.11
N LYS U 195 -44.69 44.97 66.09
CA LYS U 195 -45.22 44.81 64.74
C LYS U 195 -46.18 43.63 64.69
N ARG U 196 -47.38 43.87 64.17
CA ARG U 196 -48.44 42.88 64.18
C ARG U 196 -48.94 42.51 62.79
N GLN U 197 -48.67 43.31 61.77
CA GLN U 197 -49.02 42.98 60.40
C GLN U 197 -47.89 43.39 59.47
N ASP U 198 -47.90 42.80 58.28
CA ASP U 198 -46.76 42.92 57.35
C ASP U 198 -46.60 44.34 56.85
N LEU U 199 -47.70 44.98 56.44
CA LEU U 199 -47.64 46.24 55.71
C LEU U 199 -46.86 47.32 56.46
N GLU U 200 -46.08 48.09 55.70
CA GLU U 200 -45.31 49.24 56.21
C GLU U 200 -45.67 50.46 55.38
N PRO U 201 -46.69 51.21 55.80
CA PRO U 201 -47.21 52.29 54.93
C PRO U 201 -46.19 53.40 54.68
N SER U 202 -45.48 53.84 55.71
CA SER U 202 -44.46 54.87 55.52
C SER U 202 -43.37 54.39 54.56
N VAL U 203 -42.97 53.12 54.70
CA VAL U 203 -41.95 52.56 53.83
C VAL U 203 -42.46 52.50 52.39
N GLU U 204 -43.68 52.00 52.20
CA GLU U 204 -44.27 51.94 50.86
C GLU U 204 -44.35 53.33 50.23
N GLU U 205 -44.71 54.33 51.03
CA GLU U 205 -44.82 55.70 50.50
C GLU U 205 -43.46 56.24 50.08
N ALA U 206 -42.48 56.16 50.98
CA ALA U 206 -41.14 56.63 50.65
C ALA U 206 -40.55 55.89 49.46
N ARG U 207 -40.86 54.60 49.30
CA ARG U 207 -40.30 53.86 48.18
C ARG U 207 -41.00 54.21 46.87
N TYR U 208 -42.33 54.37 46.90
CA TYR U 208 -43.03 54.81 45.70
C TYR U 208 -42.52 56.17 45.26
N ASN U 209 -42.25 57.07 46.22
CA ASN U 209 -41.66 58.36 45.87
C ASN U 209 -40.18 58.26 45.54
N SER U 210 -39.55 57.11 45.79
CA SER U 210 -38.14 56.89 45.51
C SER U 210 -37.86 56.39 44.09
N CYS U 211 -38.89 56.06 43.32
CA CYS U 211 -38.68 55.44 42.00
C CYS U 211 -38.59 56.48 40.89
N CYS V 28 -30.50 49.72 37.77
CA CYS V 28 -31.12 48.42 37.99
C CYS V 28 -30.81 47.91 39.40
N PHE V 29 -30.82 46.59 39.58
CA PHE V 29 -30.54 46.01 40.88
C PHE V 29 -29.05 46.02 41.16
N GLY V 30 -28.69 46.30 42.41
CA GLY V 30 -27.30 46.47 42.76
C GLY V 30 -26.71 47.83 42.44
N GLN V 31 -27.45 48.69 41.75
CA GLN V 31 -27.01 50.04 41.41
C GLN V 31 -27.71 51.14 42.18
N CYS V 32 -28.97 50.94 42.56
CA CYS V 32 -29.77 51.93 43.25
C CYS V 32 -29.16 52.34 44.59
N GLN V 33 -29.35 53.62 44.94
CA GLN V 33 -29.03 54.12 46.27
C GLN V 33 -30.31 54.53 46.99
N TYR V 34 -30.41 54.16 48.27
CA TYR V 34 -31.61 54.47 49.04
C TYR V 34 -31.75 55.97 49.22
N THR V 35 -32.95 56.50 48.96
CA THR V 35 -33.24 57.88 49.26
C THR V 35 -33.42 58.07 50.76
N ALA V 36 -33.23 59.31 51.22
CA ALA V 36 -33.30 59.59 52.65
C ALA V 36 -34.60 59.11 53.27
N GLU V 37 -35.72 59.37 52.59
CA GLU V 37 -37.02 58.97 53.13
C GLU V 37 -37.12 57.46 53.24
N GLU V 38 -36.75 56.74 52.18
CA GLU V 38 -36.88 55.29 52.19
C GLU V 38 -35.88 54.66 53.16
N TYR V 39 -34.64 55.16 53.18
CA TYR V 39 -33.69 54.66 54.15
C TYR V 39 -34.21 54.81 55.58
N GLN V 40 -34.70 56.00 55.92
CA GLN V 40 -35.12 56.25 57.29
C GLN V 40 -36.34 55.40 57.64
N ALA V 41 -37.32 55.34 56.74
CA ALA V 41 -38.50 54.50 56.93
C ALA V 41 -38.10 53.05 57.17
N ILE V 42 -37.20 52.52 56.33
CA ILE V 42 -36.84 51.11 56.45
C ILE V 42 -36.08 50.85 57.75
N GLN V 43 -35.14 51.73 58.10
CA GLN V 43 -34.37 51.55 59.34
C GLN V 43 -35.29 51.55 60.57
N LYS V 44 -36.21 52.53 60.63
CA LYS V 44 -37.13 52.57 61.76
C LYS V 44 -38.04 51.35 61.77
N ALA V 45 -38.58 50.98 60.61
CA ALA V 45 -39.46 49.81 60.55
C ALA V 45 -38.70 48.54 60.95
N LEU V 46 -37.42 48.46 60.62
CA LEU V 46 -36.61 47.30 60.98
C LEU V 46 -36.33 47.26 62.47
N ARG V 47 -36.45 48.39 63.16
CA ARG V 47 -36.29 48.33 64.62
C ARG V 47 -37.44 47.60 65.29
N GLN V 48 -38.63 47.58 64.66
CA GLN V 48 -39.81 46.94 65.25
C GLN V 48 -39.55 45.49 65.62
N ARG V 49 -39.98 45.12 66.83
CA ARG V 49 -40.07 43.72 67.19
C ARG V 49 -41.37 43.13 66.67
N LEU V 50 -41.41 41.79 66.58
CA LEU V 50 -42.57 41.11 66.03
C LEU V 50 -43.55 40.69 67.13
N GLY V 51 -44.83 40.86 66.85
CA GLY V 51 -45.88 40.39 67.71
C GLY V 51 -46.01 38.87 67.68
N PRO V 52 -46.87 38.31 68.53
CA PRO V 52 -47.02 36.85 68.56
C PRO V 52 -47.65 36.26 67.30
N GLU V 53 -48.21 37.09 66.40
CA GLU V 53 -48.79 36.56 65.18
C GLU V 53 -47.74 35.89 64.31
N TYR V 54 -46.49 36.34 64.41
CA TYR V 54 -45.39 35.81 63.60
C TYR V 54 -44.69 34.64 64.27
N ILE V 55 -44.63 34.63 65.60
CA ILE V 55 -43.84 33.66 66.33
C ILE V 55 -44.61 32.35 66.45
N SER V 56 -43.90 31.24 66.32
CA SER V 56 -44.44 29.91 66.50
C SER V 56 -43.58 29.16 67.51
N SER V 57 -44.02 27.96 67.88
CA SER V 57 -43.30 27.20 68.89
C SER V 57 -43.42 25.71 68.59
N ARG V 58 -42.39 24.96 68.96
CA ARG V 58 -42.38 23.51 68.82
C ARG V 58 -41.75 22.90 70.06
N MET V 59 -41.63 21.57 70.04
CA MET V 59 -40.96 20.82 71.10
C MET V 59 -39.63 20.29 70.60
N ALA V 60 -38.61 20.43 71.44
CA ALA V 60 -37.28 19.88 71.18
C ALA V 60 -37.06 18.65 72.05
N GLY V 61 -35.91 18.01 71.87
CA GLY V 61 -35.62 16.74 72.54
C GLY V 61 -35.43 16.82 74.03
N GLY V 62 -35.67 17.96 74.66
CA GLY V 62 -35.50 18.09 76.10
C GLY V 62 -36.74 18.56 76.82
N GLY V 63 -37.89 18.48 76.17
CA GLY V 63 -39.13 18.94 76.76
C GLY V 63 -39.18 20.44 77.00
N GLN V 64 -38.68 21.22 76.05
CA GLN V 64 -38.61 22.68 76.17
C GLN V 64 -39.23 23.32 74.95
N LYS V 65 -39.47 24.63 75.06
CA LYS V 65 -40.12 25.40 74.02
C LYS V 65 -39.09 26.10 73.14
N VAL V 66 -39.30 26.06 71.83
CA VAL V 66 -38.41 26.68 70.85
C VAL V 66 -39.24 27.58 69.94
N CYS V 67 -38.91 28.86 69.91
CA CYS V 67 -39.60 29.80 69.05
C CYS V 67 -38.91 29.91 67.70
N TYR V 68 -39.70 30.31 66.69
CA TYR V 68 -39.19 30.50 65.33
C TYR V 68 -40.22 31.24 64.51
N ILE V 69 -39.78 31.77 63.37
CA ILE V 69 -40.66 32.39 62.39
C ILE V 69 -40.72 31.48 61.17
N GLU V 70 -41.93 31.23 60.69
CA GLU V 70 -42.12 30.35 59.53
C GLU V 70 -41.59 31.02 58.27
N GLY V 71 -41.14 30.17 57.33
CA GLY V 71 -40.48 30.67 56.13
C GLY V 71 -41.29 31.70 55.37
N HIS V 72 -42.56 31.35 55.07
CA HIS V 72 -43.40 32.26 54.30
C HIS V 72 -43.61 33.59 55.02
N ARG V 73 -43.63 33.56 56.35
CA ARG V 73 -43.75 34.80 57.11
C ARG V 73 -42.52 35.68 56.89
N VAL V 74 -41.33 35.09 56.87
CA VAL V 74 -40.11 35.85 56.63
C VAL V 74 -40.10 36.39 55.21
N ILE V 75 -40.56 35.59 54.24
CA ILE V 75 -40.63 36.04 52.86
C ILE V 75 -41.55 37.25 52.73
N ASN V 76 -42.74 37.18 53.34
CA ASN V 76 -43.68 38.29 53.28
C ASN V 76 -43.13 39.52 54.01
N LEU V 77 -42.47 39.30 55.15
CA LEU V 77 -41.82 40.41 55.85
C LEU V 77 -40.82 41.12 54.95
N ALA V 78 -40.00 40.35 54.24
CA ALA V 78 -39.00 40.96 53.37
C ALA V 78 -39.65 41.64 52.17
N ASN V 79 -40.68 41.04 51.59
CA ASN V 79 -41.37 41.66 50.46
C ASN V 79 -42.02 42.98 50.87
N GLU V 80 -42.51 43.08 52.10
CA GLU V 80 -43.08 44.34 52.54
C GLU V 80 -42.01 45.35 52.92
N MET V 81 -40.91 44.89 53.51
CA MET V 81 -39.87 45.81 53.95
C MET V 81 -39.13 46.43 52.76
N PHE V 82 -38.78 45.63 51.76
CA PHE V 82 -37.96 46.09 50.65
C PHE V 82 -38.68 46.12 49.31
N GLY V 83 -39.86 45.54 49.21
CA GLY V 83 -40.46 45.42 47.89
C GLY V 83 -40.13 44.09 47.25
N TYR V 84 -41.03 43.64 46.37
CA TYR V 84 -40.80 42.38 45.66
C TYR V 84 -39.51 42.41 44.86
N ASN V 85 -39.05 43.60 44.45
CA ASN V 85 -37.85 43.75 43.65
C ASN V 85 -36.76 44.52 44.38
N GLY V 86 -36.82 44.56 45.70
CA GLY V 86 -35.87 45.33 46.47
C GLY V 86 -34.92 44.46 47.28
N TRP V 87 -35.21 43.17 47.34
CA TRP V 87 -34.32 42.22 47.97
C TRP V 87 -34.16 41.01 47.07
N ALA V 88 -33.04 40.32 47.24
CA ALA V 88 -32.71 39.15 46.43
C ALA V 88 -31.93 38.17 47.29
N HIS V 89 -32.00 36.90 46.92
CA HIS V 89 -31.19 35.89 47.59
C HIS V 89 -30.76 34.84 46.56
N SER V 90 -29.64 34.19 46.87
CA SER V 90 -29.07 33.17 46.01
C SER V 90 -28.44 32.09 46.88
N ILE V 91 -28.32 30.90 46.32
CA ILE V 91 -27.69 29.78 47.02
C ILE V 91 -26.23 29.76 46.59
N THR V 92 -25.35 30.21 47.48
CA THR V 92 -23.93 30.22 47.19
C THR V 92 -23.39 28.80 47.07
N GLN V 93 -23.75 27.93 48.00
CA GLN V 93 -23.31 26.54 47.96
C GLN V 93 -24.20 25.73 48.87
N GLN V 94 -24.55 24.53 48.40
CA GLN V 94 -25.22 23.52 49.23
C GLN V 94 -24.38 22.26 49.22
N ASN V 95 -24.10 21.71 50.41
CA ASN V 95 -23.24 20.56 50.57
C ASN V 95 -23.93 19.54 51.45
N VAL V 96 -24.09 18.32 50.93
CA VAL V 96 -24.65 17.22 51.72
C VAL V 96 -23.56 16.71 52.65
N ASP V 97 -23.77 16.88 53.96
CA ASP V 97 -22.75 16.48 54.92
C ASP V 97 -22.66 14.97 55.06
N PHE V 98 -23.80 14.28 55.13
CA PHE V 98 -23.80 12.84 55.30
C PHE V 98 -25.16 12.28 54.92
N VAL V 99 -25.16 11.02 54.51
CA VAL V 99 -26.36 10.22 54.31
C VAL V 99 -26.08 8.85 54.91
N ASP V 100 -26.69 8.55 56.05
CA ASP V 100 -26.45 7.31 56.77
C ASP V 100 -27.68 6.41 56.75
N LEU V 101 -27.43 5.12 56.77
CA LEU V 101 -28.49 4.10 56.75
C LEU V 101 -28.39 3.29 58.04
N ASN V 102 -29.39 3.44 58.91
CA ASN V 102 -29.43 2.74 60.18
C ASN V 102 -30.71 1.90 60.25
N ASN V 103 -30.55 0.58 60.15
CA ASN V 103 -31.64 -0.40 60.17
C ASN V 103 -32.85 0.08 59.38
N GLY V 104 -32.61 0.40 58.11
CA GLY V 104 -33.68 0.67 57.17
C GLY V 104 -34.18 2.10 57.16
N LYS V 105 -33.66 2.96 58.03
CA LYS V 105 -34.05 4.36 58.09
C LYS V 105 -32.87 5.24 57.75
N PHE V 106 -33.15 6.36 57.08
CA PHE V 106 -32.11 7.26 56.58
C PHE V 106 -31.99 8.50 57.46
N TYR V 107 -30.75 8.89 57.73
CA TYR V 107 -30.46 10.05 58.57
C TYR V 107 -29.54 10.94 57.75
N VAL V 108 -30.02 12.14 57.40
CA VAL V 108 -29.37 12.99 56.41
C VAL V 108 -29.19 14.39 56.97
N GLY V 109 -27.98 14.93 56.83
CA GLY V 109 -27.72 16.32 57.16
C GLY V 109 -27.19 17.11 55.97
N VAL V 110 -27.77 18.28 55.71
CA VAL V 110 -27.41 19.08 54.55
C VAL V 110 -27.31 20.54 54.99
N CYS V 111 -26.21 21.20 54.64
CA CYS V 111 -26.00 22.61 54.91
C CYS V 111 -26.14 23.40 53.61
N ALA V 112 -26.54 24.67 53.75
CA ALA V 112 -26.68 25.57 52.62
C ALA V 112 -26.15 26.94 53.01
N PHE V 113 -25.57 27.65 52.04
CA PHE V 113 -25.03 28.98 52.26
C PHE V 113 -25.85 29.94 51.41
N VAL V 114 -26.67 30.77 52.06
CA VAL V 114 -27.58 31.68 51.38
C VAL V 114 -27.06 33.10 51.58
N ARG V 115 -27.02 33.87 50.50
CA ARG V 115 -26.57 35.26 50.52
C ARG V 115 -27.70 36.15 50.02
N VAL V 116 -28.22 37.00 50.91
CA VAL V 116 -29.27 37.96 50.57
C VAL V 116 -28.63 39.28 50.18
N GLN V 117 -29.16 39.92 49.13
CA GLN V 117 -28.67 41.22 48.66
C GLN V 117 -29.84 42.17 48.46
N LEU V 118 -29.64 43.44 48.81
CA LEU V 118 -30.62 44.49 48.61
C LEU V 118 -30.35 45.23 47.31
N LYS V 119 -31.33 46.03 46.88
CA LYS V 119 -31.23 46.74 45.61
C LYS V 119 -30.12 47.78 45.58
N ASP V 120 -29.47 48.05 46.71
CA ASP V 120 -28.36 48.99 46.78
C ASP V 120 -26.99 48.31 46.85
N GLY V 121 -26.95 46.98 46.77
CA GLY V 121 -25.72 46.23 46.83
C GLY V 121 -25.39 45.66 48.21
N SER V 122 -26.02 46.17 49.26
CA SER V 122 -25.81 45.61 50.60
C SER V 122 -26.20 44.14 50.61
N TYR V 123 -25.44 43.34 51.37
CA TYR V 123 -25.61 41.89 51.35
C TYR V 123 -25.38 41.31 52.73
N HIS V 124 -26.00 40.17 52.98
CA HIS V 124 -25.76 39.38 54.19
C HIS V 124 -25.84 37.91 53.83
N GLU V 125 -24.83 37.13 54.23
CA GLU V 125 -24.76 35.71 53.92
C GLU V 125 -24.60 34.90 55.21
N ASP V 126 -25.34 33.79 55.31
CA ASP V 126 -25.29 32.94 56.49
C ASP V 126 -25.49 31.49 56.07
N VAL V 127 -25.41 30.59 57.05
CA VAL V 127 -25.52 29.16 56.81
C VAL V 127 -26.86 28.69 57.35
N GLY V 128 -27.54 27.84 56.59
CA GLY V 128 -28.68 27.11 57.08
C GLY V 128 -28.41 25.63 57.10
N TYR V 129 -29.13 24.89 57.93
CA TYR V 129 -28.99 23.44 57.97
C TYR V 129 -30.33 22.75 57.81
N GLY V 130 -30.29 21.55 57.26
CA GLY V 130 -31.46 20.74 57.04
C GLY V 130 -31.22 19.31 57.49
N VAL V 131 -32.17 18.76 58.25
CA VAL V 131 -32.02 17.47 58.88
C VAL V 131 -33.21 16.60 58.50
N SER V 132 -32.97 15.31 58.29
CA SER V 132 -34.05 14.36 58.06
C SER V 132 -33.62 13.02 58.66
N GLU V 133 -34.24 12.65 59.78
CA GLU V 133 -33.94 11.42 60.48
C GLU V 133 -35.20 10.57 60.56
N GLY V 134 -35.06 9.29 60.20
CA GLY V 134 -36.12 8.31 60.40
C GLY V 134 -36.83 7.88 59.14
N LEU V 135 -36.82 8.69 58.09
CA LEU V 135 -37.57 8.33 56.89
C LEU V 135 -36.92 7.12 56.22
N LYS V 136 -37.75 6.27 55.62
CA LYS V 136 -37.27 5.10 54.92
C LYS V 136 -36.95 5.36 53.45
N SER V 137 -37.46 6.43 52.88
CA SER V 137 -37.17 6.79 51.49
C SER V 137 -36.00 7.76 51.48
N LYS V 138 -34.89 7.34 50.85
CA LYS V 138 -33.72 8.21 50.75
C LYS V 138 -34.06 9.49 49.99
N ALA V 139 -34.84 9.37 48.91
CA ALA V 139 -35.16 10.53 48.09
C ALA V 139 -35.92 11.58 48.90
N LEU V 140 -36.90 11.15 49.68
CA LEU V 140 -37.66 12.11 50.48
C LEU V 140 -36.81 12.70 51.60
N SER V 141 -35.92 11.89 52.18
CA SER V 141 -35.00 12.39 53.19
C SER V 141 -34.12 13.51 52.63
N LEU V 142 -33.52 13.27 51.46
CA LEU V 142 -32.69 14.29 50.82
C LEU V 142 -33.50 15.51 50.46
N GLU V 143 -34.71 15.32 49.93
CA GLU V 143 -35.57 16.45 49.57
C GLU V 143 -35.84 17.32 50.79
N LYS V 144 -36.24 16.69 51.89
CA LYS V 144 -36.53 17.42 53.12
C LYS V 144 -35.30 18.16 53.60
N ALA V 145 -34.15 17.48 53.62
CA ALA V 145 -32.95 18.09 54.17
C ALA V 145 -32.48 19.27 53.32
N ARG V 146 -32.45 19.10 52.00
CA ARG V 146 -31.98 20.17 51.11
C ARG V 146 -32.91 21.38 51.17
N LYS V 147 -34.22 21.17 51.01
CA LYS V 147 -35.15 22.29 51.01
C LYS V 147 -35.12 23.02 52.34
N GLU V 148 -35.15 22.27 53.45
CA GLU V 148 -35.11 22.88 54.77
C GLU V 148 -33.82 23.64 55.00
N ALA V 149 -32.68 23.09 54.56
CA ALA V 149 -31.41 23.78 54.68
C ALA V 149 -31.45 25.12 53.96
N VAL V 150 -31.99 25.14 52.74
CA VAL V 150 -32.02 26.37 51.96
C VAL V 150 -32.91 27.40 52.66
N THR V 151 -34.09 26.97 53.11
CA THR V 151 -35.01 27.89 53.78
C THR V 151 -34.40 28.44 55.08
N ASP V 152 -33.78 27.56 55.87
CA ASP V 152 -33.12 28.00 57.10
C ASP V 152 -32.02 29.02 56.81
N GLY V 153 -31.22 28.77 55.77
CA GLY V 153 -30.19 29.72 55.40
C GLY V 153 -30.78 31.06 55.01
N LEU V 154 -31.92 31.03 54.32
CA LEU V 154 -32.59 32.28 53.94
C LEU V 154 -33.05 33.05 55.17
N LYS V 155 -33.65 32.34 56.13
CA LYS V 155 -34.08 33.00 57.36
C LYS V 155 -32.91 33.61 58.10
N ARG V 156 -31.80 32.86 58.23
CA ARG V 156 -30.67 33.38 58.97
C ARG V 156 -29.96 34.51 58.23
N ALA V 157 -30.00 34.51 56.90
CA ALA V 157 -29.41 35.63 56.17
C ALA V 157 -30.26 36.89 56.32
N LEU V 158 -31.59 36.76 56.26
CA LEU V 158 -32.44 37.94 56.42
C LEU V 158 -32.44 38.44 57.85
N ARG V 159 -32.23 37.54 58.82
CA ARG V 159 -32.17 37.93 60.23
C ARG V 159 -31.22 39.09 60.48
N SER V 160 -30.11 39.15 59.75
CA SER V 160 -29.04 40.12 60.04
C SER V 160 -29.42 41.56 59.72
N PHE V 161 -30.60 41.83 59.18
CA PHE V 161 -31.00 43.19 58.84
C PHE V 161 -31.68 43.93 59.99
N GLY V 162 -32.14 43.23 61.02
CA GLY V 162 -32.73 43.90 62.16
C GLY V 162 -33.79 43.03 62.81
N ASN V 163 -34.40 43.58 63.86
CA ASN V 163 -35.39 42.85 64.63
C ASN V 163 -36.59 42.47 63.78
N ALA V 164 -37.03 43.39 62.91
CA ALA V 164 -38.26 43.16 62.14
C ALA V 164 -38.18 41.93 61.24
N LEU V 165 -36.97 41.55 60.82
CA LEU V 165 -36.78 40.39 59.96
C LEU V 165 -36.32 39.15 60.72
N GLY V 166 -36.26 39.20 62.05
CA GLY V 166 -36.09 37.99 62.83
C GLY V 166 -34.97 37.98 63.84
N ASN V 167 -34.26 39.09 64.02
CA ASN V 167 -33.17 39.09 64.99
C ASN V 167 -33.69 39.04 66.42
N CYS V 168 -34.82 39.69 66.68
CA CYS V 168 -35.36 39.79 68.03
C CYS V 168 -35.71 38.42 68.59
N ILE V 169 -35.95 37.43 67.73
CA ILE V 169 -36.28 36.08 68.20
C ILE V 169 -35.17 35.52 69.08
N LEU V 170 -33.97 36.09 69.01
CA LEU V 170 -32.86 35.59 69.82
C LEU V 170 -32.75 36.28 71.18
N ASP V 171 -33.58 37.29 71.44
CA ASP V 171 -33.53 38.03 72.69
C ASP V 171 -34.34 37.28 73.75
N LYS V 172 -33.67 36.85 74.81
CA LYS V 172 -34.36 36.08 75.86
C LYS V 172 -35.39 36.94 76.58
N ASP V 173 -35.14 38.25 76.71
CA ASP V 173 -36.12 39.13 77.33
C ASP V 173 -37.36 39.25 76.46
N TYR V 174 -37.16 39.34 75.14
CA TYR V 174 -38.28 39.32 74.20
C TYR V 174 -39.04 38.02 74.30
N LEU V 175 -38.33 36.91 74.54
CA LEU V 175 -39.00 35.61 74.67
C LEU V 175 -39.87 35.57 75.93
N ARG V 176 -39.36 36.08 77.05
CA ARG V 176 -40.18 36.16 78.26
C ARG V 176 -41.38 37.08 78.03
N SER V 177 -41.16 38.25 77.43
CA SER V 177 -42.25 39.18 77.12
C SER V 177 -43.25 38.60 76.12
N LEU V 178 -42.90 37.53 75.41
CA LEU V 178 -43.85 36.91 74.50
C LEU V 178 -44.87 36.05 75.25
N ASN V 179 -44.43 35.38 76.32
CA ASN V 179 -45.37 34.55 77.09
C ASN V 179 -46.38 35.41 77.84
N LYS V 180 -45.95 36.57 78.33
CA LYS V 180 -46.84 37.46 79.07
C LYS V 180 -47.94 38.08 78.20
N LEU V 181 -47.84 37.95 76.85
CA LEU V 181 -48.91 38.42 75.98
C LEU V 181 -49.96 37.33 75.81
N PRO V 182 -51.23 37.67 75.63
CA PRO V 182 -52.26 36.65 75.44
C PRO V 182 -52.03 35.86 74.15
N ARG V 183 -51.99 34.53 74.28
CA ARG V 183 -51.86 33.67 73.11
C ARG V 183 -53.14 33.77 72.28
N GLN V 184 -53.06 34.47 71.16
CA GLN V 184 -54.22 34.72 70.31
C GLN V 184 -54.54 33.53 69.41
N LEU V 185 -55.83 33.41 69.07
CA LEU V 185 -56.30 32.32 68.25
C LEU V 185 -55.86 32.51 66.80
N PRO V 186 -55.62 31.41 66.06
CA PRO V 186 -55.22 31.52 64.64
C PRO V 186 -56.10 32.48 63.84
N LEU V 187 -55.47 33.49 63.24
CA LEU V 187 -56.19 34.47 62.45
C LEU V 187 -56.94 33.81 61.29
N GLU V 188 -58.05 34.43 60.90
CA GLU V 188 -58.86 33.97 59.80
C GLU V 188 -58.55 34.78 58.55
N VAL V 189 -58.58 34.12 57.39
CA VAL V 189 -58.23 34.75 56.12
C VAL V 189 -59.50 34.92 55.31
N ASP V 190 -59.71 36.14 54.79
CA ASP V 190 -60.89 36.47 53.99
C ASP V 190 -60.47 36.41 52.53
N LEU V 191 -60.79 35.29 51.86
CA LEU V 191 -60.42 35.05 50.48
C LEU V 191 -61.40 35.63 49.47
N THR V 192 -62.20 36.62 49.86
CA THR V 192 -63.16 37.21 48.93
C THR V 192 -62.44 37.98 47.83
N LYS V 193 -61.38 38.71 48.18
CA LYS V 193 -60.58 39.43 47.21
C LYS V 193 -59.39 38.62 46.69
N ALA V 194 -59.50 37.29 46.73
CA ALA V 194 -58.41 36.45 46.22
C ALA V 194 -58.34 36.52 44.70
N LYS V 195 -57.13 36.41 44.18
CA LYS V 195 -56.93 36.40 42.73
C LYS V 195 -57.49 35.12 42.14
N ARG V 196 -58.36 35.25 41.14
CA ARG V 196 -59.07 34.11 40.58
C ARG V 196 -58.79 33.90 39.09
N GLN V 197 -58.25 34.89 38.39
CA GLN V 197 -57.83 34.73 37.01
C GLN V 197 -56.48 35.42 36.82
N ASP V 198 -55.80 35.03 35.75
CA ASP V 198 -54.40 35.42 35.56
C ASP V 198 -54.25 36.93 35.35
N LEU V 199 -55.09 37.50 34.49
CA LEU V 199 -54.90 38.88 34.01
C LEU V 199 -54.82 39.88 35.16
N GLU V 200 -53.92 40.85 35.02
CA GLU V 200 -53.74 41.97 35.96
C GLU V 200 -53.82 43.27 35.18
N PRO V 201 -55.04 43.84 35.05
CA PRO V 201 -55.20 44.99 34.14
C PRO V 201 -54.42 46.23 34.55
N SER V 202 -54.43 46.58 35.84
CA SER V 202 -53.66 47.74 36.30
C SER V 202 -52.18 47.56 36.02
N VAL V 203 -51.66 46.34 36.26
CA VAL V 203 -50.27 46.05 36.01
C VAL V 203 -49.97 46.16 34.51
N GLU V 204 -50.83 45.56 33.69
CA GLU V 204 -50.65 45.63 32.24
C GLU V 204 -50.63 47.06 31.74
N GLU V 205 -51.50 47.92 32.31
CA GLU V 205 -51.55 49.31 31.88
C GLU V 205 -50.28 50.05 32.27
N ALA V 206 -49.89 49.95 33.55
CA ALA V 206 -48.66 50.60 33.99
C ALA V 206 -47.44 50.11 33.20
N ARG V 207 -47.43 48.84 32.80
CA ARG V 207 -46.29 48.32 32.07
C ARG V 207 -46.29 48.82 30.64
N TYR V 208 -47.46 48.86 29.99
CA TYR V 208 -47.55 49.42 28.65
C TYR V 208 -47.09 50.87 28.67
N ASN V 209 -47.47 51.61 29.72
CA ASN V 209 -46.98 52.98 29.85
C ASN V 209 -45.51 53.03 30.27
N SER V 210 -44.92 51.89 30.63
CA SER V 210 -43.52 51.87 31.01
C SER V 210 -42.57 51.71 29.83
N CYS V 211 -43.08 51.43 28.63
CA CYS V 211 -42.23 51.16 27.49
C CYS V 211 -41.92 52.42 26.69
#